data_5SDT
#
_entry.id   5SDT
#
_cell.length_a   207.459
_cell.length_b   112.335
_cell.length_c   188.148
_cell.angle_alpha   90.000
_cell.angle_beta   91.710
_cell.angle_gamma   90.000
#
_symmetry.space_group_name_H-M   'C 1 2 1'
#
loop_
_entity.id
_entity.type
_entity.pdbx_description
1 polymer 'Pyruvate kinase'
2 non-polymer 1,6-di-O-phosphono-beta-D-fructofuranose
3 non-polymer 'OXALATE ION'
4 non-polymer N-(3,4-dihydroxy-9,10-dioxo-9,10-dihydroanthracene-2-sulfonyl)-beta-alanine
5 non-polymer 'MAGNESIUM ION'
6 non-polymer 'POTASSIUM ION'
7 water water
#
_entity_poly.entity_id   1
_entity_poly.type   'polypeptide(L)'
_entity_poly.pdbx_seq_one_letter_code
;GSMEGPAGYLRRADVAQLTQELGTAFFQQQQLPAAMADTFLEHLCLLDIDSEPVAARSTSIIATIGPASRSVERLKEMIK
AGMNIARLNFSHGSHEYHAESIANVREAVESFAGSPLSYRPVAIALDTKGPGSGPGLSEQDVRDLRFGVEHGVDIVFASF
VRKASDVAAVRAALGPEGHGIKIISKIENHEGVKRFDEILEVSDGIMVARGDLGIEIPAEKVFLAQKMMIGRCNLAGKPV
VCATQMLESMITKPRPTRAETSDVANAVLDGADCIMLSGETAKGNFPVEAVKMQHAIAREAEAAVYHRQLFEELRRAAPL
SRDPTEVTAIGAVEAAFKCCAAAIIVLTTTGRSAQLLSRYRPRAAVIAVTRSAQAARQVHLCRGVFPLLYREPPEAIWAD
DVDRRVQFGIESGKLRGFLRVGDLVIVVTGWRPGSGYTNIMRVLSIS
;
_entity_poly.pdbx_strand_id   A,B,C,D,E,F,G,H
#
# COMPACT_ATOMS: atom_id res chain seq x y z
N GLN A 28 -2.39 -33.73 -0.31
CA GLN A 28 -2.34 -32.93 -1.53
C GLN A 28 -2.86 -33.70 -2.77
N GLN A 29 -2.57 -35.03 -2.88
CA GLN A 29 -3.09 -35.90 -3.94
C GLN A 29 -4.62 -36.10 -3.82
N GLN A 30 -5.24 -36.80 -4.80
CA GLN A 30 -6.68 -37.15 -4.88
C GLN A 30 -7.63 -36.00 -4.45
N GLN A 31 -7.29 -34.76 -4.84
CA GLN A 31 -8.06 -33.57 -4.52
C GLN A 31 -8.40 -33.45 -3.04
N LEU A 32 -7.50 -33.92 -2.15
CA LEU A 32 -7.75 -33.84 -0.71
C LEU A 32 -7.86 -32.40 -0.20
N PRO A 33 -7.11 -31.38 -0.70
CA PRO A 33 -7.38 -29.99 -0.25
C PRO A 33 -8.82 -29.56 -0.58
N ALA A 34 -9.33 -29.88 -1.79
CA ALA A 34 -10.72 -29.57 -2.15
C ALA A 34 -11.72 -30.39 -1.31
N ALA A 35 -11.32 -31.60 -0.90
CA ALA A 35 -12.18 -32.47 -0.08
C ALA A 35 -12.40 -31.90 1.31
N MET A 36 -11.43 -31.17 1.85
CA MET A 36 -11.53 -30.60 3.20
C MET A 36 -12.29 -29.27 3.26
N ALA A 37 -12.75 -28.74 2.11
CA ALA A 37 -13.43 -27.45 2.09
C ALA A 37 -14.74 -27.44 2.84
N ASP A 38 -15.09 -26.31 3.43
CA ASP A 38 -16.29 -26.14 4.24
C ASP A 38 -17.56 -25.85 3.43
N THR A 39 -17.42 -25.46 2.16
CA THR A 39 -18.56 -25.23 1.28
C THR A 39 -18.29 -25.86 -0.09
N PHE A 40 -19.34 -26.13 -0.87
CA PHE A 40 -19.21 -26.66 -2.22
C PHE A 40 -18.47 -25.64 -3.11
N LEU A 41 -18.75 -24.34 -2.94
CA LEU A 41 -18.07 -23.29 -3.70
C LEU A 41 -16.57 -23.29 -3.43
N GLU A 42 -16.16 -23.39 -2.15
CA GLU A 42 -14.74 -23.44 -1.77
CA GLU A 42 -14.74 -23.44 -1.80
C GLU A 42 -14.09 -24.71 -2.31
N HIS A 43 -14.85 -25.82 -2.33
CA HIS A 43 -14.39 -27.11 -2.86
C HIS A 43 -14.02 -26.95 -4.33
N LEU A 44 -14.87 -26.28 -5.12
CA LEU A 44 -14.59 -26.03 -6.54
C LEU A 44 -13.34 -25.15 -6.69
N CYS A 45 -13.24 -24.07 -5.89
CA CYS A 45 -12.10 -23.17 -5.91
C CYS A 45 -10.77 -23.88 -5.62
N LEU A 46 -10.80 -24.98 -4.87
CA LEU A 46 -9.60 -25.71 -4.48
C LEU A 46 -9.23 -26.87 -5.40
N LEU A 47 -10.00 -27.14 -6.46
CA LEU A 47 -9.69 -28.21 -7.41
C LEU A 47 -8.36 -27.88 -8.08
N ASP A 48 -7.47 -28.88 -8.16
CA ASP A 48 -6.12 -28.67 -8.62
C ASP A 48 -5.76 -29.66 -9.71
N ILE A 49 -5.41 -29.14 -10.90
CA ILE A 49 -5.00 -29.98 -12.01
C ILE A 49 -3.69 -30.74 -11.71
N ASP A 50 -2.88 -30.28 -10.74
CA ASP A 50 -1.65 -30.96 -10.35
C ASP A 50 -1.89 -31.99 -9.23
N SER A 51 -3.10 -32.09 -8.68
CA SER A 51 -3.40 -33.07 -7.63
C SER A 51 -3.76 -34.37 -8.33
N GLU A 52 -2.82 -35.32 -8.35
CA GLU A 52 -3.01 -36.57 -9.09
C GLU A 52 -3.92 -37.59 -8.42
N PRO A 53 -4.76 -38.27 -9.23
CA PRO A 53 -5.63 -39.30 -8.63
C PRO A 53 -4.81 -40.50 -8.19
N VAL A 54 -5.16 -41.08 -7.05
CA VAL A 54 -4.44 -42.23 -6.52
C VAL A 54 -5.36 -43.44 -6.42
N ALA A 55 -6.63 -43.22 -6.03
CA ALA A 55 -7.60 -44.30 -5.91
C ALA A 55 -7.87 -44.98 -7.23
N ALA A 56 -8.25 -46.26 -7.17
CA ALA A 56 -8.61 -47.02 -8.35
C ALA A 56 -9.90 -46.43 -8.93
N ARG A 57 -10.04 -46.47 -10.27
CA ARG A 57 -11.20 -45.95 -10.96
C ARG A 57 -12.44 -46.74 -10.55
N SER A 58 -13.41 -46.03 -9.95
CA SER A 58 -14.67 -46.54 -9.39
C SER A 58 -15.85 -46.72 -10.34
N THR A 59 -16.00 -45.86 -11.35
CA THR A 59 -17.15 -45.90 -12.25
C THR A 59 -16.89 -46.91 -13.35
N SER A 60 -17.74 -47.95 -13.48
CA SER A 60 -17.52 -48.98 -14.48
C SER A 60 -17.77 -48.49 -15.88
N ILE A 61 -17.02 -49.07 -16.83
CA ILE A 61 -17.16 -48.72 -18.23
C ILE A 61 -17.84 -49.86 -18.94
N ILE A 62 -18.93 -49.55 -19.64
CA ILE A 62 -19.65 -50.50 -20.47
C ILE A 62 -19.23 -50.21 -21.90
N ALA A 63 -18.68 -51.20 -22.61
CA ALA A 63 -18.30 -51.03 -24.01
C ALA A 63 -19.19 -51.91 -24.88
N THR A 64 -19.74 -51.36 -25.95
CA THR A 64 -20.58 -52.13 -26.87
C THR A 64 -19.65 -52.88 -27.82
N ILE A 65 -19.86 -54.20 -27.92
CA ILE A 65 -19.01 -55.05 -28.75
C ILE A 65 -19.62 -55.19 -30.13
N GLY A 66 -18.83 -54.89 -31.14
CA GLY A 66 -19.27 -54.98 -32.54
C GLY A 66 -18.09 -55.22 -33.46
N PRO A 67 -18.27 -54.89 -34.75
CA PRO A 67 -17.20 -55.14 -35.74
C PRO A 67 -15.81 -54.64 -35.37
N ALA A 68 -15.71 -53.45 -34.76
CA ALA A 68 -14.41 -52.86 -34.42
C ALA A 68 -13.77 -53.40 -33.14
N SER A 69 -14.52 -54.15 -32.34
CA SER A 69 -14.03 -54.61 -31.04
C SER A 69 -14.30 -56.09 -30.77
N ARG A 70 -14.45 -56.91 -31.83
CA ARG A 70 -14.79 -58.33 -31.72
C ARG A 70 -13.66 -59.30 -31.51
N SER A 71 -12.49 -59.04 -32.09
CA SER A 71 -11.39 -60.00 -32.02
C SER A 71 -10.90 -60.20 -30.60
N VAL A 72 -10.44 -61.41 -30.29
CA VAL A 72 -9.91 -61.77 -28.98
C VAL A 72 -8.73 -60.86 -28.62
N GLU A 73 -7.85 -60.58 -29.58
CA GLU A 73 -6.69 -59.71 -29.35
C GLU A 73 -7.12 -58.28 -28.99
N ARG A 74 -8.14 -57.75 -29.68
CA ARG A 74 -8.65 -56.41 -29.43
C ARG A 74 -9.36 -56.38 -28.07
N LEU A 75 -10.14 -57.42 -27.76
CA LEU A 75 -10.82 -57.53 -26.48
C LEU A 75 -9.86 -57.58 -25.29
N LYS A 76 -8.69 -58.21 -25.46
CA LYS A 76 -7.66 -58.23 -24.41
C LYS A 76 -7.16 -56.81 -24.14
N GLU A 77 -6.98 -56.01 -25.20
CA GLU A 77 -6.56 -54.61 -25.09
CA GLU A 77 -6.55 -54.63 -25.04
C GLU A 77 -7.64 -53.78 -24.39
N MET A 78 -8.92 -54.07 -24.67
CA MET A 78 -10.04 -53.35 -24.06
CA MET A 78 -10.03 -53.34 -24.06
C MET A 78 -10.19 -53.68 -22.58
N ILE A 79 -9.88 -54.94 -22.19
CA ILE A 79 -9.95 -55.34 -20.79
C ILE A 79 -8.84 -54.63 -20.03
N LYS A 80 -7.62 -54.58 -20.60
CA LYS A 80 -6.49 -53.88 -19.97
C LYS A 80 -6.73 -52.37 -19.89
N ALA A 81 -7.43 -51.81 -20.90
CA ALA A 81 -7.76 -50.38 -20.92
C ALA A 81 -8.84 -50.01 -19.86
N GLY A 82 -9.62 -50.99 -19.40
CA GLY A 82 -10.61 -50.74 -18.37
C GLY A 82 -12.05 -51.17 -18.60
N MET A 83 -12.36 -51.86 -19.71
CA MET A 83 -13.73 -52.33 -19.94
C MET A 83 -14.16 -53.31 -18.85
N ASN A 84 -15.31 -53.04 -18.20
CA ASN A 84 -15.81 -53.90 -17.11
C ASN A 84 -17.04 -54.69 -17.54
N ILE A 85 -17.85 -54.13 -18.48
CA ILE A 85 -19.07 -54.75 -18.96
C ILE A 85 -19.09 -54.71 -20.48
N ALA A 86 -19.37 -55.85 -21.11
CA ALA A 86 -19.44 -55.95 -22.56
C ALA A 86 -20.91 -55.94 -22.95
N ARG A 87 -21.33 -54.97 -23.75
CA ARG A 87 -22.73 -54.84 -24.15
C ARG A 87 -22.94 -55.39 -25.56
N LEU A 88 -24.01 -56.16 -25.75
CA LEU A 88 -24.34 -56.68 -27.08
C LEU A 88 -25.70 -56.11 -27.44
N ASN A 89 -25.72 -55.28 -28.48
CA ASN A 89 -26.95 -54.62 -28.89
C ASN A 89 -27.74 -55.51 -29.84
N PHE A 90 -28.83 -56.10 -29.34
CA PHE A 90 -29.66 -56.97 -30.15
C PHE A 90 -30.55 -56.21 -31.14
N SER A 91 -30.39 -54.89 -31.28
CA SER A 91 -31.05 -54.15 -32.35
C SER A 91 -30.30 -54.43 -33.70
N HIS A 92 -29.04 -54.89 -33.63
CA HIS A 92 -28.18 -55.19 -34.77
C HIS A 92 -27.65 -56.64 -34.68
N GLY A 93 -26.97 -57.08 -35.74
CA GLY A 93 -26.39 -58.41 -35.79
C GLY A 93 -27.41 -59.53 -35.77
N SER A 94 -26.99 -60.67 -35.25
CA SER A 94 -27.84 -61.85 -35.16
C SER A 94 -27.45 -62.68 -33.93
N HIS A 95 -28.18 -63.77 -33.65
CA HIS A 95 -27.85 -64.66 -32.54
C HIS A 95 -26.46 -65.28 -32.76
N GLU A 96 -26.16 -65.71 -33.99
CA GLU A 96 -24.87 -66.31 -34.30
C GLU A 96 -23.74 -65.29 -34.16
N TYR A 97 -23.98 -64.05 -34.62
CA TYR A 97 -22.98 -63.00 -34.52
C TYR A 97 -22.68 -62.66 -33.05
N HIS A 98 -23.72 -62.39 -32.25
CA HIS A 98 -23.54 -62.05 -30.85
C HIS A 98 -22.97 -63.20 -30.02
N ALA A 99 -23.32 -64.47 -30.34
CA ALA A 99 -22.75 -65.62 -29.62
C ALA A 99 -21.24 -65.69 -29.85
N GLU A 100 -20.79 -65.37 -31.07
CA GLU A 100 -19.36 -65.38 -31.38
C GLU A 100 -18.65 -64.25 -30.63
N SER A 101 -19.27 -63.06 -30.55
CA SER A 101 -18.73 -61.93 -29.80
C SER A 101 -18.58 -62.31 -28.31
N ILE A 102 -19.61 -62.97 -27.74
CA ILE A 102 -19.61 -63.42 -26.36
C ILE A 102 -18.49 -64.42 -26.10
N ALA A 103 -18.32 -65.40 -27.02
CA ALA A 103 -17.25 -66.40 -26.90
C ALA A 103 -15.89 -65.73 -26.92
N ASN A 104 -15.73 -64.70 -27.79
CA ASN A 104 -14.45 -63.97 -27.89
C ASN A 104 -14.18 -63.17 -26.63
N VAL A 105 -15.24 -62.58 -26.02
CA VAL A 105 -15.12 -61.84 -24.76
C VAL A 105 -14.63 -62.80 -23.68
N ARG A 106 -15.32 -63.95 -23.53
CA ARG A 106 -14.94 -64.95 -22.53
C ARG A 106 -13.53 -65.50 -22.73
N GLU A 107 -13.11 -65.69 -23.99
CA GLU A 107 -11.75 -66.16 -24.27
C GLU A 107 -10.73 -65.10 -23.83
N ALA A 108 -10.99 -63.83 -24.17
CA ALA A 108 -10.09 -62.76 -23.77
C ALA A 108 -10.03 -62.62 -22.24
N VAL A 109 -11.18 -62.71 -21.56
CA VAL A 109 -11.26 -62.61 -20.11
C VAL A 109 -10.48 -63.74 -19.42
N GLU A 110 -10.71 -64.98 -19.89
CA GLU A 110 -10.05 -66.14 -19.29
C GLU A 110 -8.56 -66.24 -19.59
N SER A 111 -8.05 -65.48 -20.57
CA SER A 111 -6.62 -65.48 -20.85
C SER A 111 -5.79 -64.89 -19.68
N PHE A 112 -6.43 -64.17 -18.75
CA PHE A 112 -5.79 -63.57 -17.58
C PHE A 112 -6.03 -64.36 -16.27
N ALA A 113 -6.79 -65.48 -16.33
CA ALA A 113 -7.12 -66.31 -15.17
C ALA A 113 -5.94 -67.03 -14.52
N GLY A 114 -4.79 -67.08 -15.20
CA GLY A 114 -3.59 -67.71 -14.67
C GLY A 114 -2.98 -66.99 -13.48
N SER A 115 -3.34 -65.70 -13.29
CA SER A 115 -2.89 -64.92 -12.16
C SER A 115 -4.13 -64.52 -11.38
N PRO A 116 -4.56 -65.37 -10.41
CA PRO A 116 -5.81 -65.08 -9.68
C PRO A 116 -5.83 -63.80 -8.86
N LEU A 117 -4.67 -63.32 -8.37
CA LEU A 117 -4.63 -62.09 -7.60
C LEU A 117 -4.86 -60.84 -8.45
N SER A 118 -4.78 -60.94 -9.80
CA SER A 118 -4.98 -59.79 -10.67
C SER A 118 -6.14 -59.97 -11.68
N TYR A 119 -6.72 -61.19 -11.79
CA TYR A 119 -7.81 -61.49 -12.72
C TYR A 119 -8.99 -60.51 -12.59
N ARG A 120 -9.45 -60.00 -13.72
CA ARG A 120 -10.57 -59.07 -13.75
C ARG A 120 -11.81 -59.67 -14.40
N PRO A 121 -12.88 -59.89 -13.61
CA PRO A 121 -14.15 -60.36 -14.20
C PRO A 121 -14.75 -59.31 -15.14
N VAL A 122 -15.45 -59.72 -16.20
CA VAL A 122 -16.10 -58.81 -17.13
C VAL A 122 -17.54 -59.28 -17.33
N ALA A 123 -18.53 -58.43 -17.08
CA ALA A 123 -19.93 -58.81 -17.22
C ALA A 123 -20.36 -58.84 -18.68
N ILE A 124 -21.40 -59.63 -19.00
CA ILE A 124 -21.95 -59.69 -20.33
C ILE A 124 -23.40 -59.21 -20.27
N ALA A 125 -23.70 -58.15 -20.99
CA ALA A 125 -25.01 -57.54 -20.96
C ALA A 125 -25.69 -57.58 -22.31
N LEU A 126 -26.98 -57.95 -22.31
CA LEU A 126 -27.74 -58.03 -23.53
C LEU A 126 -28.66 -56.83 -23.59
N ASP A 127 -28.58 -56.02 -24.64
CA ASP A 127 -29.44 -54.85 -24.78
C ASP A 127 -30.53 -55.22 -25.80
N THR A 128 -31.79 -55.20 -25.38
CA THR A 128 -32.89 -55.64 -26.24
C THR A 128 -33.24 -54.67 -27.36
N LYS A 129 -33.85 -55.22 -28.44
CA LYS A 129 -34.29 -54.43 -29.57
C LYS A 129 -35.42 -53.46 -29.17
N GLY A 130 -36.39 -53.95 -28.42
CA GLY A 130 -37.47 -53.09 -27.94
C GLY A 130 -38.85 -53.39 -28.50
N PRO A 131 -39.86 -52.68 -27.98
CA PRO A 131 -41.25 -52.97 -28.40
C PRO A 131 -41.70 -52.40 -29.74
N GLY A 132 -41.03 -51.34 -30.20
CA GLY A 132 -41.37 -50.68 -31.46
C GLY A 132 -42.81 -50.22 -31.54
N SER A 133 -43.59 -50.84 -32.44
CA SER A 133 -45.00 -50.52 -32.68
C SER A 133 -45.91 -50.94 -31.53
N GLY A 134 -46.97 -50.15 -31.31
CA GLY A 134 -47.94 -50.41 -30.24
C GLY A 134 -48.87 -49.24 -30.00
N GLY A 136 -47.29 -55.69 -26.08
CA GLY A 136 -46.30 -55.37 -25.05
C GLY A 136 -44.91 -55.81 -25.43
N LEU A 137 -44.46 -56.93 -24.86
CA LEU A 137 -43.13 -57.47 -25.14
C LEU A 137 -43.15 -58.10 -26.52
N SER A 138 -42.23 -57.68 -27.38
CA SER A 138 -42.18 -58.19 -28.75
C SER A 138 -41.77 -59.66 -28.81
N GLU A 139 -42.10 -60.34 -29.92
CA GLU A 139 -41.72 -61.73 -30.09
C GLU A 139 -40.21 -61.87 -30.31
N GLN A 140 -39.56 -60.85 -30.93
CA GLN A 140 -38.12 -60.87 -31.10
C GLN A 140 -37.43 -60.76 -29.74
N ASP A 141 -37.97 -59.92 -28.84
CA ASP A 141 -37.41 -59.77 -27.51
C ASP A 141 -37.54 -61.06 -26.72
N VAL A 142 -38.65 -61.79 -26.87
CA VAL A 142 -38.83 -63.09 -26.20
C VAL A 142 -37.72 -64.05 -26.64
N ARG A 143 -37.42 -64.10 -27.94
CA ARG A 143 -36.36 -64.97 -28.45
C ARG A 143 -34.97 -64.52 -28.04
N ASP A 144 -34.70 -63.20 -28.04
CA ASP A 144 -33.40 -62.68 -27.63
C ASP A 144 -33.17 -62.87 -26.14
N LEU A 145 -34.22 -62.70 -25.32
CA LEU A 145 -34.12 -62.92 -23.89
C LEU A 145 -33.84 -64.39 -23.58
N ARG A 146 -34.44 -65.30 -24.36
CA ARG A 146 -34.19 -66.75 -24.22
C ARG A 146 -32.74 -67.04 -24.59
N PHE A 147 -32.23 -66.41 -25.66
CA PHE A 147 -30.83 -66.53 -26.07
C PHE A 147 -29.90 -66.10 -24.92
N GLY A 148 -30.24 -64.98 -24.28
CA GLY A 148 -29.48 -64.46 -23.16
C GLY A 148 -29.36 -65.43 -22.01
N VAL A 149 -30.49 -66.07 -21.65
CA VAL A 149 -30.50 -67.07 -20.58
C VAL A 149 -29.65 -68.26 -20.97
N GLU A 150 -29.81 -68.75 -22.21
CA GLU A 150 -29.06 -69.91 -22.71
C GLU A 150 -27.55 -69.64 -22.80
N HIS A 151 -27.17 -68.37 -23.05
CA HIS A 151 -25.75 -68.02 -23.13
C HIS A 151 -25.17 -67.47 -21.81
N GLY A 152 -25.94 -67.54 -20.72
CA GLY A 152 -25.50 -67.12 -19.40
C GLY A 152 -25.15 -65.65 -19.23
N VAL A 153 -25.96 -64.75 -19.83
CA VAL A 153 -25.70 -63.32 -19.69
C VAL A 153 -25.96 -62.87 -18.26
N ASP A 154 -25.26 -61.84 -17.82
CA ASP A 154 -25.37 -61.34 -16.47
C ASP A 154 -26.43 -60.27 -16.31
N ILE A 155 -26.62 -59.45 -17.35
CA ILE A 155 -27.50 -58.29 -17.28
C ILE A 155 -28.33 -58.17 -18.54
N VAL A 156 -29.52 -57.61 -18.40
CA VAL A 156 -30.36 -57.24 -19.53
C VAL A 156 -30.58 -55.72 -19.44
N PHE A 157 -30.27 -55.00 -20.52
CA PHE A 157 -30.57 -53.58 -20.63
C PHE A 157 -31.88 -53.59 -21.42
N ALA A 158 -33.01 -53.43 -20.74
CA ALA A 158 -34.31 -53.51 -21.40
C ALA A 158 -34.73 -52.20 -22.04
N SER A 159 -34.83 -52.18 -23.36
CA SER A 159 -35.19 -50.99 -24.10
C SER A 159 -36.61 -50.50 -23.90
N PHE A 160 -36.80 -49.19 -23.98
CA PHE A 160 -38.08 -48.51 -23.91
C PHE A 160 -39.01 -48.99 -22.79
N VAL A 161 -38.51 -49.03 -21.55
CA VAL A 161 -39.34 -49.41 -20.42
C VAL A 161 -40.21 -48.17 -20.09
N ARG A 162 -41.55 -48.30 -20.12
CA ARG A 162 -42.41 -47.15 -19.81
C ARG A 162 -43.31 -47.36 -18.58
N LYS A 163 -43.33 -48.56 -18.01
CA LYS A 163 -44.15 -48.83 -16.84
C LYS A 163 -43.64 -50.11 -16.15
N ALA A 164 -44.08 -50.34 -14.91
CA ALA A 164 -43.69 -51.52 -14.12
C ALA A 164 -44.01 -52.85 -14.82
N SER A 165 -45.14 -52.93 -15.54
CA SER A 165 -45.53 -54.17 -16.22
C SER A 165 -44.58 -54.54 -17.37
N ASP A 166 -43.85 -53.56 -17.93
CA ASP A 166 -42.85 -53.85 -18.95
C ASP A 166 -41.70 -54.65 -18.32
N VAL A 167 -41.32 -54.32 -17.07
CA VAL A 167 -40.26 -55.01 -16.35
C VAL A 167 -40.71 -56.44 -16.00
N ALA A 168 -41.97 -56.59 -15.56
CA ALA A 168 -42.53 -57.91 -15.23
C ALA A 168 -42.51 -58.82 -16.45
N ALA A 169 -42.82 -58.28 -17.63
CA ALA A 169 -42.81 -59.05 -18.87
C ALA A 169 -41.41 -59.53 -19.22
N VAL A 170 -40.38 -58.67 -19.02
CA VAL A 170 -38.99 -59.04 -19.26
C VAL A 170 -38.58 -60.15 -18.28
N ARG A 171 -38.93 -59.99 -17.01
CA ARG A 171 -38.65 -60.95 -15.97
C ARG A 171 -39.29 -62.33 -16.30
N ALA A 172 -40.54 -62.32 -16.78
CA ALA A 172 -41.23 -63.56 -17.14
C ALA A 172 -40.57 -64.22 -18.35
N ALA A 173 -40.11 -63.43 -19.34
CA ALA A 173 -39.45 -63.98 -20.53
C ALA A 173 -38.09 -64.60 -20.24
N LEU A 174 -37.45 -64.21 -19.12
CA LEU A 174 -36.18 -64.82 -18.73
C LEU A 174 -36.39 -66.23 -18.12
N GLY A 175 -37.61 -66.55 -17.73
CA GLY A 175 -38.00 -67.84 -17.18
C GLY A 175 -37.43 -68.18 -15.83
N PRO A 176 -37.58 -69.45 -15.43
CA PRO A 176 -37.07 -69.87 -14.12
C PRO A 176 -35.54 -69.95 -14.07
N GLU A 177 -34.87 -70.14 -15.22
CA GLU A 177 -33.41 -70.25 -15.26
C GLU A 177 -32.68 -68.90 -15.23
N GLY A 178 -33.40 -67.80 -15.48
CA GLY A 178 -32.81 -66.48 -15.52
C GLY A 178 -33.16 -65.59 -14.34
N HIS A 179 -33.51 -66.20 -13.19
CA HIS A 179 -33.88 -65.49 -11.97
C HIS A 179 -32.75 -64.59 -11.44
N GLY A 180 -31.50 -64.98 -11.68
CA GLY A 180 -30.33 -64.24 -11.22
C GLY A 180 -29.87 -63.11 -12.12
N ILE A 181 -30.44 -62.98 -13.32
CA ILE A 181 -30.06 -61.94 -14.26
C ILE A 181 -30.59 -60.56 -13.82
N LYS A 182 -29.72 -59.54 -13.81
CA LYS A 182 -30.12 -58.20 -13.42
C LYS A 182 -30.86 -57.52 -14.54
N ILE A 183 -31.98 -56.86 -14.23
CA ILE A 183 -32.71 -56.09 -15.23
C ILE A 183 -32.48 -54.60 -15.01
N ILE A 184 -31.83 -53.96 -15.98
CA ILE A 184 -31.58 -52.52 -15.94
C ILE A 184 -32.55 -51.91 -16.94
N SER A 185 -33.55 -51.19 -16.46
CA SER A 185 -34.55 -50.59 -17.35
C SER A 185 -34.02 -49.33 -18.03
N LYS A 186 -34.12 -49.29 -19.36
CA LYS A 186 -33.70 -48.12 -20.12
C LYS A 186 -34.86 -47.12 -20.20
N ILE A 187 -34.62 -45.88 -19.75
CA ILE A 187 -35.63 -44.82 -19.80
C ILE A 187 -35.34 -44.04 -21.05
N GLU A 188 -36.26 -44.10 -22.04
CA GLU A 188 -36.03 -43.54 -23.36
C GLU A 188 -37.10 -42.60 -23.86
N ASN A 189 -38.15 -42.34 -23.09
CA ASN A 189 -39.23 -41.48 -23.55
C ASN A 189 -39.92 -40.75 -22.40
N HIS A 190 -40.90 -39.88 -22.70
CA HIS A 190 -41.59 -39.10 -21.70
C HIS A 190 -42.29 -39.98 -20.66
N GLU A 191 -42.98 -41.04 -21.12
CA GLU A 191 -43.70 -41.91 -20.20
C GLU A 191 -42.77 -42.59 -19.18
N GLY A 192 -41.62 -43.08 -19.65
CA GLY A 192 -40.63 -43.69 -18.76
C GLY A 192 -40.15 -42.74 -17.68
N VAL A 193 -39.95 -41.45 -18.05
CA VAL A 193 -39.52 -40.43 -17.09
C VAL A 193 -40.65 -40.17 -16.10
N LYS A 194 -41.89 -40.01 -16.59
CA LYS A 194 -43.03 -39.74 -15.70
C LYS A 194 -43.37 -40.90 -14.77
N ARG A 195 -43.21 -42.14 -15.24
CA ARG A 195 -43.46 -43.32 -14.41
C ARG A 195 -42.18 -43.89 -13.81
N PHE A 196 -41.12 -43.08 -13.72
CA PHE A 196 -39.83 -43.45 -13.18
C PHE A 196 -39.88 -44.20 -11.86
N ASP A 197 -40.57 -43.65 -10.87
CA ASP A 197 -40.64 -44.25 -9.54
C ASP A 197 -41.15 -45.70 -9.54
N GLU A 198 -42.23 -45.97 -10.28
CA GLU A 198 -42.76 -47.34 -10.34
C GLU A 198 -41.83 -48.28 -11.11
N ILE A 199 -41.08 -47.76 -12.10
CA ILE A 199 -40.14 -48.56 -12.85
C ILE A 199 -38.93 -48.91 -11.99
N LEU A 200 -38.35 -47.92 -11.30
CA LEU A 200 -37.19 -48.14 -10.46
C LEU A 200 -37.49 -49.15 -9.34
N GLU A 201 -38.70 -49.06 -8.77
CA GLU A 201 -39.15 -49.93 -7.69
CA GLU A 201 -39.14 -49.93 -7.68
C GLU A 201 -39.01 -51.42 -8.02
N VAL A 202 -39.36 -51.80 -9.26
CA VAL A 202 -39.30 -53.20 -9.69
C VAL A 202 -38.06 -53.56 -10.53
N SER A 203 -37.17 -52.60 -10.82
CA SER A 203 -35.98 -52.88 -11.60
C SER A 203 -34.76 -53.05 -10.70
N ASP A 204 -33.70 -53.66 -11.22
CA ASP A 204 -32.44 -53.74 -10.48
C ASP A 204 -31.64 -52.41 -10.59
N GLY A 205 -31.91 -51.64 -11.63
CA GLY A 205 -31.26 -50.38 -11.91
C GLY A 205 -31.83 -49.71 -13.13
N ILE A 206 -31.20 -48.59 -13.56
CA ILE A 206 -31.72 -47.80 -14.68
C ILE A 206 -30.60 -47.40 -15.65
N MET A 207 -30.94 -47.22 -16.92
CA MET A 207 -30.02 -46.64 -17.88
C MET A 207 -30.69 -45.38 -18.42
N VAL A 208 -29.98 -44.25 -18.36
CA VAL A 208 -30.46 -43.00 -18.94
C VAL A 208 -30.04 -43.11 -20.42
N ALA A 209 -30.94 -43.60 -21.26
CA ALA A 209 -30.69 -43.85 -22.68
C ALA A 209 -30.95 -42.57 -23.44
N ARG A 210 -29.92 -41.71 -23.49
CA ARG A 210 -30.04 -40.35 -24.00
C ARG A 210 -30.30 -40.22 -25.49
N GLY A 211 -29.95 -41.23 -26.29
CA GLY A 211 -30.19 -41.21 -27.73
C GLY A 211 -31.66 -41.04 -28.07
N ASP A 212 -32.48 -42.02 -27.67
CA ASP A 212 -33.92 -41.93 -27.88
C ASP A 212 -34.53 -40.86 -27.02
N LEU A 213 -34.09 -40.71 -25.74
CA LEU A 213 -34.65 -39.68 -24.86
C LEU A 213 -34.52 -38.28 -25.48
N GLY A 214 -33.39 -38.02 -26.14
CA GLY A 214 -33.07 -36.76 -26.79
C GLY A 214 -33.90 -36.41 -28.01
N ILE A 215 -34.62 -37.41 -28.57
CA ILE A 215 -35.54 -37.13 -29.67
C ILE A 215 -37.01 -37.29 -29.21
N GLU A 216 -37.25 -38.07 -28.12
CA GLU A 216 -38.58 -38.29 -27.53
C GLU A 216 -39.05 -37.08 -26.72
N ILE A 217 -38.11 -36.38 -26.08
CA ILE A 217 -38.38 -35.14 -25.33
C ILE A 217 -37.46 -34.05 -25.92
N PRO A 218 -37.72 -32.75 -25.69
CA PRO A 218 -36.80 -31.72 -26.22
C PRO A 218 -35.35 -31.97 -25.78
N ALA A 219 -34.41 -31.88 -26.72
CA ALA A 219 -32.98 -32.10 -26.49
C ALA A 219 -32.43 -31.32 -25.30
N GLU A 220 -32.91 -30.09 -25.09
CA GLU A 220 -32.48 -29.21 -24.01
C GLU A 220 -32.98 -29.61 -22.62
N LYS A 221 -33.83 -30.65 -22.53
CA LYS A 221 -34.37 -31.14 -21.26
C LYS A 221 -33.72 -32.44 -20.81
N VAL A 222 -32.94 -33.13 -21.69
CA VAL A 222 -32.33 -34.40 -21.33
C VAL A 222 -31.48 -34.33 -20.05
N PHE A 223 -30.70 -33.24 -19.87
CA PHE A 223 -29.87 -33.10 -18.67
C PHE A 223 -30.68 -33.11 -17.38
N LEU A 224 -31.92 -32.58 -17.41
CA LEU A 224 -32.78 -32.57 -16.24
C LEU A 224 -33.21 -34.01 -15.93
N ALA A 225 -33.59 -34.78 -16.96
CA ALA A 225 -33.99 -36.18 -16.78
C ALA A 225 -32.82 -37.02 -16.28
N GLN A 226 -31.61 -36.79 -16.83
CA GLN A 226 -30.41 -37.51 -16.41
C GLN A 226 -30.10 -37.22 -14.93
N LYS A 227 -30.03 -35.93 -14.54
CA LYS A 227 -29.69 -35.56 -13.18
C LYS A 227 -30.75 -36.04 -12.17
N MET A 228 -32.03 -35.95 -12.54
CA MET A 228 -33.11 -36.45 -11.69
C MET A 228 -33.01 -37.97 -11.50
N MET A 229 -32.86 -38.74 -12.60
CA MET A 229 -32.80 -40.20 -12.49
C MET A 229 -31.58 -40.68 -11.76
N ILE A 230 -30.43 -40.01 -11.94
CA ILE A 230 -29.23 -40.40 -11.21
C ILE A 230 -29.42 -40.13 -9.73
N GLY A 231 -29.94 -38.95 -9.38
CA GLY A 231 -30.25 -38.62 -7.98
C GLY A 231 -31.20 -39.60 -7.33
N ARG A 232 -32.29 -39.98 -8.02
CA ARG A 232 -33.26 -40.94 -7.46
C ARG A 232 -32.68 -42.34 -7.31
N CYS A 233 -31.81 -42.76 -8.25
CA CYS A 233 -31.14 -44.06 -8.15
C CYS A 233 -30.15 -44.05 -6.99
N ASN A 234 -29.42 -42.95 -6.81
CA ASN A 234 -28.48 -42.81 -5.70
C ASN A 234 -29.25 -42.91 -4.36
N LEU A 235 -30.41 -42.25 -4.28
CA LEU A 235 -31.25 -42.28 -3.08
CA LEU A 235 -31.29 -42.26 -3.10
C LEU A 235 -31.75 -43.72 -2.82
N ALA A 236 -32.15 -44.44 -3.88
CA ALA A 236 -32.62 -45.80 -3.76
C ALA A 236 -31.50 -46.84 -3.55
N GLY A 237 -30.25 -46.46 -3.75
CA GLY A 237 -29.14 -47.39 -3.64
C GLY A 237 -29.11 -48.38 -4.79
N LYS A 238 -29.61 -48.00 -5.98
CA LYS A 238 -29.65 -48.88 -7.15
C LYS A 238 -28.79 -48.35 -8.28
N PRO A 239 -28.11 -49.23 -9.04
CA PRO A 239 -27.22 -48.73 -10.10
C PRO A 239 -27.88 -47.91 -11.21
N VAL A 240 -27.16 -46.89 -11.68
CA VAL A 240 -27.63 -46.05 -12.77
C VAL A 240 -26.50 -45.88 -13.80
N VAL A 241 -26.84 -46.04 -15.08
CA VAL A 241 -25.90 -45.95 -16.17
C VAL A 241 -26.17 -44.69 -16.98
N CYS A 242 -25.12 -43.92 -17.29
CA CYS A 242 -25.29 -42.81 -18.22
C CYS A 242 -24.84 -43.33 -19.58
N ALA A 243 -25.65 -43.10 -20.62
CA ALA A 243 -25.33 -43.66 -21.93
C ALA A 243 -25.54 -42.72 -23.09
N THR A 244 -24.85 -43.01 -24.22
CA THR A 244 -25.00 -42.50 -25.57
C THR A 244 -24.36 -41.16 -25.84
N GLN A 245 -23.48 -41.16 -26.87
CA GLN A 245 -22.78 -40.01 -27.43
C GLN A 245 -21.81 -39.34 -26.46
N MET A 246 -21.35 -40.07 -25.43
CA MET A 246 -20.43 -39.51 -24.43
C MET A 246 -19.10 -39.09 -25.04
N LEU A 247 -18.55 -39.91 -25.97
CA LEU A 247 -17.31 -39.59 -26.68
C LEU A 247 -17.54 -39.78 -28.19
N GLU A 248 -18.71 -39.39 -28.70
CA GLU A 248 -19.15 -39.59 -30.08
C GLU A 248 -18.10 -39.31 -31.16
N SER A 249 -17.45 -38.15 -31.11
CA SER A 249 -16.45 -37.79 -32.12
C SER A 249 -15.29 -38.80 -32.22
N MET A 250 -15.02 -39.56 -31.14
CA MET A 250 -13.96 -40.57 -31.16
C MET A 250 -14.27 -41.78 -32.05
N ILE A 251 -15.45 -41.84 -32.68
CA ILE A 251 -15.77 -42.86 -33.66
C ILE A 251 -14.79 -42.67 -34.87
N THR A 252 -14.47 -41.41 -35.23
CA THR A 252 -13.55 -41.13 -36.33
C THR A 252 -12.27 -40.39 -35.90
N LYS A 253 -12.27 -39.70 -34.73
CA LYS A 253 -11.10 -38.95 -34.31
C LYS A 253 -10.37 -39.57 -33.12
N PRO A 254 -9.03 -39.46 -33.05
CA PRO A 254 -8.30 -40.06 -31.92
C PRO A 254 -8.46 -39.37 -30.57
N ARG A 255 -8.95 -38.13 -30.57
CA ARG A 255 -9.14 -37.36 -29.35
C ARG A 255 -10.57 -36.84 -29.32
N PRO A 256 -11.19 -36.75 -28.12
CA PRO A 256 -12.57 -36.26 -28.05
C PRO A 256 -12.67 -34.73 -28.05
N THR A 257 -13.91 -34.21 -28.13
CA THR A 257 -14.11 -32.77 -28.03
C THR A 257 -14.11 -32.35 -26.53
N ARG A 258 -14.06 -31.04 -26.28
CA ARG A 258 -14.10 -30.48 -24.94
C ARG A 258 -15.46 -30.75 -24.27
N ALA A 259 -16.56 -30.78 -25.05
CA ALA A 259 -17.88 -31.10 -24.52
C ALA A 259 -17.98 -32.56 -24.10
N GLU A 260 -17.31 -33.45 -24.84
CA GLU A 260 -17.32 -34.88 -24.55
C GLU A 260 -16.58 -35.24 -23.26
N THR A 261 -15.39 -34.66 -23.00
CA THR A 261 -14.70 -34.95 -21.74
C THR A 261 -15.50 -34.39 -20.55
N SER A 262 -16.07 -33.20 -20.73
CA SER A 262 -16.94 -32.55 -19.77
C SER A 262 -18.15 -33.47 -19.46
N ASP A 263 -18.78 -34.03 -20.49
CA ASP A 263 -19.94 -34.89 -20.33
C ASP A 263 -19.62 -36.13 -19.50
N VAL A 264 -18.46 -36.77 -19.76
CA VAL A 264 -18.05 -37.93 -18.99
C VAL A 264 -17.83 -37.55 -17.53
N ALA A 265 -17.08 -36.47 -17.28
CA ALA A 265 -16.79 -36.00 -15.94
C ALA A 265 -18.05 -35.66 -15.18
N ASN A 266 -19.00 -34.96 -15.84
CA ASN A 266 -20.23 -34.55 -15.20
C ASN A 266 -21.16 -35.71 -14.93
N ALA A 267 -21.14 -36.79 -15.74
CA ALA A 267 -21.97 -37.97 -15.46
C ALA A 267 -21.48 -38.61 -14.14
N VAL A 268 -20.16 -38.68 -13.93
CA VAL A 268 -19.57 -39.22 -12.70
C VAL A 268 -19.89 -38.28 -11.52
N LEU A 269 -19.74 -36.96 -11.70
CA LEU A 269 -20.08 -35.99 -10.65
C LEU A 269 -21.57 -36.00 -10.31
N ASP A 270 -22.44 -36.28 -11.31
CA ASP A 270 -23.89 -36.43 -11.11
C ASP A 270 -24.22 -37.59 -10.16
N GLY A 271 -23.39 -38.64 -10.19
CA GLY A 271 -23.52 -39.82 -9.36
C GLY A 271 -23.72 -41.12 -10.13
N ALA A 272 -23.42 -41.14 -11.44
CA ALA A 272 -23.62 -42.36 -12.24
C ALA A 272 -22.71 -43.48 -11.77
N ASP A 273 -23.24 -44.68 -11.68
CA ASP A 273 -22.45 -45.85 -11.29
C ASP A 273 -21.63 -46.35 -12.48
N CYS A 274 -22.19 -46.25 -13.70
CA CYS A 274 -21.55 -46.72 -14.93
C CYS A 274 -21.64 -45.66 -16.02
N ILE A 275 -20.66 -45.68 -16.92
CA ILE A 275 -20.67 -44.86 -18.12
C ILE A 275 -20.56 -45.81 -19.32
N MET A 276 -21.09 -45.42 -20.47
CA MET A 276 -21.15 -46.31 -21.61
C MET A 276 -20.57 -45.75 -22.90
N LEU A 277 -20.11 -46.66 -23.76
CA LEU A 277 -19.62 -46.39 -25.09
C LEU A 277 -20.47 -47.26 -26.03
N SER A 278 -20.97 -46.67 -27.12
CA SER A 278 -21.78 -47.40 -28.10
C SER A 278 -20.99 -47.47 -29.43
N GLY A 279 -21.26 -46.60 -30.39
CA GLY A 279 -20.55 -46.58 -31.67
C GLY A 279 -19.05 -46.41 -31.50
N GLU A 280 -18.63 -45.72 -30.43
CA GLU A 280 -17.21 -45.50 -30.11
C GLU A 280 -16.44 -46.80 -30.01
N THR A 281 -17.08 -47.88 -29.53
CA THR A 281 -16.39 -49.17 -29.43
C THR A 281 -16.91 -50.21 -30.42
N ALA A 282 -18.20 -50.12 -30.79
CA ALA A 282 -18.80 -51.09 -31.69
C ALA A 282 -18.33 -50.95 -33.14
N LYS A 283 -18.14 -49.71 -33.63
CA LYS A 283 -17.75 -49.52 -35.03
C LYS A 283 -16.65 -48.50 -35.27
N GLY A 284 -16.25 -47.76 -34.26
CA GLY A 284 -15.28 -46.70 -34.42
C GLY A 284 -13.85 -47.15 -34.68
N ASN A 285 -13.02 -46.19 -35.10
CA ASN A 285 -11.62 -46.45 -35.40
C ASN A 285 -10.71 -46.45 -34.18
N PHE A 286 -11.21 -46.00 -33.02
CA PHE A 286 -10.39 -45.94 -31.82
C PHE A 286 -11.09 -46.56 -30.60
N PRO A 287 -11.54 -47.84 -30.67
CA PRO A 287 -12.27 -48.44 -29.52
C PRO A 287 -11.47 -48.48 -28.22
N VAL A 288 -10.19 -48.86 -28.29
CA VAL A 288 -9.35 -48.96 -27.10
C VAL A 288 -9.08 -47.57 -26.51
N GLU A 289 -8.84 -46.59 -27.39
CA GLU A 289 -8.57 -45.22 -26.96
C GLU A 289 -9.81 -44.59 -26.29
N ALA A 290 -11.02 -44.95 -26.75
CA ALA A 290 -12.27 -44.46 -26.16
C ALA A 290 -12.43 -45.00 -24.74
N VAL A 291 -12.08 -46.28 -24.53
CA VAL A 291 -12.13 -46.89 -23.20
C VAL A 291 -11.10 -46.21 -22.30
N LYS A 292 -9.88 -45.99 -22.82
CA LYS A 292 -8.80 -45.33 -22.06
C LYS A 292 -9.20 -43.93 -21.65
N MET A 293 -9.89 -43.20 -22.54
CA MET A 293 -10.33 -41.84 -22.27
C MET A 293 -11.40 -41.82 -21.17
N GLN A 294 -12.39 -42.73 -21.22
CA GLN A 294 -13.39 -42.81 -20.16
C GLN A 294 -12.75 -43.16 -18.82
N HIS A 295 -11.76 -44.07 -18.84
CA HIS A 295 -11.04 -44.44 -17.62
C HIS A 295 -10.33 -43.23 -17.03
N ALA A 296 -9.58 -42.49 -17.87
CA ALA A 296 -8.81 -41.33 -17.43
C ALA A 296 -9.69 -40.23 -16.84
N ILE A 297 -10.82 -39.89 -17.51
CA ILE A 297 -11.73 -38.86 -17.02
C ILE A 297 -12.42 -39.28 -15.73
N ALA A 298 -12.96 -40.51 -15.67
CA ALA A 298 -13.68 -40.99 -14.49
C ALA A 298 -12.82 -40.94 -13.24
N ARG A 299 -11.56 -41.32 -13.35
CA ARG A 299 -10.65 -41.31 -12.22
C ARG A 299 -10.44 -39.87 -11.70
N GLU A 300 -10.28 -38.91 -12.61
CA GLU A 300 -10.12 -37.51 -12.22
C GLU A 300 -11.41 -36.98 -11.57
N ALA A 301 -12.57 -37.32 -12.14
CA ALA A 301 -13.88 -36.87 -11.65
C ALA A 301 -14.24 -37.46 -10.30
N GLU A 302 -13.88 -38.73 -10.06
CA GLU A 302 -14.16 -39.37 -8.77
C GLU A 302 -13.41 -38.68 -7.62
N ALA A 303 -12.19 -38.25 -7.85
CA ALA A 303 -11.41 -37.54 -6.85
C ALA A 303 -12.01 -36.14 -6.57
N ALA A 304 -12.64 -35.53 -7.60
CA ALA A 304 -13.29 -34.21 -7.53
C ALA A 304 -14.68 -34.24 -6.88
N VAL A 305 -15.22 -35.42 -6.52
CA VAL A 305 -16.51 -35.53 -5.84
C VAL A 305 -16.36 -34.87 -4.44
N TYR A 306 -17.33 -34.08 -4.02
CA TYR A 306 -17.29 -33.41 -2.73
C TYR A 306 -17.90 -34.36 -1.71
N HIS A 307 -17.12 -35.35 -1.23
CA HIS A 307 -17.63 -36.38 -0.31
C HIS A 307 -18.21 -35.84 0.96
N ARG A 308 -17.69 -34.72 1.48
CA ARG A 308 -18.23 -34.14 2.72
C ARG A 308 -19.73 -33.87 2.64
N GLN A 309 -20.19 -33.26 1.53
CA GLN A 309 -21.62 -33.00 1.36
C GLN A 309 -22.35 -34.25 0.91
N LEU A 310 -21.75 -34.99 -0.04
CA LEU A 310 -22.39 -36.18 -0.59
C LEU A 310 -22.68 -37.22 0.50
N PHE A 311 -21.70 -37.58 1.34
CA PHE A 311 -21.90 -38.57 2.39
C PHE A 311 -22.94 -38.08 3.36
N GLU A 312 -22.87 -36.81 3.78
CA GLU A 312 -23.83 -36.23 4.71
CA GLU A 312 -23.84 -36.27 4.70
C GLU A 312 -25.26 -36.35 4.17
N GLU A 313 -25.46 -35.98 2.88
CA GLU A 313 -26.78 -36.05 2.28
C GLU A 313 -27.28 -37.46 2.05
N LEU A 314 -26.39 -38.37 1.62
CA LEU A 314 -26.78 -39.76 1.42
C LEU A 314 -27.14 -40.40 2.75
N ARG A 315 -26.34 -40.12 3.77
CA ARG A 315 -26.54 -40.64 5.11
C ARG A 315 -27.84 -40.12 5.74
N ARG A 316 -28.20 -38.83 5.52
CA ARG A 316 -29.41 -38.19 6.02
C ARG A 316 -30.63 -38.76 5.33
N ALA A 317 -30.57 -38.95 3.99
CA ALA A 317 -31.69 -39.42 3.21
C ALA A 317 -31.93 -40.92 3.27
N ALA A 318 -30.88 -41.72 3.55
CA ALA A 318 -31.02 -43.18 3.66
C ALA A 318 -31.88 -43.48 4.87
N PRO A 319 -32.98 -44.25 4.70
CA PRO A 319 -33.90 -44.44 5.81
C PRO A 319 -33.33 -45.22 6.96
N LEU A 320 -33.92 -45.04 8.16
CA LEU A 320 -33.52 -45.83 9.33
C LEU A 320 -33.86 -47.29 9.03
N SER A 321 -33.06 -48.21 9.56
CA SER A 321 -33.26 -49.61 9.18
C SER A 321 -32.92 -50.52 10.27
N ARG A 322 -33.61 -51.64 10.33
CA ARG A 322 -33.33 -52.70 11.29
CA ARG A 322 -33.28 -52.68 11.30
C ARG A 322 -32.65 -53.91 10.61
N ASP A 323 -32.25 -53.79 9.33
CA ASP A 323 -31.58 -54.84 8.59
C ASP A 323 -30.09 -54.76 8.98
N PRO A 324 -29.53 -55.83 9.56
CA PRO A 324 -28.12 -55.77 10.00
C PRO A 324 -27.11 -55.48 8.91
N THR A 325 -27.35 -55.88 7.65
CA THR A 325 -26.41 -55.61 6.55
C THR A 325 -26.37 -54.09 6.30
N GLU A 326 -27.57 -53.44 6.27
CA GLU A 326 -27.70 -51.99 6.09
C GLU A 326 -27.03 -51.22 7.26
N VAL A 327 -27.26 -51.68 8.49
CA VAL A 327 -26.68 -51.08 9.67
C VAL A 327 -25.16 -51.21 9.66
N THR A 328 -24.64 -52.40 9.28
CA THR A 328 -23.19 -52.61 9.24
C THR A 328 -22.58 -51.75 8.15
N ALA A 329 -23.24 -51.63 6.98
CA ALA A 329 -22.73 -50.85 5.86
C ALA A 329 -22.47 -49.37 6.21
N ILE A 330 -23.41 -48.72 6.91
CA ILE A 330 -23.26 -47.31 7.28
C ILE A 330 -22.16 -47.17 8.35
N GLY A 331 -22.09 -48.11 9.27
CA GLY A 331 -21.04 -48.10 10.29
C GLY A 331 -19.67 -48.24 9.66
N ALA A 332 -19.55 -49.13 8.65
CA ALA A 332 -18.29 -49.38 7.95
C ALA A 332 -17.85 -48.20 7.13
N VAL A 333 -18.79 -47.53 6.44
CA VAL A 333 -18.44 -46.39 5.61
C VAL A 333 -18.00 -45.20 6.49
N GLU A 334 -18.69 -45.02 7.62
CA GLU A 334 -18.34 -43.98 8.58
C GLU A 334 -16.92 -44.23 9.12
N ALA A 335 -16.66 -45.50 9.50
CA ALA A 335 -15.35 -45.93 10.02
C ALA A 335 -14.25 -45.71 8.98
N ALA A 336 -14.51 -46.03 7.71
CA ALA A 336 -13.54 -45.85 6.63
C ALA A 336 -13.18 -44.37 6.47
N PHE A 337 -14.18 -43.46 6.50
CA PHE A 337 -13.91 -42.04 6.39
C PHE A 337 -13.09 -41.51 7.59
N LYS A 338 -13.38 -42.02 8.79
CA LYS A 338 -12.69 -41.59 10.02
C LYS A 338 -11.18 -41.83 9.98
N CYS A 339 -10.75 -42.96 9.38
CA CYS A 339 -9.34 -43.32 9.34
C CYS A 339 -8.71 -43.22 7.97
N CYS A 340 -9.42 -42.66 6.95
CA CYS A 340 -8.92 -42.59 5.57
C CYS A 340 -8.55 -44.00 5.10
N ALA A 341 -9.42 -44.98 5.39
CA ALA A 341 -9.16 -46.38 5.05
C ALA A 341 -8.84 -46.54 3.59
N ALA A 342 -7.81 -47.34 3.28
CA ALA A 342 -7.46 -47.58 1.89
C ALA A 342 -8.55 -48.41 1.20
N ALA A 343 -9.27 -49.28 1.95
CA ALA A 343 -10.30 -50.12 1.37
C ALA A 343 -11.26 -50.66 2.43
N ILE A 344 -12.44 -51.10 1.97
CA ILE A 344 -13.40 -51.82 2.75
C ILE A 344 -13.44 -53.20 2.07
N ILE A 345 -13.00 -54.25 2.75
CA ILE A 345 -13.03 -55.60 2.19
C ILE A 345 -14.29 -56.27 2.67
N VAL A 346 -15.14 -56.73 1.77
CA VAL A 346 -16.40 -57.33 2.15
C VAL A 346 -16.57 -58.70 1.50
N LEU A 347 -17.15 -59.65 2.25
CA LEU A 347 -17.47 -61.00 1.74
C LEU A 347 -18.90 -60.96 1.32
N THR A 348 -19.17 -61.44 0.10
CA THR A 348 -20.52 -61.40 -0.41
C THR A 348 -20.83 -62.59 -1.33
N THR A 349 -22.05 -63.11 -1.22
CA THR A 349 -22.50 -64.21 -2.03
C THR A 349 -23.21 -63.69 -3.27
N THR A 350 -24.18 -62.77 -3.07
CA THR A 350 -24.98 -62.21 -4.16
C THR A 350 -24.50 -60.84 -4.66
N GLY A 351 -23.64 -60.17 -3.92
CA GLY A 351 -23.18 -58.81 -4.21
C GLY A 351 -23.87 -57.77 -3.32
N ARG A 352 -24.97 -58.14 -2.64
CA ARG A 352 -25.77 -57.21 -1.84
C ARG A 352 -25.01 -56.45 -0.75
N SER A 353 -24.15 -57.12 0.05
CA SER A 353 -23.41 -56.41 1.10
C SER A 353 -22.47 -55.35 0.48
N ALA A 354 -21.92 -55.61 -0.70
CA ALA A 354 -21.06 -54.65 -1.41
C ALA A 354 -21.91 -53.50 -1.94
N GLN A 355 -23.11 -53.80 -2.46
CA GLN A 355 -24.02 -52.78 -2.98
C GLN A 355 -24.45 -51.80 -1.88
N LEU A 356 -24.70 -52.31 -0.66
CA LEU A 356 -25.10 -51.47 0.46
C LEU A 356 -23.96 -50.58 0.95
N LEU A 357 -22.70 -50.99 0.74
CA LEU A 357 -21.56 -50.16 1.09
C LEU A 357 -21.43 -49.07 0.00
N SER A 358 -21.54 -49.46 -1.28
CA SER A 358 -21.43 -48.58 -2.45
CA SER A 358 -21.41 -48.55 -2.41
C SER A 358 -22.44 -47.42 -2.44
N ARG A 359 -23.64 -47.67 -1.92
CA ARG A 359 -24.69 -46.65 -1.89
C ARG A 359 -24.30 -45.42 -1.04
N TYR A 360 -23.37 -45.58 -0.09
CA TYR A 360 -22.89 -44.46 0.73
C TYR A 360 -21.67 -43.74 0.12
N ARG A 361 -21.26 -44.15 -1.10
CA ARG A 361 -20.16 -43.58 -1.85
C ARG A 361 -18.89 -43.37 -1.04
N PRO A 362 -18.34 -44.43 -0.42
CA PRO A 362 -17.07 -44.24 0.30
C PRO A 362 -15.94 -43.84 -0.66
N ARG A 363 -14.96 -43.08 -0.18
CA ARG A 363 -13.76 -42.81 -0.95
C ARG A 363 -12.92 -44.13 -0.99
N ALA A 364 -12.98 -44.94 0.09
CA ALA A 364 -12.29 -46.23 0.18
C ALA A 364 -12.87 -47.19 -0.83
N ALA A 365 -12.01 -47.92 -1.55
CA ALA A 365 -12.45 -48.92 -2.53
C ALA A 365 -13.19 -50.03 -1.81
N VAL A 366 -14.27 -50.56 -2.40
CA VAL A 366 -14.97 -51.67 -1.79
C VAL A 366 -14.50 -52.94 -2.50
N ILE A 367 -13.60 -53.71 -1.86
CA ILE A 367 -13.07 -54.94 -2.44
C ILE A 367 -14.00 -56.07 -2.06
N ALA A 368 -14.78 -56.57 -3.03
CA ALA A 368 -15.75 -57.62 -2.76
C ALA A 368 -15.19 -59.00 -3.12
N VAL A 369 -14.96 -59.85 -2.10
CA VAL A 369 -14.44 -61.20 -2.28
C VAL A 369 -15.65 -62.15 -2.37
N THR A 370 -15.83 -62.80 -3.54
CA THR A 370 -16.97 -63.70 -3.73
C THR A 370 -16.52 -64.97 -4.46
N ARG A 371 -17.22 -66.06 -4.21
CA ARG A 371 -17.03 -67.34 -4.91
C ARG A 371 -17.93 -67.40 -6.16
N SER A 372 -19.01 -66.58 -6.20
CA SER A 372 -19.92 -66.56 -7.33
C SER A 372 -19.34 -65.78 -8.51
N ALA A 373 -19.03 -66.47 -9.63
CA ALA A 373 -18.51 -65.82 -10.82
C ALA A 373 -19.53 -64.81 -11.38
N GLN A 374 -20.82 -65.17 -11.34
CA GLN A 374 -21.87 -64.27 -11.80
C GLN A 374 -21.98 -63.00 -10.91
N ALA A 375 -21.94 -63.15 -9.58
CA ALA A 375 -21.99 -61.99 -8.69
C ALA A 375 -20.78 -61.08 -8.91
N ALA A 376 -19.59 -61.66 -9.16
CA ALA A 376 -18.38 -60.89 -9.41
C ALA A 376 -18.54 -60.04 -10.67
N ARG A 377 -19.20 -60.58 -11.70
CA ARG A 377 -19.42 -59.83 -12.93
C ARG A 377 -20.50 -58.76 -12.72
N GLN A 378 -21.60 -59.11 -12.06
CA GLN A 378 -22.72 -58.18 -11.88
C GLN A 378 -22.42 -56.99 -10.98
N VAL A 379 -21.55 -57.18 -9.99
CA VAL A 379 -21.23 -56.14 -9.02
C VAL A 379 -20.47 -54.94 -9.64
N HIS A 380 -20.04 -55.05 -10.93
CA HIS A 380 -19.47 -53.93 -11.69
C HIS A 380 -20.55 -52.84 -11.89
N LEU A 381 -21.85 -53.17 -11.73
CA LEU A 381 -22.92 -52.20 -11.85
C LEU A 381 -22.88 -51.15 -10.71
N CYS A 382 -22.26 -51.48 -9.56
CA CYS A 382 -22.22 -50.62 -8.39
C CYS A 382 -20.91 -49.88 -8.30
N ARG A 383 -20.95 -48.53 -8.28
CA ARG A 383 -19.72 -47.75 -8.24
C ARG A 383 -18.82 -48.09 -7.06
N GLY A 384 -17.53 -48.20 -7.32
CA GLY A 384 -16.55 -48.42 -6.26
C GLY A 384 -16.45 -49.84 -5.75
N VAL A 385 -17.11 -50.80 -6.42
CA VAL A 385 -17.00 -52.20 -6.02
C VAL A 385 -16.02 -52.89 -6.98
N PHE A 386 -14.95 -53.45 -6.40
CA PHE A 386 -13.89 -54.15 -7.13
C PHE A 386 -14.04 -55.64 -6.82
N PRO A 387 -14.60 -56.39 -7.78
CA PRO A 387 -14.82 -57.82 -7.52
C PRO A 387 -13.56 -58.68 -7.64
N LEU A 388 -13.37 -59.59 -6.67
CA LEU A 388 -12.28 -60.54 -6.67
C LEU A 388 -12.92 -61.91 -6.63
N LEU A 389 -12.72 -62.72 -7.67
CA LEU A 389 -13.28 -64.06 -7.72
C LEU A 389 -12.38 -65.03 -6.98
N TYR A 390 -12.88 -65.59 -5.86
CA TYR A 390 -12.13 -66.46 -4.97
C TYR A 390 -12.07 -67.90 -5.50
N ARG A 391 -10.85 -68.37 -5.82
CA ARG A 391 -10.63 -69.72 -6.34
C ARG A 391 -9.58 -70.54 -5.55
N GLU A 392 -9.44 -70.26 -4.25
CA GLU A 392 -8.50 -70.99 -3.42
CA GLU A 392 -8.50 -70.99 -3.40
C GLU A 392 -9.21 -72.14 -2.68
N PRO A 393 -8.48 -73.20 -2.30
CA PRO A 393 -9.13 -74.35 -1.64
C PRO A 393 -9.86 -73.97 -0.36
N PRO A 394 -11.00 -74.61 -0.10
CA PRO A 394 -11.78 -74.25 1.10
C PRO A 394 -11.14 -74.68 2.42
N GLU A 395 -11.27 -73.86 3.47
CA GLU A 395 -10.74 -74.23 4.78
C GLU A 395 -11.77 -75.12 5.50
N ALA A 396 -11.30 -76.09 6.29
CA ALA A 396 -12.18 -77.00 7.00
C ALA A 396 -13.04 -76.23 8.01
N ILE A 397 -12.42 -75.29 8.74
CA ILE A 397 -13.17 -74.50 9.72
C ILE A 397 -13.64 -73.17 9.12
N TRP A 398 -14.96 -72.92 9.13
CA TRP A 398 -15.59 -71.72 8.55
C TRP A 398 -14.94 -70.41 8.98
N ALA A 399 -14.60 -70.25 10.27
CA ALA A 399 -13.91 -69.05 10.75
C ALA A 399 -12.56 -68.86 10.03
N ASP A 400 -11.81 -69.96 9.80
CA ASP A 400 -10.53 -69.89 9.06
C ASP A 400 -10.78 -69.64 7.56
N ASP A 401 -11.89 -70.12 7.02
CA ASP A 401 -12.24 -69.93 5.62
C ASP A 401 -12.51 -68.43 5.35
N VAL A 402 -13.23 -67.78 6.28
CA VAL A 402 -13.55 -66.35 6.26
C VAL A 402 -12.25 -65.59 6.33
N ASP A 403 -11.32 -65.96 7.26
CA ASP A 403 -10.04 -65.28 7.40
CA ASP A 403 -10.03 -65.28 7.39
C ASP A 403 -9.18 -65.37 6.13
N ARG A 404 -9.20 -66.53 5.44
CA ARG A 404 -8.39 -66.66 4.22
C ARG A 404 -9.01 -65.87 3.06
N ARG A 405 -10.34 -65.74 3.00
CA ARG A 405 -10.95 -64.88 1.97
C ARG A 405 -10.56 -63.41 2.23
N VAL A 406 -10.46 -63.00 3.50
CA VAL A 406 -10.04 -61.65 3.89
C VAL A 406 -8.56 -61.42 3.51
N GLN A 407 -7.68 -62.41 3.79
CA GLN A 407 -6.27 -62.33 3.40
C GLN A 407 -6.11 -62.32 1.86
N PHE A 408 -7.03 -62.98 1.14
CA PHE A 408 -7.02 -62.97 -0.31
C PHE A 408 -7.29 -61.55 -0.83
N GLY A 409 -8.24 -60.85 -0.18
CA GLY A 409 -8.56 -59.46 -0.50
C GLY A 409 -7.36 -58.57 -0.27
N ILE A 410 -6.65 -58.80 0.84
CA ILE A 410 -5.46 -58.03 1.19
C ILE A 410 -4.31 -58.25 0.20
N GLU A 411 -4.02 -59.52 -0.15
CA GLU A 411 -2.97 -59.85 -1.10
C GLU A 411 -3.28 -59.32 -2.50
N SER A 412 -4.54 -59.47 -2.95
CA SER A 412 -4.93 -58.90 -4.26
C SER A 412 -4.85 -57.36 -4.22
N GLY A 413 -5.22 -56.78 -3.08
CA GLY A 413 -5.17 -55.35 -2.87
C GLY A 413 -3.76 -54.82 -2.96
N LYS A 414 -2.80 -55.51 -2.35
CA LYS A 414 -1.39 -55.13 -2.38
C LYS A 414 -0.83 -55.24 -3.79
N LEU A 415 -1.13 -56.35 -4.50
CA LEU A 415 -0.62 -56.56 -5.85
C LEU A 415 -1.18 -55.52 -6.83
N ARG A 416 -2.47 -55.17 -6.68
CA ARG A 416 -3.11 -54.20 -7.57
C ARG A 416 -2.84 -52.75 -7.24
N GLY A 417 -2.23 -52.47 -6.11
CA GLY A 417 -1.91 -51.09 -5.73
C GLY A 417 -2.94 -50.41 -4.84
N PHE A 418 -3.99 -51.13 -4.44
CA PHE A 418 -5.02 -50.58 -3.55
C PHE A 418 -4.45 -50.41 -2.14
N LEU A 419 -3.63 -51.37 -1.68
CA LEU A 419 -3.16 -51.39 -0.30
C LEU A 419 -1.67 -51.46 -0.18
N ARG A 420 -1.16 -50.92 0.92
CA ARG A 420 0.24 -50.98 1.29
C ARG A 420 0.34 -51.28 2.78
N VAL A 421 1.50 -51.77 3.22
CA VAL A 421 1.76 -52.04 4.64
C VAL A 421 1.60 -50.75 5.44
N GLY A 422 0.91 -50.81 6.56
CA GLY A 422 0.65 -49.63 7.37
C GLY A 422 -0.73 -49.03 7.13
N ASP A 423 -1.37 -49.36 6.00
CA ASP A 423 -2.72 -48.87 5.72
C ASP A 423 -3.73 -49.47 6.72
N LEU A 424 -4.87 -48.81 6.88
CA LEU A 424 -5.97 -49.35 7.68
C LEU A 424 -7.05 -49.76 6.69
N VAL A 425 -7.70 -50.88 6.94
CA VAL A 425 -8.81 -51.34 6.11
C VAL A 425 -9.97 -51.67 7.04
N ILE A 426 -11.18 -51.61 6.50
CA ILE A 426 -12.38 -52.00 7.21
C ILE A 426 -12.77 -53.33 6.62
N VAL A 427 -13.10 -54.32 7.45
CA VAL A 427 -13.48 -55.65 6.96
C VAL A 427 -14.90 -55.95 7.35
N VAL A 428 -15.75 -56.28 6.38
CA VAL A 428 -17.15 -56.54 6.60
C VAL A 428 -17.48 -57.99 6.34
N THR A 429 -17.90 -58.71 7.36
CA THR A 429 -18.26 -60.15 7.28
C THR A 429 -19.60 -60.42 8.01
N GLY A 430 -20.05 -61.70 7.99
CA GLY A 430 -21.28 -62.15 8.62
C GLY A 430 -21.04 -63.15 9.74
N TRP A 431 -22.11 -63.50 10.47
CA TRP A 431 -21.99 -64.39 11.62
C TRP A 431 -22.20 -65.87 11.31
N ARG A 432 -22.76 -66.18 10.14
CA ARG A 432 -22.99 -67.55 9.72
C ARG A 432 -22.90 -67.66 8.18
N PRO A 433 -22.68 -68.86 7.61
CA PRO A 433 -22.61 -68.95 6.13
C PRO A 433 -23.93 -68.65 5.47
N GLY A 434 -23.90 -68.39 4.18
CA GLY A 434 -25.09 -68.07 3.43
C GLY A 434 -25.31 -66.58 3.31
N SER A 435 -26.06 -66.16 2.30
CA SER A 435 -26.35 -64.77 2.04
CA SER A 435 -26.35 -64.76 2.05
C SER A 435 -27.35 -64.19 3.07
N GLY A 436 -27.22 -62.91 3.38
CA GLY A 436 -28.13 -62.23 4.29
C GLY A 436 -27.76 -62.09 5.74
N TYR A 437 -26.56 -62.52 6.12
CA TYR A 437 -26.14 -62.47 7.51
C TYR A 437 -24.95 -61.56 7.82
N THR A 438 -24.63 -60.60 6.93
CA THR A 438 -23.55 -59.63 7.21
C THR A 438 -23.95 -58.81 8.45
N ASN A 439 -23.08 -58.75 9.46
CA ASN A 439 -23.39 -58.02 10.70
C ASN A 439 -22.12 -57.59 11.46
N ILE A 440 -20.92 -57.76 10.86
CA ILE A 440 -19.67 -57.45 11.55
C ILE A 440 -18.80 -56.50 10.77
N MET A 441 -18.22 -55.52 11.46
CA MET A 441 -17.26 -54.61 10.86
CA MET A 441 -17.30 -54.54 10.90
C MET A 441 -16.02 -54.59 11.76
N ARG A 442 -14.85 -54.77 11.15
CA ARG A 442 -13.57 -54.84 11.90
C ARG A 442 -12.57 -53.84 11.33
N VAL A 443 -11.74 -53.25 12.17
CA VAL A 443 -10.69 -52.34 11.74
C VAL A 443 -9.37 -53.10 11.76
N LEU A 444 -8.72 -53.24 10.61
CA LEU A 444 -7.50 -54.02 10.46
C LEU A 444 -6.32 -53.19 9.91
N SER A 445 -5.13 -53.36 10.51
CA SER A 445 -3.93 -52.67 10.03
CA SER A 445 -3.92 -52.69 10.05
C SER A 445 -3.18 -53.64 9.12
N ILE A 446 -2.82 -53.20 7.91
CA ILE A 446 -2.14 -54.04 6.92
C ILE A 446 -0.69 -54.33 7.25
N SER A 447 -0.38 -55.63 7.18
CA SER A 447 0.87 -56.37 7.36
C SER A 447 1.32 -56.38 8.80
N ARG B 12 -40.27 -37.52 5.99
CA ARG B 12 -41.06 -38.72 6.28
C ARG B 12 -40.43 -39.99 5.71
N ALA B 13 -39.98 -39.97 4.45
CA ALA B 13 -39.40 -41.13 3.79
C ALA B 13 -38.19 -41.74 4.50
N ASP B 14 -37.42 -40.94 5.27
CA ASP B 14 -36.27 -41.44 6.01
C ASP B 14 -36.68 -42.24 7.27
N VAL B 15 -37.92 -42.10 7.74
CA VAL B 15 -38.39 -42.82 8.91
C VAL B 15 -39.63 -43.67 8.65
N ALA B 16 -40.19 -43.67 7.42
CA ALA B 16 -41.44 -44.36 7.09
C ALA B 16 -41.46 -45.88 7.36
N GLN B 17 -40.45 -46.63 6.89
CA GLN B 17 -40.41 -48.06 7.12
C GLN B 17 -40.23 -48.39 8.59
N LEU B 18 -39.35 -47.69 9.31
CA LEU B 18 -39.15 -47.94 10.73
C LEU B 18 -40.36 -47.50 11.56
N THR B 19 -41.12 -46.49 11.11
CA THR B 19 -42.33 -46.06 11.80
C THR B 19 -43.40 -47.18 11.65
N GLN B 20 -43.48 -47.83 10.49
CA GLN B 20 -44.40 -48.94 10.29
C GLN B 20 -43.99 -50.14 11.13
N GLU B 21 -42.69 -50.39 11.28
CA GLU B 21 -42.17 -51.52 12.05
C GLU B 21 -42.23 -51.33 13.55
N LEU B 22 -41.75 -50.20 14.05
CA LEU B 22 -41.73 -49.92 15.48
C LEU B 22 -43.04 -49.27 16.00
N GLY B 23 -43.80 -48.67 15.10
CA GLY B 23 -45.07 -48.05 15.46
C GLY B 23 -44.98 -46.56 15.66
N THR B 24 -46.11 -45.87 15.53
CA THR B 24 -46.13 -44.43 15.74
C THR B 24 -45.92 -44.09 17.20
N ALA B 25 -46.33 -44.95 18.16
CA ALA B 25 -46.14 -44.65 19.58
C ALA B 25 -44.66 -44.54 19.93
N PHE B 26 -43.82 -45.42 19.36
CA PHE B 26 -42.37 -45.41 19.57
C PHE B 26 -41.79 -44.04 19.18
N PHE B 27 -42.19 -43.53 18.01
CA PHE B 27 -41.70 -42.29 17.47
C PHE B 27 -42.34 -41.04 18.09
N GLN B 28 -43.27 -41.18 19.02
CA GLN B 28 -43.82 -40.04 19.75
C GLN B 28 -43.10 -39.85 21.09
N GLN B 29 -42.45 -40.90 21.62
CA GLN B 29 -41.72 -40.86 22.87
C GLN B 29 -40.30 -40.30 22.71
N GLN B 30 -39.61 -40.08 23.84
CA GLN B 30 -38.24 -39.60 24.00
C GLN B 30 -37.87 -38.46 23.06
N GLN B 31 -38.80 -37.52 22.85
CA GLN B 31 -38.63 -36.36 21.97
C GLN B 31 -38.18 -36.73 20.57
N LEU B 32 -38.59 -37.91 20.07
CA LEU B 32 -38.19 -38.34 18.73
C LEU B 32 -38.74 -37.42 17.63
N PRO B 33 -39.95 -36.79 17.71
CA PRO B 33 -40.34 -35.84 16.66
C PRO B 33 -39.37 -34.65 16.63
N ALA B 34 -38.95 -34.13 17.80
CA ALA B 34 -37.98 -33.04 17.86
C ALA B 34 -36.60 -33.50 17.36
N ALA B 35 -36.26 -34.79 17.56
CA ALA B 35 -34.99 -35.34 17.13
C ALA B 35 -34.87 -35.40 15.60
N MET B 36 -35.98 -35.62 14.90
CA MET B 36 -35.97 -35.71 13.44
C MET B 36 -36.03 -34.35 12.73
N ALA B 37 -36.09 -33.23 13.47
CA ALA B 37 -36.19 -31.92 12.86
C ALA B 37 -34.98 -31.55 12.04
N ASP B 38 -35.19 -30.80 10.96
CA ASP B 38 -34.12 -30.38 10.05
C ASP B 38 -33.33 -29.16 10.52
N THR B 39 -33.87 -28.40 11.48
CA THR B 39 -33.14 -27.25 12.04
C THR B 39 -33.26 -27.25 13.57
N PHE B 40 -32.36 -26.57 14.25
CA PHE B 40 -32.42 -26.45 15.72
C PHE B 40 -33.69 -25.69 16.14
N LEU B 41 -34.10 -24.68 15.37
CA LEU B 41 -35.33 -23.92 15.65
C LEU B 41 -36.55 -24.84 15.59
N GLU B 42 -36.65 -25.69 14.55
CA GLU B 42 -37.76 -26.64 14.40
CA GLU B 42 -37.77 -26.62 14.42
C GLU B 42 -37.72 -27.67 15.52
N HIS B 43 -36.51 -28.08 15.94
CA HIS B 43 -36.28 -29.03 17.03
C HIS B 43 -36.92 -28.47 18.31
N LEU B 44 -36.66 -27.19 18.61
CA LEU B 44 -37.26 -26.54 19.79
C LEU B 44 -38.77 -26.52 19.68
N CYS B 45 -39.31 -26.10 18.51
CA CYS B 45 -40.75 -26.03 18.27
C CYS B 45 -41.45 -27.38 18.47
N LEU B 46 -40.73 -28.48 18.27
CA LEU B 46 -41.31 -29.81 18.40
C LEU B 46 -41.15 -30.45 19.76
N LEU B 47 -40.50 -29.79 20.73
CA LEU B 47 -40.35 -30.36 22.10
C LEU B 47 -41.74 -30.49 22.69
N ASP B 48 -42.04 -31.64 23.28
CA ASP B 48 -43.39 -31.95 23.72
C ASP B 48 -43.40 -32.45 25.13
N ILE B 49 -44.13 -31.76 26.03
CA ILE B 49 -44.24 -32.17 27.42
C ILE B 49 -44.98 -33.54 27.57
N ASP B 50 -45.72 -33.97 26.55
CA ASP B 50 -46.38 -35.29 26.57
C ASP B 50 -45.49 -36.40 25.97
N SER B 51 -44.29 -36.06 25.46
CA SER B 51 -43.38 -37.06 24.91
C SER B 51 -42.53 -37.57 26.08
N GLU B 52 -42.86 -38.74 26.58
CA GLU B 52 -42.20 -39.29 27.76
C GLU B 52 -40.83 -39.88 27.52
N PRO B 53 -39.88 -39.64 28.44
CA PRO B 53 -38.56 -40.25 28.30
C PRO B 53 -38.63 -41.76 28.54
N VAL B 54 -37.88 -42.52 27.74
CA VAL B 54 -37.88 -43.98 27.81
C VAL B 54 -36.51 -44.49 28.25
N ALA B 55 -35.45 -43.88 27.74
CA ALA B 55 -34.08 -44.29 28.02
C ALA B 55 -33.71 -44.15 29.49
N ALA B 56 -32.73 -44.96 29.92
CA ALA B 56 -32.17 -44.88 31.24
C ALA B 56 -31.42 -43.53 31.35
N ARG B 57 -31.43 -42.93 32.53
CA ARG B 57 -30.80 -41.65 32.75
C ARG B 57 -29.30 -41.78 32.60
N SER B 58 -28.74 -40.98 31.71
CA SER B 58 -27.33 -41.10 31.35
C SER B 58 -26.36 -40.12 32.03
N THR B 59 -26.83 -38.96 32.50
CA THR B 59 -25.94 -37.98 33.17
C THR B 59 -25.81 -38.41 34.62
N SER B 60 -24.59 -38.69 35.07
CA SER B 60 -24.39 -39.16 36.45
C SER B 60 -24.63 -38.08 37.47
N ILE B 61 -25.11 -38.51 38.64
CA ILE B 61 -25.37 -37.61 39.73
C ILE B 61 -24.31 -37.81 40.79
N ILE B 62 -23.64 -36.71 41.16
CA ILE B 62 -22.66 -36.71 42.22
C ILE B 62 -23.38 -36.11 43.44
N ALA B 63 -23.44 -36.86 44.54
CA ALA B 63 -24.07 -36.35 45.76
C ALA B 63 -22.99 -36.19 46.82
N THR B 64 -22.96 -35.03 47.50
CA THR B 64 -21.99 -34.80 48.56
C THR B 64 -22.53 -35.44 49.83
N ILE B 65 -21.70 -36.29 50.47
CA ILE B 65 -22.13 -37.03 51.65
C ILE B 65 -21.74 -36.25 52.90
N GLY B 66 -22.72 -36.02 53.75
CA GLY B 66 -22.52 -35.30 54.99
C GLY B 66 -23.52 -35.72 56.05
N PRO B 67 -23.75 -34.86 57.05
CA PRO B 67 -24.68 -35.20 58.14
C PRO B 67 -26.06 -35.69 57.72
N ALA B 68 -26.65 -35.11 56.66
CA ALA B 68 -27.99 -35.51 56.24
C ALA B 68 -28.06 -36.76 55.39
N SER B 69 -26.91 -37.26 54.93
CA SER B 69 -26.90 -38.39 53.99
C SER B 69 -25.90 -39.48 54.35
N ARG B 70 -25.52 -39.58 55.61
CA ARG B 70 -24.48 -40.49 56.09
C ARG B 70 -24.87 -41.89 56.46
N SER B 71 -26.08 -42.10 57.00
CA SER B 71 -26.46 -43.42 57.47
C SER B 71 -26.57 -44.43 56.33
N VAL B 72 -26.28 -45.70 56.63
CA VAL B 72 -26.36 -46.78 55.65
C VAL B 72 -27.77 -46.87 55.03
N GLU B 73 -28.81 -46.74 55.87
CA GLU B 73 -30.19 -46.80 55.41
C GLU B 73 -30.52 -45.65 54.44
N ARG B 74 -30.05 -44.43 54.75
CA ARG B 74 -30.26 -43.25 53.93
C ARG B 74 -29.48 -43.40 52.61
N LEU B 75 -28.24 -43.91 52.69
CA LEU B 75 -27.42 -44.14 51.52
C LEU B 75 -28.03 -45.16 50.57
N LYS B 76 -28.72 -46.18 51.10
CA LYS B 76 -29.39 -47.17 50.25
C LYS B 76 -30.51 -46.47 49.47
N GLU B 77 -31.24 -45.53 50.11
CA GLU B 77 -32.31 -44.75 49.47
CA GLU B 77 -32.30 -44.79 49.43
C GLU B 77 -31.72 -43.85 48.37
N MET B 78 -30.53 -43.27 48.62
CA MET B 78 -29.88 -42.39 47.65
CA MET B 78 -29.88 -42.39 47.65
C MET B 78 -29.36 -43.17 46.45
N ILE B 79 -28.91 -44.42 46.66
CA ILE B 79 -28.44 -45.26 45.56
C ILE B 79 -29.66 -45.63 44.69
N LYS B 80 -30.79 -45.99 45.32
CA LYS B 80 -32.01 -46.32 44.57
C LYS B 80 -32.57 -45.08 43.85
N ALA B 81 -32.42 -43.88 44.44
CA ALA B 81 -32.88 -42.62 43.83
C ALA B 81 -32.03 -42.21 42.61
N GLY B 82 -30.79 -42.71 42.53
CA GLY B 82 -29.92 -42.44 41.39
C GLY B 82 -28.51 -41.93 41.62
N MET B 83 -28.05 -41.85 42.87
CA MET B 83 -26.69 -41.38 43.14
C MET B 83 -25.66 -42.36 42.52
N ASN B 84 -24.74 -41.83 41.71
CA ASN B 84 -23.72 -42.66 41.07
C ASN B 84 -22.33 -42.43 41.65
N ILE B 85 -22.07 -41.21 42.16
CA ILE B 85 -20.79 -40.82 42.72
C ILE B 85 -21.02 -40.16 44.08
N ALA B 86 -20.28 -40.60 45.11
CA ALA B 86 -20.37 -40.03 46.44
C ALA B 86 -19.19 -39.10 46.62
N ARG B 87 -19.45 -37.83 46.91
CA ARG B 87 -18.39 -36.84 47.05
C ARG B 87 -18.14 -36.55 48.53
N LEU B 88 -16.86 -36.52 48.91
CA LEU B 88 -16.49 -36.20 50.29
C LEU B 88 -15.66 -34.94 50.26
N ASN B 89 -16.23 -33.86 50.81
CA ASN B 89 -15.59 -32.54 50.76
C ASN B 89 -14.62 -32.38 51.91
N PHE B 90 -13.32 -32.45 51.60
CA PHE B 90 -12.28 -32.32 52.63
C PHE B 90 -12.07 -30.87 53.10
N SER B 91 -12.92 -29.91 52.67
CA SER B 91 -12.91 -28.57 53.24
C SER B 91 -13.60 -28.60 54.63
N HIS B 92 -14.41 -29.63 54.92
CA HIS B 92 -15.14 -29.85 56.16
C HIS B 92 -14.81 -31.24 56.75
N GLY B 93 -15.32 -31.51 57.94
CA GLY B 93 -15.12 -32.78 58.62
C GLY B 93 -13.68 -33.08 58.96
N SER B 94 -13.37 -34.37 59.02
CA SER B 94 -12.03 -34.83 59.35
C SER B 94 -11.77 -36.18 58.65
N HIS B 95 -10.54 -36.71 58.78
CA HIS B 95 -10.21 -38.01 58.21
C HIS B 95 -11.10 -39.11 58.80
N GLU B 96 -11.32 -39.07 60.12
CA GLU B 96 -12.15 -40.05 60.80
C GLU B 96 -13.61 -39.94 60.36
N TYR B 97 -14.11 -38.71 60.22
CA TYR B 97 -15.49 -38.49 59.79
C TYR B 97 -15.70 -39.01 58.36
N HIS B 98 -14.84 -38.60 57.42
CA HIS B 98 -14.96 -39.02 56.02
C HIS B 98 -14.72 -40.52 55.84
N ALA B 99 -13.82 -41.15 56.63
CA ALA B 99 -13.61 -42.59 56.54
C ALA B 99 -14.87 -43.35 56.94
N GLU B 100 -15.60 -42.85 57.94
CA GLU B 100 -16.85 -43.49 58.37
C GLU B 100 -17.93 -43.34 57.30
N SER B 101 -18.00 -42.16 56.65
CA SER B 101 -18.95 -41.91 55.56
C SER B 101 -18.66 -42.86 54.41
N ILE B 102 -17.38 -43.04 54.06
CA ILE B 102 -16.93 -43.94 52.99
C ILE B 102 -17.32 -45.39 53.30
N ALA B 103 -17.09 -45.83 54.56
CA ALA B 103 -17.46 -47.20 54.98
C ALA B 103 -18.97 -47.40 54.88
N ASN B 104 -19.75 -46.37 55.24
CA ASN B 104 -21.21 -46.46 55.15
C ASN B 104 -21.68 -46.53 53.71
N VAL B 105 -21.00 -45.78 52.81
CA VAL B 105 -21.31 -45.80 51.37
C VAL B 105 -21.05 -47.21 50.84
N ARG B 106 -19.86 -47.77 51.13
CA ARG B 106 -19.51 -49.12 50.70
C ARG B 106 -20.44 -50.18 51.26
N GLU B 107 -20.89 -50.03 52.50
CA GLU B 107 -21.82 -50.98 53.08
C GLU B 107 -23.16 -50.94 52.35
N ALA B 108 -23.67 -49.72 52.08
CA ALA B 108 -24.92 -49.56 51.36
C ALA B 108 -24.81 -50.12 49.93
N VAL B 109 -23.69 -49.86 49.24
CA VAL B 109 -23.44 -50.35 47.88
C VAL B 109 -23.40 -51.88 47.85
N GLU B 110 -22.64 -52.48 48.77
CA GLU B 110 -22.49 -53.94 48.80
C GLU B 110 -23.73 -54.67 49.26
N SER B 111 -24.72 -53.98 49.85
CA SER B 111 -25.98 -54.62 50.23
C SER B 111 -26.79 -55.11 48.99
N PHE B 112 -26.45 -54.62 47.78
CA PHE B 112 -27.11 -55.01 46.55
C PHE B 112 -26.27 -56.01 45.70
N ALA B 113 -25.05 -56.40 46.17
CA ALA B 113 -24.13 -57.31 45.45
C ALA B 113 -24.58 -58.74 45.29
N GLY B 114 -25.61 -59.13 46.04
CA GLY B 114 -26.18 -60.47 45.98
C GLY B 114 -26.79 -60.82 44.64
N SER B 115 -27.20 -59.78 43.89
CA SER B 115 -27.75 -59.98 42.57
C SER B 115 -26.85 -59.27 41.57
N PRO B 116 -25.87 -60.00 41.03
CA PRO B 116 -24.91 -59.39 40.09
C PRO B 116 -25.53 -58.79 38.83
N LEU B 117 -26.68 -59.34 38.42
CA LEU B 117 -27.41 -58.88 37.26
C LEU B 117 -28.39 -57.73 37.60
N SER B 118 -28.04 -56.90 38.60
CA SER B 118 -28.76 -55.67 38.99
C SER B 118 -27.89 -54.72 39.86
N TYR B 119 -26.74 -55.21 40.38
CA TYR B 119 -25.79 -54.46 41.21
C TYR B 119 -25.37 -53.12 40.60
N ARG B 120 -25.40 -52.06 41.39
CA ARG B 120 -25.00 -50.74 40.91
C ARG B 120 -23.72 -50.24 41.58
N PRO B 121 -22.61 -50.15 40.84
CA PRO B 121 -21.38 -49.58 41.41
C PRO B 121 -21.57 -48.08 41.74
N VAL B 122 -20.89 -47.59 42.79
CA VAL B 122 -20.93 -46.17 43.16
C VAL B 122 -19.50 -45.70 43.37
N ALA B 123 -19.07 -44.65 42.66
CA ALA B 123 -17.71 -44.15 42.80
C ALA B 123 -17.54 -43.32 44.07
N ILE B 124 -16.31 -43.25 44.58
CA ILE B 124 -16.00 -42.46 45.77
C ILE B 124 -15.02 -41.38 45.37
N ALA B 125 -15.41 -40.13 45.54
CA ALA B 125 -14.60 -39.00 45.12
C ALA B 125 -14.19 -38.12 46.28
N LEU B 126 -12.92 -37.72 46.29
CA LEU B 126 -12.40 -36.86 47.34
C LEU B 126 -12.23 -35.48 46.78
N ASP B 127 -12.88 -34.48 47.38
CA ASP B 127 -12.78 -33.10 46.94
C ASP B 127 -11.81 -32.39 47.88
N THR B 128 -10.68 -31.89 47.37
CA THR B 128 -9.67 -31.27 48.20
C THR B 128 -10.04 -29.90 48.76
N LYS B 129 -9.42 -29.52 49.89
CA LYS B 129 -9.62 -28.22 50.52
C LYS B 129 -9.09 -27.12 49.60
N GLY B 130 -7.93 -27.33 49.01
CA GLY B 130 -7.35 -26.37 48.08
C GLY B 130 -6.10 -25.68 48.56
N PRO B 131 -5.52 -24.84 47.70
CA PRO B 131 -4.26 -24.16 48.06
C PRO B 131 -4.37 -23.02 49.05
N GLY B 132 -5.57 -22.47 49.23
CA GLY B 132 -5.76 -21.33 50.11
C GLY B 132 -5.06 -20.11 49.55
N SER B 133 -4.26 -19.42 50.36
CA SER B 133 -3.49 -18.27 49.90
C SER B 133 -2.09 -18.63 49.34
N GLY B 134 -1.73 -19.92 49.38
CA GLY B 134 -0.44 -20.41 48.89
C GLY B 134 -0.36 -20.52 47.38
N PRO B 135 0.86 -20.65 46.84
CA PRO B 135 1.01 -20.71 45.37
C PRO B 135 0.77 -22.07 44.72
N GLY B 136 0.81 -23.13 45.51
CA GLY B 136 0.67 -24.49 44.99
C GLY B 136 0.06 -25.48 45.96
N LEU B 137 0.52 -26.73 45.91
CA LEU B 137 -0.05 -27.80 46.76
C LEU B 137 0.17 -27.58 48.26
N SER B 138 -0.93 -27.43 49.01
CA SER B 138 -0.88 -27.22 50.44
C SER B 138 -0.50 -28.51 51.19
N GLU B 139 -0.04 -28.37 52.44
CA GLU B 139 0.35 -29.53 53.25
C GLU B 139 -0.87 -30.34 53.65
N GLN B 140 -2.02 -29.69 53.89
CA GLN B 140 -3.26 -30.41 54.22
C GLN B 140 -3.71 -31.24 53.02
N ASP B 141 -3.57 -30.70 51.81
CA ASP B 141 -3.93 -31.44 50.60
C ASP B 141 -3.06 -32.67 50.43
N VAL B 142 -1.74 -32.56 50.72
CA VAL B 142 -0.83 -33.71 50.66
C VAL B 142 -1.31 -34.84 51.60
N ARG B 143 -1.72 -34.49 52.82
CA ARG B 143 -2.23 -35.48 53.76
C ARG B 143 -3.59 -36.06 53.35
N ASP B 144 -4.48 -35.23 52.81
CA ASP B 144 -5.80 -35.69 52.37
C ASP B 144 -5.69 -36.58 51.13
N LEU B 145 -4.76 -36.25 50.22
CA LEU B 145 -4.53 -37.06 49.04
C LEU B 145 -3.95 -38.42 49.43
N ARG B 146 -3.08 -38.46 50.47
CA ARG B 146 -2.54 -39.72 50.97
C ARG B 146 -3.66 -40.56 51.59
N PHE B 147 -4.59 -39.91 52.31
CA PHE B 147 -5.77 -40.56 52.89
C PHE B 147 -6.61 -41.20 51.77
N GLY B 148 -6.79 -40.46 50.67
CA GLY B 148 -7.55 -40.92 49.52
C GLY B 148 -6.98 -42.19 48.91
N VAL B 149 -5.66 -42.22 48.73
CA VAL B 149 -4.98 -43.41 48.20
C VAL B 149 -5.14 -44.59 49.16
N GLU B 150 -4.94 -44.35 50.46
CA GLU B 150 -5.07 -45.39 51.48
C GLU B 150 -6.48 -45.92 51.62
N HIS B 151 -7.48 -45.08 51.34
CA HIS B 151 -8.88 -45.52 51.41
C HIS B 151 -9.47 -45.96 50.05
N GLY B 152 -8.63 -46.05 49.01
CA GLY B 152 -9.02 -46.53 47.69
C GLY B 152 -10.06 -45.70 46.96
N VAL B 153 -9.93 -44.36 47.04
CA VAL B 153 -10.87 -43.48 46.33
C VAL B 153 -10.68 -43.61 44.82
N ASP B 154 -11.76 -43.41 44.08
CA ASP B 154 -11.74 -43.54 42.63
C ASP B 154 -11.36 -42.26 41.92
N ILE B 155 -11.76 -41.12 42.50
CA ILE B 155 -11.60 -39.82 41.85
C ILE B 155 -11.15 -38.76 42.84
N VAL B 156 -10.40 -37.78 42.34
CA VAL B 156 -10.03 -36.61 43.12
C VAL B 156 -10.62 -35.39 42.38
N PHE B 157 -11.40 -34.57 43.07
CA PHE B 157 -11.87 -33.30 42.53
C PHE B 157 -10.87 -32.31 43.11
N ALA B 158 -9.89 -31.88 42.31
CA ALA B 158 -8.83 -30.98 42.81
C ALA B 158 -9.26 -29.53 42.78
N SER B 159 -9.38 -28.91 43.96
CA SER B 159 -9.77 -27.52 44.08
C SER B 159 -8.75 -26.51 43.56
N PHE B 160 -9.26 -25.40 43.01
CA PHE B 160 -8.51 -24.27 42.52
C PHE B 160 -7.31 -24.61 41.62
N VAL B 161 -7.55 -25.41 40.56
CA VAL B 161 -6.50 -25.71 39.61
C VAL B 161 -6.33 -24.50 38.71
N ARG B 162 -5.12 -23.93 38.67
CA ARG B 162 -4.83 -22.69 37.91
C ARG B 162 -3.89 -22.87 36.73
N LYS B 163 -3.17 -24.00 36.68
CA LYS B 163 -2.18 -24.27 35.64
C LYS B 163 -1.84 -25.76 35.63
N ALA B 164 -1.18 -26.23 34.56
CA ALA B 164 -0.79 -27.63 34.40
C ALA B 164 0.06 -28.16 35.57
N SER B 165 0.95 -27.33 36.13
CA SER B 165 1.80 -27.78 37.24
C SER B 165 1.03 -28.09 38.52
N ASP B 166 -0.18 -27.51 38.66
CA ASP B 166 -1.02 -27.81 39.82
C ASP B 166 -1.50 -29.26 39.75
N VAL B 167 -1.85 -29.74 38.53
CA VAL B 167 -2.34 -31.11 38.41
C VAL B 167 -1.13 -32.07 38.56
N ALA B 168 0.07 -31.72 38.06
CA ALA B 168 1.26 -32.57 38.24
C ALA B 168 1.57 -32.75 39.72
N ALA B 169 1.39 -31.69 40.54
CA ALA B 169 1.60 -31.76 41.98
C ALA B 169 0.60 -32.70 42.64
N VAL B 170 -0.68 -32.67 42.21
CA VAL B 170 -1.70 -33.57 42.74
C VAL B 170 -1.34 -35.01 42.37
N ARG B 171 -0.93 -35.24 41.13
CA ARG B 171 -0.52 -36.53 40.61
CA ARG B 171 -0.53 -36.56 40.64
C ARG B 171 0.65 -37.10 41.43
N ALA B 172 1.65 -36.26 41.73
CA ALA B 172 2.82 -36.66 42.52
C ALA B 172 2.42 -37.02 43.95
N ALA B 173 1.50 -36.24 44.55
CA ALA B 173 1.03 -36.50 45.92
C ALA B 173 0.23 -37.79 46.06
N LEU B 174 -0.35 -38.30 44.95
CA LEU B 174 -1.07 -39.57 44.99
C LEU B 174 -0.09 -40.79 45.02
N GLY B 175 1.18 -40.56 44.71
CA GLY B 175 2.23 -41.57 44.76
C GLY B 175 2.10 -42.66 43.72
N PRO B 176 2.94 -43.71 43.86
CA PRO B 176 2.89 -44.81 42.89
C PRO B 176 1.65 -45.69 43.01
N GLU B 177 1.02 -45.72 44.21
CA GLU B 177 -0.17 -46.53 44.42
C GLU B 177 -1.48 -45.90 43.94
N GLY B 178 -1.46 -44.61 43.60
CA GLY B 178 -2.65 -43.91 43.16
C GLY B 178 -2.65 -43.55 41.68
N HIS B 179 -1.90 -44.29 40.85
CA HIS B 179 -1.83 -44.01 39.41
C HIS B 179 -3.18 -44.19 38.69
N GLY B 180 -4.03 -45.07 39.23
CA GLY B 180 -5.34 -45.35 38.65
C GLY B 180 -6.43 -44.35 39.00
N ILE B 181 -6.17 -43.45 39.97
CA ILE B 181 -7.14 -42.46 40.40
C ILE B 181 -7.34 -41.35 39.36
N LYS B 182 -8.60 -41.05 39.02
CA LYS B 182 -8.90 -40.00 38.06
C LYS B 182 -8.78 -38.62 38.70
N ILE B 183 -8.10 -37.68 38.04
CA ILE B 183 -7.99 -36.32 38.54
C ILE B 183 -8.93 -35.41 37.74
N ILE B 184 -9.93 -34.86 38.40
CA ILE B 184 -10.87 -33.93 37.78
C ILE B 184 -10.50 -32.55 38.31
N SER B 185 -9.95 -31.69 37.46
CA SER B 185 -9.52 -30.36 37.89
C SER B 185 -10.71 -29.41 38.02
N LYS B 186 -10.83 -28.77 39.18
CA LYS B 186 -11.89 -27.79 39.41
C LYS B 186 -11.42 -26.41 38.94
N ILE B 187 -12.18 -25.80 38.01
CA ILE B 187 -11.86 -24.46 37.50
C ILE B 187 -12.71 -23.50 38.31
N GLU B 188 -12.04 -22.68 39.12
CA GLU B 188 -12.71 -21.82 40.09
C GLU B 188 -12.36 -20.35 40.02
N ASN B 189 -11.48 -19.95 39.09
CA ASN B 189 -11.06 -18.55 39.02
C ASN B 189 -10.67 -18.13 37.59
N HIS B 190 -10.35 -16.86 37.39
CA HIS B 190 -10.01 -16.32 36.08
C HIS B 190 -8.80 -17.03 35.46
N GLU B 191 -7.75 -17.28 36.26
CA GLU B 191 -6.57 -17.95 35.75
C GLU B 191 -6.86 -19.35 35.21
N GLY B 192 -7.65 -20.13 35.96
CA GLY B 192 -8.05 -21.47 35.53
C GLY B 192 -8.79 -21.45 34.20
N VAL B 193 -9.66 -20.44 33.99
CA VAL B 193 -10.41 -20.29 32.74
C VAL B 193 -9.44 -19.93 31.59
N LYS B 194 -8.55 -18.97 31.84
CA LYS B 194 -7.58 -18.54 30.83
C LYS B 194 -6.57 -19.62 30.45
N ARG B 195 -6.14 -20.43 31.41
CA ARG B 195 -5.21 -21.52 31.15
C ARG B 195 -5.92 -22.88 31.00
N PHE B 196 -7.23 -22.85 30.65
CA PHE B 196 -8.05 -24.04 30.51
C PHE B 196 -7.43 -25.13 29.64
N ASP B 197 -6.98 -24.79 28.43
CA ASP B 197 -6.44 -25.79 27.50
C ASP B 197 -5.26 -26.57 28.07
N GLU B 198 -4.33 -25.90 28.76
CA GLU B 198 -3.18 -26.60 29.34
C GLU B 198 -3.59 -27.47 30.51
N ILE B 199 -4.62 -27.05 31.26
CA ILE B 199 -5.14 -27.82 32.40
C ILE B 199 -5.86 -29.08 31.90
N LEU B 200 -6.75 -28.92 30.91
CA LEU B 200 -7.51 -30.05 30.38
C LEU B 200 -6.58 -31.12 29.80
N GLU B 201 -5.51 -30.68 29.13
CA GLU B 201 -4.54 -31.59 28.51
C GLU B 201 -3.96 -32.60 29.48
N VAL B 202 -3.66 -32.17 30.70
CA VAL B 202 -3.07 -33.06 31.70
C VAL B 202 -4.05 -33.63 32.74
N SER B 203 -5.34 -33.25 32.66
CA SER B 203 -6.34 -33.75 33.59
C SER B 203 -7.15 -34.87 32.98
N ASP B 204 -7.83 -35.67 33.81
CA ASP B 204 -8.76 -36.67 33.29
C ASP B 204 -10.12 -36.03 32.91
N GLY B 205 -10.42 -34.89 33.50
CA GLY B 205 -11.67 -34.17 33.27
C GLY B 205 -11.69 -32.86 34.04
N ILE B 206 -12.83 -32.17 33.99
CA ILE B 206 -12.96 -30.85 34.58
C ILE B 206 -14.24 -30.72 35.39
N MET B 207 -14.22 -29.86 36.43
CA MET B 207 -15.44 -29.51 37.13
C MET B 207 -15.59 -27.99 37.00
N VAL B 208 -16.75 -27.54 36.53
CA VAL B 208 -17.06 -26.11 36.48
C VAL B 208 -17.59 -25.81 37.90
N ALA B 209 -16.70 -25.37 38.79
CA ALA B 209 -17.04 -25.13 40.19
C ALA B 209 -17.54 -23.72 40.25
N ARG B 210 -18.86 -23.54 40.10
CA ARG B 210 -19.48 -22.24 39.97
C ARG B 210 -19.56 -21.38 41.23
N GLY B 211 -19.46 -21.97 42.42
CA GLY B 211 -19.49 -21.23 43.68
C GLY B 211 -18.37 -20.21 43.75
N ASP B 212 -17.12 -20.67 43.72
CA ASP B 212 -15.95 -19.78 43.71
C ASP B 212 -15.85 -19.03 42.41
N LEU B 213 -16.13 -19.68 41.26
CA LEU B 213 -16.07 -18.99 39.95
C LEU B 213 -16.97 -17.72 39.92
N GLY B 214 -18.17 -17.83 40.50
CA GLY B 214 -19.12 -16.74 40.61
C GLY B 214 -18.73 -15.60 41.54
N ILE B 215 -17.66 -15.78 42.33
CA ILE B 215 -17.09 -14.75 43.21
C ILE B 215 -15.76 -14.22 42.59
N GLU B 216 -15.02 -15.08 41.89
CA GLU B 216 -13.74 -14.75 41.30
C GLU B 216 -13.88 -13.94 40.01
N ILE B 217 -14.94 -14.22 39.24
CA ILE B 217 -15.24 -13.47 38.01
C ILE B 217 -16.66 -12.88 38.16
N PRO B 218 -17.06 -11.87 37.36
CA PRO B 218 -18.43 -11.33 37.50
C PRO B 218 -19.49 -12.43 37.37
N ALA B 219 -20.47 -12.42 38.28
CA ALA B 219 -21.52 -13.43 38.32
C ALA B 219 -22.24 -13.64 36.98
N GLU B 220 -22.41 -12.55 36.22
CA GLU B 220 -23.08 -12.58 34.91
C GLU B 220 -22.24 -13.22 33.80
N LYS B 221 -20.99 -13.61 34.08
CA LYS B 221 -20.10 -14.23 33.11
C LYS B 221 -19.93 -15.73 33.33
N VAL B 222 -20.37 -16.27 34.48
CA VAL B 222 -20.21 -17.70 34.78
C VAL B 222 -20.79 -18.61 33.70
N PHE B 223 -21.95 -18.26 33.13
CA PHE B 223 -22.56 -19.09 32.08
C PHE B 223 -21.66 -19.21 30.85
N LEU B 224 -20.89 -18.16 30.53
CA LEU B 224 -19.97 -18.20 29.38
C LEU B 224 -18.85 -19.18 29.66
N ALA B 225 -18.30 -19.16 30.87
CA ALA B 225 -17.21 -20.05 31.27
C ALA B 225 -17.72 -21.49 31.29
N GLN B 226 -18.93 -21.72 31.84
CA GLN B 226 -19.53 -23.05 31.89
C GLN B 226 -19.73 -23.62 30.47
N LYS B 227 -20.38 -22.85 29.58
CA LYS B 227 -20.66 -23.32 28.23
C LYS B 227 -19.38 -23.56 27.42
N MET B 228 -18.38 -22.67 27.56
CA MET B 228 -17.09 -22.83 26.89
C MET B 228 -16.38 -24.11 27.38
N MET B 229 -16.30 -24.32 28.71
CA MET B 229 -15.58 -25.47 29.26
C MET B 229 -16.27 -26.79 28.94
N ILE B 230 -17.60 -26.80 28.95
CA ILE B 230 -18.33 -28.00 28.59
C ILE B 230 -18.08 -28.34 27.11
N GLY B 231 -18.18 -27.33 26.24
CA GLY B 231 -17.92 -27.51 24.81
C GLY B 231 -16.52 -28.03 24.54
N ARG B 232 -15.49 -27.45 25.20
CA ARG B 232 -14.11 -27.91 25.01
C ARG B 232 -13.87 -29.33 25.53
N CYS B 233 -14.51 -29.70 26.65
CA CYS B 233 -14.40 -31.06 27.18
C CYS B 233 -15.10 -32.03 26.25
N ASN B 234 -16.26 -31.65 25.69
CA ASN B 234 -16.98 -32.51 24.74
C ASN B 234 -16.10 -32.73 23.49
N LEU B 235 -15.44 -31.68 23.01
CA LEU B 235 -14.55 -31.76 21.87
C LEU B 235 -13.34 -32.67 22.17
N ALA B 236 -12.78 -32.58 23.39
CA ALA B 236 -11.66 -33.41 23.83
C ALA B 236 -12.04 -34.84 24.21
N GLY B 237 -13.33 -35.12 24.38
CA GLY B 237 -13.77 -36.43 24.80
C GLY B 237 -13.44 -36.71 26.25
N LYS B 238 -13.40 -35.68 27.10
CA LYS B 238 -13.08 -35.85 28.52
C LYS B 238 -14.27 -35.42 29.40
N PRO B 239 -14.51 -36.11 30.53
CA PRO B 239 -15.67 -35.77 31.35
C PRO B 239 -15.69 -34.35 31.94
N VAL B 240 -16.88 -33.76 31.99
CA VAL B 240 -17.05 -32.43 32.55
C VAL B 240 -18.24 -32.45 33.51
N VAL B 241 -18.04 -31.90 34.71
CA VAL B 241 -19.03 -31.85 35.76
C VAL B 241 -19.56 -30.42 35.90
N CYS B 242 -20.87 -30.26 35.99
CA CYS B 242 -21.44 -28.96 36.31
C CYS B 242 -21.75 -29.01 37.80
N ALA B 243 -21.32 -27.99 38.56
CA ALA B 243 -21.50 -28.03 39.99
C ALA B 243 -21.98 -26.73 40.62
N THR B 244 -22.61 -26.84 41.81
CA THR B 244 -22.93 -25.80 42.79
C THR B 244 -24.19 -24.98 42.55
N GLN B 245 -25.07 -25.02 43.56
CA GLN B 245 -26.33 -24.30 43.65
C GLN B 245 -27.35 -24.68 42.60
N MET B 246 -27.22 -25.90 42.01
CA MET B 246 -28.14 -26.38 40.99
C MET B 246 -29.55 -26.51 41.50
N LEU B 247 -29.74 -27.02 42.73
CA LEU B 247 -31.06 -27.13 43.34
C LEU B 247 -31.01 -26.53 44.76
N GLU B 248 -30.26 -25.43 44.95
CA GLU B 248 -29.99 -24.78 46.22
C GLU B 248 -31.18 -24.66 47.17
N SER B 249 -32.33 -24.15 46.70
CA SER B 249 -33.50 -23.97 47.57
C SER B 249 -34.00 -25.29 48.19
N MET B 250 -33.67 -26.44 47.57
CA MET B 250 -34.04 -27.74 48.11
C MET B 250 -33.28 -28.13 49.41
N ILE B 251 -32.34 -27.30 49.86
CA ILE B 251 -31.68 -27.49 51.15
C ILE B 251 -32.78 -27.34 52.25
N THR B 252 -33.73 -26.41 52.08
CA THR B 252 -34.82 -26.24 53.05
C THR B 252 -36.20 -26.60 52.50
N LYS B 253 -36.45 -26.47 51.18
CA LYS B 253 -37.78 -26.78 50.61
C LYS B 253 -37.82 -28.11 49.87
N PRO B 254 -38.98 -28.81 49.82
CA PRO B 254 -39.02 -30.11 49.12
C PRO B 254 -39.11 -30.02 47.60
N ARG B 255 -39.44 -28.82 47.06
CA ARG B 255 -39.55 -28.57 45.62
C ARG B 255 -38.59 -27.44 45.24
N PRO B 256 -37.96 -27.53 44.07
CA PRO B 256 -37.01 -26.48 43.67
C PRO B 256 -37.69 -25.27 43.00
N THR B 257 -36.91 -24.21 42.73
CA THR B 257 -37.44 -23.06 42.02
C THR B 257 -37.45 -23.34 40.49
N ARG B 258 -38.11 -22.46 39.71
CA ARG B 258 -38.15 -22.61 38.26
C ARG B 258 -36.76 -22.39 37.65
N ALA B 259 -35.91 -21.55 38.28
CA ALA B 259 -34.56 -21.31 37.77
C ALA B 259 -33.68 -22.55 38.00
N GLU B 260 -33.90 -23.25 39.11
CA GLU B 260 -33.14 -24.45 39.46
C GLU B 260 -33.41 -25.62 38.54
N THR B 261 -34.68 -25.91 38.19
CA THR B 261 -34.93 -27.00 37.24
C THR B 261 -34.36 -26.66 35.87
N SER B 262 -34.50 -25.40 35.47
CA SER B 262 -33.96 -24.88 34.21
C SER B 262 -32.44 -25.05 34.19
N ASP B 263 -31.77 -24.73 35.30
CA ASP B 263 -30.31 -24.86 35.41
C ASP B 263 -29.85 -26.30 35.21
N VAL B 264 -30.54 -27.26 35.83
CA VAL B 264 -30.19 -28.66 35.68
C VAL B 264 -30.39 -29.11 34.23
N ALA B 265 -31.54 -28.74 33.63
CA ALA B 265 -31.82 -29.12 32.27
C ALA B 265 -30.79 -28.55 31.29
N ASN B 266 -30.44 -27.27 31.48
CA ASN B 266 -29.51 -26.59 30.62
C ASN B 266 -28.08 -27.09 30.78
N ALA B 267 -27.69 -27.58 31.97
CA ALA B 267 -26.34 -28.14 32.14
C ALA B 267 -26.22 -29.42 31.28
N VAL B 268 -27.27 -30.25 31.27
CA VAL B 268 -27.32 -31.46 30.47
C VAL B 268 -27.33 -31.08 28.98
N LEU B 269 -28.17 -30.09 28.58
CA LEU B 269 -28.23 -29.64 27.17
C LEU B 269 -26.90 -29.01 26.72
N ASP B 270 -26.17 -28.38 27.64
CA ASP B 270 -24.84 -27.81 27.37
C ASP B 270 -23.86 -28.93 27.00
N GLY B 271 -24.03 -30.12 27.59
CA GLY B 271 -23.16 -31.27 27.33
C GLY B 271 -22.47 -31.83 28.54
N ALA B 272 -22.90 -31.46 29.76
CA ALA B 272 -22.24 -31.96 30.97
C ALA B 272 -22.38 -33.48 31.09
N ASP B 273 -21.31 -34.16 31.47
CA ASP B 273 -21.35 -35.60 31.70
C ASP B 273 -21.96 -35.89 33.06
N CYS B 274 -21.69 -35.04 34.06
CA CYS B 274 -22.18 -35.20 35.43
C CYS B 274 -22.79 -33.91 35.94
N ILE B 275 -23.74 -34.05 36.85
CA ILE B 275 -24.32 -32.92 37.58
C ILE B 275 -24.10 -33.21 39.08
N MET B 276 -24.00 -32.16 39.90
CA MET B 276 -23.68 -32.33 41.30
C MET B 276 -24.65 -31.67 42.25
N LEU B 277 -24.70 -32.23 43.47
CA LEU B 277 -25.46 -31.72 44.61
C LEU B 277 -24.45 -31.56 45.71
N SER B 278 -24.47 -30.40 46.39
CA SER B 278 -23.56 -30.11 47.49
CA SER B 278 -23.56 -30.14 47.49
C SER B 278 -24.38 -30.08 48.81
N GLY B 279 -24.73 -28.87 49.31
CA GLY B 279 -25.53 -28.72 50.51
C GLY B 279 -26.87 -29.42 50.43
N GLU B 280 -27.42 -29.55 49.19
CA GLU B 280 -28.69 -30.24 48.94
C GLU B 280 -28.69 -31.68 49.49
N THR B 281 -27.53 -32.37 49.45
CA THR B 281 -27.46 -33.74 49.99
C THR B 281 -26.62 -33.83 51.28
N ALA B 282 -25.63 -32.94 51.43
CA ALA B 282 -24.77 -32.98 52.61
C ALA B 282 -25.47 -32.54 53.90
N LYS B 283 -26.34 -31.51 53.83
CA LYS B 283 -27.00 -31.01 55.03
C LYS B 283 -28.48 -30.72 54.92
N GLY B 284 -29.04 -30.78 53.73
CA GLY B 284 -30.43 -30.40 53.51
C GLY B 284 -31.48 -31.31 54.12
N ASN B 285 -32.72 -30.81 54.18
CA ASN B 285 -33.83 -31.60 54.71
C ASN B 285 -34.31 -32.65 53.74
N PHE B 286 -34.00 -32.51 52.43
CA PHE B 286 -34.50 -33.45 51.44
C PHE B 286 -33.40 -34.05 50.53
N PRO B 287 -32.39 -34.75 51.09
CA PRO B 287 -31.32 -35.31 50.24
C PRO B 287 -31.77 -36.27 49.17
N VAL B 288 -32.68 -37.20 49.50
CA VAL B 288 -33.17 -38.19 48.56
C VAL B 288 -34.01 -37.50 47.48
N GLU B 289 -34.85 -36.53 47.87
CA GLU B 289 -35.70 -35.80 46.93
C GLU B 289 -34.87 -34.95 45.97
N ALA B 290 -33.72 -34.41 46.41
CA ALA B 290 -32.82 -33.64 45.55
C ALA B 290 -32.22 -34.55 44.48
N VAL B 291 -31.82 -35.79 44.86
CA VAL B 291 -31.28 -36.77 43.91
C VAL B 291 -32.38 -37.14 42.92
N LYS B 292 -33.61 -37.41 43.42
CA LYS B 292 -34.74 -37.77 42.57
C LYS B 292 -35.07 -36.66 41.57
N MET B 293 -34.96 -35.41 41.99
CA MET B 293 -35.25 -34.25 41.12
C MET B 293 -34.21 -34.14 40.03
N GLN B 294 -32.90 -34.27 40.37
CA GLN B 294 -31.85 -34.26 39.34
C GLN B 294 -32.03 -35.40 38.36
N HIS B 295 -32.41 -36.60 38.86
CA HIS B 295 -32.64 -37.77 38.01
C HIS B 295 -33.78 -37.47 37.02
N ALA B 296 -34.92 -36.95 37.54
CA ALA B 296 -36.08 -36.65 36.71
C ALA B 296 -35.77 -35.61 35.63
N ILE B 297 -35.10 -34.52 35.98
CA ILE B 297 -34.78 -33.46 35.01
C ILE B 297 -33.77 -33.95 33.96
N ALA B 298 -32.70 -34.64 34.39
CA ALA B 298 -31.69 -35.14 33.47
C ALA B 298 -32.27 -36.06 32.39
N ARG B 299 -33.21 -36.97 32.75
CA ARG B 299 -33.87 -37.84 31.77
C ARG B 299 -34.66 -37.05 30.74
N GLU B 300 -35.36 -36.00 31.19
CA GLU B 300 -36.12 -35.17 30.26
C GLU B 300 -35.16 -34.41 29.33
N ALA B 301 -34.08 -33.86 29.88
CA ALA B 301 -33.13 -33.05 29.12
C ALA B 301 -32.31 -33.86 28.15
N GLU B 302 -31.95 -35.10 28.51
CA GLU B 302 -31.18 -35.97 27.62
C GLU B 302 -31.96 -36.27 26.35
N ALA B 303 -33.26 -36.50 26.49
CA ALA B 303 -34.12 -36.79 25.35
C ALA B 303 -34.26 -35.53 24.46
N ALA B 304 -34.20 -34.33 25.05
CA ALA B 304 -34.33 -33.05 24.34
C ALA B 304 -33.04 -32.61 23.63
N VAL B 305 -31.92 -33.35 23.78
CA VAL B 305 -30.68 -33.02 23.09
C VAL B 305 -30.91 -33.16 21.57
N TYR B 306 -30.40 -32.24 20.77
CA TYR B 306 -30.58 -32.29 19.32
C TYR B 306 -29.43 -33.11 18.76
N HIS B 307 -29.53 -34.44 18.83
CA HIS B 307 -28.46 -35.35 18.40
C HIS B 307 -28.06 -35.18 16.96
N ARG B 308 -28.99 -34.83 16.07
CA ARG B 308 -28.67 -34.67 14.65
C ARG B 308 -27.56 -33.64 14.43
N GLN B 309 -27.64 -32.48 15.10
CA GLN B 309 -26.59 -31.47 14.97
C GLN B 309 -25.39 -31.84 15.80
N LEU B 310 -25.61 -32.31 17.02
CA LEU B 310 -24.51 -32.68 17.91
C LEU B 310 -23.57 -33.73 17.29
N PHE B 311 -24.12 -34.83 16.77
CA PHE B 311 -23.32 -35.90 16.17
C PHE B 311 -22.56 -35.40 14.94
N GLU B 312 -23.25 -34.64 14.09
CA GLU B 312 -22.66 -34.02 12.89
C GLU B 312 -21.48 -33.11 13.26
N GLU B 313 -21.67 -32.27 14.29
CA GLU B 313 -20.60 -31.35 14.72
C GLU B 313 -19.46 -32.05 15.42
N LEU B 314 -19.72 -33.11 16.20
CA LEU B 314 -18.68 -33.88 16.88
C LEU B 314 -17.81 -34.56 15.80
N ARG B 315 -18.42 -35.08 14.69
CA ARG B 315 -17.66 -35.71 13.60
C ARG B 315 -16.85 -34.70 12.81
N ARG B 316 -17.44 -33.53 12.52
CA ARG B 316 -16.79 -32.46 11.76
C ARG B 316 -15.59 -31.90 12.52
N ALA B 317 -15.73 -31.73 13.84
CA ALA B 317 -14.67 -31.14 14.65
C ALA B 317 -13.60 -32.12 15.06
N ALA B 318 -13.97 -33.40 15.25
CA ALA B 318 -13.01 -34.40 15.67
C ALA B 318 -12.08 -34.70 14.51
N PRO B 319 -10.76 -34.69 14.77
CA PRO B 319 -9.82 -34.97 13.68
C PRO B 319 -9.86 -36.44 13.26
N LEU B 320 -9.33 -36.73 12.06
CA LEU B 320 -9.21 -38.11 11.57
C LEU B 320 -8.37 -38.91 12.56
N SER B 321 -8.67 -40.20 12.67
CA SER B 321 -7.96 -41.02 13.64
C SER B 321 -7.53 -42.33 13.08
N ARG B 322 -6.34 -42.75 13.45
CA ARG B 322 -5.85 -44.07 13.07
C ARG B 322 -5.89 -45.05 14.27
N ASP B 323 -6.50 -44.65 15.40
CA ASP B 323 -6.63 -45.50 16.56
C ASP B 323 -7.86 -46.39 16.32
N PRO B 324 -7.69 -47.72 16.27
CA PRO B 324 -8.84 -48.60 16.01
C PRO B 324 -9.99 -48.52 17.02
N THR B 325 -9.70 -48.19 18.29
CA THR B 325 -10.77 -48.05 19.29
C THR B 325 -11.66 -46.86 18.91
N GLU B 326 -11.03 -45.75 18.53
CA GLU B 326 -11.73 -44.54 18.11
C GLU B 326 -12.53 -44.78 16.83
N VAL B 327 -11.92 -45.49 15.86
CA VAL B 327 -12.58 -45.78 14.59
C VAL B 327 -13.79 -46.69 14.82
N THR B 328 -13.65 -47.70 15.69
CA THR B 328 -14.74 -48.60 15.99
C THR B 328 -15.87 -47.85 16.72
N ALA B 329 -15.52 -46.96 17.66
CA ALA B 329 -16.50 -46.21 18.42
C ALA B 329 -17.42 -45.36 17.55
N ILE B 330 -16.87 -44.63 16.56
CA ILE B 330 -17.71 -43.80 15.69
C ILE B 330 -18.57 -44.66 14.79
N GLY B 331 -18.04 -45.78 14.32
CA GLY B 331 -18.81 -46.70 13.49
C GLY B 331 -19.95 -47.31 14.28
N ALA B 332 -19.71 -47.66 15.55
CA ALA B 332 -20.74 -48.24 16.43
C ALA B 332 -21.83 -47.24 16.76
N VAL B 333 -21.45 -45.98 16.98
CA VAL B 333 -22.43 -44.93 17.29
C VAL B 333 -23.29 -44.64 16.07
N GLU B 334 -22.67 -44.62 14.88
CA GLU B 334 -23.38 -44.40 13.62
CA GLU B 334 -23.39 -44.40 13.63
C GLU B 334 -24.39 -45.55 13.42
N ALA B 335 -23.95 -46.80 13.65
CA ALA B 335 -24.78 -47.98 13.50
C ALA B 335 -25.95 -47.95 14.49
N ALA B 336 -25.70 -47.55 15.74
CA ALA B 336 -26.76 -47.45 16.74
C ALA B 336 -27.84 -46.43 16.31
N PHE B 337 -27.43 -45.26 15.79
CA PHE B 337 -28.39 -44.26 15.33
C PHE B 337 -29.21 -44.78 14.16
N LYS B 338 -28.59 -45.52 13.22
CA LYS B 338 -29.25 -46.05 12.02
C LYS B 338 -30.43 -46.98 12.33
N CYS B 339 -30.32 -47.79 13.39
CA CYS B 339 -31.36 -48.74 13.73
C CYS B 339 -32.11 -48.42 15.01
N CYS B 340 -31.87 -47.24 15.64
CA CYS B 340 -32.47 -46.87 16.93
C CYS B 340 -32.13 -47.97 17.95
N ALA B 341 -30.84 -48.41 17.98
CA ALA B 341 -30.40 -49.47 18.87
C ALA B 341 -30.75 -49.19 20.30
N ALA B 342 -31.19 -50.23 20.99
CA ALA B 342 -31.54 -50.08 22.39
C ALA B 342 -30.29 -49.83 23.24
N ALA B 343 -29.17 -50.44 22.87
CA ALA B 343 -27.95 -50.31 23.63
C ALA B 343 -26.72 -50.66 22.78
N ILE B 344 -25.53 -50.22 23.24
CA ILE B 344 -24.23 -50.56 22.71
C ILE B 344 -23.55 -51.29 23.86
N ILE B 345 -23.25 -52.58 23.71
CA ILE B 345 -22.58 -53.35 24.77
C ILE B 345 -21.10 -53.37 24.45
N VAL B 346 -20.26 -52.92 25.36
CA VAL B 346 -18.84 -52.85 25.13
C VAL B 346 -18.06 -53.57 26.23
N LEU B 347 -17.01 -54.32 25.87
CA LEU B 347 -16.12 -54.95 26.82
C LEU B 347 -14.97 -53.98 27.03
N THR B 348 -14.61 -53.71 28.29
CA THR B 348 -13.56 -52.75 28.58
C THR B 348 -12.81 -53.11 29.86
N THR B 349 -11.50 -52.89 29.86
CA THR B 349 -10.66 -53.18 31.02
C THR B 349 -10.49 -51.89 31.87
N THR B 350 -10.16 -50.78 31.20
CA THR B 350 -9.93 -49.51 31.88
C THR B 350 -11.12 -48.54 31.84
N GLY B 351 -12.08 -48.79 30.97
CA GLY B 351 -13.20 -47.90 30.72
C GLY B 351 -13.05 -47.10 29.43
N ARG B 352 -11.82 -47.05 28.85
CA ARG B 352 -11.50 -46.26 27.66
C ARG B 352 -12.39 -46.52 26.43
N SER B 353 -12.68 -47.79 26.10
CA SER B 353 -13.55 -48.07 24.94
C SER B 353 -14.95 -47.50 25.15
N ALA B 354 -15.44 -47.52 26.41
CA ALA B 354 -16.75 -46.96 26.74
C ALA B 354 -16.70 -45.42 26.66
N GLN B 355 -15.59 -44.81 27.10
CA GLN B 355 -15.40 -43.37 27.06
C GLN B 355 -15.41 -42.87 25.62
N LEU B 356 -14.79 -43.62 24.70
CA LEU B 356 -14.75 -43.23 23.29
C LEU B 356 -16.11 -43.35 22.60
N LEU B 357 -16.98 -44.25 23.09
CA LEU B 357 -18.33 -44.35 22.57
C LEU B 357 -19.14 -43.15 23.10
N SER B 358 -19.01 -42.87 24.41
CA SER B 358 -19.68 -41.78 25.10
C SER B 358 -19.39 -40.40 24.48
N ARG B 359 -18.16 -40.15 23.98
CA ARG B 359 -17.79 -38.86 23.38
C ARG B 359 -18.63 -38.51 22.14
N TYR B 360 -19.20 -39.52 21.46
CA TYR B 360 -20.07 -39.27 20.29
C TYR B 360 -21.54 -39.09 20.67
N ARG B 361 -21.84 -39.15 21.98
CA ARG B 361 -23.15 -38.93 22.54
C ARG B 361 -24.24 -39.76 21.89
N PRO B 362 -24.12 -41.10 21.86
CA PRO B 362 -25.20 -41.90 21.29
C PRO B 362 -26.46 -41.79 22.15
N ARG B 363 -27.60 -41.94 21.51
CA ARG B 363 -28.86 -41.99 22.24
C ARG B 363 -28.94 -43.40 22.95
N ALA B 364 -28.35 -44.45 22.33
CA ALA B 364 -28.31 -45.80 22.88
C ALA B 364 -27.44 -45.83 24.13
N ALA B 365 -27.92 -46.55 25.16
CA ALA B 365 -27.18 -46.73 26.43
C ALA B 365 -25.89 -47.51 26.15
N VAL B 366 -24.77 -47.11 26.76
CA VAL B 366 -23.51 -47.82 26.57
C VAL B 366 -23.37 -48.72 27.79
N ILE B 367 -23.62 -50.02 27.63
CA ILE B 367 -23.50 -51.00 28.70
C ILE B 367 -22.06 -51.51 28.72
N ALA B 368 -21.28 -51.11 29.72
CA ALA B 368 -19.87 -51.46 29.77
C ALA B 368 -19.63 -52.65 30.69
N VAL B 369 -19.19 -53.78 30.12
CA VAL B 369 -18.92 -54.99 30.90
C VAL B 369 -17.44 -55.04 31.22
N THR B 370 -17.11 -55.04 32.50
CA THR B 370 -15.73 -55.02 32.94
C THR B 370 -15.52 -55.92 34.15
N ARG B 371 -14.28 -56.44 34.32
CA ARG B 371 -13.89 -57.19 35.52
C ARG B 371 -13.30 -56.24 36.58
N SER B 372 -12.91 -55.00 36.18
CA SER B 372 -12.31 -54.05 37.09
C SER B 372 -13.39 -53.32 37.89
N ALA B 373 -13.43 -53.54 39.22
CA ALA B 373 -14.39 -52.85 40.10
C ALA B 373 -14.14 -51.34 40.08
N GLN B 374 -12.88 -50.93 40.04
CA GLN B 374 -12.53 -49.52 39.97
C GLN B 374 -12.97 -48.89 38.65
N ALA B 375 -12.76 -49.56 37.49
CA ALA B 375 -13.19 -49.01 36.20
C ALA B 375 -14.72 -48.89 36.18
N ALA B 376 -15.44 -49.86 36.77
CA ALA B 376 -16.90 -49.84 36.83
C ALA B 376 -17.39 -48.59 37.61
N ARG B 377 -16.69 -48.20 38.69
CA ARG B 377 -17.04 -47.02 39.44
C ARG B 377 -16.67 -45.74 38.67
N GLN B 378 -15.45 -45.69 38.11
CA GLN B 378 -14.98 -44.51 37.41
C GLN B 378 -15.73 -44.16 36.12
N VAL B 379 -16.28 -45.17 35.39
CA VAL B 379 -16.96 -44.87 34.13
C VAL B 379 -18.24 -44.05 34.32
N HIS B 380 -18.73 -43.90 35.56
CA HIS B 380 -19.86 -43.02 35.86
C HIS B 380 -19.52 -41.56 35.45
N LEU B 381 -18.22 -41.21 35.31
CA LEU B 381 -17.81 -39.88 34.88
C LEU B 381 -18.23 -39.58 33.43
N CYS B 382 -18.42 -40.62 32.59
CA CYS B 382 -18.74 -40.50 31.16
C CYS B 382 -20.22 -40.66 30.93
N ARG B 383 -20.85 -39.65 30.29
CA ARG B 383 -22.28 -39.69 30.05
C ARG B 383 -22.73 -40.94 29.29
N GLY B 384 -23.77 -41.57 29.78
CA GLY B 384 -24.40 -42.69 29.10
C GLY B 384 -23.72 -44.03 29.25
N VAL B 385 -22.76 -44.14 30.17
CA VAL B 385 -22.09 -45.42 30.41
C VAL B 385 -22.68 -46.08 31.66
N PHE B 386 -23.23 -47.30 31.49
CA PHE B 386 -23.85 -48.10 32.54
C PHE B 386 -22.92 -49.29 32.85
N PRO B 387 -22.20 -49.20 33.97
CA PRO B 387 -21.23 -50.25 34.28
C PRO B 387 -21.81 -51.55 34.85
N LEU B 388 -21.35 -52.68 34.31
CA LEU B 388 -21.75 -54.01 34.79
C LEU B 388 -20.50 -54.72 35.23
N LEU B 389 -20.38 -55.03 36.52
CA LEU B 389 -19.20 -55.70 37.04
C LEU B 389 -19.35 -57.21 36.84
N TYR B 390 -18.46 -57.80 36.04
CA TYR B 390 -18.46 -59.23 35.74
C TYR B 390 -17.57 -59.94 36.77
N ARG B 391 -18.13 -60.92 37.50
CA ARG B 391 -17.41 -61.56 38.59
C ARG B 391 -16.94 -63.01 38.29
N GLU B 392 -17.32 -63.56 37.12
CA GLU B 392 -16.94 -64.94 36.77
C GLU B 392 -15.48 -65.12 36.42
N PRO B 393 -14.91 -66.28 36.84
CA PRO B 393 -13.51 -66.56 36.47
C PRO B 393 -13.37 -66.83 34.97
N PRO B 394 -12.19 -66.54 34.40
CA PRO B 394 -12.01 -66.73 32.95
C PRO B 394 -12.20 -68.14 32.41
N GLU B 395 -12.88 -68.24 31.25
CA GLU B 395 -13.05 -69.48 30.50
C GLU B 395 -11.69 -69.87 29.94
N ALA B 396 -11.50 -71.17 29.65
CA ALA B 396 -10.23 -71.68 29.12
C ALA B 396 -9.92 -71.06 27.75
N ILE B 397 -10.92 -70.97 26.88
CA ILE B 397 -10.74 -70.38 25.56
C ILE B 397 -11.15 -68.90 25.62
N TRP B 398 -10.23 -67.98 25.28
CA TRP B 398 -10.50 -66.55 25.34
C TRP B 398 -11.74 -66.11 24.56
N ALA B 399 -11.94 -66.62 23.35
CA ALA B 399 -13.12 -66.29 22.54
C ALA B 399 -14.42 -66.66 23.25
N ASP B 400 -14.42 -67.77 24.04
CA ASP B 400 -15.60 -68.17 24.80
C ASP B 400 -15.82 -67.22 25.98
N ASP B 401 -14.72 -66.77 26.61
CA ASP B 401 -14.79 -65.83 27.72
C ASP B 401 -15.40 -64.49 27.26
N VAL B 402 -15.04 -64.06 26.05
CA VAL B 402 -15.55 -62.82 25.44
C VAL B 402 -17.03 -62.97 25.22
N ASP B 403 -17.46 -64.08 24.59
CA ASP B 403 -18.86 -64.38 24.34
C ASP B 403 -19.69 -64.44 25.60
N ARG B 404 -19.16 -65.03 26.67
CA ARG B 404 -19.89 -65.09 27.94
C ARG B 404 -20.14 -63.70 28.50
N ARG B 405 -19.15 -62.81 28.36
CA ARG B 405 -19.25 -61.44 28.82
C ARG B 405 -20.28 -60.66 28.01
N VAL B 406 -20.37 -60.91 26.70
CA VAL B 406 -21.36 -60.25 25.85
C VAL B 406 -22.76 -60.74 26.23
N GLN B 407 -22.90 -62.06 26.44
CA GLN B 407 -24.18 -62.66 26.85
C GLN B 407 -24.62 -62.16 28.22
N PHE B 408 -23.66 -61.92 29.15
CA PHE B 408 -23.95 -61.36 30.48
C PHE B 408 -24.57 -59.96 30.31
N GLY B 409 -24.02 -59.17 29.38
CA GLY B 409 -24.52 -57.85 29.06
C GLY B 409 -25.92 -57.90 28.48
N ILE B 410 -26.21 -58.89 27.62
CA ILE B 410 -27.53 -59.07 27.00
C ILE B 410 -28.57 -59.52 28.00
N GLU B 411 -28.23 -60.53 28.81
CA GLU B 411 -29.12 -61.07 29.84
C GLU B 411 -29.40 -60.06 30.92
N SER B 412 -28.38 -59.31 31.33
CA SER B 412 -28.57 -58.26 32.31
C SER B 412 -29.40 -57.13 31.69
N GLY B 413 -29.13 -56.80 30.42
CA GLY B 413 -29.88 -55.77 29.70
C GLY B 413 -31.37 -56.08 29.62
N LYS B 414 -31.71 -57.35 29.43
CA LYS B 414 -33.10 -57.80 29.38
C LYS B 414 -33.73 -57.74 30.78
N LEU B 415 -33.00 -58.19 31.79
CA LEU B 415 -33.46 -58.19 33.17
C LEU B 415 -33.67 -56.78 33.70
N ARG B 416 -32.77 -55.83 33.35
CA ARG B 416 -32.89 -54.46 33.81
C ARG B 416 -33.88 -53.59 33.02
N GLY B 417 -34.39 -54.08 31.90
CA GLY B 417 -35.33 -53.33 31.08
C GLY B 417 -34.72 -52.55 29.93
N PHE B 418 -33.38 -52.60 29.78
CA PHE B 418 -32.69 -51.91 28.70
C PHE B 418 -32.99 -52.55 27.35
N LEU B 419 -33.11 -53.88 27.33
CA LEU B 419 -33.30 -54.61 26.09
C LEU B 419 -34.55 -55.47 26.11
N ARG B 420 -35.18 -55.52 24.97
CA ARG B 420 -36.37 -56.33 24.73
C ARG B 420 -36.11 -57.23 23.51
N VAL B 421 -36.79 -58.40 23.44
CA VAL B 421 -36.73 -59.30 22.31
C VAL B 421 -37.14 -58.53 21.04
N GLY B 422 -36.37 -58.68 19.98
CA GLY B 422 -36.61 -57.95 18.75
C GLY B 422 -35.73 -56.70 18.62
N ASP B 423 -35.16 -56.23 19.74
CA ASP B 423 -34.27 -55.06 19.71
C ASP B 423 -33.00 -55.38 18.94
N LEU B 424 -32.35 -54.35 18.45
CA LEU B 424 -31.05 -54.48 17.85
C LEU B 424 -30.09 -53.85 18.83
N VAL B 425 -28.98 -54.54 19.04
CA VAL B 425 -27.92 -54.09 19.93
C VAL B 425 -26.60 -54.02 19.12
N ILE B 426 -25.72 -53.10 19.49
CA ILE B 426 -24.41 -52.99 18.85
C ILE B 426 -23.43 -53.53 19.86
N VAL B 427 -22.54 -54.46 19.45
CA VAL B 427 -21.58 -55.05 20.38
C VAL B 427 -20.17 -54.68 19.99
N VAL B 428 -19.41 -54.11 20.91
CA VAL B 428 -18.06 -53.63 20.67
C VAL B 428 -17.05 -54.46 21.47
N THR B 429 -16.16 -55.17 20.75
CA THR B 429 -15.14 -56.05 21.35
C THR B 429 -13.77 -55.80 20.65
N GLY B 430 -12.72 -56.52 21.08
CA GLY B 430 -11.39 -56.45 20.50
C GLY B 430 -10.88 -57.79 19.97
N TRP B 431 -9.74 -57.78 19.29
CA TRP B 431 -9.20 -58.96 18.63
C TRP B 431 -8.22 -59.82 19.49
N ARG B 432 -7.77 -59.28 20.62
CA ARG B 432 -6.88 -59.99 21.54
C ARG B 432 -7.08 -59.49 22.99
N PRO B 433 -6.65 -60.27 24.00
CA PRO B 433 -6.82 -59.81 25.40
C PRO B 433 -6.00 -58.58 25.73
N GLY B 434 -6.36 -57.91 26.81
CA GLY B 434 -5.65 -56.73 27.25
C GLY B 434 -6.29 -55.45 26.71
N SER B 435 -6.02 -54.35 27.40
CA SER B 435 -6.52 -53.02 27.07
C SER B 435 -5.90 -52.49 25.76
N GLY B 436 -6.67 -51.73 24.97
CA GLY B 436 -6.16 -51.10 23.76
C GLY B 436 -6.37 -51.78 22.42
N TYR B 437 -7.10 -52.91 22.39
CA TYR B 437 -7.28 -53.65 21.14
C TYR B 437 -8.71 -53.75 20.65
N THR B 438 -9.60 -52.85 21.10
CA THR B 438 -10.99 -52.82 20.60
C THR B 438 -10.94 -52.47 19.11
N ASN B 439 -11.59 -53.25 18.27
CA ASN B 439 -11.57 -53.04 16.81
C ASN B 439 -12.76 -53.70 16.11
N ILE B 440 -13.74 -54.24 16.85
CA ILE B 440 -14.85 -54.97 16.25
C ILE B 440 -16.19 -54.39 16.68
N MET B 441 -17.09 -54.25 15.72
CA MET B 441 -18.46 -53.83 15.99
CA MET B 441 -18.46 -53.78 15.93
C MET B 441 -19.38 -54.83 15.32
N ARG B 442 -20.35 -55.36 16.08
CA ARG B 442 -21.31 -56.36 15.58
C ARG B 442 -22.74 -55.89 15.79
N VAL B 443 -23.62 -56.20 14.84
CA VAL B 443 -25.04 -55.88 14.96
C VAL B 443 -25.75 -57.18 15.35
N LEU B 444 -26.35 -57.20 16.53
CA LEU B 444 -27.06 -58.40 17.00
CA LEU B 444 -27.04 -58.40 17.02
C LEU B 444 -28.54 -58.15 17.26
N SER B 445 -29.39 -59.12 16.86
CA SER B 445 -30.83 -59.04 17.08
C SER B 445 -31.12 -59.82 18.35
N ILE B 446 -31.80 -59.22 19.32
CA ILE B 446 -32.10 -59.86 20.59
C ILE B 446 -33.22 -60.92 20.50
N SER B 447 -32.93 -62.16 20.88
CA SER B 447 -33.93 -63.22 20.85
C SER B 447 -34.34 -63.65 22.26
N GLU C 21 -53.61 -13.98 -4.99
CA GLU C 21 -52.31 -14.51 -4.58
C GLU C 21 -51.45 -14.87 -5.85
N LEU C 22 -50.66 -15.97 -5.85
CA LEU C 22 -49.87 -16.32 -7.03
C LEU C 22 -50.44 -17.52 -7.78
N GLY C 23 -51.05 -18.45 -7.06
CA GLY C 23 -51.61 -19.66 -7.65
C GLY C 23 -50.69 -20.85 -7.55
N THR C 24 -51.28 -22.04 -7.65
CA THR C 24 -50.52 -23.30 -7.60
C THR C 24 -49.65 -23.49 -8.84
N ALA C 25 -50.11 -23.01 -10.00
CA ALA C 25 -49.36 -23.14 -11.25
C ALA C 25 -48.02 -22.41 -11.18
N PHE C 26 -47.98 -21.25 -10.51
CA PHE C 26 -46.76 -20.45 -10.32
C PHE C 26 -45.66 -21.31 -9.66
N PHE C 27 -46.03 -22.06 -8.60
CA PHE C 27 -45.09 -22.86 -7.85
C PHE C 27 -44.70 -24.20 -8.50
N GLN C 28 -45.29 -24.52 -9.65
CA GLN C 28 -44.93 -25.74 -10.39
C GLN C 28 -43.90 -25.43 -11.52
N GLN C 29 -43.84 -24.17 -11.97
CA GLN C 29 -42.95 -23.70 -13.03
C GLN C 29 -41.54 -23.40 -12.50
N GLN C 30 -40.61 -23.11 -13.44
CA GLN C 30 -39.21 -22.73 -13.24
C GLN C 30 -38.50 -23.55 -12.14
N GLN C 31 -38.77 -24.86 -12.09
CA GLN C 31 -38.20 -25.80 -11.12
C GLN C 31 -38.35 -25.35 -9.66
N LEU C 32 -39.44 -24.62 -9.35
CA LEU C 32 -39.66 -24.15 -7.98
C LEU C 32 -39.81 -25.30 -6.96
N PRO C 33 -40.42 -26.48 -7.27
CA PRO C 33 -40.38 -27.59 -6.29
C PRO C 33 -38.93 -28.01 -5.96
N ALA C 34 -38.05 -28.11 -6.98
CA ALA C 34 -36.63 -28.44 -6.75
C ALA C 34 -35.90 -27.32 -6.01
N ALA C 35 -36.34 -26.07 -6.19
CA ALA C 35 -35.76 -24.91 -5.52
C ALA C 35 -36.00 -24.92 -4.02
N MET C 36 -37.14 -25.45 -3.59
CA MET C 36 -37.49 -25.50 -2.16
C MET C 36 -36.87 -26.68 -1.41
N ALA C 37 -36.12 -27.56 -2.08
CA ALA C 37 -35.53 -28.73 -1.43
C ALA C 37 -34.53 -28.39 -0.36
N ASP C 38 -34.46 -29.22 0.68
CA ASP C 38 -33.58 -29.00 1.83
C ASP C 38 -32.15 -29.50 1.62
N THR C 39 -31.92 -30.34 0.60
CA THR C 39 -30.57 -30.82 0.28
C THR C 39 -30.36 -30.75 -1.25
N PHE C 40 -29.10 -30.73 -1.69
CA PHE C 40 -28.77 -30.74 -3.11
C PHE C 40 -29.25 -32.05 -3.76
N LEU C 41 -29.11 -33.18 -3.05
CA LEU C 41 -29.59 -34.47 -3.54
C LEU C 41 -31.10 -34.45 -3.78
N GLU C 42 -31.89 -33.92 -2.82
CA GLU C 42 -33.35 -33.81 -2.96
CA GLU C 42 -33.34 -33.82 -2.98
C GLU C 42 -33.69 -32.85 -4.11
N HIS C 43 -32.89 -31.78 -4.28
CA HIS C 43 -33.07 -30.78 -5.33
C HIS C 43 -32.98 -31.49 -6.69
N LEU C 44 -31.97 -32.37 -6.87
CA LEU C 44 -31.82 -33.12 -8.13
C LEU C 44 -33.00 -34.05 -8.34
N CYS C 45 -33.42 -34.79 -7.29
CA CYS C 45 -34.55 -35.70 -7.36
C CYS C 45 -35.86 -35.01 -7.75
N LEU C 46 -35.99 -33.70 -7.45
CA LEU C 46 -37.20 -32.94 -7.76
C LEU C 46 -37.20 -32.21 -9.11
N LEU C 47 -36.09 -32.30 -9.89
CA LEU C 47 -36.04 -31.65 -11.22
C LEU C 47 -37.10 -32.30 -12.10
N ASP C 48 -37.85 -31.49 -12.84
CA ASP C 48 -38.99 -31.96 -13.60
C ASP C 48 -38.95 -31.46 -15.03
N ILE C 49 -38.93 -32.37 -16.00
CA ILE C 49 -38.94 -32.00 -17.42
C ILE C 49 -40.24 -31.26 -17.82
N ASP C 50 -41.31 -31.39 -17.04
CA ASP C 50 -42.57 -30.69 -17.32
C ASP C 50 -42.64 -29.32 -16.61
N SER C 51 -41.66 -28.96 -15.80
CA SER C 51 -41.65 -27.67 -15.12
C SER C 51 -41.00 -26.68 -16.11
N GLU C 52 -41.83 -25.85 -16.75
CA GLU C 52 -41.35 -24.96 -17.79
C GLU C 52 -40.64 -23.72 -17.29
N PRO C 53 -39.55 -23.32 -17.98
CA PRO C 53 -38.85 -22.09 -17.59
C PRO C 53 -39.70 -20.86 -17.91
N VAL C 54 -39.72 -19.89 -17.01
CA VAL C 54 -40.51 -18.68 -17.22
C VAL C 54 -39.63 -17.45 -17.30
N ALA C 55 -38.58 -17.41 -16.48
CA ALA C 55 -37.66 -16.28 -16.47
C ALA C 55 -36.94 -16.12 -17.80
N ALA C 56 -36.56 -14.87 -18.10
CA ALA C 56 -35.77 -14.58 -19.29
C ALA C 56 -34.38 -15.27 -19.14
N ARG C 57 -33.81 -15.71 -20.25
CA ARG C 57 -32.51 -16.38 -20.27
C ARG C 57 -31.43 -15.40 -19.81
N SER C 58 -30.71 -15.77 -18.76
CA SER C 58 -29.77 -14.90 -18.10
C SER C 58 -28.30 -15.09 -18.46
N THR C 59 -27.89 -16.26 -18.99
CA THR C 59 -26.48 -16.50 -19.38
C THR C 59 -26.29 -15.95 -20.78
N SER C 60 -25.39 -14.97 -20.97
CA SER C 60 -25.19 -14.38 -22.29
C SER C 60 -24.52 -15.32 -23.26
N ILE C 61 -24.89 -15.18 -24.53
CA ILE C 61 -24.34 -15.99 -25.60
C ILE C 61 -23.37 -15.12 -26.39
N ILE C 62 -22.14 -15.60 -26.53
CA ILE C 62 -21.14 -14.94 -27.35
C ILE C 62 -21.08 -15.76 -28.64
N ALA C 63 -21.29 -15.10 -29.78
CA ALA C 63 -21.19 -15.80 -31.07
C ALA C 63 -20.01 -15.22 -31.85
N THR C 64 -19.15 -16.09 -32.42
CA THR C 64 -18.01 -15.62 -33.20
C THR C 64 -18.52 -15.31 -34.62
N ILE C 65 -18.24 -14.11 -35.10
CA ILE C 65 -18.68 -13.67 -36.39
C ILE C 65 -17.61 -13.94 -37.45
N GLY C 66 -18.01 -14.66 -38.48
CA GLY C 66 -17.13 -15.04 -39.57
C GLY C 66 -17.88 -15.22 -40.86
N PRO C 67 -17.29 -15.97 -41.80
CA PRO C 67 -17.95 -16.17 -43.11
C PRO C 67 -19.41 -16.60 -43.10
N ALA C 68 -19.79 -17.50 -42.17
CA ALA C 68 -21.17 -18.01 -42.11
C ALA C 68 -22.16 -17.10 -41.41
N SER C 69 -21.68 -16.05 -40.73
CA SER C 69 -22.56 -15.22 -39.92
C SER C 69 -22.34 -13.73 -40.09
N ARG C 70 -21.77 -13.32 -41.21
CA ARG C 70 -21.39 -11.93 -41.49
C ARG C 70 -22.42 -10.98 -42.05
N SER C 71 -23.33 -11.50 -42.86
CA SER C 71 -24.31 -10.65 -43.52
C SER C 71 -25.25 -10.01 -42.54
N VAL C 72 -25.71 -8.78 -42.85
CA VAL C 72 -26.64 -8.03 -42.02
C VAL C 72 -27.92 -8.85 -41.78
N GLU C 73 -28.44 -9.52 -42.82
CA GLU C 73 -29.64 -10.33 -42.67
C GLU C 73 -29.44 -11.53 -41.74
N ARG C 74 -28.31 -12.21 -41.85
CA ARG C 74 -27.98 -13.32 -40.98
C ARG C 74 -27.78 -12.84 -39.54
N LEU C 75 -27.10 -11.70 -39.37
CA LEU C 75 -26.89 -11.10 -38.04
C LEU C 75 -28.20 -10.71 -37.35
N LYS C 76 -29.20 -10.27 -38.12
CA LYS C 76 -30.51 -9.95 -37.57
C LYS C 76 -31.16 -11.22 -37.01
N GLU C 77 -31.01 -12.35 -37.72
CA GLU C 77 -31.55 -13.63 -37.23
C GLU C 77 -30.80 -14.11 -35.98
N MET C 78 -29.49 -13.83 -35.89
CA MET C 78 -28.70 -14.22 -34.72
CA MET C 78 -28.70 -14.22 -34.72
C MET C 78 -29.04 -13.38 -33.51
N ILE C 79 -29.40 -12.09 -33.71
CA ILE C 79 -29.80 -11.23 -32.62
C ILE C 79 -31.14 -11.72 -32.10
N LYS C 80 -32.09 -12.06 -33.01
CA LYS C 80 -33.41 -12.57 -32.61
C LYS C 80 -33.29 -13.92 -31.91
N ALA C 81 -32.34 -14.75 -32.33
CA ALA C 81 -32.11 -16.03 -31.71
C ALA C 81 -31.49 -15.93 -30.29
N GLY C 82 -30.86 -14.80 -29.96
CA GLY C 82 -30.31 -14.59 -28.64
C GLY C 82 -28.85 -14.16 -28.50
N MET C 83 -28.14 -13.90 -29.60
CA MET C 83 -26.75 -13.45 -29.51
C MET C 83 -26.66 -12.12 -28.75
N ASN C 84 -25.83 -12.06 -27.68
CA ASN C 84 -25.66 -10.84 -26.88
C ASN C 84 -24.31 -10.15 -27.13
N ILE C 85 -23.28 -10.96 -27.47
CA ILE C 85 -21.92 -10.49 -27.70
C ILE C 85 -21.41 -11.05 -29.00
N ALA C 86 -20.86 -10.19 -29.86
CA ALA C 86 -20.30 -10.62 -31.13
C ALA C 86 -18.80 -10.67 -30.98
N ARG C 87 -18.19 -11.84 -31.19
CA ARG C 87 -16.76 -12.02 -31.05
C ARG C 87 -16.05 -11.96 -32.40
N LEU C 88 -14.96 -11.19 -32.48
CA LEU C 88 -14.16 -11.11 -33.70
C LEU C 88 -12.78 -11.67 -33.41
N ASN C 89 -12.46 -12.84 -34.00
CA ASN C 89 -11.20 -13.52 -33.74
C ASN C 89 -10.08 -12.97 -34.61
N PHE C 90 -9.18 -12.20 -34.02
CA PHE C 90 -8.07 -11.60 -34.74
C PHE C 90 -6.94 -12.59 -35.04
N SER C 91 -7.12 -13.91 -34.76
CA SER C 91 -6.19 -14.93 -35.23
C SER C 91 -6.42 -15.17 -36.74
N HIS C 92 -7.58 -14.76 -37.29
CA HIS C 92 -7.97 -14.93 -38.67
C HIS C 92 -8.39 -13.56 -39.25
N GLY C 93 -8.63 -13.53 -40.57
CA GLY C 93 -9.11 -12.34 -41.22
C GLY C 93 -8.12 -11.21 -41.24
N SER C 94 -8.61 -10.00 -41.31
CA SER C 94 -7.78 -8.80 -41.34
C SER C 94 -8.54 -7.64 -40.68
N HIS C 95 -7.89 -6.47 -40.55
CA HIS C 95 -8.54 -5.28 -40.00
C HIS C 95 -9.73 -4.89 -40.86
N GLU C 96 -9.56 -4.91 -42.19
CA GLU C 96 -10.62 -4.55 -43.13
C GLU C 96 -11.78 -5.54 -43.04
N TYR C 97 -11.48 -6.84 -42.95
CA TYR C 97 -12.51 -7.87 -42.86
C TYR C 97 -13.31 -7.70 -41.55
N HIS C 98 -12.63 -7.63 -40.40
CA HIS C 98 -13.30 -7.48 -39.11
C HIS C 98 -14.04 -6.14 -38.98
N ALA C 99 -13.53 -5.05 -39.57
CA ALA C 99 -14.25 -3.75 -39.52
C ALA C 99 -15.58 -3.87 -40.26
N GLU C 100 -15.60 -4.63 -41.39
CA GLU C 100 -16.82 -4.85 -42.17
CA GLU C 100 -16.84 -4.80 -42.12
C GLU C 100 -17.82 -5.66 -41.32
N SER C 101 -17.33 -6.73 -40.66
CA SER C 101 -18.17 -7.56 -39.80
C SER C 101 -18.76 -6.73 -38.64
N ILE C 102 -17.96 -5.84 -38.03
CA ILE C 102 -18.41 -4.96 -36.95
C ILE C 102 -19.48 -4.00 -37.45
N ALA C 103 -19.26 -3.37 -38.63
CA ALA C 103 -20.24 -2.46 -39.22
C ALA C 103 -21.56 -3.20 -39.48
N ASN C 104 -21.48 -4.45 -39.96
CA ASN C 104 -22.67 -5.26 -40.24
C ASN C 104 -23.41 -5.59 -38.95
N VAL C 105 -22.65 -5.89 -37.84
CA VAL C 105 -23.26 -6.15 -36.54
C VAL C 105 -24.01 -4.91 -36.08
N ARG C 106 -23.36 -3.73 -36.12
CA ARG C 106 -24.00 -2.49 -35.70
C ARG C 106 -25.22 -2.12 -36.56
N GLU C 107 -25.16 -2.41 -37.87
CA GLU C 107 -26.30 -2.15 -38.75
C GLU C 107 -27.46 -3.08 -38.37
N ALA C 108 -27.18 -4.37 -38.12
CA ALA C 108 -28.23 -5.31 -37.74
C ALA C 108 -28.82 -4.92 -36.39
N VAL C 109 -28.00 -4.49 -35.41
CA VAL C 109 -28.47 -4.07 -34.09
C VAL C 109 -29.37 -2.85 -34.20
N GLU C 110 -28.93 -1.82 -34.95
CA GLU C 110 -29.70 -0.59 -35.10
C GLU C 110 -30.96 -0.73 -35.96
N SER C 111 -31.10 -1.82 -36.71
CA SER C 111 -32.33 -2.06 -37.47
C SER C 111 -33.56 -2.30 -36.59
N PHE C 112 -33.34 -2.59 -35.29
CA PHE C 112 -34.41 -2.82 -34.33
C PHE C 112 -34.61 -1.62 -33.40
N ALA C 113 -33.90 -0.49 -33.62
CA ALA C 113 -34.04 0.67 -32.73
C ALA C 113 -35.44 1.36 -32.80
N GLY C 114 -36.19 1.11 -33.88
CA GLY C 114 -37.53 1.66 -34.04
C GLY C 114 -38.58 1.09 -33.10
N SER C 115 -38.33 -0.13 -32.60
CA SER C 115 -39.24 -0.80 -31.67
C SER C 115 -38.60 -1.19 -30.34
N PRO C 116 -39.20 -0.74 -29.22
CA PRO C 116 -38.64 -1.08 -27.90
C PRO C 116 -38.63 -2.57 -27.52
N LEU C 117 -39.54 -3.33 -28.11
CA LEU C 117 -39.73 -4.77 -27.86
C LEU C 117 -38.67 -5.64 -28.56
N SER C 118 -37.96 -5.11 -29.58
CA SER C 118 -36.94 -5.91 -30.26
CA SER C 118 -36.95 -5.87 -30.32
C SER C 118 -35.53 -5.32 -30.19
N TYR C 119 -35.37 -4.00 -29.90
CA TYR C 119 -34.01 -3.45 -29.81
C TYR C 119 -33.26 -4.04 -28.61
N ARG C 120 -32.06 -4.55 -28.88
CA ARG C 120 -31.23 -5.10 -27.82
C ARG C 120 -29.78 -4.71 -28.05
N PRO C 121 -29.12 -4.14 -27.03
CA PRO C 121 -27.68 -3.86 -27.17
C PRO C 121 -26.90 -5.14 -27.43
N VAL C 122 -25.88 -5.06 -28.28
CA VAL C 122 -25.04 -6.22 -28.56
C VAL C 122 -23.58 -5.75 -28.38
N ALA C 123 -22.82 -6.41 -27.48
CA ALA C 123 -21.44 -6.01 -27.27
C ALA C 123 -20.54 -6.47 -28.40
N ILE C 124 -19.42 -5.76 -28.62
CA ILE C 124 -18.46 -6.16 -29.62
C ILE C 124 -17.15 -6.51 -28.92
N ALA C 125 -16.68 -7.73 -29.09
CA ALA C 125 -15.51 -8.22 -28.41
C ALA C 125 -14.41 -8.60 -29.40
N LEU C 126 -13.18 -8.18 -29.11
CA LEU C 126 -12.05 -8.48 -29.95
C LEU C 126 -11.22 -9.56 -29.28
N ASP C 127 -10.98 -10.68 -29.95
CA ASP C 127 -10.20 -11.78 -29.40
C ASP C 127 -8.81 -11.73 -30.05
N THR C 128 -7.76 -11.52 -29.25
CA THR C 128 -6.41 -11.34 -29.80
C THR C 128 -5.76 -12.63 -30.33
N LYS C 129 -4.80 -12.44 -31.24
CA LYS C 129 -4.05 -13.54 -31.82
C LYS C 129 -3.18 -14.21 -30.74
N GLY C 130 -2.53 -13.41 -29.92
CA GLY C 130 -1.73 -13.96 -28.82
C GLY C 130 -0.25 -13.78 -28.98
N PRO C 131 0.51 -14.17 -27.94
CA PRO C 131 1.97 -13.94 -27.94
C PRO C 131 2.76 -14.89 -28.82
N PRO C 135 7.21 -14.08 -26.13
CA PRO C 135 7.94 -13.51 -24.98
C PRO C 135 7.21 -12.37 -24.26
N GLY C 136 6.03 -11.98 -24.75
CA GLY C 136 5.24 -10.87 -24.21
C GLY C 136 4.20 -10.39 -25.19
N LEU C 137 3.76 -9.09 -25.13
CA LEU C 137 2.76 -8.60 -26.09
C LEU C 137 3.30 -8.52 -27.54
N SER C 138 2.73 -9.33 -28.45
CA SER C 138 3.17 -9.32 -29.85
C SER C 138 2.86 -8.01 -30.56
N GLU C 139 3.60 -7.73 -31.66
CA GLU C 139 3.39 -6.52 -32.46
C GLU C 139 1.97 -6.51 -33.07
N GLN C 140 1.49 -7.70 -33.49
CA GLN C 140 0.15 -7.78 -34.05
C GLN C 140 -0.88 -7.48 -32.99
N ASP C 141 -0.69 -7.96 -31.76
CA ASP C 141 -1.61 -7.66 -30.67
C ASP C 141 -1.66 -6.18 -30.39
N VAL C 142 -0.49 -5.47 -30.35
CA VAL C 142 -0.50 -4.00 -30.15
C VAL C 142 -1.39 -3.31 -31.23
N ARG C 143 -1.20 -3.72 -32.50
CA ARG C 143 -1.94 -3.12 -33.60
C ARG C 143 -3.42 -3.50 -33.59
N ASP C 144 -3.74 -4.75 -33.23
CA ASP C 144 -5.14 -5.19 -33.16
C ASP C 144 -5.86 -4.55 -32.01
N LEU C 145 -5.17 -4.36 -30.87
CA LEU C 145 -5.75 -3.67 -29.70
C LEU C 145 -6.01 -2.21 -30.03
N ARG C 146 -5.10 -1.57 -30.81
CA ARG C 146 -5.28 -0.20 -31.27
C ARG C 146 -6.50 -0.12 -32.19
N PHE C 147 -6.65 -1.09 -33.10
CA PHE C 147 -7.82 -1.17 -33.97
C PHE C 147 -9.12 -1.26 -33.10
N GLY C 148 -9.08 -2.06 -32.05
CA GLY C 148 -10.21 -2.20 -31.13
C GLY C 148 -10.62 -0.89 -30.50
N VAL C 149 -9.63 -0.09 -30.03
CA VAL C 149 -9.90 1.21 -29.44
C VAL C 149 -10.50 2.14 -30.49
N GLU C 150 -9.91 2.16 -31.68
CA GLU C 150 -10.38 3.03 -32.76
C GLU C 150 -11.76 2.67 -33.26
N HIS C 151 -12.14 1.39 -33.17
CA HIS C 151 -13.46 0.96 -33.59
C HIS C 151 -14.49 0.86 -32.44
N GLY C 152 -14.12 1.32 -31.25
CA GLY C 152 -15.01 1.38 -30.10
C GLY C 152 -15.48 0.04 -29.56
N VAL C 153 -14.60 -1.00 -29.56
CA VAL C 153 -14.97 -2.29 -29.01
C VAL C 153 -15.21 -2.19 -27.50
N ASP C 154 -16.06 -3.08 -27.00
CA ASP C 154 -16.45 -3.08 -25.60
C ASP C 154 -15.56 -3.98 -24.76
N ILE C 155 -15.08 -5.09 -25.34
CA ILE C 155 -14.36 -6.11 -24.61
C ILE C 155 -13.17 -6.64 -25.39
N VAL C 156 -12.13 -7.06 -24.69
CA VAL C 156 -10.99 -7.72 -25.28
C VAL C 156 -10.89 -9.10 -24.63
N PHE C 157 -10.86 -10.15 -25.44
CA PHE C 157 -10.62 -11.50 -24.93
C PHE C 157 -9.12 -11.66 -25.21
N ALA C 158 -8.27 -11.52 -24.19
CA ALA C 158 -6.82 -11.59 -24.38
C ALA C 158 -6.31 -13.02 -24.36
N SER C 159 -5.79 -13.49 -25.50
CA SER C 159 -5.26 -14.83 -25.63
C SER C 159 -3.99 -15.10 -24.84
N PHE C 160 -3.88 -16.35 -24.36
CA PHE C 160 -2.73 -16.88 -23.65
C PHE C 160 -2.21 -15.98 -22.52
N VAL C 161 -3.10 -15.56 -21.60
CA VAL C 161 -2.65 -14.76 -20.46
C VAL C 161 -2.02 -15.73 -19.48
N ARG C 162 -0.75 -15.50 -19.15
CA ARG C 162 0.00 -16.42 -18.29
C ARG C 162 0.36 -15.88 -16.94
N LYS C 163 0.34 -14.55 -16.78
CA LYS C 163 0.73 -13.87 -15.54
C LYS C 163 0.13 -12.46 -15.52
N ALA C 164 0.16 -11.78 -14.35
CA ALA C 164 -0.38 -10.43 -14.18
C ALA C 164 0.24 -9.43 -15.13
N SER C 165 1.54 -9.55 -15.44
CA SER C 165 2.19 -8.58 -16.34
C SER C 165 1.67 -8.66 -17.78
N ASP C 166 1.11 -9.81 -18.18
CA ASP C 166 0.50 -9.94 -19.50
C ASP C 166 -0.75 -9.04 -19.56
N VAL C 167 -1.52 -8.97 -18.48
CA VAL C 167 -2.71 -8.12 -18.40
C VAL C 167 -2.31 -6.65 -18.39
N ALA C 168 -1.25 -6.29 -17.64
CA ALA C 168 -0.77 -4.91 -17.60
C ALA C 168 -0.36 -4.44 -19.01
N ALA C 169 0.28 -5.33 -19.79
CA ALA C 169 0.70 -4.99 -21.15
C ALA C 169 -0.53 -4.73 -22.05
N VAL C 170 -1.59 -5.55 -21.91
CA VAL C 170 -2.82 -5.37 -22.69
C VAL C 170 -3.48 -4.05 -22.28
N ARG C 171 -3.55 -3.79 -20.97
CA ARG C 171 -4.12 -2.56 -20.42
C ARG C 171 -3.37 -1.32 -20.96
N ALA C 172 -2.02 -1.36 -20.99
CA ALA C 172 -1.23 -0.25 -21.52
C ALA C 172 -1.51 -0.05 -23.02
N ALA C 173 -1.62 -1.15 -23.80
CA ALA C 173 -1.90 -1.08 -25.24
C ALA C 173 -3.30 -0.52 -25.57
N LEU C 174 -4.21 -0.50 -24.58
CA LEU C 174 -5.55 0.07 -24.76
CA LEU C 174 -5.54 0.06 -24.79
C LEU C 174 -5.52 1.61 -24.79
N GLY C 175 -4.35 2.22 -24.56
CA GLY C 175 -4.05 3.62 -24.73
C GLY C 175 -4.84 4.60 -23.95
N PRO C 176 -4.77 5.88 -24.35
CA PRO C 176 -5.45 6.89 -23.55
C PRO C 176 -6.98 6.84 -23.70
N GLU C 177 -7.49 6.29 -24.81
CA GLU C 177 -8.93 6.28 -25.07
C GLU C 177 -9.64 5.01 -24.66
N GLY C 178 -8.95 3.90 -24.40
CA GLY C 178 -9.61 2.63 -24.17
C GLY C 178 -9.60 2.05 -22.77
N HIS C 179 -9.38 2.89 -21.75
CA HIS C 179 -9.37 2.42 -20.37
C HIS C 179 -10.72 1.85 -19.90
N GLY C 180 -11.81 2.18 -20.58
CA GLY C 180 -13.13 1.63 -20.24
C GLY C 180 -13.41 0.25 -20.84
N ILE C 181 -12.53 -0.24 -21.73
CA ILE C 181 -12.70 -1.55 -22.33
C ILE C 181 -12.42 -2.66 -21.31
N LYS C 182 -13.32 -3.66 -21.24
CA LYS C 182 -13.15 -4.75 -20.31
C LYS C 182 -12.11 -5.74 -20.85
N ILE C 183 -11.20 -6.19 -19.99
CA ILE C 183 -10.20 -7.18 -20.38
C ILE C 183 -10.58 -8.52 -19.75
N ILE C 184 -10.92 -9.48 -20.58
CA ILE C 184 -11.27 -10.81 -20.14
C ILE C 184 -10.05 -11.68 -20.49
N SER C 185 -9.29 -12.12 -19.49
CA SER C 185 -8.08 -12.91 -19.75
C SER C 185 -8.43 -14.34 -20.09
N LYS C 186 -7.92 -14.84 -21.21
CA LYS C 186 -8.14 -16.23 -21.61
C LYS C 186 -7.08 -17.10 -20.96
N ILE C 187 -7.51 -18.14 -20.22
CA ILE C 187 -6.60 -19.07 -19.57
C ILE C 187 -6.52 -20.26 -20.49
N GLU C 188 -5.34 -20.48 -21.07
CA GLU C 188 -5.17 -21.48 -22.11
C GLU C 188 -4.06 -22.48 -21.89
N ASN C 189 -3.33 -22.38 -20.77
CA ASN C 189 -2.20 -23.30 -20.53
C ASN C 189 -1.96 -23.52 -19.03
N HIS C 190 -0.99 -24.39 -18.69
CA HIS C 190 -0.69 -24.73 -17.32
C HIS C 190 -0.30 -23.53 -16.49
N GLU C 191 0.56 -22.65 -17.03
CA GLU C 191 1.00 -21.47 -16.29
C GLU C 191 -0.18 -20.52 -15.94
N GLY C 192 -1.09 -20.27 -16.89
CA GLY C 192 -2.27 -19.46 -16.62
C GLY C 192 -3.14 -20.03 -15.51
N VAL C 193 -3.28 -21.37 -15.45
CA VAL C 193 -4.05 -22.02 -14.40
C VAL C 193 -3.34 -21.87 -13.05
N LYS C 194 -2.01 -22.11 -13.04
CA LYS C 194 -1.22 -22.00 -11.81
C LYS C 194 -1.14 -20.57 -11.27
N ARG C 195 -1.08 -19.59 -12.17
CA ARG C 195 -1.04 -18.16 -11.76
C ARG C 195 -2.41 -17.50 -11.85
N PHE C 196 -3.49 -18.29 -11.81
CA PHE C 196 -4.86 -17.81 -11.91
C PHE C 196 -5.19 -16.65 -10.96
N ASP C 197 -4.89 -16.79 -9.66
CA ASP C 197 -5.26 -15.75 -8.70
C ASP C 197 -4.66 -14.39 -9.03
N GLU C 198 -3.39 -14.34 -9.44
CA GLU C 198 -2.77 -13.05 -9.76
C GLU C 198 -3.34 -12.48 -11.06
N ILE C 199 -3.77 -13.34 -12.01
CA ILE C 199 -4.35 -12.89 -13.27
C ILE C 199 -5.76 -12.33 -13.01
N LEU C 200 -6.58 -13.06 -12.25
CA LEU C 200 -7.95 -12.63 -11.97
C LEU C 200 -7.97 -11.29 -11.23
N GLU C 201 -7.04 -11.11 -10.30
CA GLU C 201 -6.96 -9.87 -9.51
C GLU C 201 -6.87 -8.62 -10.38
N VAL C 202 -6.10 -8.67 -11.49
CA VAL C 202 -5.93 -7.51 -12.35
C VAL C 202 -6.81 -7.53 -13.61
N SER C 203 -7.60 -8.59 -13.83
CA SER C 203 -8.46 -8.69 -15.01
C SER C 203 -9.88 -8.30 -14.69
N ASP C 204 -10.67 -7.96 -15.70
CA ASP C 204 -12.10 -7.71 -15.49
C ASP C 204 -12.88 -9.03 -15.39
N GLY C 205 -12.33 -10.10 -15.95
CA GLY C 205 -12.95 -11.42 -15.95
C GLY C 205 -12.06 -12.43 -16.64
N ILE C 206 -12.59 -13.64 -16.81
CA ILE C 206 -11.81 -14.75 -17.36
C ILE C 206 -12.57 -15.51 -18.44
N MET C 207 -11.85 -16.09 -19.40
CA MET C 207 -12.43 -17.01 -20.33
C MET C 207 -11.69 -18.36 -20.13
N VAL C 208 -12.45 -19.45 -19.92
CA VAL C 208 -11.89 -20.79 -19.84
C VAL C 208 -11.79 -21.20 -21.32
N ALA C 209 -10.63 -21.01 -21.93
CA ALA C 209 -10.40 -21.26 -23.35
C ALA C 209 -9.98 -22.71 -23.51
N ARG C 210 -10.99 -23.60 -23.59
CA ARG C 210 -10.79 -25.03 -23.55
C ARG C 210 -10.07 -25.66 -24.72
N GLY C 211 -10.07 -25.02 -25.89
CA GLY C 211 -9.36 -25.53 -27.06
C GLY C 211 -7.89 -25.72 -26.80
N ASP C 212 -7.19 -24.62 -26.53
CA ASP C 212 -5.77 -24.69 -26.22
C ASP C 212 -5.53 -25.35 -24.89
N LEU C 213 -6.37 -25.08 -23.87
CA LEU C 213 -6.20 -25.71 -22.57
C LEU C 213 -6.18 -27.26 -22.65
N GLY C 214 -7.05 -27.81 -23.49
CA GLY C 214 -7.15 -29.25 -23.73
C GLY C 214 -5.98 -29.87 -24.49
N ILE C 215 -5.09 -29.04 -25.04
CA ILE C 215 -3.86 -29.48 -25.73
C ILE C 215 -2.63 -29.22 -24.83
N GLU C 216 -2.69 -28.15 -24.01
CA GLU C 216 -1.62 -27.74 -23.12
C GLU C 216 -1.55 -28.58 -21.85
N ILE C 217 -2.69 -29.04 -21.36
CA ILE C 217 -2.79 -29.90 -20.18
C ILE C 217 -3.55 -31.17 -20.61
N PRO C 218 -3.47 -32.28 -19.86
CA PRO C 218 -4.23 -33.49 -20.26
C PRO C 218 -5.72 -33.19 -20.44
N ALA C 219 -6.31 -33.70 -21.51
CA ALA C 219 -7.70 -33.46 -21.87
C ALA C 219 -8.66 -33.83 -20.73
N GLU C 220 -8.35 -34.86 -19.96
CA GLU C 220 -9.17 -35.32 -18.84
C GLU C 220 -9.11 -34.41 -17.60
N LYS C 221 -8.26 -33.37 -17.62
CA LYS C 221 -8.15 -32.43 -16.50
C LYS C 221 -8.84 -31.09 -16.80
N VAL C 222 -9.24 -30.81 -18.07
CA VAL C 222 -9.87 -29.54 -18.40
C VAL C 222 -11.09 -29.21 -17.54
N PHE C 223 -11.95 -30.20 -17.25
CA PHE C 223 -13.13 -29.96 -16.41
C PHE C 223 -12.77 -29.45 -15.01
N LEU C 224 -11.61 -29.88 -14.46
CA LEU C 224 -11.18 -29.42 -13.14
C LEU C 224 -10.78 -27.97 -13.23
N ALA C 225 -10.05 -27.57 -14.29
CA ALA C 225 -9.65 -26.18 -14.48
C ALA C 225 -10.89 -25.30 -14.70
N GLN C 226 -11.85 -25.78 -15.50
CA GLN C 226 -13.09 -25.05 -15.77
C GLN C 226 -13.87 -24.80 -14.46
N LYS C 227 -14.14 -25.86 -13.70
CA LYS C 227 -14.91 -25.75 -12.47
C LYS C 227 -14.19 -24.90 -11.42
N MET C 228 -12.87 -25.04 -11.31
CA MET C 228 -12.08 -24.21 -10.37
C MET C 228 -12.16 -22.73 -10.76
N MET C 229 -11.92 -22.39 -12.02
CA MET C 229 -11.92 -21.00 -12.46
C MET C 229 -13.28 -20.35 -12.37
N ILE C 230 -14.35 -21.11 -12.68
CA ILE C 230 -15.70 -20.58 -12.56
C ILE C 230 -16.02 -20.30 -11.09
N GLY C 231 -15.68 -21.24 -10.21
CA GLY C 231 -15.91 -21.05 -8.76
C GLY C 231 -15.16 -19.86 -8.21
N ARG C 232 -13.88 -19.67 -8.61
CA ARG C 232 -13.08 -18.51 -8.13
C ARG C 232 -13.61 -17.20 -8.68
N CYS C 233 -14.08 -17.17 -9.93
CA CYS C 233 -14.66 -15.96 -10.51
C CYS C 233 -15.95 -15.62 -9.81
N ASN C 234 -16.79 -16.64 -9.51
CA ASN C 234 -18.06 -16.44 -8.80
C ASN C 234 -17.77 -15.85 -7.42
N LEU C 235 -16.75 -16.36 -6.73
CA LEU C 235 -16.35 -15.86 -5.43
C LEU C 235 -15.86 -14.41 -5.52
N ALA C 236 -15.10 -14.08 -6.55
CA ALA C 236 -14.59 -12.72 -6.78
C ALA C 236 -15.63 -11.74 -7.34
N GLY C 237 -16.77 -12.23 -7.80
CA GLY C 237 -17.79 -11.39 -8.39
C GLY C 237 -17.38 -10.85 -9.76
N LYS C 238 -16.58 -11.63 -10.50
CA LYS C 238 -16.12 -11.21 -11.83
C LYS C 238 -16.62 -12.15 -12.91
N PRO C 239 -16.96 -11.63 -14.10
CA PRO C 239 -17.49 -12.51 -15.16
C PRO C 239 -16.56 -13.62 -15.64
N VAL C 240 -17.16 -14.79 -15.93
CA VAL C 240 -16.41 -15.92 -16.41
C VAL C 240 -17.13 -16.51 -17.63
N VAL C 241 -16.38 -16.80 -18.69
CA VAL C 241 -16.92 -17.33 -19.93
C VAL C 241 -16.47 -18.77 -20.10
N CYS C 242 -17.41 -19.67 -20.44
CA CYS C 242 -17.01 -21.01 -20.81
C CYS C 242 -16.95 -21.01 -22.35
N ALA C 243 -15.86 -21.55 -22.92
CA ALA C 243 -15.71 -21.50 -24.37
C ALA C 243 -15.19 -22.78 -24.98
N THR C 244 -15.46 -22.96 -26.29
CA THR C 244 -14.90 -23.89 -27.26
C THR C 244 -15.48 -25.29 -27.26
N GLN C 245 -15.97 -25.68 -28.44
CA GLN C 245 -16.51 -27.01 -28.75
C GLN C 245 -17.77 -27.37 -27.99
N MET C 246 -18.51 -26.36 -27.46
CA MET C 246 -19.75 -26.60 -26.72
C MET C 246 -20.81 -27.30 -27.57
N LEU C 247 -20.95 -26.89 -28.83
CA LEU C 247 -21.92 -27.52 -29.76
C LEU C 247 -21.18 -27.86 -31.07
N GLU C 248 -19.92 -28.31 -30.98
CA GLU C 248 -19.03 -28.57 -32.11
C GLU C 248 -19.67 -29.28 -33.31
N SER C 249 -20.37 -30.40 -33.09
CA SER C 249 -20.99 -31.16 -34.16
C SER C 249 -21.98 -30.32 -35.00
N MET C 250 -22.56 -29.25 -34.40
CA MET C 250 -23.48 -28.38 -35.15
C MET C 250 -22.82 -27.53 -36.24
N ILE C 251 -21.48 -27.63 -36.40
CA ILE C 251 -20.78 -26.98 -37.51
C ILE C 251 -21.29 -27.66 -38.83
N THR C 252 -21.57 -28.99 -38.81
CA THR C 252 -22.08 -29.71 -39.98
C THR C 252 -23.46 -30.33 -39.78
N LYS C 253 -23.89 -30.57 -38.53
CA LYS C 253 -25.18 -31.20 -38.26
C LYS C 253 -26.24 -30.25 -37.69
N PRO C 254 -27.53 -30.41 -38.05
CA PRO C 254 -28.56 -29.48 -37.55
C PRO C 254 -28.92 -29.63 -36.07
N ARG C 255 -28.56 -30.76 -35.45
CA ARG C 255 -28.84 -31.02 -34.05
C ARG C 255 -27.55 -31.42 -33.35
N PRO C 256 -27.39 -31.05 -32.07
CA PRO C 256 -26.15 -31.40 -31.36
C PRO C 256 -26.16 -32.81 -30.77
N THR C 257 -25.01 -33.26 -30.27
CA THR C 257 -24.93 -34.55 -29.59
C THR C 257 -25.45 -34.43 -28.13
N ARG C 258 -25.67 -35.56 -27.46
CA ARG C 258 -26.12 -35.60 -26.07
C ARG C 258 -25.05 -35.03 -25.14
N ALA C 259 -23.76 -35.20 -25.48
CA ALA C 259 -22.67 -34.64 -24.68
C ALA C 259 -22.61 -33.13 -24.80
N GLU C 260 -22.94 -32.59 -25.97
CA GLU C 260 -22.92 -31.16 -26.23
C GLU C 260 -24.01 -30.41 -25.48
N THR C 261 -25.25 -30.92 -25.44
CA THR C 261 -26.30 -30.25 -24.68
C THR C 261 -25.98 -30.31 -23.18
N SER C 262 -25.43 -31.46 -22.71
CA SER C 262 -25.08 -31.53 -21.29
C SER C 262 -23.93 -30.57 -20.98
N ASP C 263 -22.96 -30.42 -21.90
CA ASP C 263 -21.85 -29.48 -21.68
C ASP C 263 -22.37 -28.04 -21.49
N VAL C 264 -23.33 -27.61 -22.32
CA VAL C 264 -23.91 -26.28 -22.19
C VAL C 264 -24.62 -26.12 -20.85
N ALA C 265 -25.48 -27.09 -20.51
CA ALA C 265 -26.22 -27.07 -19.24
C ALA C 265 -25.29 -27.05 -18.05
N ASN C 266 -24.23 -27.88 -18.06
CA ASN C 266 -23.29 -27.96 -16.97
C ASN C 266 -22.42 -26.72 -16.84
N ALA C 267 -22.13 -26.00 -17.94
CA ALA C 267 -21.35 -24.76 -17.82
C ALA C 267 -22.20 -23.72 -17.04
N VAL C 268 -23.51 -23.67 -17.31
CA VAL C 268 -24.44 -22.77 -16.61
C VAL C 268 -24.54 -23.21 -15.12
N LEU C 269 -24.72 -24.53 -14.88
CA LEU C 269 -24.80 -25.05 -13.50
C LEU C 269 -23.47 -24.84 -12.73
N ASP C 270 -22.33 -24.87 -13.43
CA ASP C 270 -21.02 -24.58 -12.84
C ASP C 270 -20.93 -23.14 -12.30
N GLY C 271 -21.65 -22.23 -12.95
CA GLY C 271 -21.69 -20.82 -12.58
C GLY C 271 -21.18 -19.85 -13.64
N ALA C 272 -21.05 -20.32 -14.90
CA ALA C 272 -20.57 -19.43 -15.98
C ALA C 272 -21.52 -18.27 -16.23
N ASP C 273 -20.97 -17.07 -16.42
CA ASP C 273 -21.79 -15.91 -16.75
C ASP C 273 -22.16 -15.91 -18.23
N CYS C 274 -21.24 -16.41 -19.07
CA CYS C 274 -21.39 -16.43 -20.53
C CYS C 274 -21.02 -17.78 -21.07
N ILE C 275 -21.63 -18.13 -22.18
CA ILE C 275 -21.28 -19.33 -22.96
C ILE C 275 -20.95 -18.86 -24.38
N MET C 276 -20.10 -19.62 -25.10
CA MET C 276 -19.60 -19.17 -26.38
C MET C 276 -19.74 -20.18 -27.50
N LEU C 277 -19.81 -19.66 -28.73
CA LEU C 277 -19.83 -20.43 -29.96
C LEU C 277 -18.68 -19.90 -30.80
N SER C 278 -17.87 -20.81 -31.37
CA SER C 278 -16.76 -20.41 -32.22
C SER C 278 -17.02 -20.84 -33.67
N GLY C 279 -16.49 -21.99 -34.12
CA GLY C 279 -16.72 -22.51 -35.47
C GLY C 279 -18.20 -22.72 -35.76
N GLU C 280 -19.01 -23.00 -34.71
CA GLU C 280 -20.47 -23.19 -34.83
C GLU C 280 -21.14 -21.99 -35.48
N THR C 281 -20.65 -20.76 -35.21
CA THR C 281 -21.25 -19.58 -35.80
C THR C 281 -20.34 -18.91 -36.85
N ALA C 282 -19.02 -19.06 -36.70
CA ALA C 282 -18.08 -18.42 -37.62
C ALA C 282 -18.05 -19.09 -39.01
N LYS C 283 -18.11 -20.43 -39.07
CA LYS C 283 -18.01 -21.13 -40.35
C LYS C 283 -19.02 -22.24 -40.59
N GLY C 284 -19.79 -22.61 -39.58
CA GLY C 284 -20.71 -23.72 -39.71
C GLY C 284 -21.93 -23.50 -40.57
N ASN C 285 -22.64 -24.57 -40.86
CA ASN C 285 -23.83 -24.53 -41.70
C ASN C 285 -25.09 -24.16 -40.94
N PHE C 286 -25.05 -24.15 -39.59
CA PHE C 286 -26.24 -23.83 -38.78
C PHE C 286 -25.97 -22.77 -37.69
N PRO C 287 -25.45 -21.58 -38.05
CA PRO C 287 -25.13 -20.57 -37.01
C PRO C 287 -26.31 -20.13 -36.15
N VAL C 288 -27.46 -19.87 -36.78
CA VAL C 288 -28.65 -19.42 -36.05
C VAL C 288 -29.18 -20.53 -35.13
N GLU C 289 -29.19 -21.77 -35.63
CA GLU C 289 -29.67 -22.90 -34.86
C GLU C 289 -28.77 -23.16 -33.63
N ALA C 290 -27.45 -22.91 -33.77
CA ALA C 290 -26.50 -23.09 -32.66
C ALA C 290 -26.80 -22.07 -31.56
N VAL C 291 -27.12 -20.83 -31.93
CA VAL C 291 -27.48 -19.79 -30.98
C VAL C 291 -28.79 -20.17 -30.29
N LYS C 292 -29.79 -20.61 -31.06
CA LYS C 292 -31.09 -21.05 -30.53
C LYS C 292 -30.95 -22.19 -29.55
N MET C 293 -30.05 -23.14 -29.85
CA MET C 293 -29.81 -24.29 -28.98
C MET C 293 -29.19 -23.85 -27.66
N GLN C 294 -28.17 -22.95 -27.69
CA GLN C 294 -27.58 -22.44 -26.46
C GLN C 294 -28.61 -21.68 -25.64
N HIS C 295 -29.48 -20.88 -26.31
CA HIS C 295 -30.54 -20.14 -25.60
C HIS C 295 -31.49 -21.12 -24.88
N ALA C 296 -31.95 -22.15 -25.59
CA ALA C 296 -32.88 -23.14 -25.06
C ALA C 296 -32.32 -23.90 -23.85
N ILE C 297 -31.06 -24.37 -23.95
CA ILE C 297 -30.43 -25.10 -22.85
C ILE C 297 -30.18 -24.19 -21.64
N ALA C 298 -29.61 -22.98 -21.86
CA ALA C 298 -29.29 -22.07 -20.76
C ALA C 298 -30.51 -21.73 -19.93
N ARG C 299 -31.65 -21.50 -20.57
CA ARG C 299 -32.88 -21.17 -19.88
C ARG C 299 -33.32 -22.33 -18.96
N GLU C 300 -33.22 -23.56 -19.44
CA GLU C 300 -33.58 -24.74 -18.66
C GLU C 300 -32.62 -24.90 -17.47
N ALA C 301 -31.30 -24.72 -17.73
CA ALA C 301 -30.25 -24.90 -16.71
C ALA C 301 -30.30 -23.82 -15.63
N GLU C 302 -30.64 -22.59 -15.99
CA GLU C 302 -30.75 -21.51 -14.99
C GLU C 302 -31.85 -21.77 -13.97
N ALA C 303 -32.97 -22.33 -14.43
CA ALA C 303 -34.07 -22.69 -13.52
C ALA C 303 -33.66 -23.84 -12.59
N ALA C 304 -32.77 -24.72 -13.05
CA ALA C 304 -32.28 -25.87 -12.29
C ALA C 304 -31.18 -25.53 -11.29
N VAL C 305 -30.70 -24.27 -11.24
CA VAL C 305 -29.68 -23.87 -10.29
C VAL C 305 -30.26 -24.00 -8.85
N TYR C 306 -29.49 -24.52 -7.89
CA TYR C 306 -29.95 -24.68 -6.52
C TYR C 306 -29.59 -23.41 -5.76
N HIS C 307 -30.39 -22.37 -5.95
CA HIS C 307 -30.17 -21.06 -5.35
C HIS C 307 -30.04 -21.07 -3.83
N ARG C 308 -30.78 -21.96 -3.15
CA ARG C 308 -30.73 -22.01 -1.69
C ARG C 308 -29.32 -22.23 -1.17
N GLN C 309 -28.56 -23.17 -1.76
CA GLN C 309 -27.19 -23.41 -1.32
C GLN C 309 -26.26 -22.36 -1.91
N LEU C 310 -26.44 -22.01 -3.18
CA LEU C 310 -25.59 -21.04 -3.85
C LEU C 310 -25.58 -19.68 -3.13
N PHE C 311 -26.75 -19.13 -2.83
CA PHE C 311 -26.85 -17.85 -2.15
C PHE C 311 -26.21 -17.91 -0.77
N GLU C 312 -26.50 -18.96 -0.02
CA GLU C 312 -25.95 -19.19 1.33
C GLU C 312 -24.41 -19.23 1.27
N GLU C 313 -23.84 -19.97 0.29
CA GLU C 313 -22.39 -20.07 0.19
C GLU C 313 -21.73 -18.80 -0.31
N LEU C 314 -22.37 -18.08 -1.24
CA LEU C 314 -21.82 -16.81 -1.74
C LEU C 314 -21.79 -15.80 -0.59
N ARG C 315 -22.83 -15.78 0.27
CA ARG C 315 -22.90 -14.87 1.40
C ARG C 315 -21.85 -15.24 2.45
N ARG C 316 -21.72 -16.54 2.76
CA ARG C 316 -20.76 -17.02 3.75
C ARG C 316 -19.31 -16.73 3.34
N ALA C 317 -18.99 -16.91 2.07
CA ALA C 317 -17.63 -16.73 1.58
C ALA C 317 -17.29 -15.28 1.30
N ALA C 318 -18.28 -14.45 0.96
CA ALA C 318 -18.01 -13.03 0.68
C ALA C 318 -17.71 -12.35 2.01
N PRO C 319 -16.61 -11.59 2.09
CA PRO C 319 -16.27 -10.93 3.35
C PRO C 319 -17.21 -9.79 3.68
N LEU C 320 -17.18 -9.33 4.95
CA LEU C 320 -17.95 -8.17 5.39
C LEU C 320 -17.53 -6.96 4.56
N SER C 321 -18.45 -6.04 4.33
CA SER C 321 -18.14 -4.89 3.49
C SER C 321 -18.73 -3.63 4.01
N ARG C 322 -18.01 -2.54 3.91
CA ARG C 322 -18.52 -1.22 4.25
C ARG C 322 -18.83 -0.37 2.97
N ASP C 323 -18.83 -0.99 1.79
CA ASP C 323 -19.15 -0.32 0.54
C ASP C 323 -20.67 -0.36 0.41
N PRO C 324 -21.35 0.80 0.41
CA PRO C 324 -22.81 0.78 0.35
C PRO C 324 -23.37 0.08 -0.88
N THR C 325 -22.70 0.12 -2.06
CA THR C 325 -23.20 -0.59 -3.24
C THR C 325 -23.30 -2.11 -3.00
N GLU C 326 -22.25 -2.64 -2.35
CA GLU C 326 -22.16 -4.07 -2.00
CA GLU C 326 -22.16 -4.06 -1.99
C GLU C 326 -23.20 -4.41 -0.92
N VAL C 327 -23.35 -3.56 0.09
CA VAL C 327 -24.33 -3.79 1.16
C VAL C 327 -25.76 -3.76 0.62
N THR C 328 -26.07 -2.76 -0.25
CA THR C 328 -27.39 -2.62 -0.86
C THR C 328 -27.66 -3.82 -1.75
N ALA C 329 -26.66 -4.26 -2.52
CA ALA C 329 -26.84 -5.40 -3.44
C ALA C 329 -27.27 -6.67 -2.72
N ILE C 330 -26.63 -7.02 -1.60
CA ILE C 330 -27.00 -8.24 -0.89
C ILE C 330 -28.38 -8.12 -0.24
N GLY C 331 -28.71 -6.94 0.27
CA GLY C 331 -30.03 -6.67 0.84
C GLY C 331 -31.10 -6.79 -0.22
N ALA C 332 -30.85 -6.25 -1.44
CA ALA C 332 -31.79 -6.32 -2.56
C ALA C 332 -32.01 -7.73 -3.04
N VAL C 333 -30.93 -8.53 -3.09
CA VAL C 333 -31.04 -9.92 -3.56
C VAL C 333 -31.81 -10.75 -2.52
N GLU C 334 -31.57 -10.50 -1.24
CA GLU C 334 -32.30 -11.17 -0.16
CA GLU C 334 -32.30 -11.17 -0.16
C GLU C 334 -33.79 -10.83 -0.28
N ALA C 335 -34.10 -9.53 -0.49
CA ALA C 335 -35.48 -9.06 -0.63
C ALA C 335 -36.16 -9.69 -1.84
N ALA C 336 -35.45 -9.79 -2.98
CA ALA C 336 -36.02 -10.40 -4.16
C ALA C 336 -36.38 -11.88 -3.93
N PHE C 337 -35.51 -12.63 -3.23
CA PHE C 337 -35.80 -14.03 -2.91
C PHE C 337 -37.03 -14.15 -1.98
N LYS C 338 -37.14 -13.25 -1.00
CA LYS C 338 -38.26 -13.26 -0.04
C LYS C 338 -39.64 -13.14 -0.70
N CYS C 339 -39.76 -12.33 -1.76
CA CYS C 339 -41.05 -12.13 -2.41
C CYS C 339 -41.15 -12.72 -3.79
N CYS C 340 -40.15 -13.51 -4.26
CA CYS C 340 -40.14 -14.07 -5.63
C CYS C 340 -40.26 -12.93 -6.63
N ALA C 341 -39.51 -11.80 -6.40
CA ALA C 341 -39.62 -10.59 -7.21
C ALA C 341 -39.46 -10.89 -8.66
N ALA C 342 -40.32 -10.28 -9.47
CA ALA C 342 -40.27 -10.46 -10.90
C ALA C 342 -38.96 -9.87 -11.47
N ALA C 343 -38.40 -8.85 -10.81
CA ALA C 343 -37.16 -8.21 -11.26
C ALA C 343 -36.55 -7.32 -10.17
N ILE C 344 -35.26 -7.01 -10.33
CA ILE C 344 -34.55 -6.01 -9.58
C ILE C 344 -34.21 -4.96 -10.60
N ILE C 345 -34.75 -3.75 -10.49
CA ILE C 345 -34.44 -2.67 -11.42
C ILE C 345 -33.36 -1.82 -10.79
N VAL C 346 -32.24 -1.66 -11.47
CA VAL C 346 -31.12 -0.89 -10.93
C VAL C 346 -30.68 0.20 -11.89
N LEU C 347 -30.39 1.37 -11.35
CA LEU C 347 -29.86 2.49 -12.13
C LEU C 347 -28.34 2.38 -12.01
N THR C 348 -27.65 2.37 -13.15
CA THR C 348 -26.20 2.27 -13.17
C THR C 348 -25.61 3.03 -14.36
N THR C 349 -24.50 3.73 -14.14
CA THR C 349 -23.82 4.44 -15.21
C THR C 349 -22.63 3.62 -15.73
N THR C 350 -21.88 3.01 -14.81
CA THR C 350 -20.74 2.18 -15.17
C THR C 350 -21.11 0.70 -15.34
N GLY C 351 -22.22 0.27 -14.74
CA GLY C 351 -22.62 -1.14 -14.74
C GLY C 351 -22.30 -1.82 -13.41
N ARG C 352 -21.43 -1.21 -12.59
CA ARG C 352 -20.98 -1.79 -11.32
C ARG C 352 -22.11 -2.20 -10.36
N SER C 353 -23.12 -1.36 -10.17
CA SER C 353 -24.22 -1.71 -9.25
C SER C 353 -24.96 -2.98 -9.74
N ALA C 354 -25.09 -3.15 -11.07
CA ALA C 354 -25.72 -4.34 -11.64
C ALA C 354 -24.82 -5.56 -11.46
N GLN C 355 -23.50 -5.37 -11.63
CA GLN C 355 -22.53 -6.46 -11.45
C GLN C 355 -22.54 -6.99 -10.01
N LEU C 356 -22.65 -6.07 -9.03
CA LEU C 356 -22.69 -6.48 -7.61
C LEU C 356 -23.99 -7.20 -7.25
N LEU C 357 -25.10 -6.94 -7.98
CA LEU C 357 -26.34 -7.68 -7.76
C LEU C 357 -26.15 -9.08 -8.36
N SER C 358 -25.62 -9.15 -9.59
CA SER C 358 -25.40 -10.37 -10.33
C SER C 358 -24.50 -11.38 -9.57
N ARG C 359 -23.50 -10.89 -8.83
CA ARG C 359 -22.58 -11.76 -8.08
C ARG C 359 -23.30 -12.63 -7.02
N TYR C 360 -24.48 -12.20 -6.53
CA TYR C 360 -25.26 -12.97 -5.57
C TYR C 360 -26.25 -13.92 -6.21
N ARG C 361 -26.24 -13.99 -7.56
CA ARG C 361 -27.04 -14.87 -8.36
C ARG C 361 -28.52 -14.87 -8.00
N PRO C 362 -29.20 -13.71 -8.07
CA PRO C 362 -30.65 -13.72 -7.81
C PRO C 362 -31.37 -14.49 -8.91
N ARG C 363 -32.50 -15.08 -8.55
CA ARG C 363 -33.37 -15.69 -9.54
C ARG C 363 -34.07 -14.54 -10.33
N ALA C 364 -34.37 -13.40 -9.65
CA ALA C 364 -35.02 -12.27 -10.30
C ALA C 364 -34.07 -11.68 -11.33
N ALA C 365 -34.60 -11.35 -12.52
CA ALA C 365 -33.86 -10.69 -13.57
C ALA C 365 -33.38 -9.32 -13.07
N VAL C 366 -32.14 -8.91 -13.40
CA VAL C 366 -31.61 -7.62 -12.98
C VAL C 366 -31.75 -6.69 -14.19
N ILE C 367 -32.72 -5.77 -14.17
CA ILE C 367 -32.97 -4.86 -15.27
C ILE C 367 -32.13 -3.61 -15.01
N ALA C 368 -31.07 -3.41 -15.78
CA ALA C 368 -30.15 -2.29 -15.56
C ALA C 368 -30.46 -1.14 -16.50
N VAL C 369 -30.90 -0.01 -15.95
CA VAL C 369 -31.21 1.16 -16.74
C VAL C 369 -29.99 2.07 -16.70
N THR C 370 -29.46 2.37 -17.89
CA THR C 370 -28.27 3.18 -18.00
C THR C 370 -28.35 4.16 -19.18
N ARG C 371 -27.67 5.31 -19.05
CA ARG C 371 -27.51 6.25 -20.16
C ARG C 371 -26.25 5.93 -20.98
N SER C 372 -25.35 5.08 -20.45
CA SER C 372 -24.13 4.73 -21.15
C SER C 372 -24.36 3.56 -22.13
N ALA C 373 -24.24 3.80 -23.43
CA ALA C 373 -24.40 2.74 -24.43
C ALA C 373 -23.30 1.66 -24.23
N GLN C 374 -22.09 2.08 -23.85
CA GLN C 374 -21.00 1.13 -23.61
C GLN C 374 -21.32 0.24 -22.42
N ALA C 375 -21.80 0.83 -21.29
CA ALA C 375 -22.12 0.04 -20.11
C ALA C 375 -23.25 -0.94 -20.43
N ALA C 376 -24.24 -0.52 -21.24
CA ALA C 376 -25.35 -1.38 -21.63
C ALA C 376 -24.85 -2.62 -22.42
N ARG C 377 -23.84 -2.43 -23.28
CA ARG C 377 -23.29 -3.55 -24.03
C ARG C 377 -22.42 -4.43 -23.10
N GLN C 378 -21.57 -3.81 -22.24
CA GLN C 378 -20.65 -4.53 -21.37
C GLN C 378 -21.32 -5.35 -20.28
N VAL C 379 -22.49 -4.93 -19.78
CA VAL C 379 -23.14 -5.67 -18.69
C VAL C 379 -23.66 -7.03 -19.11
N HIS C 380 -23.68 -7.35 -20.42
CA HIS C 380 -24.00 -8.67 -20.93
C HIS C 380 -22.97 -9.69 -20.38
N LEU C 381 -21.78 -9.25 -19.92
CA LEU C 381 -20.79 -10.14 -19.33
C LEU C 381 -21.26 -10.73 -17.99
N CYS C 382 -22.22 -10.08 -17.30
CA CYS C 382 -22.70 -10.48 -15.98
C CYS C 382 -24.01 -11.23 -16.08
N ARG C 383 -24.04 -12.46 -15.56
CA ARG C 383 -25.27 -13.26 -15.63
C ARG C 383 -26.49 -12.56 -15.03
N GLY C 384 -27.58 -12.62 -15.77
CA GLY C 384 -28.86 -12.12 -15.30
C GLY C 384 -29.05 -10.63 -15.40
N VAL C 385 -28.14 -9.91 -16.09
CA VAL C 385 -28.30 -8.47 -16.26
C VAL C 385 -28.89 -8.17 -17.63
N PHE C 386 -30.05 -7.49 -17.67
CA PHE C 386 -30.78 -7.12 -18.88
C PHE C 386 -30.65 -5.62 -19.07
N PRO C 387 -29.77 -5.20 -19.98
CA PRO C 387 -29.53 -3.75 -20.13
C PRO C 387 -30.60 -3.01 -20.91
N LEU C 388 -31.02 -1.85 -20.41
CA LEU C 388 -31.95 -0.96 -21.09
C LEU C 388 -31.26 0.37 -21.28
N LEU C 389 -30.93 0.73 -22.53
CA LEU C 389 -30.26 2.01 -22.80
C LEU C 389 -31.33 3.14 -22.76
N TYR C 390 -31.10 4.17 -21.93
CA TYR C 390 -32.04 5.26 -21.73
C TYR C 390 -31.49 6.55 -22.36
N ARG C 391 -32.26 7.18 -23.23
CA ARG C 391 -31.77 8.34 -23.99
C ARG C 391 -32.54 9.64 -23.76
N GLU C 392 -33.48 9.69 -22.82
CA GLU C 392 -34.24 10.91 -22.56
C GLU C 392 -33.33 11.99 -22.03
N PRO C 393 -33.60 13.28 -22.33
CA PRO C 393 -32.76 14.34 -21.78
C PRO C 393 -32.93 14.46 -20.26
N PRO C 394 -31.84 14.87 -19.57
CA PRO C 394 -31.89 14.92 -18.09
C PRO C 394 -32.88 15.91 -17.54
N GLU C 395 -33.62 15.50 -16.51
CA GLU C 395 -34.56 16.37 -15.80
C GLU C 395 -33.76 17.28 -14.89
N ALA C 396 -34.23 18.54 -14.73
CA ALA C 396 -33.63 19.54 -13.84
C ALA C 396 -33.72 19.07 -12.39
N ILE C 397 -34.84 18.40 -12.00
CA ILE C 397 -34.95 17.89 -10.65
C ILE C 397 -34.45 16.45 -10.68
N TRP C 398 -33.33 16.18 -10.00
CA TRP C 398 -32.69 14.87 -10.06
C TRP C 398 -33.63 13.74 -9.63
N ALA C 399 -34.42 13.93 -8.55
CA ALA C 399 -35.39 12.94 -8.10
C ALA C 399 -36.41 12.60 -9.19
N ASP C 400 -36.80 13.58 -10.04
CA ASP C 400 -37.70 13.28 -11.15
C ASP C 400 -37.01 12.44 -12.23
N ASP C 401 -35.76 12.74 -12.52
CA ASP C 401 -34.97 11.99 -13.51
C ASP C 401 -34.80 10.54 -13.05
N VAL C 402 -34.66 10.31 -11.75
CA VAL C 402 -34.52 8.97 -11.20
C VAL C 402 -35.86 8.25 -11.38
N ASP C 403 -36.97 8.87 -10.98
CA ASP C 403 -38.30 8.27 -11.11
C ASP C 403 -38.64 7.93 -12.54
N ARG C 404 -38.30 8.79 -13.49
CA ARG C 404 -38.54 8.52 -14.91
C ARG C 404 -37.78 7.29 -15.37
N ARG C 405 -36.54 7.11 -14.90
CA ARG C 405 -35.76 5.92 -15.27
C ARG C 405 -36.27 4.67 -14.64
N VAL C 406 -36.75 4.76 -13.41
CA VAL C 406 -37.34 3.61 -12.74
C VAL C 406 -38.63 3.19 -13.47
N GLN C 407 -39.52 4.16 -13.80
CA GLN C 407 -40.73 3.84 -14.57
C GLN C 407 -40.41 3.34 -15.97
N PHE C 408 -39.31 3.83 -16.57
CA PHE C 408 -38.87 3.32 -17.87
C PHE C 408 -38.50 1.83 -17.76
N GLY C 409 -37.84 1.44 -16.66
CA GLY C 409 -37.51 0.04 -16.40
C GLY C 409 -38.77 -0.80 -16.23
N ILE C 410 -39.76 -0.28 -15.53
CA ILE C 410 -41.03 -0.99 -15.32
C ILE C 410 -41.83 -1.15 -16.62
N GLU C 411 -41.94 -0.08 -17.44
CA GLU C 411 -42.69 -0.13 -18.68
C GLU C 411 -42.03 -1.01 -19.72
N SER C 412 -40.68 -0.99 -19.78
CA SER C 412 -39.95 -1.91 -20.66
C SER C 412 -40.17 -3.35 -20.17
N GLY C 413 -40.14 -3.56 -18.84
CA GLY C 413 -40.36 -4.86 -18.22
C GLY C 413 -41.74 -5.41 -18.55
N LYS C 414 -42.76 -4.54 -18.49
CA LYS C 414 -44.15 -4.89 -18.88
C LYS C 414 -44.21 -5.27 -20.36
N LEU C 415 -43.60 -4.47 -21.22
CA LEU C 415 -43.60 -4.69 -22.66
C LEU C 415 -42.89 -5.97 -23.07
N ARG C 416 -41.84 -6.36 -22.33
CA ARG C 416 -41.07 -7.54 -22.64
C ARG C 416 -41.55 -8.84 -22.00
N GLY C 417 -42.52 -8.77 -21.11
CA GLY C 417 -43.02 -9.97 -20.44
C GLY C 417 -42.42 -10.24 -19.07
N PHE C 418 -41.44 -9.44 -18.63
CA PHE C 418 -40.82 -9.62 -17.30
C PHE C 418 -41.84 -9.31 -16.17
N LEU C 419 -42.70 -8.29 -16.37
CA LEU C 419 -43.55 -7.76 -15.31
C LEU C 419 -44.99 -7.57 -15.69
N ARG C 420 -45.87 -7.67 -14.69
CA ARG C 420 -47.30 -7.41 -14.82
C ARG C 420 -47.75 -6.58 -13.63
N VAL C 421 -48.89 -5.92 -13.75
CA VAL C 421 -49.49 -5.15 -12.67
C VAL C 421 -49.79 -6.10 -11.49
N GLY C 422 -49.45 -5.67 -10.28
CA GLY C 422 -49.60 -6.52 -9.11
C GLY C 422 -48.29 -7.22 -8.71
N ASP C 423 -47.33 -7.32 -9.63
CA ASP C 423 -46.03 -7.93 -9.29
C ASP C 423 -45.25 -7.08 -8.31
N LEU C 424 -44.29 -7.68 -7.63
CA LEU C 424 -43.37 -6.97 -6.77
C LEU C 424 -42.01 -6.93 -7.47
N VAL C 425 -41.37 -5.75 -7.43
CA VAL C 425 -40.03 -5.51 -7.96
C VAL C 425 -39.20 -4.85 -6.88
N ILE C 426 -37.89 -5.10 -6.91
CA ILE C 426 -36.95 -4.44 -6.02
C ILE C 426 -36.29 -3.34 -6.84
N VAL C 427 -36.10 -2.17 -6.28
CA VAL C 427 -35.51 -1.04 -7.02
C VAL C 427 -34.30 -0.58 -6.30
N VAL C 428 -33.18 -0.53 -7.02
CA VAL C 428 -31.91 -0.13 -6.47
C VAL C 428 -31.41 1.18 -7.08
N THR C 429 -31.24 2.19 -6.24
CA THR C 429 -30.73 3.49 -6.64
C THR C 429 -29.69 3.99 -5.57
N GLY C 430 -29.18 5.20 -5.75
CA GLY C 430 -28.32 5.88 -4.78
C GLY C 430 -28.98 7.17 -4.32
N TRP C 431 -28.35 7.84 -3.36
CA TRP C 431 -28.88 9.06 -2.74
C TRP C 431 -28.56 10.36 -3.45
N ARG C 432 -27.60 10.33 -4.37
CA ARG C 432 -27.17 11.51 -5.12
C ARG C 432 -26.69 11.08 -6.53
N PRO C 433 -26.64 12.00 -7.50
CA PRO C 433 -26.20 11.59 -8.85
C PRO C 433 -24.70 11.29 -8.95
N GLY C 434 -24.35 10.55 -9.98
CA GLY C 434 -22.99 10.14 -10.24
C GLY C 434 -22.77 8.70 -9.82
N SER C 435 -21.84 8.06 -10.48
CA SER C 435 -21.46 6.71 -10.20
C SER C 435 -20.83 6.61 -8.79
N GLY C 436 -20.98 5.45 -8.17
CA GLY C 436 -20.39 5.11 -6.89
C GLY C 436 -21.18 5.40 -5.62
N TYR C 437 -22.42 5.89 -5.72
CA TYR C 437 -23.22 6.20 -4.52
C TYR C 437 -24.43 5.30 -4.27
N THR C 438 -24.54 4.14 -4.91
CA THR C 438 -25.69 3.24 -4.68
C THR C 438 -25.81 2.90 -3.18
N ASN C 439 -26.96 3.19 -2.57
CA ASN C 439 -27.16 2.92 -1.16
C ASN C 439 -28.65 2.73 -0.80
N ILE C 440 -29.55 2.53 -1.79
CA ILE C 440 -30.97 2.43 -1.55
C ILE C 440 -31.60 1.25 -2.22
N MET C 441 -32.44 0.56 -1.47
CA MET C 441 -33.22 -0.55 -1.96
C MET C 441 -34.68 -0.27 -1.57
N ARG C 442 -35.57 -0.35 -2.53
CA ARG C 442 -36.99 -0.15 -2.31
C ARG C 442 -37.79 -1.34 -2.85
N VAL C 443 -38.95 -1.60 -2.27
CA VAL C 443 -39.91 -2.64 -2.71
C VAL C 443 -41.09 -1.81 -3.29
N LEU C 444 -41.44 -1.90 -4.60
CA LEU C 444 -42.42 -0.97 -5.18
CA LEU C 444 -42.42 -0.94 -5.16
C LEU C 444 -43.93 -1.34 -5.32
N SER C 445 -44.21 -2.49 -5.91
CA SER C 445 -45.51 -3.02 -6.33
CA SER C 445 -45.53 -3.01 -6.33
C SER C 445 -45.92 -2.36 -7.65
N ILE C 446 -45.93 -3.14 -8.74
CA ILE C 446 -46.21 -2.64 -10.07
C ILE C 446 -47.65 -2.18 -10.29
N SER C 447 -47.83 -0.93 -10.72
CA SER C 447 -49.15 -0.39 -11.04
C SER C 447 -49.26 -0.06 -12.56
N GLY D 23 -10.76 -1.97 12.99
CA GLY D 23 -9.68 -2.30 13.92
C GLY D 23 -9.77 -3.70 14.47
N THR D 24 -8.65 -4.19 15.00
CA THR D 24 -8.59 -5.53 15.58
C THR D 24 -9.39 -5.63 16.88
N ALA D 25 -9.41 -4.55 17.67
CA ALA D 25 -10.14 -4.54 18.93
C ALA D 25 -11.63 -4.76 18.74
N PHE D 26 -12.20 -4.21 17.64
CA PHE D 26 -13.61 -4.35 17.29
C PHE D 26 -13.99 -5.84 17.19
N PHE D 27 -13.15 -6.63 16.50
CA PHE D 27 -13.40 -8.04 16.27
C PHE D 27 -13.08 -8.97 17.47
N GLN D 28 -12.58 -8.41 18.57
CA GLN D 28 -12.34 -9.19 19.79
C GLN D 28 -13.54 -9.05 20.78
N GLN D 29 -14.30 -7.95 20.67
CA GLN D 29 -15.44 -7.65 21.53
C GLN D 29 -16.71 -8.39 21.07
N GLN D 30 -17.78 -8.28 21.90
CA GLN D 30 -19.12 -8.81 21.69
C GLN D 30 -19.15 -10.25 21.12
N GLN D 31 -18.23 -11.10 21.62
CA GLN D 31 -18.10 -12.50 21.22
C GLN D 31 -18.00 -12.69 19.71
N LEU D 32 -17.40 -11.72 18.99
CA LEU D 32 -17.25 -11.83 17.53
C LEU D 32 -16.38 -13.03 17.12
N PRO D 33 -15.31 -13.45 17.83
CA PRO D 33 -14.62 -14.71 17.46
C PRO D 33 -15.58 -15.91 17.50
N ALA D 34 -16.42 -16.03 18.55
CA ALA D 34 -17.40 -17.12 18.63
C ALA D 34 -18.49 -16.98 17.54
N ALA D 35 -18.79 -15.74 17.12
CA ALA D 35 -19.79 -15.47 16.09
C ALA D 35 -19.35 -15.97 14.71
N MET D 36 -18.05 -15.98 14.45
CA MET D 36 -17.52 -16.43 13.15
C MET D 36 -17.34 -17.95 13.04
N ALA D 37 -17.63 -18.71 14.11
CA ALA D 37 -17.42 -20.15 14.09
C ALA D 37 -18.29 -20.86 13.08
N ASP D 38 -17.77 -21.96 12.52
CA ASP D 38 -18.47 -22.74 11.50
C ASP D 38 -19.46 -23.77 12.07
N THR D 39 -19.37 -24.08 13.37
CA THR D 39 -20.31 -24.98 14.02
C THR D 39 -20.76 -24.36 15.37
N PHE D 40 -21.91 -24.80 15.87
CA PHE D 40 -22.39 -24.36 17.19
C PHE D 40 -21.43 -24.84 18.28
N LEU D 41 -20.86 -26.04 18.14
CA LEU D 41 -19.90 -26.56 19.11
C LEU D 41 -18.66 -25.68 19.17
N GLU D 42 -18.10 -25.29 18.02
CA GLU D 42 -16.93 -24.44 18.00
C GLU D 42 -17.27 -23.02 18.50
N HIS D 43 -18.53 -22.56 18.27
CA HIS D 43 -19.03 -21.27 18.75
C HIS D 43 -18.95 -21.28 20.29
N LEU D 44 -19.40 -22.37 20.93
CA LEU D 44 -19.33 -22.50 22.39
C LEU D 44 -17.90 -22.49 22.86
N CYS D 45 -17.02 -23.26 22.20
CA CYS D 45 -15.59 -23.34 22.55
C CYS D 45 -14.91 -21.98 22.48
N LEU D 46 -15.40 -21.05 21.65
CA LEU D 46 -14.78 -19.74 21.47
C LEU D 46 -15.37 -18.63 22.34
N LEU D 47 -16.37 -18.94 23.20
CA LEU D 47 -16.94 -17.94 24.10
C LEU D 47 -15.84 -17.49 25.07
N ASP D 48 -15.72 -16.19 25.25
CA ASP D 48 -14.62 -15.63 26.02
C ASP D 48 -15.14 -14.68 27.09
N ILE D 49 -14.86 -14.97 28.34
CA ILE D 49 -15.28 -14.10 29.45
C ILE D 49 -14.60 -12.71 29.39
N ASP D 50 -13.50 -12.56 28.65
CA ASP D 50 -12.83 -11.27 28.49
C ASP D 50 -13.36 -10.50 27.27
N SER D 51 -14.26 -11.08 26.45
CA SER D 51 -14.81 -10.41 25.28
C SER D 51 -16.00 -9.60 25.79
N GLU D 52 -15.82 -8.28 25.94
CA GLU D 52 -16.84 -7.43 26.54
C GLU D 52 -18.00 -7.08 25.61
N PRO D 53 -19.22 -7.06 26.16
CA PRO D 53 -20.37 -6.69 25.35
C PRO D 53 -20.32 -5.20 25.00
N VAL D 54 -20.70 -4.86 23.77
CA VAL D 54 -20.66 -3.48 23.29
C VAL D 54 -22.07 -2.99 22.98
N ALA D 55 -22.88 -3.86 22.36
CA ALA D 55 -24.23 -3.51 21.98
C ALA D 55 -25.09 -3.18 23.20
N ALA D 56 -26.10 -2.34 22.98
CA ALA D 56 -27.06 -2.03 24.01
C ALA D 56 -27.87 -3.32 24.31
N ARG D 57 -28.29 -3.49 25.55
CA ARG D 57 -29.05 -4.64 25.99
C ARG D 57 -30.39 -4.67 25.29
N SER D 58 -30.68 -5.75 24.58
CA SER D 58 -31.85 -5.84 23.72
C SER D 58 -33.05 -6.60 24.31
N THR D 59 -32.87 -7.48 25.29
CA THR D 59 -34.01 -8.18 25.91
C THR D 59 -34.65 -7.26 26.94
N SER D 60 -35.96 -6.91 26.79
CA SER D 60 -36.63 -6.01 27.73
CA SER D 60 -36.65 -6.03 27.71
C SER D 60 -36.83 -6.63 29.09
N ILE D 61 -36.82 -5.79 30.11
CA ILE D 61 -37.04 -6.22 31.47
C ILE D 61 -38.40 -5.75 31.94
N ILE D 62 -39.23 -6.69 32.39
CA ILE D 62 -40.51 -6.37 32.98
C ILE D 62 -40.34 -6.44 34.51
N ALA D 63 -40.61 -5.34 35.23
CA ALA D 63 -40.54 -5.34 36.70
C ALA D 63 -41.96 -5.24 37.25
N THR D 64 -42.33 -6.15 38.14
CA THR D 64 -43.63 -6.12 38.78
C THR D 64 -43.60 -5.03 39.88
N ILE D 65 -44.60 -4.12 39.88
CA ILE D 65 -44.69 -3.03 40.83
C ILE D 65 -45.37 -3.50 42.10
N GLY D 66 -44.85 -3.07 43.23
CA GLY D 66 -45.41 -3.39 44.52
C GLY D 66 -44.87 -2.42 45.56
N PRO D 67 -45.08 -2.77 46.84
CA PRO D 67 -44.56 -1.91 47.93
C PRO D 67 -43.06 -1.57 47.85
N ALA D 68 -42.23 -2.46 47.28
CA ALA D 68 -40.80 -2.22 47.14
C ALA D 68 -40.40 -1.30 45.98
N SER D 69 -41.33 -1.07 45.06
CA SER D 69 -41.02 -0.37 43.83
C SER D 69 -42.10 0.63 43.43
N ARG D 70 -42.80 1.20 44.41
CA ARG D 70 -43.90 2.11 44.13
C ARG D 70 -43.55 3.55 44.32
N SER D 71 -42.57 3.85 45.17
CA SER D 71 -42.12 5.22 45.39
C SER D 71 -41.67 5.85 44.05
N VAL D 72 -42.09 7.10 43.76
CA VAL D 72 -41.73 7.80 42.53
C VAL D 72 -40.21 7.86 42.34
N GLU D 73 -39.50 8.11 43.45
CA GLU D 73 -38.04 8.19 43.46
CA GLU D 73 -38.05 8.21 43.47
C GLU D 73 -37.37 6.85 43.24
N ARG D 74 -37.97 5.78 43.77
CA ARG D 74 -37.42 4.44 43.57
C ARG D 74 -37.67 4.05 42.07
N LEU D 75 -38.83 4.43 41.52
CA LEU D 75 -39.17 4.15 40.12
C LEU D 75 -38.18 4.83 39.15
N LYS D 76 -37.70 6.01 39.49
CA LYS D 76 -36.69 6.71 38.69
C LYS D 76 -35.40 5.90 38.67
N GLU D 77 -35.01 5.31 39.81
CA GLU D 77 -33.82 4.47 39.85
C GLU D 77 -34.00 3.18 39.04
N MET D 78 -35.22 2.62 39.03
CA MET D 78 -35.50 1.40 38.27
CA MET D 78 -35.50 1.40 38.27
C MET D 78 -35.50 1.67 36.77
N ILE D 79 -35.93 2.85 36.35
CA ILE D 79 -35.92 3.23 34.94
C ILE D 79 -34.49 3.37 34.49
N LYS D 80 -33.64 4.03 35.30
CA LYS D 80 -32.22 4.18 34.99
C LYS D 80 -31.48 2.83 34.99
N ALA D 81 -31.90 1.88 35.86
CA ALA D 81 -31.30 0.54 35.91
C ALA D 81 -31.67 -0.34 34.70
N GLY D 82 -32.75 0.01 34.02
CA GLY D 82 -33.15 -0.73 32.82
C GLY D 82 -34.56 -1.28 32.75
N MET D 83 -35.46 -0.94 33.68
CA MET D 83 -36.84 -1.41 33.61
C MET D 83 -37.52 -0.81 32.37
N ASN D 84 -38.11 -1.66 31.53
CA ASN D 84 -38.78 -1.20 30.33
C ASN D 84 -40.28 -1.29 30.42
N ILE D 85 -40.80 -2.28 31.15
CA ILE D 85 -42.22 -2.52 31.30
C ILE D 85 -42.55 -2.65 32.79
N ALA D 86 -43.57 -1.95 33.26
CA ALA D 86 -44.01 -2.05 34.64
C ALA D 86 -45.25 -2.93 34.66
N ARG D 87 -45.20 -4.05 35.37
CA ARG D 87 -46.31 -5.00 35.45
C ARG D 87 -47.15 -4.72 36.70
N LEU D 88 -48.48 -4.61 36.51
CA LEU D 88 -49.39 -4.38 37.63
C LEU D 88 -50.11 -5.69 37.85
N ASN D 89 -49.88 -6.36 39.00
CA ASN D 89 -50.49 -7.67 39.23
C ASN D 89 -51.83 -7.50 39.91
N PHE D 90 -52.90 -7.63 39.13
CA PHE D 90 -54.27 -7.43 39.61
C PHE D 90 -54.78 -8.57 40.50
N SER D 91 -53.95 -9.59 40.77
CA SER D 91 -54.28 -10.58 41.77
C SER D 91 -54.13 -9.94 43.19
N HIS D 92 -53.45 -8.75 43.32
CA HIS D 92 -53.24 -8.06 44.60
C HIS D 92 -53.63 -6.58 44.55
N GLY D 93 -54.45 -6.14 45.48
CA GLY D 93 -54.80 -4.72 45.59
C GLY D 93 -56.06 -4.33 44.84
N SER D 94 -56.61 -3.20 45.20
CA SER D 94 -57.85 -2.65 44.64
C SER D 94 -57.55 -1.78 43.41
N HIS D 95 -58.62 -1.28 42.74
CA HIS D 95 -58.47 -0.38 41.60
C HIS D 95 -57.75 0.91 42.05
N GLU D 96 -58.03 1.39 43.27
CA GLU D 96 -57.39 2.58 43.84
C GLU D 96 -55.90 2.38 44.00
N TYR D 97 -55.49 1.18 44.39
CA TYR D 97 -54.06 0.86 44.51
C TYR D 97 -53.39 0.92 43.12
N HIS D 98 -53.95 0.23 42.13
CA HIS D 98 -53.34 0.21 40.79
C HIS D 98 -53.38 1.54 40.11
N ALA D 99 -54.37 2.39 40.38
CA ALA D 99 -54.41 3.75 39.80
C ALA D 99 -53.25 4.57 40.35
N GLU D 100 -52.94 4.41 41.66
CA GLU D 100 -51.80 5.11 42.26
C GLU D 100 -50.50 4.62 41.69
N SER D 101 -50.36 3.30 41.46
CA SER D 101 -49.17 2.70 40.83
C SER D 101 -48.95 3.32 39.45
N ILE D 102 -50.03 3.41 38.66
CA ILE D 102 -49.96 3.99 37.30
C ILE D 102 -49.50 5.43 37.37
N ALA D 103 -50.09 6.22 38.29
CA ALA D 103 -49.72 7.63 38.43
C ALA D 103 -48.28 7.79 38.81
N ASN D 104 -47.77 6.94 39.72
CA ASN D 104 -46.38 7.01 40.17
C ASN D 104 -45.41 6.62 39.07
N VAL D 105 -45.75 5.58 38.31
CA VAL D 105 -44.91 5.16 37.18
C VAL D 105 -44.83 6.31 36.17
N ARG D 106 -45.99 6.87 35.78
CA ARG D 106 -46.02 7.95 34.81
C ARG D 106 -45.27 9.17 35.30
N GLU D 107 -45.35 9.48 36.61
CA GLU D 107 -44.61 10.63 37.15
C GLU D 107 -43.11 10.40 37.03
N ALA D 108 -42.64 9.20 37.42
CA ALA D 108 -41.21 8.89 37.31
C ALA D 108 -40.74 8.91 35.86
N VAL D 109 -41.52 8.34 34.96
CA VAL D 109 -41.18 8.31 33.52
C VAL D 109 -41.11 9.72 32.93
N GLU D 110 -42.14 10.54 33.19
CA GLU D 110 -42.19 11.91 32.67
C GLU D 110 -41.22 12.87 33.31
N SER D 111 -40.57 12.48 34.43
CA SER D 111 -39.55 13.34 35.03
C SER D 111 -38.31 13.47 34.14
N PHE D 112 -38.14 12.57 33.16
CA PHE D 112 -37.01 12.60 32.23
C PHE D 112 -37.40 13.19 30.86
N ALA D 113 -38.66 13.62 30.66
CA ALA D 113 -39.14 14.16 29.39
C ALA D 113 -38.51 15.50 28.98
N GLY D 114 -37.87 16.20 29.93
CA GLY D 114 -37.22 17.47 29.66
C GLY D 114 -35.98 17.36 28.79
N SER D 115 -35.41 16.13 28.67
CA SER D 115 -34.27 15.83 27.81
C SER D 115 -34.76 14.79 26.79
N PRO D 116 -35.34 15.24 25.67
CA PRO D 116 -35.91 14.30 24.70
C PRO D 116 -34.94 13.31 24.07
N LEU D 117 -33.65 13.65 23.94
CA LEU D 117 -32.67 12.72 23.34
C LEU D 117 -32.34 11.52 24.24
N SER D 118 -32.71 11.59 25.54
CA SER D 118 -32.41 10.52 26.49
CA SER D 118 -32.41 10.50 26.47
C SER D 118 -33.66 9.89 27.11
N TYR D 119 -34.84 10.49 26.90
CA TYR D 119 -36.11 10.00 27.44
C TYR D 119 -36.38 8.52 27.10
N ARG D 120 -36.71 7.74 28.13
CA ARG D 120 -37.02 6.35 27.94
C ARG D 120 -38.47 6.06 28.22
N PRO D 121 -39.24 5.66 27.19
CA PRO D 121 -40.61 5.23 27.42
C PRO D 121 -40.67 3.97 28.28
N VAL D 122 -41.74 3.82 29.07
CA VAL D 122 -41.90 2.62 29.89
C VAL D 122 -43.34 2.16 29.73
N ALA D 123 -43.56 0.90 29.33
CA ALA D 123 -44.92 0.39 29.15
C ALA D 123 -45.57 0.06 30.48
N ILE D 124 -46.88 0.02 30.52
CA ILE D 124 -47.65 -0.40 31.67
C ILE D 124 -48.51 -1.56 31.23
N ALA D 125 -48.31 -2.71 31.86
CA ALA D 125 -49.03 -3.93 31.60
C ALA D 125 -49.93 -4.28 32.76
N LEU D 126 -51.12 -4.77 32.46
CA LEU D 126 -52.07 -5.16 33.50
C LEU D 126 -52.08 -6.66 33.47
N ASP D 127 -51.77 -7.31 34.59
CA ASP D 127 -51.74 -8.75 34.66
C ASP D 127 -53.01 -9.21 35.39
N THR D 128 -53.92 -9.86 34.67
CA THR D 128 -55.22 -10.21 35.24
C THR D 128 -55.18 -11.25 36.35
N LYS D 129 -56.17 -11.18 37.23
CA LYS D 129 -56.35 -12.13 38.32
C LYS D 129 -56.58 -13.53 37.76
N GLY D 130 -57.38 -13.63 36.70
CA GLY D 130 -57.62 -14.92 36.06
C GLY D 130 -59.00 -15.51 36.26
N PRO D 131 -59.23 -16.68 35.64
CA PRO D 131 -60.56 -17.31 35.67
C PRO D 131 -60.93 -18.06 36.93
N GLY D 132 -59.94 -18.38 37.75
CA GLY D 132 -60.12 -19.16 38.98
C GLY D 132 -60.70 -20.53 38.68
N SER D 133 -61.82 -20.83 39.33
CA SER D 133 -62.51 -22.13 39.11
C SER D 133 -63.46 -22.03 37.92
N GLY D 134 -63.63 -20.83 37.36
CA GLY D 134 -64.59 -20.64 36.26
C GLY D 134 -64.10 -21.17 34.93
N PRO D 135 -65.00 -21.29 33.93
CA PRO D 135 -64.65 -21.79 32.60
C PRO D 135 -63.94 -20.78 31.70
N GLY D 136 -64.15 -19.49 31.93
CA GLY D 136 -63.59 -18.46 31.03
C GLY D 136 -63.45 -17.12 31.70
N LEU D 137 -63.93 -16.05 31.06
CA LEU D 137 -63.66 -14.74 31.62
C LEU D 137 -64.50 -14.43 32.86
N SER D 138 -63.82 -14.20 33.99
CA SER D 138 -64.48 -13.89 35.24
C SER D 138 -65.06 -12.47 35.25
N GLU D 139 -65.99 -12.20 36.17
CA GLU D 139 -66.58 -10.86 36.27
C GLU D 139 -65.59 -9.85 36.84
N GLN D 140 -64.68 -10.29 37.73
CA GLN D 140 -63.65 -9.40 38.25
C GLN D 140 -62.69 -8.99 37.11
N ASP D 141 -62.34 -9.94 36.22
CA ASP D 141 -61.48 -9.64 35.08
C ASP D 141 -62.16 -8.64 34.15
N VAL D 142 -63.48 -8.76 33.91
CA VAL D 142 -64.22 -7.79 33.09
C VAL D 142 -64.08 -6.37 33.67
N ARG D 143 -64.21 -6.24 35.00
CA ARG D 143 -64.07 -4.93 35.65
C ARG D 143 -62.64 -4.40 35.58
N ASP D 144 -61.65 -5.30 35.79
CA ASP D 144 -60.23 -4.93 35.75
C ASP D 144 -59.81 -4.50 34.35
N LEU D 145 -60.31 -5.20 33.33
CA LEU D 145 -60.00 -4.88 31.95
C LEU D 145 -60.58 -3.53 31.57
N ARG D 146 -61.80 -3.22 32.06
CA ARG D 146 -62.37 -1.90 31.76
CA ARG D 146 -62.41 -1.91 31.81
C ARG D 146 -61.57 -0.82 32.48
N PHE D 147 -61.06 -1.11 33.71
CA PHE D 147 -60.19 -0.18 34.44
C PHE D 147 -58.92 0.08 33.60
N GLY D 148 -58.36 -0.97 33.02
CA GLY D 148 -57.16 -0.86 32.19
C GLY D 148 -57.36 0.05 31.00
N VAL D 149 -58.48 -0.09 30.30
CA VAL D 149 -58.80 0.78 29.16
C VAL D 149 -58.96 2.22 29.63
N GLU D 150 -59.71 2.43 30.72
CA GLU D 150 -59.93 3.78 31.26
C GLU D 150 -58.64 4.46 31.71
N HIS D 151 -57.67 3.68 32.18
CA HIS D 151 -56.38 4.25 32.62
C HIS D 151 -55.28 4.19 31.57
N GLY D 152 -55.61 3.81 30.34
CA GLY D 152 -54.67 3.75 29.21
C GLY D 152 -53.50 2.78 29.33
N VAL D 153 -53.73 1.55 29.83
CA VAL D 153 -52.64 0.57 29.91
C VAL D 153 -52.26 0.16 28.47
N ASP D 154 -51.01 -0.28 28.29
CA ASP D 154 -50.48 -0.64 26.97
C ASP D 154 -50.64 -2.10 26.63
N ILE D 155 -50.57 -2.95 27.65
CA ILE D 155 -50.54 -4.39 27.46
C ILE D 155 -51.41 -5.07 28.51
N VAL D 156 -51.98 -6.22 28.15
CA VAL D 156 -52.67 -7.06 29.09
C VAL D 156 -51.92 -8.40 29.12
N PHE D 157 -51.52 -8.86 30.30
CA PHE D 157 -50.95 -10.19 30.46
C PHE D 157 -52.15 -10.99 30.95
N ALA D 158 -52.80 -11.75 30.05
CA ALA D 158 -54.03 -12.47 30.41
C ALA D 158 -53.73 -13.80 31.06
N SER D 159 -54.10 -13.94 32.32
CA SER D 159 -53.85 -15.15 33.11
C SER D 159 -54.68 -16.37 32.69
N PHE D 160 -54.04 -17.55 32.75
CA PHE D 160 -54.62 -18.84 32.45
C PHE D 160 -55.37 -18.92 31.12
N VAL D 161 -54.72 -18.53 30.04
CA VAL D 161 -55.34 -18.63 28.71
C VAL D 161 -55.26 -20.10 28.32
N ARG D 162 -56.42 -20.73 28.05
CA ARG D 162 -56.50 -22.15 27.71
C ARG D 162 -56.93 -22.45 26.29
N LYS D 163 -57.48 -21.47 25.58
CA LYS D 163 -57.99 -21.65 24.22
C LYS D 163 -58.18 -20.30 23.56
N ALA D 164 -58.36 -20.28 22.23
CA ALA D 164 -58.55 -19.05 21.46
C ALA D 164 -59.73 -18.21 21.95
N SER D 165 -60.84 -18.86 22.39
CA SER D 165 -62.01 -18.10 22.86
C SER D 165 -61.74 -17.31 24.15
N ASP D 166 -60.73 -17.71 24.94
CA ASP D 166 -60.33 -16.95 26.12
C ASP D 166 -59.76 -15.61 25.68
N VAL D 167 -58.98 -15.57 24.57
CA VAL D 167 -58.39 -14.36 24.02
C VAL D 167 -59.48 -13.46 23.45
N ALA D 168 -60.45 -14.04 22.73
CA ALA D 168 -61.56 -13.29 22.15
C ALA D 168 -62.38 -12.61 23.26
N ALA D 169 -62.57 -13.30 24.38
CA ALA D 169 -63.31 -12.73 25.53
C ALA D 169 -62.57 -11.55 26.13
N VAL D 170 -61.22 -11.62 26.22
CA VAL D 170 -60.40 -10.52 26.73
C VAL D 170 -60.51 -9.34 25.77
N ARG D 171 -60.41 -9.61 24.46
CA ARG D 171 -60.51 -8.59 23.43
C ARG D 171 -61.89 -7.89 23.49
N ALA D 172 -62.98 -8.65 23.67
CA ALA D 172 -64.33 -8.08 23.77
C ALA D 172 -64.46 -7.23 25.02
N ALA D 173 -63.87 -7.66 26.17
CA ALA D 173 -63.93 -6.90 27.42
C ALA D 173 -63.16 -5.59 27.37
N LEU D 174 -62.18 -5.46 26.47
CA LEU D 174 -61.46 -4.21 26.30
C LEU D 174 -62.30 -3.16 25.53
N GLY D 175 -63.35 -3.60 24.83
CA GLY D 175 -64.28 -2.74 24.11
C GLY D 175 -63.70 -2.11 22.86
N PRO D 176 -64.46 -1.17 22.29
CA PRO D 176 -63.97 -0.48 21.08
C PRO D 176 -62.85 0.52 21.38
N GLU D 177 -62.74 1.01 22.63
CA GLU D 177 -61.69 1.95 23.00
C GLU D 177 -60.32 1.31 23.29
N GLY D 178 -60.29 -0.01 23.47
CA GLY D 178 -59.05 -0.69 23.77
C GLY D 178 -58.50 -1.56 22.66
N HIS D 179 -58.82 -1.24 21.39
CA HIS D 179 -58.36 -2.02 20.24
CA HIS D 179 -58.36 -2.01 20.23
C HIS D 179 -56.84 -2.01 20.08
N GLY D 180 -56.19 -0.93 20.52
CA GLY D 180 -54.74 -0.79 20.42
C GLY D 180 -53.97 -1.51 21.50
N ILE D 181 -54.63 -2.04 22.54
CA ILE D 181 -53.94 -2.73 23.65
C ILE D 181 -53.44 -4.12 23.21
N LYS D 182 -52.17 -4.42 23.49
CA LYS D 182 -51.61 -5.72 23.14
C LYS D 182 -52.05 -6.78 24.13
N ILE D 183 -52.47 -7.95 23.63
CA ILE D 183 -52.85 -9.04 24.50
C ILE D 183 -51.75 -10.11 24.48
N ILE D 184 -51.12 -10.33 25.62
CA ILE D 184 -50.08 -11.35 25.77
C ILE D 184 -50.73 -12.45 26.58
N SER D 185 -50.95 -13.63 25.96
CA SER D 185 -51.59 -14.73 26.65
C SER D 185 -50.60 -15.46 27.55
N LYS D 186 -50.95 -15.63 28.82
CA LYS D 186 -50.11 -16.38 29.74
C LYS D 186 -50.46 -17.86 29.65
N ILE D 187 -49.45 -18.70 29.40
CA ILE D 187 -49.64 -20.13 29.32
C ILE D 187 -49.22 -20.67 30.65
N GLU D 188 -50.20 -21.21 31.40
CA GLU D 188 -49.97 -21.62 32.78
C GLU D 188 -50.38 -23.02 33.12
N ASN D 189 -50.91 -23.78 32.16
CA ASN D 189 -51.35 -25.15 32.45
C ASN D 189 -51.22 -26.05 31.22
N HIS D 190 -51.52 -27.34 31.39
CA HIS D 190 -51.41 -28.33 30.32
C HIS D 190 -52.26 -27.97 29.11
N GLU D 191 -53.51 -27.55 29.31
CA GLU D 191 -54.38 -27.20 28.19
C GLU D 191 -53.84 -26.05 27.35
N GLY D 192 -53.33 -25.01 28.01
CA GLY D 192 -52.71 -23.89 27.29
C GLY D 192 -51.53 -24.32 26.43
N VAL D 193 -50.70 -25.27 26.94
CA VAL D 193 -49.56 -25.79 26.17
C VAL D 193 -50.07 -26.61 24.98
N LYS D 194 -51.08 -27.49 25.21
CA LYS D 194 -51.64 -28.31 24.13
C LYS D 194 -52.36 -27.51 23.06
N ARG D 195 -53.05 -26.44 23.46
CA ARG D 195 -53.73 -25.57 22.49
C ARG D 195 -52.91 -24.33 22.14
N PHE D 196 -51.57 -24.38 22.34
CA PHE D 196 -50.67 -23.27 22.08
C PHE D 196 -50.85 -22.64 20.70
N ASP D 197 -50.85 -23.45 19.63
CA ASP D 197 -50.95 -22.90 18.27
C ASP D 197 -52.18 -22.02 18.03
N GLU D 198 -53.36 -22.47 18.51
CA GLU D 198 -54.58 -21.69 18.32
C GLU D 198 -54.56 -20.41 19.19
N ILE D 199 -53.90 -20.47 20.37
CA ILE D 199 -53.80 -19.31 21.25
C ILE D 199 -52.85 -18.27 20.63
N LEU D 200 -51.66 -18.71 20.17
CA LEU D 200 -50.69 -17.80 19.58
C LEU D 200 -51.26 -17.07 18.35
N GLU D 201 -52.03 -17.80 17.52
CA GLU D 201 -52.62 -17.25 16.31
C GLU D 201 -53.45 -16.00 16.56
N VAL D 202 -54.23 -15.99 17.65
CA VAL D 202 -55.10 -14.84 17.97
C VAL D 202 -54.51 -13.88 19.01
N SER D 203 -53.33 -14.18 19.58
CA SER D 203 -52.71 -13.32 20.57
C SER D 203 -51.64 -12.42 19.95
N ASP D 204 -51.30 -11.33 20.62
CA ASP D 204 -50.18 -10.51 20.18
C ASP D 204 -48.83 -11.12 20.58
N GLY D 205 -48.84 -11.99 21.59
CA GLY D 205 -47.65 -12.65 22.12
C GLY D 205 -48.00 -13.59 23.25
N ILE D 206 -46.96 -14.14 23.90
CA ILE D 206 -47.14 -15.15 24.93
C ILE D 206 -46.25 -14.88 26.15
N MET D 207 -46.71 -15.30 27.33
CA MET D 207 -45.87 -15.32 28.51
C MET D 207 -45.77 -16.76 28.98
N VAL D 208 -44.55 -17.26 29.19
CA VAL D 208 -44.34 -18.59 29.73
C VAL D 208 -44.39 -18.34 31.26
N ALA D 209 -45.58 -18.52 31.86
CA ALA D 209 -45.84 -18.22 33.27
C ALA D 209 -45.47 -19.44 34.08
N ARG D 210 -44.18 -19.57 34.41
CA ARG D 210 -43.60 -20.76 35.01
C ARG D 210 -44.05 -21.09 36.42
N GLY D 211 -44.57 -20.11 37.16
CA GLY D 211 -45.06 -20.34 38.53
C GLY D 211 -46.17 -21.37 38.54
N ASP D 212 -47.30 -21.04 37.91
CA ASP D 212 -48.42 -21.96 37.79
C ASP D 212 -48.08 -23.14 36.91
N LEU D 213 -47.36 -22.92 35.79
CA LEU D 213 -46.99 -24.03 34.90
C LEU D 213 -46.22 -25.15 35.64
N GLY D 214 -45.31 -24.75 36.53
CA GLY D 214 -44.54 -25.69 37.34
C GLY D 214 -45.30 -26.43 38.42
N ILE D 215 -46.58 -26.06 38.66
CA ILE D 215 -47.50 -26.73 39.60
C ILE D 215 -48.55 -27.53 38.79
N GLU D 216 -48.91 -27.06 37.59
CA GLU D 216 -49.90 -27.68 36.73
C GLU D 216 -49.36 -28.87 35.97
N ILE D 217 -48.07 -28.82 35.59
CA ILE D 217 -47.39 -29.94 34.92
C ILE D 217 -46.17 -30.31 35.77
N PRO D 218 -45.56 -31.50 35.60
CA PRO D 218 -44.37 -31.84 36.41
C PRO D 218 -43.26 -30.77 36.26
N ALA D 219 -42.66 -30.38 37.38
CA ALA D 219 -41.62 -29.36 37.44
C ALA D 219 -40.48 -29.59 36.45
N GLU D 220 -40.09 -30.86 36.26
CA GLU D 220 -39.02 -31.26 35.37
C GLU D 220 -39.36 -31.16 33.87
N LYS D 221 -40.59 -30.81 33.52
CA LYS D 221 -41.01 -30.65 32.13
C LYS D 221 -41.16 -29.17 31.73
N VAL D 222 -41.15 -28.22 32.70
CA VAL D 222 -41.33 -26.80 32.38
C VAL D 222 -40.35 -26.29 31.33
N PHE D 223 -39.06 -26.70 31.41
CA PHE D 223 -38.06 -26.24 30.44
C PHE D 223 -38.41 -26.64 28.99
N LEU D 224 -39.09 -27.79 28.80
CA LEU D 224 -39.49 -28.23 27.47
C LEU D 224 -40.60 -27.30 26.97
N ALA D 225 -41.58 -26.96 27.82
CA ALA D 225 -42.67 -26.05 27.44
C ALA D 225 -42.12 -24.65 27.15
N GLN D 226 -41.18 -24.16 27.98
CA GLN D 226 -40.55 -22.85 27.79
C GLN D 226 -39.81 -22.80 26.44
N LYS D 227 -38.92 -23.78 26.16
CA LYS D 227 -38.16 -23.80 24.94
C LYS D 227 -39.04 -23.93 23.72
N MET D 228 -40.08 -24.78 23.80
CA MET D 228 -41.02 -24.96 22.69
C MET D 228 -41.76 -23.65 22.38
N MET D 229 -42.32 -22.99 23.42
CA MET D 229 -43.10 -21.78 23.21
C MET D 229 -42.25 -20.64 22.72
N ILE D 230 -41.01 -20.52 23.21
CA ILE D 230 -40.12 -19.47 22.74
C ILE D 230 -39.77 -19.72 21.26
N GLY D 231 -39.43 -20.97 20.91
CA GLY D 231 -39.15 -21.32 19.51
C GLY D 231 -40.32 -21.02 18.59
N ARG D 232 -41.56 -21.40 18.99
CA ARG D 232 -42.74 -21.14 18.14
C ARG D 232 -43.06 -19.64 18.02
N CYS D 233 -42.85 -18.87 19.09
CA CYS D 233 -43.05 -17.43 19.03
C CYS D 233 -42.01 -16.78 18.13
N ASN D 234 -40.76 -17.26 18.18
CA ASN D 234 -39.70 -16.74 17.32
C ASN D 234 -40.04 -17.03 15.86
N LEU D 235 -40.53 -18.22 15.57
CA LEU D 235 -40.94 -18.61 14.22
C LEU D 235 -42.11 -17.71 13.74
N ALA D 236 -43.08 -17.45 14.64
CA ALA D 236 -44.23 -16.60 14.32
C ALA D 236 -43.94 -15.11 14.28
N GLY D 237 -42.77 -14.69 14.78
CA GLY D 237 -42.43 -13.28 14.85
C GLY D 237 -43.25 -12.52 15.88
N LYS D 238 -43.67 -13.22 16.95
CA LYS D 238 -44.49 -12.59 17.99
C LYS D 238 -43.75 -12.60 19.33
N PRO D 239 -43.91 -11.55 20.16
CA PRO D 239 -43.16 -11.52 21.42
C PRO D 239 -43.43 -12.63 22.40
N VAL D 240 -42.37 -13.05 23.10
CA VAL D 240 -42.48 -14.09 24.12
C VAL D 240 -41.73 -13.65 25.37
N VAL D 241 -42.38 -13.81 26.52
CA VAL D 241 -41.85 -13.40 27.82
C VAL D 241 -41.49 -14.63 28.64
N CYS D 242 -40.30 -14.66 29.25
CA CYS D 242 -39.98 -15.73 30.18
C CYS D 242 -40.23 -15.14 31.57
N ALA D 243 -40.99 -15.85 32.42
CA ALA D 243 -41.34 -15.30 33.71
C ALA D 243 -41.20 -16.24 34.88
N THR D 244 -41.03 -15.66 36.10
CA THR D 244 -41.18 -16.25 37.43
C THR D 244 -40.00 -17.02 37.96
N GLN D 245 -39.54 -16.56 39.14
CA GLN D 245 -38.44 -17.12 39.94
C GLN D 245 -37.08 -17.06 39.26
N MET D 246 -36.91 -16.15 38.26
CA MET D 246 -35.63 -16.03 37.53
C MET D 246 -34.49 -15.62 38.46
N LEU D 247 -34.73 -14.69 39.39
CA LEU D 247 -33.71 -14.26 40.38
C LEU D 247 -34.35 -14.33 41.79
N GLU D 248 -35.18 -15.33 42.06
CA GLU D 248 -35.94 -15.50 43.30
C GLU D 248 -35.20 -15.19 44.60
N SER D 249 -33.99 -15.72 44.78
CA SER D 249 -33.22 -15.50 46.01
C SER D 249 -32.91 -14.02 46.26
N MET D 250 -32.91 -13.17 45.19
CA MET D 250 -32.66 -11.73 45.35
C MET D 250 -33.82 -10.99 46.01
N ILE D 251 -34.93 -11.68 46.38
CA ILE D 251 -35.99 -11.07 47.17
C ILE D 251 -35.37 -10.71 48.57
N THR D 252 -34.47 -11.58 49.09
CA THR D 252 -33.84 -11.35 50.39
C THR D 252 -32.32 -11.21 50.33
N LYS D 253 -31.64 -11.71 49.26
CA LYS D 253 -30.19 -11.65 49.17
C LYS D 253 -29.67 -10.69 48.10
N PRO D 254 -28.51 -10.06 48.37
CA PRO D 254 -27.98 -9.05 47.43
C PRO D 254 -27.46 -9.60 46.11
N ARG D 255 -27.12 -10.90 46.08
CA ARG D 255 -26.57 -11.54 44.89
C ARG D 255 -27.39 -12.79 44.61
N PRO D 256 -27.57 -13.15 43.32
CA PRO D 256 -28.38 -14.34 43.00
C PRO D 256 -27.57 -15.65 43.09
N THR D 257 -28.25 -16.80 42.99
CA THR D 257 -27.57 -18.09 42.96
C THR D 257 -27.00 -18.36 41.54
N ARG D 258 -26.17 -19.38 41.40
CA ARG D 258 -25.58 -19.79 40.14
C ARG D 258 -26.64 -20.31 39.17
N ALA D 259 -27.71 -20.95 39.69
CA ALA D 259 -28.81 -21.43 38.87
C ALA D 259 -29.65 -20.28 38.31
N GLU D 260 -29.80 -19.20 39.11
CA GLU D 260 -30.55 -18.02 38.72
C GLU D 260 -29.90 -17.23 37.59
N THR D 261 -28.57 -16.99 37.65
CA THR D 261 -27.92 -16.28 36.55
C THR D 261 -27.97 -17.10 35.28
N SER D 262 -27.78 -18.41 35.41
CA SER D 262 -27.84 -19.37 34.33
C SER D 262 -29.24 -19.34 33.69
N ASP D 263 -30.30 -19.32 34.52
CA ASP D 263 -31.68 -19.27 34.04
C ASP D 263 -31.94 -18.02 33.20
N VAL D 264 -31.48 -16.86 33.66
CA VAL D 264 -31.62 -15.61 32.90
C VAL D 264 -30.88 -15.70 31.57
N ALA D 265 -29.62 -16.15 31.59
CA ALA D 265 -28.82 -16.25 30.38
C ALA D 265 -29.46 -17.22 29.38
N ASN D 266 -29.94 -18.36 29.87
CA ASN D 266 -30.54 -19.36 29.00
C ASN D 266 -31.89 -18.94 28.44
N ALA D 267 -32.68 -18.13 29.16
CA ALA D 267 -33.94 -17.60 28.61
C ALA D 267 -33.63 -16.71 27.39
N VAL D 268 -32.59 -15.85 27.48
CA VAL D 268 -32.16 -15.01 26.38
C VAL D 268 -31.61 -15.89 25.21
N LEU D 269 -30.77 -16.89 25.53
CA LEU D 269 -30.25 -17.80 24.49
C LEU D 269 -31.36 -18.61 23.84
N ASP D 270 -32.41 -18.95 24.59
CA ASP D 270 -33.58 -19.67 24.05
C ASP D 270 -34.30 -18.82 22.98
N GLY D 271 -34.27 -17.49 23.14
CA GLY D 271 -34.88 -16.56 22.21
C GLY D 271 -35.95 -15.66 22.79
N ALA D 272 -36.02 -15.57 24.15
CA ALA D 272 -37.06 -14.74 24.77
C ALA D 272 -36.89 -13.28 24.40
N ASP D 273 -37.99 -12.61 24.11
CA ASP D 273 -37.95 -11.18 23.83
C ASP D 273 -37.84 -10.40 25.12
N CYS D 274 -38.53 -10.87 26.20
CA CYS D 274 -38.57 -10.20 27.49
C CYS D 274 -38.27 -11.18 28.59
N ILE D 275 -37.74 -10.65 29.68
CA ILE D 275 -37.51 -11.40 30.92
C ILE D 275 -38.24 -10.62 32.03
N MET D 276 -38.70 -11.33 33.07
CA MET D 276 -39.52 -10.69 34.09
C MET D 276 -39.01 -10.90 35.51
N LEU D 277 -39.38 -9.97 36.36
CA LEU D 277 -39.14 -9.98 37.79
C LEU D 277 -40.51 -9.83 38.45
N SER D 278 -40.80 -10.67 39.46
CA SER D 278 -42.07 -10.62 40.17
C SER D 278 -41.81 -10.17 41.60
N GLY D 279 -41.68 -11.08 42.56
CA GLY D 279 -41.39 -10.75 43.95
C GLY D 279 -40.09 -9.98 44.09
N GLU D 280 -39.12 -10.24 43.19
CA GLU D 280 -37.81 -9.57 43.18
C GLU D 280 -37.96 -8.05 43.11
N THR D 281 -38.97 -7.53 42.37
CA THR D 281 -39.18 -6.08 42.34
C THR D 281 -40.41 -5.62 43.11
N ALA D 282 -41.43 -6.48 43.28
CA ALA D 282 -42.66 -6.07 43.93
C ALA D 282 -42.53 -5.99 45.43
N LYS D 283 -41.83 -6.93 46.06
CA LYS D 283 -41.78 -6.96 47.51
C LYS D 283 -40.41 -7.13 48.12
N GLY D 284 -39.41 -7.47 47.33
CA GLY D 284 -38.08 -7.72 47.87
C GLY D 284 -37.29 -6.52 48.35
N ASN D 285 -36.11 -6.79 48.89
CA ASN D 285 -35.23 -5.76 49.40
C ASN D 285 -34.19 -5.26 48.39
N PHE D 286 -34.15 -5.86 47.18
CA PHE D 286 -33.18 -5.47 46.16
C PHE D 286 -33.85 -5.22 44.79
N PRO D 287 -34.95 -4.42 44.71
CA PRO D 287 -35.60 -4.24 43.40
C PRO D 287 -34.69 -3.66 42.32
N VAL D 288 -33.93 -2.61 42.63
CA VAL D 288 -33.06 -1.98 41.64
C VAL D 288 -31.91 -2.92 41.26
N GLU D 289 -31.35 -3.63 42.24
CA GLU D 289 -30.24 -4.54 41.98
C GLU D 289 -30.69 -5.73 41.14
N ALA D 290 -31.95 -6.18 41.30
CA ALA D 290 -32.50 -7.28 40.51
C ALA D 290 -32.62 -6.87 39.05
N VAL D 291 -33.07 -5.62 38.80
CA VAL D 291 -33.17 -5.07 37.45
C VAL D 291 -31.75 -4.96 36.85
N LYS D 292 -30.79 -4.45 37.62
CA LYS D 292 -29.40 -4.32 37.18
C LYS D 292 -28.77 -5.68 36.85
N MET D 293 -29.10 -6.72 37.62
CA MET D 293 -28.59 -8.07 37.40
C MET D 293 -29.16 -8.65 36.11
N GLN D 294 -30.48 -8.52 35.87
CA GLN D 294 -31.06 -9.00 34.62
C GLN D 294 -30.45 -8.24 33.44
N HIS D 295 -30.23 -6.92 33.58
CA HIS D 295 -29.60 -6.11 32.53
C HIS D 295 -28.19 -6.66 32.20
N ALA D 296 -27.37 -6.86 33.25
CA ALA D 296 -26.01 -7.37 33.08
C ALA D 296 -25.92 -8.74 32.41
N ILE D 297 -26.78 -9.69 32.86
CA ILE D 297 -26.76 -11.03 32.29
C ILE D 297 -27.26 -11.04 30.83
N ALA D 298 -28.38 -10.34 30.57
CA ALA D 298 -28.96 -10.29 29.24
C ALA D 298 -27.99 -9.79 28.20
N ARG D 299 -27.23 -8.75 28.55
CA ARG D 299 -26.25 -8.16 27.64
C ARG D 299 -25.16 -9.19 27.27
N GLU D 300 -24.67 -9.94 28.26
CA GLU D 300 -23.67 -10.98 28.03
C GLU D 300 -24.24 -12.10 27.15
N ALA D 301 -25.49 -12.52 27.44
CA ALA D 301 -26.12 -13.62 26.72
C ALA D 301 -26.46 -13.25 25.27
N GLU D 302 -26.86 -12.00 25.01
CA GLU D 302 -27.17 -11.56 23.65
C GLU D 302 -25.94 -11.61 22.74
N ALA D 303 -24.76 -11.26 23.27
CA ALA D 303 -23.52 -11.35 22.50
C ALA D 303 -23.16 -12.80 22.19
N ALA D 304 -23.52 -13.74 23.09
CA ALA D 304 -23.27 -15.18 22.97
C ALA D 304 -24.24 -15.91 22.04
N VAL D 305 -25.26 -15.23 21.50
CA VAL D 305 -26.20 -15.83 20.55
C VAL D 305 -25.42 -16.18 19.26
N TYR D 306 -25.65 -17.38 18.72
CA TYR D 306 -24.96 -17.80 17.50
C TYR D 306 -25.77 -17.32 16.31
N HIS D 307 -25.64 -16.02 15.95
CA HIS D 307 -26.44 -15.41 14.87
C HIS D 307 -26.32 -16.09 13.54
N ARG D 308 -25.18 -16.70 13.24
CA ARG D 308 -24.98 -17.37 11.94
C ARG D 308 -26.02 -18.46 11.72
N GLN D 309 -26.27 -19.31 12.74
CA GLN D 309 -27.28 -20.34 12.62
C GLN D 309 -28.68 -19.76 12.80
N LEU D 310 -28.85 -18.87 13.78
CA LEU D 310 -30.16 -18.27 14.05
C LEU D 310 -30.76 -17.55 12.84
N PHE D 311 -29.99 -16.64 12.20
CA PHE D 311 -30.49 -15.90 11.04
C PHE D 311 -30.83 -16.84 9.90
N GLU D 312 -29.96 -17.81 9.64
CA GLU D 312 -30.14 -18.82 8.59
C GLU D 312 -31.44 -19.61 8.83
N GLU D 313 -31.68 -20.06 10.07
CA GLU D 313 -32.88 -20.83 10.38
C GLU D 313 -34.15 -19.99 10.39
N LEU D 314 -34.08 -18.72 10.83
CA LEU D 314 -35.26 -17.85 10.81
C LEU D 314 -35.67 -17.59 9.38
N ARG D 315 -34.70 -17.36 8.47
CA ARG D 315 -34.99 -17.13 7.05
C ARG D 315 -35.58 -18.37 6.42
N ARG D 316 -34.93 -19.53 6.64
CA ARG D 316 -35.36 -20.80 6.06
C ARG D 316 -36.77 -21.15 6.46
N ALA D 317 -37.13 -20.90 7.72
CA ALA D 317 -38.45 -21.24 8.21
C ALA D 317 -39.51 -20.22 7.86
N ALA D 318 -39.13 -18.95 7.72
CA ALA D 318 -40.09 -17.91 7.40
C ALA D 318 -40.57 -18.10 5.97
N PRO D 319 -41.90 -18.09 5.78
CA PRO D 319 -42.43 -18.29 4.42
C PRO D 319 -42.17 -17.09 3.51
N LEU D 320 -42.33 -17.28 2.19
CA LEU D 320 -42.24 -16.18 1.23
C LEU D 320 -43.31 -15.13 1.58
N SER D 321 -43.02 -13.87 1.34
CA SER D 321 -43.98 -12.82 1.64
C SER D 321 -44.12 -11.81 0.53
N ARG D 322 -45.33 -11.35 0.29
CA ARG D 322 -45.58 -10.27 -0.66
C ARG D 322 -45.86 -8.91 0.04
N ASP D 323 -45.66 -8.84 1.35
CA ASP D 323 -45.87 -7.63 2.12
C ASP D 323 -44.59 -6.81 2.04
N PRO D 324 -44.66 -5.58 1.54
CA PRO D 324 -43.43 -4.77 1.39
C PRO D 324 -42.68 -4.46 2.69
N THR D 325 -43.40 -4.34 3.83
CA THR D 325 -42.74 -4.08 5.11
C THR D 325 -41.88 -5.28 5.49
N GLU D 326 -42.42 -6.50 5.31
CA GLU D 326 -41.70 -7.74 5.60
C GLU D 326 -40.50 -7.90 4.65
N VAL D 327 -40.69 -7.62 3.37
CA VAL D 327 -39.63 -7.74 2.38
C VAL D 327 -38.50 -6.75 2.67
N THR D 328 -38.85 -5.50 3.01
CA THR D 328 -37.86 -4.49 3.37
C THR D 328 -37.12 -4.89 4.64
N ALA D 329 -37.83 -5.41 5.64
CA ALA D 329 -37.22 -5.81 6.91
C ALA D 329 -36.12 -6.86 6.74
N ILE D 330 -36.37 -7.91 5.94
CA ILE D 330 -35.35 -8.95 5.77
C ILE D 330 -34.16 -8.41 4.97
N GLY D 331 -34.42 -7.54 4.00
CA GLY D 331 -33.35 -6.92 3.22
C GLY D 331 -32.50 -6.03 4.11
N ALA D 332 -33.14 -5.27 5.04
CA ALA D 332 -32.44 -4.38 5.95
C ALA D 332 -31.59 -5.16 6.95
N VAL D 333 -32.10 -6.29 7.45
CA VAL D 333 -31.37 -7.13 8.41
C VAL D 333 -30.16 -7.77 7.72
N GLU D 334 -30.33 -8.22 6.48
CA GLU D 334 -29.24 -8.81 5.70
CA GLU D 334 -29.25 -8.80 5.71
C GLU D 334 -28.16 -7.74 5.47
N ALA D 335 -28.57 -6.52 5.11
CA ALA D 335 -27.66 -5.39 4.88
C ALA D 335 -26.92 -5.03 6.17
N ALA D 336 -27.62 -5.00 7.32
CA ALA D 336 -26.97 -4.69 8.60
C ALA D 336 -25.90 -5.72 8.95
N PHE D 337 -26.16 -7.01 8.72
CA PHE D 337 -25.17 -8.06 8.98
C PHE D 337 -23.95 -7.91 8.06
N LYS D 338 -24.17 -7.55 6.80
CA LYS D 338 -23.10 -7.39 5.82
C LYS D 338 -22.05 -6.35 6.19
N CYS D 339 -22.49 -5.23 6.78
CA CYS D 339 -21.58 -4.14 7.13
C CYS D 339 -21.34 -3.98 8.62
N CYS D 340 -21.86 -4.88 9.47
CA CYS D 340 -21.75 -4.77 10.93
C CYS D 340 -22.35 -3.44 11.36
N ALA D 341 -23.55 -3.12 10.84
CA ALA D 341 -24.19 -1.83 11.13
C ALA D 341 -24.36 -1.62 12.64
N ALA D 342 -24.07 -0.41 13.14
CA ALA D 342 -24.26 -0.11 14.56
C ALA D 342 -25.74 -0.11 14.91
N ALA D 343 -26.62 0.24 13.96
CA ALA D 343 -28.06 0.29 14.22
C ALA D 343 -28.87 0.27 12.93
N ILE D 344 -30.14 -0.12 13.05
CA ILE D 344 -31.14 -0.01 12.02
C ILE D 344 -32.10 1.05 12.60
N ILE D 345 -32.20 2.23 11.97
CA ILE D 345 -33.12 3.26 12.43
C ILE D 345 -34.41 3.13 11.62
N VAL D 346 -35.55 2.90 12.27
CA VAL D 346 -36.81 2.73 11.58
C VAL D 346 -37.85 3.74 12.06
N LEU D 347 -38.66 4.27 11.14
CA LEU D 347 -39.77 5.16 11.48
C LEU D 347 -41.00 4.23 11.54
N THR D 348 -41.79 4.33 12.62
CA THR D 348 -42.95 3.49 12.78
C THR D 348 -44.09 4.20 13.49
N THR D 349 -45.33 3.97 13.06
CA THR D 349 -46.53 4.56 13.66
C THR D 349 -47.10 3.61 14.70
N THR D 350 -47.23 2.32 14.37
CA THR D 350 -47.83 1.32 15.25
C THR D 350 -46.82 0.42 15.95
N GLY D 351 -45.55 0.45 15.51
CA GLY D 351 -44.49 -0.43 15.96
C GLY D 351 -44.22 -1.62 15.05
N ARG D 352 -45.14 -1.88 14.10
CA ARG D 352 -45.04 -3.06 13.23
C ARG D 352 -43.77 -3.15 12.40
N SER D 353 -43.30 -2.06 11.78
CA SER D 353 -42.05 -2.11 11.00
C SER D 353 -40.85 -2.50 11.89
N ALA D 354 -40.85 -2.05 13.15
CA ALA D 354 -39.78 -2.41 14.09
C ALA D 354 -39.91 -3.87 14.51
N GLN D 355 -41.13 -4.37 14.69
CA GLN D 355 -41.37 -5.76 15.06
C GLN D 355 -40.88 -6.68 13.95
N LEU D 356 -41.11 -6.31 12.67
CA LEU D 356 -40.69 -7.14 11.55
C LEU D 356 -39.19 -7.18 11.39
N LEU D 357 -38.47 -6.14 11.83
CA LEU D 357 -37.02 -6.14 11.81
C LEU D 357 -36.52 -7.07 12.94
N SER D 358 -37.10 -6.90 14.15
CA SER D 358 -36.79 -7.68 15.35
C SER D 358 -36.93 -9.20 15.15
N ARG D 359 -37.93 -9.63 14.39
CA ARG D 359 -38.17 -11.06 14.18
C ARG D 359 -36.99 -11.79 13.50
N TYR D 360 -36.14 -11.03 12.76
CA TYR D 360 -34.96 -11.61 12.12
C TYR D 360 -33.72 -11.57 13.01
N ARG D 361 -33.88 -11.11 14.27
CA ARG D 361 -32.86 -11.04 15.28
C ARG D 361 -31.54 -10.44 14.79
N PRO D 362 -31.56 -9.18 14.29
CA PRO D 362 -30.30 -8.56 13.91
C PRO D 362 -29.43 -8.34 15.14
N ARG D 363 -28.11 -8.34 14.96
CA ARG D 363 -27.18 -7.97 16.01
C ARG D 363 -27.27 -6.42 16.18
N ALA D 364 -27.50 -5.66 15.07
CA ALA D 364 -27.67 -4.21 15.12
C ALA D 364 -28.91 -3.83 15.91
N ALA D 365 -28.80 -2.79 16.75
CA ALA D 365 -29.91 -2.28 17.54
C ALA D 365 -30.98 -1.71 16.61
N VAL D 366 -32.24 -1.96 16.87
CA VAL D 366 -33.32 -1.39 16.05
C VAL D 366 -33.82 -0.14 16.80
N ILE D 367 -33.43 1.04 16.32
CA ILE D 367 -33.85 2.31 16.94
C ILE D 367 -35.14 2.73 16.27
N ALA D 368 -36.27 2.63 16.99
CA ALA D 368 -37.57 2.94 16.43
C ALA D 368 -38.03 4.34 16.81
N VAL D 369 -38.17 5.22 15.82
CA VAL D 369 -38.62 6.58 16.07
C VAL D 369 -40.11 6.66 15.79
N THR D 370 -40.88 7.11 16.76
CA THR D 370 -42.31 7.20 16.61
C THR D 370 -42.88 8.42 17.30
N ARG D 371 -44.02 8.92 16.81
CA ARG D 371 -44.77 9.99 17.47
C ARG D 371 -45.83 9.38 18.42
N SER D 372 -46.17 8.09 18.27
CA SER D 372 -47.15 7.47 19.12
C SER D 372 -46.52 7.07 20.45
N ALA D 373 -46.95 7.71 21.55
CA ALA D 373 -46.45 7.39 22.88
C ALA D 373 -46.79 5.93 23.24
N GLN D 374 -47.99 5.47 22.86
CA GLN D 374 -48.39 4.10 23.11
C GLN D 374 -47.53 3.08 22.31
N ALA D 375 -47.25 3.34 21.03
CA ALA D 375 -46.40 2.44 20.25
C ALA D 375 -45.00 2.37 20.82
N ALA D 376 -44.47 3.51 21.28
CA ALA D 376 -43.13 3.59 21.87
C ALA D 376 -43.05 2.71 23.12
N ARG D 377 -44.11 2.68 23.91
CA ARG D 377 -44.17 1.82 25.08
C ARG D 377 -44.31 0.34 24.68
N GLN D 378 -45.23 0.03 23.76
CA GLN D 378 -45.49 -1.35 23.37
C GLN D 378 -44.34 -2.06 22.65
N VAL D 379 -43.49 -1.32 21.89
CA VAL D 379 -42.41 -1.98 21.15
C VAL D 379 -41.33 -2.61 22.03
N HIS D 380 -41.33 -2.28 23.33
CA HIS D 380 -40.43 -2.93 24.29
C HIS D 380 -40.71 -4.45 24.33
N LEU D 381 -41.88 -4.91 23.87
CA LEU D 381 -42.17 -6.35 23.83
C LEU D 381 -41.27 -7.09 22.81
N CYS D 382 -40.71 -6.37 21.82
CA CYS D 382 -39.89 -6.96 20.76
C CYS D 382 -38.42 -6.82 21.02
N ARG D 383 -37.68 -7.94 21.06
CA ARG D 383 -36.24 -7.88 21.34
C ARG D 383 -35.47 -6.98 20.40
N GLY D 384 -34.60 -6.17 20.97
CA GLY D 384 -33.71 -5.32 20.20
C GLY D 384 -34.33 -4.05 19.68
N VAL D 385 -35.54 -3.71 20.13
CA VAL D 385 -36.16 -2.46 19.68
C VAL D 385 -36.01 -1.42 20.77
N PHE D 386 -35.36 -0.29 20.43
CA PHE D 386 -35.10 0.83 21.33
C PHE D 386 -36.01 1.98 20.89
N PRO D 387 -37.13 2.19 21.61
CA PRO D 387 -38.07 3.24 21.19
C PRO D 387 -37.65 4.65 21.57
N LEU D 388 -37.84 5.58 20.63
CA LEU D 388 -37.56 7.00 20.84
C LEU D 388 -38.84 7.72 20.53
N LEU D 389 -39.37 8.48 21.50
CA LEU D 389 -40.62 9.22 21.29
C LEU D 389 -40.29 10.60 20.76
N TYR D 390 -40.74 10.88 19.52
CA TYR D 390 -40.51 12.16 18.85
C TYR D 390 -41.67 13.10 19.19
N ARG D 391 -41.37 14.29 19.71
CA ARG D 391 -42.42 15.21 20.16
C ARG D 391 -42.65 16.42 19.30
N GLU D 392 -41.79 16.66 18.30
CA GLU D 392 -41.93 17.83 17.45
C GLU D 392 -43.13 17.76 16.52
N PRO D 393 -43.82 18.89 16.33
CA PRO D 393 -44.95 18.89 15.38
C PRO D 393 -44.44 18.72 13.94
N PRO D 394 -45.27 18.15 13.05
CA PRO D 394 -44.82 17.90 11.68
C PRO D 394 -44.32 19.08 10.88
N GLU D 395 -43.23 18.87 10.13
CA GLU D 395 -42.69 19.85 9.18
C GLU D 395 -43.70 19.93 8.03
N ALA D 396 -43.75 21.06 7.32
CA ALA D 396 -44.68 21.23 6.20
C ALA D 396 -44.33 20.25 5.07
N ILE D 397 -43.03 20.05 4.80
CA ILE D 397 -42.60 19.13 3.76
C ILE D 397 -42.36 17.75 4.38
N TRP D 398 -43.15 16.74 3.96
CA TRP D 398 -43.08 15.41 4.55
C TRP D 398 -41.69 14.80 4.51
N ALA D 399 -40.97 14.91 3.39
CA ALA D 399 -39.59 14.42 3.31
C ALA D 399 -38.67 15.07 4.35
N ASP D 400 -38.88 16.35 4.69
CA ASP D 400 -38.07 17.01 5.73
C ASP D 400 -38.45 16.47 7.11
N ASP D 401 -39.72 16.14 7.31
CA ASP D 401 -40.19 15.61 8.62
C ASP D 401 -39.57 14.23 8.84
N VAL D 402 -39.44 13.47 7.77
CA VAL D 402 -38.85 12.11 7.85
C VAL D 402 -37.37 12.25 8.22
N ASP D 403 -36.66 13.14 7.53
CA ASP D 403 -35.22 13.35 7.78
C ASP D 403 -35.00 13.82 9.22
N ARG D 404 -35.84 14.72 9.71
CA ARG D 404 -35.69 15.25 11.09
C ARG D 404 -35.83 14.10 12.09
N ARG D 405 -36.74 13.18 11.84
CA ARG D 405 -36.91 12.02 12.74
C ARG D 405 -35.70 11.09 12.63
N VAL D 406 -35.17 10.87 11.41
CA VAL D 406 -33.97 10.05 11.24
C VAL D 406 -32.80 10.71 11.99
N GLN D 407 -32.67 12.04 11.88
CA GLN D 407 -31.63 12.79 12.60
C GLN D 407 -31.82 12.71 14.11
N PHE D 408 -33.06 12.73 14.58
CA PHE D 408 -33.36 12.56 15.99
C PHE D 408 -32.89 11.16 16.50
N GLY D 409 -33.09 10.12 15.68
CA GLY D 409 -32.61 8.79 15.97
C GLY D 409 -31.09 8.75 16.06
N ILE D 410 -30.40 9.43 15.13
CA ILE D 410 -28.94 9.53 15.12
C ILE D 410 -28.40 10.28 16.35
N GLU D 411 -28.96 11.45 16.66
CA GLU D 411 -28.56 12.26 17.82
C GLU D 411 -28.80 11.54 19.13
N SER D 412 -29.94 10.83 19.25
CA SER D 412 -30.24 10.05 20.45
C SER D 412 -29.23 8.91 20.55
N GLY D 413 -28.98 8.22 19.44
CA GLY D 413 -28.03 7.13 19.38
C GLY D 413 -26.61 7.55 19.75
N LYS D 414 -26.16 8.75 19.30
CA LYS D 414 -24.83 9.25 19.67
C LYS D 414 -24.75 9.57 21.18
N LEU D 415 -25.78 10.22 21.72
CA LEU D 415 -25.84 10.57 23.14
C LEU D 415 -25.88 9.32 24.02
N ARG D 416 -26.65 8.31 23.61
CA ARG D 416 -26.79 7.09 24.40
C ARG D 416 -25.66 6.09 24.23
N GLY D 417 -24.76 6.29 23.27
CA GLY D 417 -23.64 5.40 23.05
C GLY D 417 -23.85 4.33 22.00
N PHE D 418 -25.00 4.34 21.32
CA PHE D 418 -25.28 3.38 20.25
C PHE D 418 -24.42 3.66 19.02
N LEU D 419 -24.19 4.95 18.71
CA LEU D 419 -23.55 5.35 17.48
C LEU D 419 -22.42 6.30 17.68
N ARG D 420 -21.48 6.27 16.74
CA ARG D 420 -20.35 7.17 16.64
C ARG D 420 -20.14 7.58 15.18
N VAL D 421 -19.41 8.69 14.97
CA VAL D 421 -19.05 9.16 13.63
C VAL D 421 -18.25 8.07 12.91
N GLY D 422 -18.59 7.79 11.66
CA GLY D 422 -17.93 6.71 10.92
C GLY D 422 -18.72 5.41 10.90
N ASP D 423 -19.65 5.23 11.84
CA ASP D 423 -20.49 4.03 11.86
C ASP D 423 -21.40 3.98 10.62
N LEU D 424 -21.82 2.79 10.23
CA LEU D 424 -22.81 2.61 9.18
C LEU D 424 -24.10 2.25 9.86
N VAL D 425 -25.19 2.76 9.34
CA VAL D 425 -26.49 2.51 9.88
C VAL D 425 -27.44 2.20 8.68
N ILE D 426 -28.45 1.36 8.90
CA ILE D 426 -29.46 1.06 7.90
C ILE D 426 -30.69 1.88 8.30
N VAL D 427 -31.28 2.62 7.38
CA VAL D 427 -32.45 3.47 7.68
C VAL D 427 -33.66 2.91 6.93
N VAL D 428 -34.73 2.62 7.66
CA VAL D 428 -35.94 2.02 7.13
C VAL D 428 -37.08 3.02 7.22
N THR D 429 -37.61 3.42 6.05
CA THR D 429 -38.71 4.38 5.95
C THR D 429 -39.75 3.87 4.92
N GLY D 430 -40.82 4.64 4.69
CA GLY D 430 -41.87 4.32 3.74
C GLY D 430 -42.07 5.40 2.69
N TRP D 431 -42.92 5.15 1.71
CA TRP D 431 -43.10 6.04 0.56
C TRP D 431 -44.20 7.08 0.73
N ARG D 432 -45.04 6.94 1.76
CA ARG D 432 -46.08 7.90 2.05
C ARG D 432 -46.37 7.95 3.55
N PRO D 433 -47.03 9.02 4.05
CA PRO D 433 -47.38 9.06 5.48
C PRO D 433 -48.42 7.97 5.83
N GLY D 434 -48.54 7.70 7.11
CA GLY D 434 -49.48 6.70 7.59
C GLY D 434 -48.82 5.35 7.72
N SER D 435 -49.42 4.51 8.57
CA SER D 435 -48.93 3.17 8.85
CA SER D 435 -48.93 3.17 8.84
C SER D 435 -49.15 2.22 7.67
N GLY D 436 -48.24 1.26 7.49
CA GLY D 436 -48.39 0.23 6.47
C GLY D 436 -47.64 0.42 5.17
N TYR D 437 -46.87 1.49 5.03
CA TYR D 437 -46.19 1.79 3.77
C TYR D 437 -44.66 1.77 3.81
N THR D 438 -44.06 1.09 4.80
CA THR D 438 -42.62 0.90 4.83
C THR D 438 -42.19 0.08 3.59
N ASN D 439 -41.20 0.59 2.87
CA ASN D 439 -40.75 -0.08 1.66
C ASN D 439 -39.32 0.36 1.25
N ILE D 440 -38.61 1.14 2.06
CA ILE D 440 -37.30 1.65 1.69
C ILE D 440 -36.26 1.30 2.75
N MET D 441 -35.10 0.88 2.30
CA MET D 441 -33.95 0.59 3.12
C MET D 441 -32.75 1.42 2.53
N ARG D 442 -32.03 2.12 3.39
CA ARG D 442 -30.92 2.97 2.94
C ARG D 442 -29.66 2.84 3.81
N VAL D 443 -28.48 2.70 3.18
CA VAL D 443 -27.20 2.57 3.91
C VAL D 443 -26.64 3.96 4.15
N LEU D 444 -26.51 4.36 5.41
CA LEU D 444 -26.08 5.69 5.78
C LEU D 444 -24.82 5.69 6.64
N SER D 445 -23.87 6.57 6.33
CA SER D 445 -22.66 6.73 7.11
C SER D 445 -22.90 7.87 8.12
N ILE D 446 -22.58 7.62 9.40
CA ILE D 446 -22.78 8.63 10.44
C ILE D 446 -21.73 9.74 10.38
N SER D 447 -22.18 10.99 10.27
CA SER D 447 -21.28 12.14 10.27
C SER D 447 -21.46 12.97 11.58
N ALA E 25 6.79 30.44 16.51
CA ALA E 25 5.92 31.38 15.82
C ALA E 25 6.73 32.37 14.98
N PHE E 26 7.90 32.80 15.51
CA PHE E 26 8.80 33.73 14.81
C PHE E 26 9.21 33.15 13.45
N PHE E 27 9.57 31.86 13.43
CA PHE E 27 10.04 31.17 12.23
C PHE E 27 8.93 30.76 11.27
N GLN E 28 7.66 30.98 11.60
CA GLN E 28 6.56 30.71 10.69
C GLN E 28 6.14 31.97 9.90
N GLN E 29 6.43 33.17 10.45
CA GLN E 29 6.09 34.46 9.86
C GLN E 29 7.09 34.88 8.78
N GLN E 30 6.77 35.98 8.08
CA GLN E 30 7.55 36.65 7.03
C GLN E 30 8.22 35.69 6.03
N GLN E 31 7.48 34.61 5.66
CA GLN E 31 7.95 33.58 4.73
C GLN E 31 9.31 32.97 5.12
N LEU E 32 9.60 32.89 6.43
CA LEU E 32 10.88 32.33 6.88
C LEU E 32 11.07 30.85 6.48
N PRO E 33 10.04 29.96 6.48
CA PRO E 33 10.27 28.60 5.93
C PRO E 33 10.74 28.64 4.47
N ALA E 34 10.13 29.49 3.61
CA ALA E 34 10.57 29.63 2.21
C ALA E 34 11.98 30.25 2.13
N ALA E 35 12.33 31.11 3.09
CA ALA E 35 13.63 31.76 3.14
C ALA E 35 14.76 30.77 3.40
N MET E 36 14.49 29.70 4.17
CA MET E 36 15.50 28.70 4.50
C MET E 36 15.71 27.63 3.42
N ALA E 37 14.95 27.68 2.32
CA ALA E 37 15.06 26.66 1.26
C ALA E 37 16.41 26.64 0.59
N ASP E 38 16.84 25.45 0.14
CA ASP E 38 18.13 25.27 -0.49
C ASP E 38 18.15 25.58 -1.99
N THR E 39 16.98 25.66 -2.63
CA THR E 39 16.90 26.02 -4.06
C THR E 39 15.78 27.05 -4.24
N PHE E 40 15.80 27.79 -5.34
CA PHE E 40 14.77 28.75 -5.67
C PHE E 40 13.43 28.02 -5.88
N LEU E 41 13.47 26.85 -6.56
CA LEU E 41 12.27 26.04 -6.77
C LEU E 41 11.62 25.64 -5.44
N GLU E 42 12.43 25.15 -4.47
CA GLU E 42 11.93 24.77 -3.14
CA GLU E 42 11.91 24.77 -3.16
C GLU E 42 11.39 25.99 -2.40
N HIS E 43 12.03 27.16 -2.58
CA HIS E 43 11.62 28.43 -1.97
C HIS E 43 10.21 28.77 -2.45
N LEU E 44 9.93 28.65 -3.76
CA LEU E 44 8.59 28.91 -4.29
C LEU E 44 7.59 27.93 -3.71
N CYS E 45 7.95 26.62 -3.65
CA CYS E 45 7.06 25.58 -3.10
C CYS E 45 6.69 25.86 -1.64
N LEU E 46 7.54 26.57 -0.90
CA LEU E 46 7.30 26.82 0.52
C LEU E 46 6.61 28.14 0.82
N LEU E 47 6.25 28.94 -0.22
CA LEU E 47 5.54 30.21 0.01
C LEU E 47 4.18 29.89 0.62
N ASP E 48 3.81 30.63 1.66
CA ASP E 48 2.62 30.33 2.44
C ASP E 48 1.75 31.55 2.59
N ILE E 49 0.50 31.46 2.09
CA ILE E 49 -0.45 32.58 2.24
C ILE E 49 -0.83 32.86 3.72
N ASP E 50 -0.58 31.90 4.60
CA ASP E 50 -0.85 32.09 6.03
C ASP E 50 0.38 32.66 6.78
N SER E 51 1.53 32.82 6.11
CA SER E 51 2.74 33.34 6.76
C SER E 51 2.67 34.86 6.65
N GLU E 52 2.32 35.52 7.75
CA GLU E 52 2.09 36.97 7.75
C GLU E 52 3.35 37.84 7.74
N PRO E 53 3.33 38.92 6.95
CA PRO E 53 4.49 39.82 6.94
C PRO E 53 4.59 40.57 8.27
N VAL E 54 5.81 40.73 8.76
CA VAL E 54 6.03 41.42 10.03
C VAL E 54 6.88 42.66 9.83
N ALA E 55 7.87 42.60 8.94
CA ALA E 55 8.73 43.72 8.66
C ALA E 55 7.99 44.91 8.08
N ALA E 56 8.52 46.10 8.30
CA ALA E 56 7.94 47.31 7.72
C ALA E 56 8.12 47.25 6.18
N ARG E 57 7.16 47.82 5.45
CA ARG E 57 7.19 47.83 4.01
C ARG E 57 8.38 48.66 3.52
N SER E 58 9.25 48.07 2.72
CA SER E 58 10.49 48.69 2.32
C SER E 58 10.52 49.32 0.92
N THR E 59 9.64 48.91 -0.01
CA THR E 59 9.61 49.51 -1.35
C THR E 59 8.81 50.81 -1.27
N SER E 60 9.41 51.97 -1.61
CA SER E 60 8.70 53.24 -1.50
C SER E 60 7.62 53.37 -2.55
N ILE E 61 6.57 54.11 -2.18
CA ILE E 61 5.47 54.38 -3.08
C ILE E 61 5.54 55.84 -3.52
N ILE E 62 5.55 56.05 -4.83
CA ILE E 62 5.49 57.37 -5.42
C ILE E 62 4.06 57.59 -5.88
N ALA E 63 3.38 58.65 -5.41
CA ALA E 63 2.02 58.95 -5.84
C ALA E 63 2.02 60.26 -6.61
N THR E 64 1.37 60.30 -7.79
CA THR E 64 1.29 61.50 -8.60
C THR E 64 0.16 62.36 -8.05
N ILE E 65 0.46 63.63 -7.74
CA ILE E 65 -0.52 64.53 -7.14
C ILE E 65 -1.24 65.32 -8.22
N GLY E 66 -2.55 65.24 -8.21
CA GLY E 66 -3.39 65.94 -9.18
C GLY E 66 -4.75 66.27 -8.60
N PRO E 67 -5.75 66.50 -9.47
CA PRO E 67 -7.09 66.87 -8.99
C PRO E 67 -7.71 65.98 -7.90
N ALA E 68 -7.50 64.65 -8.00
CA ALA E 68 -8.07 63.72 -7.03
C ALA E 68 -7.31 63.59 -5.73
N SER E 69 -6.11 64.12 -5.65
CA SER E 69 -5.26 63.93 -4.46
C SER E 69 -4.61 65.21 -3.96
N ARG E 70 -5.19 66.37 -4.28
CA ARG E 70 -4.63 67.68 -3.96
C ARG E 70 -4.91 68.28 -2.61
N SER E 71 -6.08 68.01 -2.02
CA SER E 71 -6.45 68.64 -0.76
C SER E 71 -5.58 68.20 0.39
N VAL E 72 -5.33 69.08 1.35
CA VAL E 72 -4.52 68.79 2.53
C VAL E 72 -5.08 67.57 3.30
N GLU E 73 -6.41 67.50 3.45
CA GLU E 73 -7.07 66.39 4.15
C GLU E 73 -6.83 65.04 3.44
N ARG E 74 -6.92 65.04 2.09
CA ARG E 74 -6.71 63.85 1.29
C ARG E 74 -5.23 63.46 1.36
N LEU E 75 -4.32 64.43 1.27
CA LEU E 75 -2.89 64.19 1.37
C LEU E 75 -2.48 63.58 2.71
N LYS E 76 -3.15 63.97 3.81
CA LYS E 76 -2.87 63.39 5.13
C LYS E 76 -3.23 61.91 5.12
N GLU E 77 -4.35 61.55 4.47
CA GLU E 77 -4.76 60.13 4.36
C GLU E 77 -3.78 59.35 3.48
N MET E 78 -3.23 59.99 2.43
CA MET E 78 -2.27 59.33 1.56
CA MET E 78 -2.27 59.33 1.55
C MET E 78 -0.93 59.10 2.26
N ILE E 79 -0.53 60.03 3.15
CA ILE E 79 0.70 59.87 3.92
C ILE E 79 0.52 58.72 4.88
N LYS E 80 -0.63 58.65 5.58
CA LYS E 80 -0.90 57.55 6.51
C LYS E 80 -1.04 56.21 5.78
N ALA E 81 -1.57 56.20 4.54
CA ALA E 81 -1.70 54.99 3.73
C ALA E 81 -0.33 54.45 3.24
N GLY E 82 0.70 55.32 3.18
CA GLY E 82 2.03 54.90 2.80
C GLY E 82 2.78 55.68 1.74
N MET E 83 2.23 56.80 1.24
CA MET E 83 2.91 57.59 0.21
C MET E 83 4.23 58.14 0.76
N ASN E 84 5.35 57.89 0.07
CA ASN E 84 6.66 58.36 0.50
C ASN E 84 7.19 59.49 -0.38
N ILE E 85 6.78 59.51 -1.66
CA ILE E 85 7.24 60.50 -2.63
C ILE E 85 6.03 61.05 -3.37
N ALA E 86 5.92 62.38 -3.45
CA ALA E 86 4.83 63.03 -4.17
C ALA E 86 5.37 63.47 -5.51
N ARG E 87 4.78 63.00 -6.61
CA ARG E 87 5.24 63.34 -7.95
C ARG E 87 4.36 64.42 -8.58
N LEU E 88 4.99 65.42 -9.21
CA LEU E 88 4.26 66.48 -9.90
C LEU E 88 4.61 66.43 -11.36
N ASN E 89 3.64 66.06 -12.20
CA ASN E 89 3.87 65.87 -13.62
C ASN E 89 3.76 67.19 -14.37
N PHE E 90 4.91 67.75 -14.79
CA PHE E 90 4.91 69.02 -15.50
C PHE E 90 4.49 68.90 -16.97
N SER E 91 4.03 67.71 -17.42
CA SER E 91 3.40 67.60 -18.73
C SER E 91 1.98 68.22 -18.68
N HIS E 92 1.39 68.34 -17.48
CA HIS E 92 0.06 68.89 -17.24
C HIS E 92 0.14 70.06 -16.23
N GLY E 93 -0.98 70.74 -16.03
CA GLY E 93 -1.07 71.82 -15.07
C GLY E 93 -0.23 73.02 -15.42
N SER E 94 0.18 73.74 -14.43
CA SER E 94 0.99 74.95 -14.61
C SER E 94 1.87 75.15 -13.38
N HIS E 95 2.74 76.18 -13.41
CA HIS E 95 3.60 76.48 -12.26
C HIS E 95 2.76 76.83 -11.05
N GLU E 96 1.70 77.63 -11.23
CA GLU E 96 0.82 78.02 -10.14
C GLU E 96 0.08 76.79 -9.57
N TYR E 97 -0.41 75.93 -10.46
CA TYR E 97 -1.14 74.73 -10.03
C TYR E 97 -0.23 73.80 -9.22
N HIS E 98 0.96 73.47 -9.76
CA HIS E 98 1.90 72.59 -9.07
C HIS E 98 2.46 73.19 -7.79
N ALA E 99 2.69 74.52 -7.74
CA ALA E 99 3.16 75.16 -6.50
C ALA E 99 2.12 75.01 -5.39
N GLU E 100 0.83 75.11 -5.74
CA GLU E 100 -0.24 74.93 -4.76
C GLU E 100 -0.29 73.50 -4.26
N SER E 101 -0.13 72.53 -5.16
CA SER E 101 -0.09 71.11 -4.80
C SER E 101 1.08 70.84 -3.85
N ILE E 102 2.26 71.41 -4.14
CA ILE E 102 3.46 71.26 -3.32
C ILE E 102 3.22 71.85 -1.93
N ALA E 103 2.60 73.05 -1.85
CA ALA E 103 2.31 73.68 -0.56
C ALA E 103 1.35 72.81 0.24
N ASN E 104 0.35 72.20 -0.43
CA ASN E 104 -0.60 71.32 0.25
C ASN E 104 0.08 70.05 0.75
N VAL E 105 1.02 69.51 -0.04
CA VAL E 105 1.80 68.33 0.37
C VAL E 105 2.61 68.68 1.63
N ARG E 106 3.35 69.80 1.59
CA ARG E 106 4.13 70.23 2.73
C ARG E 106 3.28 70.51 3.95
N GLU E 107 2.08 71.07 3.79
CA GLU E 107 1.21 71.33 4.93
C GLU E 107 0.76 70.01 5.54
N ALA E 108 0.37 69.04 4.68
CA ALA E 108 -0.03 67.72 5.20
C ALA E 108 1.11 67.01 5.91
N VAL E 109 2.33 67.07 5.33
CA VAL E 109 3.52 66.45 5.92
C VAL E 109 3.87 67.08 7.26
N GLU E 110 3.91 68.41 7.32
CA GLU E 110 4.26 69.12 8.54
C GLU E 110 3.20 69.05 9.62
N SER E 111 1.97 68.62 9.31
CA SER E 111 0.94 68.45 10.33
C SER E 111 1.29 67.32 11.34
N PHE E 112 2.25 66.45 10.99
CA PHE E 112 2.69 65.36 11.85
C PHE E 112 4.07 65.66 12.53
N ALA E 113 4.69 66.84 12.28
CA ALA E 113 5.99 67.23 12.84
C ALA E 113 6.03 67.45 14.35
N GLY E 114 4.86 67.58 14.97
CA GLY E 114 4.76 67.77 16.40
C GLY E 114 5.17 66.55 17.22
N SER E 115 5.20 65.37 16.58
CA SER E 115 5.64 64.13 17.20
C SER E 115 6.85 63.64 16.40
N PRO E 116 8.06 64.11 16.76
CA PRO E 116 9.27 63.74 16.00
C PRO E 116 9.60 62.25 15.90
N LEU E 117 9.19 61.45 16.90
CA LEU E 117 9.42 60.00 16.91
C LEU E 117 8.58 59.25 15.86
N SER E 118 7.53 59.88 15.32
CA SER E 118 6.67 59.23 14.33
C SER E 118 6.58 60.00 12.99
N TYR E 119 7.15 61.22 12.91
CA TYR E 119 7.14 62.05 11.70
C TYR E 119 7.69 61.32 10.48
N ARG E 120 6.96 61.39 9.36
CA ARG E 120 7.40 60.74 8.14
C ARG E 120 7.76 61.75 7.09
N PRO E 121 9.04 61.85 6.71
CA PRO E 121 9.41 62.72 5.60
C PRO E 121 8.76 62.26 4.28
N VAL E 122 8.41 63.20 3.39
CA VAL E 122 7.84 62.88 2.09
C VAL E 122 8.62 63.67 1.05
N ALA E 123 9.22 62.99 0.07
CA ALA E 123 9.98 63.68 -0.96
C ALA E 123 9.06 64.36 -1.97
N ILE E 124 9.57 65.40 -2.64
CA ILE E 124 8.83 66.09 -3.69
C ILE E 124 9.60 65.95 -4.98
N ALA E 125 8.98 65.31 -5.98
CA ALA E 125 9.64 65.03 -7.24
C ALA E 125 8.98 65.74 -8.40
N LEU E 126 9.78 66.33 -9.26
CA LEU E 126 9.29 67.04 -10.43
C LEU E 126 9.53 66.17 -11.65
N ASP E 127 8.48 65.84 -12.39
CA ASP E 127 8.59 65.01 -13.59
C ASP E 127 8.50 65.96 -14.78
N THR E 128 9.56 66.03 -15.59
CA THR E 128 9.59 66.98 -16.70
C THR E 128 8.70 66.61 -17.87
N LYS E 129 8.31 67.63 -18.66
CA LYS E 129 7.50 67.44 -19.86
C LYS E 129 8.29 66.66 -20.91
N GLY E 130 9.57 66.98 -21.06
CA GLY E 130 10.43 66.27 -22.00
C GLY E 130 10.83 67.07 -23.22
N PRO E 131 11.65 66.45 -24.08
CA PRO E 131 12.13 67.15 -25.29
C PRO E 131 11.08 67.37 -26.39
N GLY E 136 17.01 67.14 -27.45
CA GLY E 136 17.73 68.00 -26.52
C GLY E 136 16.83 68.72 -25.52
N LEU E 137 17.42 69.45 -24.56
CA LEU E 137 16.66 70.13 -23.52
C LEU E 137 15.76 71.24 -24.05
N SER E 138 14.44 71.08 -23.88
CA SER E 138 13.45 72.04 -24.32
C SER E 138 13.45 73.31 -23.47
N GLU E 139 12.88 74.40 -23.99
CA GLU E 139 12.80 75.66 -23.27
C GLU E 139 11.83 75.57 -22.10
N GLN E 140 10.74 74.82 -22.25
CA GLN E 140 9.78 74.64 -21.16
C GLN E 140 10.46 73.86 -20.01
N ASP E 141 11.28 72.85 -20.34
CA ASP E 141 12.00 72.08 -19.33
C ASP E 141 12.96 72.97 -18.56
N VAL E 142 13.66 73.89 -19.25
CA VAL E 142 14.57 74.84 -18.58
C VAL E 142 13.80 75.66 -17.53
N ARG E 143 12.61 76.15 -17.89
CA ARG E 143 11.79 76.93 -16.96
C ARG E 143 11.24 76.09 -15.82
N ASP E 144 10.80 74.85 -16.11
CA ASP E 144 10.27 73.95 -15.07
C ASP E 144 11.35 73.50 -14.12
N LEU E 145 12.56 73.26 -14.61
CA LEU E 145 13.69 72.88 -13.76
C LEU E 145 14.08 74.04 -12.84
N ARG E 146 14.00 75.28 -13.35
CA ARG E 146 14.26 76.46 -12.53
C ARG E 146 13.19 76.57 -11.43
N PHE E 147 11.93 76.31 -11.78
CA PHE E 147 10.81 76.31 -10.82
C PHE E 147 11.10 75.27 -9.71
N GLY E 148 11.59 74.09 -10.09
CA GLY E 148 11.93 73.02 -9.16
C GLY E 148 12.96 73.44 -8.16
N VAL E 149 14.03 74.11 -8.63
CA VAL E 149 15.08 74.60 -7.75
C VAL E 149 14.52 75.65 -6.80
N GLU E 150 13.74 76.59 -7.33
CA GLU E 150 13.14 77.66 -6.52
C GLU E 150 12.15 77.15 -5.50
N HIS E 151 11.47 76.03 -5.79
CA HIS E 151 10.52 75.45 -4.85
C HIS E 151 11.12 74.32 -3.98
N GLY E 152 12.44 74.13 -4.04
CA GLY E 152 13.13 73.14 -3.22
C GLY E 152 12.77 71.69 -3.43
N VAL E 153 12.58 71.28 -4.69
CA VAL E 153 12.25 69.88 -4.98
C VAL E 153 13.44 68.98 -4.66
N ASP E 154 13.15 67.73 -4.30
CA ASP E 154 14.19 66.78 -3.92
C ASP E 154 14.70 65.97 -5.09
N ILE E 155 13.82 65.68 -6.04
CA ILE E 155 14.14 64.80 -7.14
C ILE E 155 13.59 65.33 -8.45
N VAL E 156 14.29 65.02 -9.54
CA VAL E 156 13.81 65.30 -10.87
C VAL E 156 13.66 63.96 -11.59
N PHE E 157 12.48 63.66 -12.13
CA PHE E 157 12.28 62.49 -12.97
C PHE E 157 12.42 63.09 -14.37
N ALA E 158 13.57 62.92 -15.02
CA ALA E 158 13.81 63.51 -16.33
C ALA E 158 13.25 62.67 -17.46
N SER E 159 12.24 63.18 -18.16
CA SER E 159 11.61 62.49 -19.27
C SER E 159 12.48 62.30 -20.50
N PHE E 160 12.26 61.16 -21.18
CA PHE E 160 12.91 60.77 -22.42
C PHE E 160 14.42 60.97 -22.44
N VAL E 161 15.12 60.45 -21.44
CA VAL E 161 16.59 60.50 -21.43
C VAL E 161 17.08 59.45 -22.43
N ARG E 162 17.86 59.88 -23.44
CA ARG E 162 18.34 59.02 -24.51
C ARG E 162 19.85 58.81 -24.53
N LYS E 163 20.59 59.63 -23.81
CA LYS E 163 22.06 59.58 -23.79
C LYS E 163 22.58 60.37 -22.58
N ALA E 164 23.86 60.18 -22.24
CA ALA E 164 24.49 60.86 -21.11
C ALA E 164 24.41 62.40 -21.19
N SER E 165 24.50 62.98 -22.40
CA SER E 165 24.44 64.44 -22.55
C SER E 165 23.07 65.01 -22.19
N ASP E 166 22.00 64.20 -22.25
CA ASP E 166 20.67 64.64 -21.82
C ASP E 166 20.69 64.89 -20.30
N VAL E 167 21.39 64.03 -19.53
CA VAL E 167 21.50 64.16 -18.08
C VAL E 167 22.33 65.39 -17.74
N ALA E 168 23.44 65.61 -18.46
CA ALA E 168 24.31 66.77 -18.24
C ALA E 168 23.52 68.07 -18.46
N ALA E 169 22.64 68.09 -19.47
CA ALA E 169 21.81 69.28 -19.77
C ALA E 169 20.84 69.56 -18.62
N VAL E 170 20.23 68.50 -18.05
CA VAL E 170 19.32 68.65 -16.91
C VAL E 170 20.09 69.19 -15.71
N ARG E 171 21.27 68.61 -15.46
CA ARG E 171 22.12 69.02 -14.35
C ARG E 171 22.52 70.52 -14.49
N ALA E 172 22.87 70.96 -15.71
CA ALA E 172 23.23 72.36 -15.97
C ALA E 172 22.04 73.29 -15.74
N ALA E 173 20.83 72.87 -16.17
CA ALA E 173 19.62 73.67 -15.99
C ALA E 173 19.20 73.83 -14.52
N LEU E 174 19.63 72.92 -13.65
CA LEU E 174 19.35 73.04 -12.22
C LEU E 174 20.23 74.13 -11.54
N GLY E 175 21.31 74.54 -12.21
CA GLY E 175 22.19 75.59 -11.74
C GLY E 175 23.03 75.24 -10.53
N PRO E 176 23.71 76.24 -9.97
CA PRO E 176 24.55 75.99 -8.79
C PRO E 176 23.73 75.73 -7.51
N GLU E 177 22.48 76.21 -7.46
CA GLU E 177 21.64 76.01 -6.27
C GLU E 177 20.96 74.63 -6.22
N GLY E 178 20.95 73.89 -7.33
CA GLY E 178 20.30 72.59 -7.38
C GLY E 178 21.22 71.40 -7.45
N HIS E 179 22.47 71.55 -6.95
CA HIS E 179 23.46 70.47 -6.98
CA HIS E 179 23.46 70.47 -6.98
C HIS E 179 23.04 69.24 -6.16
N GLY E 180 22.26 69.46 -5.11
CA GLY E 180 21.81 68.39 -4.23
C GLY E 180 20.61 67.61 -4.73
N ILE E 181 19.94 68.09 -5.78
CA ILE E 181 18.76 67.43 -6.32
C ILE E 181 19.13 66.13 -7.06
N LYS E 182 18.43 65.03 -6.76
CA LYS E 182 18.68 63.74 -7.41
C LYS E 182 18.08 63.72 -8.79
N ILE E 183 18.83 63.24 -9.79
CA ILE E 183 18.30 63.11 -11.14
C ILE E 183 18.02 61.64 -11.42
N ILE E 184 16.75 61.30 -11.61
CA ILE E 184 16.33 59.95 -11.95
C ILE E 184 15.98 59.99 -13.42
N SER E 185 16.78 59.34 -14.28
CA SER E 185 16.52 59.36 -15.71
C SER E 185 15.40 58.39 -16.10
N LYS E 186 14.41 58.89 -16.83
CA LYS E 186 13.32 58.05 -17.30
C LYS E 186 13.72 57.42 -18.64
N ILE E 187 13.68 56.09 -18.73
CA ILE E 187 13.99 55.37 -19.95
C ILE E 187 12.66 55.08 -20.60
N GLU E 188 12.42 55.70 -21.76
CA GLU E 188 11.13 55.65 -22.42
C GLU E 188 11.13 55.23 -23.86
N ASN E 189 12.30 54.91 -24.42
CA ASN E 189 12.37 54.53 -25.84
C ASN E 189 13.53 53.58 -26.12
N HIS E 190 13.64 53.10 -27.37
CA HIS E 190 14.69 52.16 -27.75
C HIS E 190 16.09 52.70 -27.52
N GLU E 191 16.33 53.97 -27.86
CA GLU E 191 17.66 54.56 -27.67
C GLU E 191 18.08 54.58 -26.20
N GLY E 192 17.16 54.98 -25.31
CA GLY E 192 17.43 54.99 -23.88
C GLY E 192 17.81 53.62 -23.35
N VAL E 193 17.15 52.56 -23.85
CA VAL E 193 17.45 51.18 -23.45
C VAL E 193 18.83 50.78 -23.98
N LYS E 194 19.11 51.08 -25.26
CA LYS E 194 20.40 50.73 -25.86
C LYS E 194 21.58 51.49 -25.24
N ARG E 195 21.38 52.74 -24.87
CA ARG E 195 22.42 53.55 -24.21
C ARG E 195 22.27 53.57 -22.68
N PHE E 196 21.58 52.57 -22.11
CA PHE E 196 21.34 52.46 -20.68
C PHE E 196 22.58 52.62 -19.81
N ASP E 197 23.67 51.88 -20.10
CA ASP E 197 24.87 51.94 -19.27
C ASP E 197 25.45 53.34 -19.14
N GLU E 198 25.51 54.09 -20.25
CA GLU E 198 26.06 55.45 -20.18
C GLU E 198 25.13 56.40 -19.45
N ILE E 199 23.81 56.16 -19.51
CA ILE E 199 22.82 56.98 -18.81
C ILE E 199 22.89 56.72 -17.31
N LEU E 200 22.91 55.45 -16.92
CA LEU E 200 22.95 55.09 -15.49
C LEU E 200 24.21 55.64 -14.82
N GLU E 201 25.34 55.58 -15.54
CA GLU E 201 26.65 56.05 -15.05
CA GLU E 201 26.64 56.05 -15.04
C GLU E 201 26.59 57.48 -14.52
N VAL E 202 25.90 58.37 -15.24
CA VAL E 202 25.82 59.79 -14.86
C VAL E 202 24.53 60.17 -14.12
N SER E 203 23.59 59.23 -13.92
CA SER E 203 22.34 59.52 -13.24
C SER E 203 22.39 59.06 -11.78
N ASP E 204 21.50 59.58 -10.95
CA ASP E 204 21.38 59.10 -9.57
C ASP E 204 20.56 57.78 -9.51
N GLY E 205 19.75 57.54 -10.52
CA GLY E 205 18.88 56.38 -10.62
C GLY E 205 18.09 56.39 -11.91
N ILE E 206 17.17 55.43 -12.04
CA ILE E 206 16.42 55.24 -13.27
C ILE E 206 14.93 55.02 -13.00
N MET E 207 14.09 55.42 -13.95
CA MET E 207 12.67 55.08 -13.91
C MET E 207 12.37 54.28 -15.18
N VAL E 208 11.77 53.11 -15.02
CA VAL E 208 11.34 52.31 -16.16
C VAL E 208 9.95 52.88 -16.47
N ALA E 209 9.89 53.84 -17.41
CA ALA E 209 8.67 54.59 -17.75
C ALA E 209 7.93 53.79 -18.81
N ARG E 210 7.14 52.80 -18.36
CA ARG E 210 6.51 51.82 -19.23
C ARG E 210 5.46 52.33 -20.17
N GLY E 211 4.83 53.47 -19.88
CA GLY E 211 3.80 54.06 -20.75
C GLY E 211 4.34 54.33 -22.14
N ASP E 212 5.33 55.23 -22.23
CA ASP E 212 5.98 55.53 -23.51
C ASP E 212 6.78 54.35 -24.00
N LEU E 213 7.52 53.65 -23.11
CA LEU E 213 8.32 52.49 -23.53
C LEU E 213 7.48 51.45 -24.27
N GLY E 214 6.26 51.20 -23.79
CA GLY E 214 5.32 50.26 -24.39
C GLY E 214 4.72 50.69 -25.72
N ILE E 215 4.96 51.95 -26.13
CA ILE E 215 4.53 52.47 -27.44
C ILE E 215 5.76 52.61 -28.36
N GLU E 216 6.95 52.88 -27.80
CA GLU E 216 8.20 53.07 -28.53
C GLU E 216 8.81 51.75 -28.97
N ILE E 217 8.69 50.71 -28.13
CA ILE E 217 9.15 49.36 -28.46
C ILE E 217 7.94 48.41 -28.42
N PRO E 218 8.00 47.19 -29.01
CA PRO E 218 6.84 46.28 -28.93
C PRO E 218 6.40 46.04 -27.48
N ALA E 219 5.09 46.10 -27.24
CA ALA E 219 4.52 45.95 -25.90
C ALA E 219 5.00 44.66 -25.20
N GLU E 220 5.18 43.58 -25.98
CA GLU E 220 5.60 42.29 -25.45
C GLU E 220 7.08 42.24 -25.03
N LYS E 221 7.85 43.31 -25.27
CA LYS E 221 9.26 43.37 -24.91
C LYS E 221 9.52 44.23 -23.67
N VAL E 222 8.53 45.00 -23.20
CA VAL E 222 8.72 45.88 -22.05
C VAL E 222 9.23 45.14 -20.81
N PHE E 223 8.72 43.93 -20.52
CA PHE E 223 9.16 43.17 -19.36
C PHE E 223 10.66 42.84 -19.41
N LEU E 224 11.23 42.65 -20.63
CA LEU E 224 12.66 42.38 -20.76
C LEU E 224 13.45 43.64 -20.42
N ALA E 225 12.99 44.80 -20.89
CA ALA E 225 13.66 46.08 -20.60
C ALA E 225 13.56 46.39 -19.11
N GLN E 226 12.38 46.15 -18.50
CA GLN E 226 12.17 46.37 -17.07
C GLN E 226 13.10 45.49 -16.23
N LYS E 227 13.11 44.19 -16.49
CA LYS E 227 13.93 43.25 -15.73
C LYS E 227 15.41 43.53 -15.89
N MET E 228 15.85 43.84 -17.12
CA MET E 228 17.25 44.20 -17.38
C MET E 228 17.64 45.46 -16.60
N MET E 229 16.84 46.53 -16.71
CA MET E 229 17.20 47.80 -16.06
C MET E 229 17.19 47.69 -14.54
N ILE E 230 16.24 46.91 -13.99
CA ILE E 230 16.20 46.72 -12.56
C ILE E 230 17.45 45.95 -12.10
N GLY E 231 17.81 44.90 -12.83
CA GLY E 231 19.00 44.11 -12.52
C GLY E 231 20.27 44.94 -12.58
N ARG E 232 20.43 45.76 -13.61
CA ARG E 232 21.62 46.62 -13.74
C ARG E 232 21.70 47.70 -12.66
N CYS E 233 20.54 48.27 -12.25
CA CYS E 233 20.51 49.25 -11.17
C CYS E 233 20.84 48.57 -9.85
N ASN E 234 20.33 47.35 -9.62
CA ASN E 234 20.65 46.60 -8.41
C ASN E 234 22.17 46.32 -8.34
N LEU E 235 22.76 45.95 -9.47
CA LEU E 235 24.20 45.70 -9.56
C LEU E 235 24.99 47.00 -9.27
N ALA E 236 24.53 48.13 -9.79
CA ALA E 236 25.18 49.44 -9.56
C ALA E 236 24.90 50.03 -8.18
N GLY E 237 23.93 49.48 -7.44
CA GLY E 237 23.57 50.04 -6.14
C GLY E 237 22.87 51.39 -6.30
N LYS E 238 22.14 51.61 -7.41
CA LYS E 238 21.44 52.88 -7.65
C LYS E 238 19.94 52.65 -7.73
N PRO E 239 19.13 53.59 -7.21
CA PRO E 239 17.68 53.36 -7.18
C PRO E 239 17.00 53.19 -8.54
N VAL E 240 16.01 52.30 -8.57
CA VAL E 240 15.24 52.06 -9.79
C VAL E 240 13.75 52.08 -9.46
N VAL E 241 12.97 52.80 -10.29
CA VAL E 241 11.53 52.94 -10.10
C VAL E 241 10.79 52.17 -11.19
N CYS E 242 9.78 51.37 -10.80
CA CYS E 242 8.91 50.76 -11.79
C CYS E 242 7.69 51.65 -11.88
N ALA E 243 7.27 52.01 -13.11
CA ALA E 243 6.17 52.96 -13.25
C ALA E 243 5.17 52.61 -14.32
N THR E 244 3.94 53.13 -14.18
CA THR E 244 2.85 53.25 -15.14
C THR E 244 1.99 52.00 -15.31
N GLN E 245 0.69 52.22 -15.09
CA GLN E 245 -0.41 51.27 -15.24
C GLN E 245 -0.32 50.09 -14.29
N MET E 246 0.39 50.23 -13.16
CA MET E 246 0.53 49.14 -12.16
C MET E 246 -0.81 48.74 -11.58
N LEU E 247 -1.68 49.72 -11.26
CA LEU E 247 -3.02 49.44 -10.73
C LEU E 247 -4.06 50.23 -11.54
N GLU E 248 -3.87 50.32 -12.87
CA GLU E 248 -4.68 51.13 -13.77
C GLU E 248 -6.19 51.06 -13.56
N SER E 249 -6.78 49.86 -13.46
CA SER E 249 -8.22 49.72 -13.30
C SER E 249 -8.75 50.42 -12.05
N MET E 250 -7.90 50.64 -11.02
CA MET E 250 -8.32 51.33 -9.81
C MET E 250 -8.61 52.83 -10.02
N ILE E 251 -8.40 53.36 -11.25
CA ILE E 251 -8.79 54.73 -11.58
C ILE E 251 -10.36 54.81 -11.46
N THR E 252 -11.07 53.73 -11.84
CA THR E 252 -12.52 53.68 -11.74
C THR E 252 -13.05 52.60 -10.80
N LYS E 253 -12.28 51.55 -10.50
CA LYS E 253 -12.78 50.45 -9.66
C LYS E 253 -12.11 50.38 -8.29
N PRO E 254 -12.87 49.97 -7.25
CA PRO E 254 -12.29 49.95 -5.89
C PRO E 254 -11.25 48.85 -5.62
N ARG E 255 -11.23 47.82 -6.47
CA ARG E 255 -10.29 46.71 -6.33
C ARG E 255 -9.57 46.52 -7.66
N PRO E 256 -8.28 46.13 -7.62
CA PRO E 256 -7.54 45.96 -8.87
C PRO E 256 -7.78 44.60 -9.53
N THR E 257 -7.27 44.43 -10.77
CA THR E 257 -7.36 43.12 -11.43
C THR E 257 -6.28 42.17 -10.90
N ARG E 258 -6.38 40.87 -11.25
CA ARG E 258 -5.39 39.87 -10.86
C ARG E 258 -4.03 40.14 -11.52
N ALA E 259 -4.02 40.73 -12.72
CA ALA E 259 -2.76 41.07 -13.40
C ALA E 259 -2.08 42.26 -12.72
N GLU E 260 -2.86 43.20 -12.21
CA GLU E 260 -2.33 44.38 -11.54
C GLU E 260 -1.66 44.07 -10.20
N THR E 261 -2.25 43.20 -9.37
CA THR E 261 -1.59 42.83 -8.12
C THR E 261 -0.31 42.05 -8.39
N SER E 262 -0.35 41.17 -9.39
CA SER E 262 0.76 40.38 -9.85
C SER E 262 1.89 41.31 -10.32
N ASP E 263 1.55 42.34 -11.10
CA ASP E 263 2.52 43.32 -11.61
C ASP E 263 3.25 44.03 -10.47
N VAL E 264 2.51 44.48 -9.43
CA VAL E 264 3.14 45.14 -8.29
C VAL E 264 4.08 44.17 -7.57
N ALA E 265 3.61 42.96 -7.30
CA ALA E 265 4.42 41.96 -6.60
C ALA E 265 5.68 41.62 -7.38
N ASN E 266 5.56 41.46 -8.71
CA ASN E 266 6.68 41.10 -9.55
C ASN E 266 7.68 42.24 -9.72
N ALA E 267 7.24 43.51 -9.65
CA ALA E 267 8.19 44.64 -9.71
C ALA E 267 9.08 44.61 -8.46
N VAL E 268 8.50 44.29 -7.30
CA VAL E 268 9.25 44.17 -6.04
C VAL E 268 10.19 42.95 -6.11
N LEU E 269 9.69 41.79 -6.58
CA LEU E 269 10.50 40.58 -6.74
C LEU E 269 11.63 40.78 -7.75
N ASP E 270 11.39 41.58 -8.81
CA ASP E 270 12.42 41.96 -9.79
C ASP E 270 13.59 42.71 -9.15
N GLY E 271 13.31 43.49 -8.11
CA GLY E 271 14.31 44.27 -7.40
C GLY E 271 14.08 45.77 -7.40
N ALA E 272 12.85 46.23 -7.76
CA ALA E 272 12.58 47.68 -7.82
C ALA E 272 12.69 48.31 -6.44
N ASP E 273 13.32 49.48 -6.36
CA ASP E 273 13.41 50.21 -5.10
C ASP E 273 12.10 50.93 -4.82
N CYS E 274 11.43 51.44 -5.87
CA CYS E 274 10.18 52.20 -5.79
C CYS E 274 9.17 51.69 -6.77
N ILE E 275 7.89 51.84 -6.41
CA ILE E 275 6.76 51.58 -7.28
C ILE E 275 5.95 52.90 -7.39
N MET E 276 5.26 53.10 -8.50
CA MET E 276 4.58 54.37 -8.74
C MET E 276 3.12 54.24 -9.12
N LEU E 277 2.37 55.29 -8.83
CA LEU E 277 0.97 55.45 -9.20
C LEU E 277 0.89 56.77 -9.98
N SER E 278 0.20 56.77 -11.12
CA SER E 278 0.04 57.96 -11.94
C SER E 278 -1.44 58.38 -11.93
N GLY E 279 -2.23 58.01 -12.95
CA GLY E 279 -3.67 58.31 -13.02
C GLY E 279 -4.43 57.78 -11.82
N GLU E 280 -3.94 56.66 -11.22
CA GLU E 280 -4.56 56.04 -10.04
C GLU E 280 -4.70 57.02 -8.88
N THR E 281 -3.75 57.95 -8.73
CA THR E 281 -3.82 58.95 -7.65
C THR E 281 -4.09 60.36 -8.17
N ALA E 282 -3.59 60.69 -9.37
CA ALA E 282 -3.76 62.03 -9.92
C ALA E 282 -5.22 62.36 -10.29
N LYS E 283 -5.96 61.40 -10.86
CA LYS E 283 -7.34 61.66 -11.27
C LYS E 283 -8.36 60.59 -10.89
N GLY E 284 -7.91 59.53 -10.23
CA GLY E 284 -8.77 58.40 -9.93
C GLY E 284 -9.77 58.58 -8.81
N ASN E 285 -10.76 57.68 -8.78
CA ASN E 285 -11.78 57.74 -7.74
C ASN E 285 -11.37 57.06 -6.45
N PHE E 286 -10.25 56.31 -6.44
CA PHE E 286 -9.80 55.64 -5.23
C PHE E 286 -8.28 55.89 -4.99
N PRO E 287 -7.80 57.16 -4.92
CA PRO E 287 -6.37 57.42 -4.70
C PRO E 287 -5.77 56.81 -3.44
N VAL E 288 -6.47 56.92 -2.30
CA VAL E 288 -5.98 56.38 -1.03
C VAL E 288 -5.96 54.84 -1.07
N GLU E 289 -7.00 54.25 -1.68
CA GLU E 289 -7.09 52.79 -1.78
C GLU E 289 -5.97 52.24 -2.69
N ALA E 290 -5.58 52.99 -3.74
CA ALA E 290 -4.49 52.58 -4.62
C ALA E 290 -3.15 52.55 -3.85
N VAL E 291 -2.93 53.54 -2.99
CA VAL E 291 -1.71 53.59 -2.15
C VAL E 291 -1.74 52.42 -1.18
N LYS E 292 -2.90 52.18 -0.53
CA LYS E 292 -3.07 51.08 0.42
C LYS E 292 -2.81 49.72 -0.24
N MET E 293 -3.27 49.56 -1.48
CA MET E 293 -3.08 48.32 -2.22
C MET E 293 -1.61 48.10 -2.54
N GLN E 294 -0.89 49.14 -3.03
CA GLN E 294 0.56 49.00 -3.29
C GLN E 294 1.31 48.68 -2.03
N HIS E 295 0.91 49.30 -0.90
CA HIS E 295 1.55 49.02 0.40
C HIS E 295 1.36 47.55 0.78
N ALA E 296 0.12 47.06 0.71
CA ALA E 296 -0.23 45.68 1.08
C ALA E 296 0.51 44.65 0.22
N ILE E 297 0.55 44.84 -1.11
CA ILE E 297 1.24 43.89 -2.00
C ILE E 297 2.76 43.93 -1.77
N ALA E 298 3.37 45.13 -1.70
CA ALA E 298 4.82 45.25 -1.54
C ALA E 298 5.31 44.54 -0.30
N ARG E 299 4.58 44.67 0.79
CA ARG E 299 4.95 44.03 2.04
C ARG E 299 4.95 42.49 1.91
N GLU E 300 3.94 41.93 1.23
CA GLU E 300 3.86 40.51 0.99
C GLU E 300 5.02 40.04 0.08
N ALA E 301 5.29 40.81 -0.98
CA ALA E 301 6.34 40.48 -1.96
C ALA E 301 7.74 40.58 -1.37
N GLU E 302 8.00 41.56 -0.50
CA GLU E 302 9.31 41.72 0.14
C GLU E 302 9.66 40.51 1.03
N ALA E 303 8.67 39.95 1.72
CA ALA E 303 8.89 38.74 2.52
C ALA E 303 9.14 37.50 1.62
N ALA E 304 8.58 37.48 0.40
CA ALA E 304 8.74 36.40 -0.57
C ALA E 304 10.05 36.46 -1.35
N VAL E 305 10.88 37.50 -1.16
CA VAL E 305 12.17 37.58 -1.84
C VAL E 305 13.07 36.44 -1.33
N TYR E 306 13.78 35.76 -2.21
CA TYR E 306 14.66 34.65 -1.82
C TYR E 306 16.02 35.24 -1.46
N HIS E 307 16.14 35.79 -0.24
CA HIS E 307 17.37 36.47 0.19
C HIS E 307 18.61 35.63 0.13
N ARG E 308 18.50 34.31 0.35
CA ARG E 308 19.67 33.44 0.32
C ARG E 308 20.42 33.53 -1.02
N GLN E 309 19.68 33.48 -2.14
CA GLN E 309 20.32 33.61 -3.44
C GLN E 309 20.64 35.06 -3.75
N LEU E 310 19.70 35.98 -3.45
CA LEU E 310 19.89 37.39 -3.75
C LEU E 310 21.14 37.96 -3.07
N PHE E 311 21.31 37.75 -1.75
CA PHE E 311 22.47 38.25 -1.03
C PHE E 311 23.73 37.68 -1.59
N GLU E 312 23.78 36.34 -1.83
CA GLU E 312 24.95 35.68 -2.39
CA GLU E 312 24.95 35.70 -2.39
C GLU E 312 25.33 36.29 -3.73
N GLU E 313 24.35 36.51 -4.62
CA GLU E 313 24.63 37.09 -5.93
C GLU E 313 25.02 38.58 -5.90
N LEU E 314 24.40 39.34 -5.01
CA LEU E 314 24.75 40.77 -4.87
C LEU E 314 26.13 40.89 -4.28
N ARG E 315 26.42 40.12 -3.25
CA ARG E 315 27.69 40.07 -2.57
C ARG E 315 28.80 39.65 -3.57
N ARG E 316 28.57 38.59 -4.36
CA ARG E 316 29.54 38.11 -5.36
C ARG E 316 29.82 39.14 -6.48
N ALA E 317 28.79 39.84 -6.93
CA ALA E 317 28.94 40.80 -8.01
C ALA E 317 29.42 42.19 -7.59
N ALA E 318 29.19 42.61 -6.32
CA ALA E 318 29.66 43.92 -5.83
C ALA E 318 31.17 43.86 -5.78
N PRO E 319 31.88 44.81 -6.42
CA PRO E 319 33.33 44.68 -6.52
C PRO E 319 34.04 44.76 -5.19
N LEU E 320 35.28 44.24 -5.13
CA LEU E 320 36.11 44.39 -3.94
C LEU E 320 36.38 45.89 -3.75
N SER E 321 36.50 46.34 -2.51
CA SER E 321 36.63 47.76 -2.24
C SER E 321 37.45 48.03 -1.03
N ARG E 322 38.19 49.13 -1.07
CA ARG E 322 38.95 49.60 0.06
CA ARG E 322 38.94 49.56 0.10
C ARG E 322 38.31 50.84 0.72
N ASP E 323 37.04 51.17 0.32
CA ASP E 323 36.28 52.27 0.90
C ASP E 323 35.69 51.72 2.23
N PRO E 324 36.03 52.33 3.36
CA PRO E 324 35.54 51.80 4.65
C PRO E 324 34.01 51.77 4.80
N THR E 325 33.26 52.70 4.17
CA THR E 325 31.80 52.70 4.25
C THR E 325 31.27 51.45 3.55
N GLU E 326 31.81 51.12 2.36
CA GLU E 326 31.42 49.94 1.58
C GLU E 326 31.76 48.65 2.36
N VAL E 327 32.96 48.61 2.96
CA VAL E 327 33.40 47.47 3.74
C VAL E 327 32.50 47.26 4.98
N THR E 328 32.19 48.36 5.70
CA THR E 328 31.34 48.28 6.88
C THR E 328 29.94 47.83 6.49
N ALA E 329 29.39 48.37 5.37
CA ALA E 329 28.04 48.02 4.92
C ALA E 329 27.85 46.52 4.70
N ILE E 330 28.80 45.86 4.01
CA ILE E 330 28.63 44.44 3.75
C ILE E 330 28.79 43.62 5.03
N GLY E 331 29.69 44.04 5.91
CA GLY E 331 29.87 43.40 7.20
C GLY E 331 28.63 43.52 8.06
N ALA E 332 27.96 44.70 8.05
CA ALA E 332 26.74 44.94 8.82
C ALA E 332 25.58 44.13 8.27
N VAL E 333 25.46 44.02 6.94
CA VAL E 333 24.37 43.24 6.35
C VAL E 333 24.56 41.75 6.64
N GLU E 334 25.81 41.27 6.58
CA GLU E 334 26.13 39.88 6.91
C GLU E 334 25.77 39.61 8.38
N ALA E 335 26.15 40.52 9.27
CA ALA E 335 25.86 40.41 10.70
C ALA E 335 24.35 40.40 10.95
N ALA E 336 23.59 41.27 10.27
CA ALA E 336 22.14 41.33 10.42
C ALA E 336 21.48 40.00 10.03
N PHE E 337 21.91 39.39 8.91
CA PHE E 337 21.38 38.09 8.49
C PHE E 337 21.69 36.99 9.50
N LYS E 338 22.89 37.00 10.08
CA LYS E 338 23.34 36.00 11.05
C LYS E 338 22.48 35.94 12.31
N CYS E 339 21.99 37.09 12.78
CA CYS E 339 21.19 37.14 14.01
C CYS E 339 19.73 37.48 13.77
N CYS E 340 19.26 37.57 12.52
CA CYS E 340 17.87 37.96 12.23
C CYS E 340 17.60 39.34 12.83
N ALA E 341 18.56 40.27 12.71
CA ALA E 341 18.43 41.60 13.33
C ALA E 341 17.11 42.28 12.97
N ALA E 342 16.46 42.91 13.95
CA ALA E 342 15.20 43.62 13.66
C ALA E 342 15.50 44.85 12.79
N ALA E 343 16.71 45.46 12.94
CA ALA E 343 17.06 46.66 12.17
C ALA E 343 18.56 46.90 12.13
N ILE E 344 19.00 47.69 11.15
CA ILE E 344 20.34 48.23 11.07
C ILE E 344 20.12 49.73 11.24
N ILE E 345 20.61 50.33 12.33
CA ILE E 345 20.48 51.76 12.55
C ILE E 345 21.75 52.43 12.06
N VAL E 346 21.64 53.37 11.13
CA VAL E 346 22.79 54.03 10.57
C VAL E 346 22.68 55.55 10.68
N LEU E 347 23.80 56.21 10.95
CA LEU E 347 23.87 57.65 10.99
C LEU E 347 24.39 58.08 9.64
N THR E 348 23.73 59.05 8.99
CA THR E 348 24.13 59.49 7.67
C THR E 348 23.85 60.98 7.44
N THR E 349 24.77 61.66 6.74
CA THR E 349 24.64 63.07 6.41
C THR E 349 23.97 63.23 5.03
N THR E 350 24.47 62.50 4.03
CA THR E 350 23.96 62.59 2.67
C THR E 350 22.98 61.47 2.27
N GLY E 351 22.92 60.40 3.06
CA GLY E 351 22.16 59.21 2.75
C GLY E 351 23.02 58.06 2.24
N ARG E 352 24.29 58.35 1.85
CA ARG E 352 25.19 57.36 1.24
C ARG E 352 25.42 56.10 2.08
N SER E 353 25.69 56.21 3.40
CA SER E 353 25.92 55.01 4.22
C SER E 353 24.66 54.11 4.22
N ALA E 354 23.46 54.70 4.19
CA ALA E 354 22.20 53.96 4.15
C ALA E 354 22.03 53.31 2.77
N GLN E 355 22.40 54.02 1.69
CA GLN E 355 22.31 53.51 0.32
C GLN E 355 23.24 52.29 0.15
N LEU E 356 24.43 52.32 0.73
CA LEU E 356 25.37 51.20 0.63
C LEU E 356 24.91 49.97 1.41
N LEU E 357 24.12 50.16 2.47
CA LEU E 357 23.53 49.05 3.21
C LEU E 357 22.37 48.47 2.36
N SER E 358 21.51 49.36 1.83
CA SER E 358 20.34 48.99 1.02
CA SER E 358 20.36 48.95 1.03
C SER E 358 20.70 48.17 -0.24
N ARG E 359 21.86 48.47 -0.85
CA ARG E 359 22.27 47.75 -2.06
C ARG E 359 22.46 46.24 -1.83
N TYR E 360 22.71 45.81 -0.58
CA TYR E 360 22.85 44.38 -0.25
C TYR E 360 21.52 43.71 0.12
N ARG E 361 20.41 44.47 0.02
CA ARG E 361 19.06 44.03 0.29
C ARG E 361 18.91 43.25 1.59
N PRO E 362 19.29 43.84 2.74
CA PRO E 362 19.06 43.14 4.01
C PRO E 362 17.57 42.95 4.25
N ARG E 363 17.22 41.89 4.98
CA ARG E 363 15.85 41.70 5.42
C ARG E 363 15.60 42.71 6.58
N ALA E 364 16.61 43.04 7.39
CA ALA E 364 16.50 44.02 8.47
C ALA E 364 16.25 45.40 7.89
N ALA E 365 15.35 46.16 8.51
CA ALA E 365 15.03 47.53 8.12
C ALA E 365 16.27 48.39 8.33
N VAL E 366 16.57 49.31 7.42
CA VAL E 366 17.70 50.22 7.59
C VAL E 366 17.13 51.55 8.12
N ILE E 367 17.28 51.81 9.41
CA ILE E 367 16.77 53.03 10.02
C ILE E 367 17.84 54.10 9.91
N ALA E 368 17.65 55.07 9.02
CA ALA E 368 18.67 56.10 8.77
C ALA E 368 18.37 57.38 9.54
N VAL E 369 19.23 57.74 10.48
CA VAL E 369 19.07 58.95 11.28
C VAL E 369 19.93 60.03 10.68
N THR E 370 19.29 61.14 10.31
CA THR E 370 20.00 62.25 9.69
C THR E 370 19.44 63.60 10.17
N ARG E 371 20.30 64.65 10.16
CA ARG E 371 19.87 66.03 10.43
C ARG E 371 19.44 66.72 9.13
N SER E 372 19.85 66.20 7.95
CA SER E 372 19.51 66.81 6.69
C SER E 372 18.08 66.43 6.29
N ALA E 373 17.17 67.44 6.28
CA ALA E 373 15.79 67.24 5.87
C ALA E 373 15.70 66.73 4.43
N GLN E 374 16.56 67.27 3.56
CA GLN E 374 16.59 66.86 2.17
C GLN E 374 17.07 65.40 2.02
N ALA E 375 18.14 64.99 2.75
CA ALA E 375 18.62 63.60 2.68
C ALA E 375 17.54 62.65 3.19
N ALA E 376 16.79 63.04 4.24
CA ALA E 376 15.73 62.20 4.79
C ALA E 376 14.64 61.97 3.75
N ARG E 377 14.30 62.99 2.95
CA ARG E 377 13.30 62.83 1.91
C ARG E 377 13.86 61.99 0.75
N GLN E 378 15.09 62.27 0.31
CA GLN E 378 15.68 61.57 -0.81
C GLN E 378 15.99 60.07 -0.59
N VAL E 379 16.29 59.65 0.65
CA VAL E 379 16.62 58.23 0.90
C VAL E 379 15.44 57.28 0.70
N HIS E 380 14.21 57.82 0.54
CA HIS E 380 13.04 57.02 0.16
C HIS E 380 13.29 56.34 -1.21
N LEU E 381 14.23 56.84 -2.02
CA LEU E 381 14.56 56.24 -3.30
C LEU E 381 15.22 54.83 -3.13
N CYS E 382 15.82 54.55 -1.95
CA CYS E 382 16.54 53.31 -1.68
C CYS E 382 15.71 52.34 -0.91
N ARG E 383 15.51 51.13 -1.46
CA ARG E 383 14.66 50.15 -0.77
C ARG E 383 15.13 49.83 0.63
N GLY E 384 14.17 49.79 1.55
CA GLY E 384 14.43 49.39 2.93
C GLY E 384 15.06 50.43 3.80
N VAL E 385 15.12 51.69 3.35
CA VAL E 385 15.66 52.76 4.17
C VAL E 385 14.51 53.56 4.75
N PHE E 386 14.44 53.64 6.09
CA PHE E 386 13.41 54.34 6.83
C PHE E 386 14.03 55.59 7.45
N PRO E 387 13.79 56.75 6.83
CA PRO E 387 14.44 57.97 7.30
C PRO E 387 13.82 58.59 8.55
N LEU E 388 14.68 58.99 9.49
CA LEU E 388 14.25 59.66 10.70
C LEU E 388 14.96 61.00 10.74
N LEU E 389 14.20 62.10 10.72
CA LEU E 389 14.79 63.43 10.76
C LEU E 389 15.05 63.85 12.20
N TYR E 390 16.33 64.04 12.57
CA TYR E 390 16.74 64.42 13.91
C TYR E 390 16.78 65.96 13.98
N ARG E 391 16.04 66.56 14.92
CA ARG E 391 15.94 68.02 14.99
C ARG E 391 16.67 68.68 16.15
N GLU E 392 17.28 67.90 17.05
CA GLU E 392 17.96 68.47 18.21
CA GLU E 392 17.97 68.45 18.21
C GLU E 392 19.33 69.06 17.87
N PRO E 393 19.67 70.21 18.48
CA PRO E 393 20.99 70.81 18.21
C PRO E 393 22.12 69.94 18.79
N PRO E 394 23.34 70.05 18.23
CA PRO E 394 24.43 69.18 18.67
C PRO E 394 24.83 69.25 20.13
N GLU E 395 25.10 68.09 20.73
CA GLU E 395 25.64 67.94 22.08
C GLU E 395 27.07 68.49 22.06
N ALA E 396 27.59 68.91 23.23
CA ALA E 396 28.94 69.45 23.35
C ALA E 396 29.99 68.41 22.96
N ILE E 397 29.82 67.17 23.43
CA ILE E 397 30.73 66.09 23.12
C ILE E 397 30.18 65.30 21.93
N TRP E 398 30.94 65.23 20.82
CA TRP E 398 30.50 64.54 19.60
C TRP E 398 30.07 63.09 19.84
N ALA E 399 30.83 62.32 20.63
CA ALA E 399 30.46 60.95 20.95
C ALA E 399 29.08 60.84 21.61
N ASP E 400 28.71 61.85 22.44
CA ASP E 400 27.38 61.87 23.07
C ASP E 400 26.31 62.21 22.03
N ASP E 401 26.63 63.12 21.09
CA ASP E 401 25.70 63.48 20.03
C ASP E 401 25.38 62.26 19.15
N VAL E 402 26.40 61.43 18.88
CA VAL E 402 26.26 60.20 18.10
C VAL E 402 25.34 59.23 18.84
N ASP E 403 25.60 59.03 20.14
CA ASP E 403 24.79 58.16 20.98
CA ASP E 403 24.80 58.16 20.99
C ASP E 403 23.34 58.61 21.05
N ARG E 404 23.09 59.92 21.15
CA ARG E 404 21.72 60.43 21.20
C ARG E 404 20.98 60.13 19.91
N ARG E 405 21.68 60.20 18.77
CA ARG E 405 21.07 59.92 17.48
C ARG E 405 20.75 58.44 17.33
N VAL E 406 21.59 57.55 17.89
CA VAL E 406 21.36 56.10 17.90
C VAL E 406 20.14 55.81 18.77
N GLN E 407 20.06 56.44 19.96
CA GLN E 407 18.92 56.29 20.87
C GLN E 407 17.64 56.80 20.24
N PHE E 408 17.70 57.88 19.48
CA PHE E 408 16.54 58.41 18.78
C PHE E 408 16.02 57.38 17.75
N GLY E 409 16.95 56.68 17.07
CA GLY E 409 16.63 55.62 16.15
C GLY E 409 15.95 54.46 16.86
N ILE E 410 16.46 54.07 18.02
CA ILE E 410 15.87 52.99 18.83
C ILE E 410 14.46 53.35 19.33
N GLU E 411 14.30 54.56 19.90
CA GLU E 411 13.01 55.01 20.39
CA GLU E 411 13.01 55.01 20.40
C GLU E 411 11.99 55.16 19.26
N SER E 412 12.42 55.67 18.08
CA SER E 412 11.49 55.79 16.95
C SER E 412 11.06 54.39 16.48
N GLY E 413 12.00 53.47 16.44
CA GLY E 413 11.75 52.09 16.06
C GLY E 413 10.77 51.42 16.99
N LYS E 414 10.95 51.58 18.31
CA LYS E 414 10.03 51.00 19.30
C LYS E 414 8.63 51.58 19.13
N LEU E 415 8.50 52.89 18.96
CA LEU E 415 7.20 53.55 18.81
C LEU E 415 6.51 53.11 17.54
N ARG E 416 7.27 52.97 16.44
CA ARG E 416 6.71 52.57 15.14
C ARG E 416 6.48 51.07 14.97
N GLY E 417 6.97 50.25 15.89
CA GLY E 417 6.76 48.81 15.81
C GLY E 417 7.89 48.02 15.17
N PHE E 418 8.98 48.69 14.79
CA PHE E 418 10.14 48.02 14.20
C PHE E 418 10.89 47.19 15.24
N LEU E 419 10.98 47.71 16.48
CA LEU E 419 11.80 47.11 17.52
C LEU E 419 11.06 46.87 18.79
N ARG E 420 11.51 45.89 19.55
CA ARG E 420 11.01 45.61 20.88
C ARG E 420 12.21 45.23 21.77
N VAL E 421 12.02 45.26 23.09
CA VAL E 421 13.06 44.88 24.05
C VAL E 421 13.47 43.42 23.80
N GLY E 422 14.76 43.15 23.80
CA GLY E 422 15.26 41.81 23.51
C GLY E 422 15.72 41.63 22.07
N ASP E 423 15.28 42.50 21.15
CA ASP E 423 15.71 42.43 19.76
C ASP E 423 17.20 42.74 19.62
N LEU E 424 17.83 42.25 18.55
CA LEU E 424 19.22 42.60 18.26
C LEU E 424 19.19 43.57 17.10
N VAL E 425 20.00 44.61 17.18
CA VAL E 425 20.13 45.57 16.09
C VAL E 425 21.62 45.71 15.74
N ILE E 426 21.88 46.10 14.51
CA ILE E 426 23.24 46.40 14.07
C ILE E 426 23.31 47.91 14.00
N VAL E 427 24.35 48.53 14.57
CA VAL E 427 24.47 50.00 14.56
C VAL E 427 25.68 50.39 13.75
N VAL E 428 25.49 51.24 12.74
CA VAL E 428 26.54 51.67 11.85
C VAL E 428 26.85 53.15 12.03
N THR E 429 28.07 53.45 12.48
CA THR E 429 28.51 54.83 12.75
C THR E 429 29.93 55.05 12.15
N GLY E 430 30.48 56.26 12.31
CA GLY E 430 31.80 56.63 11.81
C GLY E 430 32.73 57.12 12.91
N TRP E 431 34.01 57.32 12.57
CA TRP E 431 35.02 57.65 13.55
C TRP E 431 35.23 59.16 13.80
N ARG E 432 34.64 60.00 12.96
CA ARG E 432 34.75 61.46 13.06
C ARG E 432 33.54 62.14 12.40
N PRO E 433 33.26 63.42 12.73
CA PRO E 433 32.12 64.11 12.10
C PRO E 433 32.28 64.32 10.61
N GLY E 434 31.19 64.62 9.94
CA GLY E 434 31.20 64.85 8.51
C GLY E 434 30.93 63.58 7.73
N SER E 435 30.52 63.74 6.47
CA SER E 435 30.19 62.64 5.59
CA SER E 435 30.20 62.62 5.59
C SER E 435 31.46 61.90 5.11
N GLY E 436 31.35 60.60 4.89
CA GLY E 436 32.44 59.80 4.37
C GLY E 436 33.32 59.02 5.31
N TYR E 437 33.02 59.04 6.61
CA TYR E 437 33.86 58.37 7.59
C TYR E 437 33.18 57.21 8.34
N THR E 438 32.10 56.64 7.78
CA THR E 438 31.47 55.44 8.39
C THR E 438 32.50 54.29 8.36
N ASN E 439 32.74 53.63 9.48
CA ASN E 439 33.71 52.56 9.56
C ASN E 439 33.46 51.61 10.74
N ILE E 440 32.32 51.78 11.48
CA ILE E 440 32.07 50.99 12.67
C ILE E 440 30.74 50.28 12.61
N MET E 441 30.74 49.02 13.01
CA MET E 441 29.51 48.24 13.11
CA MET E 441 29.55 48.16 13.07
C MET E 441 29.48 47.60 14.50
N ARG E 442 28.36 47.78 15.20
CA ARG E 442 28.20 47.26 16.56
C ARG E 442 26.95 46.38 16.65
N VAL E 443 27.00 45.30 17.44
CA VAL E 443 25.80 44.48 17.64
C VAL E 443 25.24 44.81 19.03
N LEU E 444 24.04 45.36 19.04
CA LEU E 444 23.40 45.88 20.24
C LEU E 444 22.08 45.20 20.56
N SER E 445 21.87 44.86 21.85
CA SER E 445 20.62 44.24 22.28
CA SER E 445 20.63 44.25 22.31
C SER E 445 19.72 45.36 22.81
N ILE E 446 18.49 45.43 22.34
CA ILE E 446 17.54 46.47 22.73
C ILE E 446 17.05 46.31 24.17
N SER E 447 17.25 47.35 25.00
CA SER E 447 16.80 47.32 26.39
C SER E 447 15.61 48.24 26.63
N ALA F 13 35.19 42.83 -13.69
CA ALA F 13 34.51 44.01 -13.16
C ALA F 13 34.45 44.01 -11.62
N ASP F 14 34.43 42.80 -11.00
CA ASP F 14 34.37 42.67 -9.53
C ASP F 14 35.73 42.98 -8.87
N VAL F 15 36.83 42.96 -9.63
CA VAL F 15 38.15 43.25 -9.10
C VAL F 15 38.87 44.36 -9.87
N ALA F 16 38.24 44.99 -10.89
CA ALA F 16 38.91 46.00 -11.71
C ALA F 16 39.44 47.23 -10.94
N GLN F 17 38.63 47.85 -10.08
CA GLN F 17 39.08 49.01 -9.32
C GLN F 17 40.21 48.65 -8.35
N LEU F 18 40.08 47.53 -7.61
CA LEU F 18 41.13 47.12 -6.70
C LEU F 18 42.40 46.69 -7.41
N THR F 19 42.28 46.14 -8.64
CA THR F 19 43.45 45.77 -9.43
C THR F 19 44.18 47.07 -9.84
N GLN F 20 43.46 48.15 -10.17
CA GLN F 20 44.08 49.42 -10.53
C GLN F 20 44.82 50.00 -9.33
N GLU F 21 44.18 49.91 -8.12
CA GLU F 21 44.71 50.46 -6.89
C GLU F 21 45.87 49.67 -6.30
N LEU F 22 45.71 48.36 -6.18
CA LEU F 22 46.75 47.48 -5.62
C LEU F 22 47.76 47.00 -6.64
N GLY F 23 47.40 47.02 -7.91
CA GLY F 23 48.29 46.61 -8.97
C GLY F 23 48.08 45.18 -9.45
N THR F 24 48.54 44.87 -10.66
CA THR F 24 48.40 43.54 -11.20
C THR F 24 49.30 42.57 -10.46
N ALA F 25 50.49 43.01 -9.98
CA ALA F 25 51.38 42.07 -9.27
C ALA F 25 50.72 41.54 -8.00
N PHE F 26 49.96 42.37 -7.26
CA PHE F 26 49.25 41.96 -6.05
C PHE F 26 48.30 40.77 -6.36
N PHE F 27 47.54 40.89 -7.46
CA PHE F 27 46.56 39.92 -7.86
C PHE F 27 47.14 38.71 -8.58
N GLN F 28 48.45 38.64 -8.80
CA GLN F 28 49.10 37.46 -9.35
C GLN F 28 49.66 36.58 -8.22
N GLN F 29 49.90 37.15 -7.01
CA GLN F 29 50.44 36.44 -5.87
C GLN F 29 49.36 35.67 -5.10
N GLN F 30 49.79 34.88 -4.10
CA GLN F 30 48.99 34.09 -3.16
C GLN F 30 47.81 33.40 -3.81
N GLN F 31 48.02 32.84 -5.02
CA GLN F 31 46.99 32.14 -5.79
C GLN F 31 45.70 32.93 -5.96
N LEU F 32 45.80 34.26 -6.02
CA LEU F 32 44.61 35.09 -6.18
C LEU F 32 43.89 34.84 -7.52
N PRO F 33 44.55 34.51 -8.67
CA PRO F 33 43.76 34.19 -9.87
C PRO F 33 42.91 32.95 -9.62
N ALA F 34 43.47 31.93 -8.96
CA ALA F 34 42.70 30.71 -8.64
C ALA F 34 41.58 31.03 -7.62
N ALA F 35 41.81 31.99 -6.72
CA ALA F 35 40.83 32.40 -5.72
C ALA F 35 39.60 33.05 -6.33
N MET F 36 39.76 33.75 -7.44
CA MET F 36 38.63 34.42 -8.10
C MET F 36 37.82 33.52 -9.04
N ALA F 37 38.21 32.23 -9.20
CA ALA F 37 37.52 31.35 -10.12
C ALA F 37 36.09 31.09 -9.72
N ASP F 38 35.22 30.90 -10.72
CA ASP F 38 33.79 30.65 -10.50
C ASP F 38 33.44 29.22 -10.18
N THR F 39 34.36 28.26 -10.45
CA THR F 39 34.12 26.86 -10.10
C THR F 39 35.39 26.28 -9.46
N PHE F 40 35.24 25.21 -8.70
CA PHE F 40 36.39 24.53 -8.08
C PHE F 40 37.32 23.96 -9.19
N LEU F 41 36.74 23.46 -10.30
CA LEU F 41 37.54 22.94 -11.41
C LEU F 41 38.42 24.07 -12.02
N GLU F 42 37.84 25.26 -12.25
CA GLU F 42 38.57 26.40 -12.80
CA GLU F 42 38.59 26.38 -12.79
C GLU F 42 39.64 26.86 -11.79
N HIS F 43 39.32 26.78 -10.48
CA HIS F 43 40.23 27.14 -9.38
C HIS F 43 41.48 26.26 -9.48
N LEU F 44 41.29 24.93 -9.67
CA LEU F 44 42.46 24.03 -9.83
C LEU F 44 43.26 24.38 -11.08
N CYS F 45 42.59 24.63 -12.22
CA CYS F 45 43.23 24.98 -13.49
C CYS F 45 44.09 26.24 -13.37
N LEU F 46 43.74 27.15 -12.44
CA LEU F 46 44.44 28.41 -12.29
C LEU F 46 45.54 28.39 -11.24
N LEU F 47 45.76 27.27 -10.53
CA LEU F 47 46.86 27.18 -9.53
C LEU F 47 48.18 27.34 -10.27
N ASP F 48 49.06 28.18 -9.73
CA ASP F 48 50.27 28.58 -10.42
C ASP F 48 51.49 28.42 -9.53
N ILE F 49 52.47 27.61 -9.97
CA ILE F 49 53.70 27.44 -9.22
C ILE F 49 54.52 28.76 -9.10
N ASP F 50 54.27 29.75 -9.98
CA ASP F 50 54.96 31.05 -9.92
C ASP F 50 54.18 32.07 -9.08
N SER F 51 53.01 31.70 -8.54
CA SER F 51 52.24 32.61 -7.71
C SER F 51 52.72 32.42 -6.29
N GLU F 52 53.57 33.33 -5.81
CA GLU F 52 54.19 33.19 -4.51
C GLU F 52 53.30 33.50 -3.32
N PRO F 53 53.41 32.68 -2.24
CA PRO F 53 52.63 32.97 -1.04
C PRO F 53 53.12 34.21 -0.32
N VAL F 54 52.19 35.01 0.21
CA VAL F 54 52.55 36.27 0.85
C VAL F 54 52.17 36.23 2.34
N ALA F 55 51.01 35.66 2.66
CA ALA F 55 50.53 35.63 4.03
C ALA F 55 51.44 34.82 4.95
N ALA F 56 51.43 35.16 6.25
CA ALA F 56 52.12 34.40 7.29
C ALA F 56 51.43 33.00 7.35
N ARG F 57 52.22 31.97 7.62
CA ARG F 57 51.75 30.61 7.68
C ARG F 57 50.76 30.46 8.83
N SER F 58 49.57 30.01 8.52
CA SER F 58 48.48 29.94 9.46
C SER F 58 48.23 28.57 10.12
N THR F 59 48.65 27.45 9.51
CA THR F 59 48.46 26.12 10.11
C THR F 59 49.61 25.88 11.10
N SER F 60 49.30 25.68 12.39
CA SER F 60 50.35 25.47 13.39
C SER F 60 51.07 24.16 13.24
N ILE F 61 52.34 24.16 13.60
CA ILE F 61 53.17 22.97 13.55
C ILE F 61 53.39 22.47 14.98
N ILE F 62 53.06 21.19 15.20
CA ILE F 62 53.30 20.53 16.46
C ILE F 62 54.54 19.68 16.25
N ALA F 63 55.59 19.88 17.07
CA ALA F 63 56.80 19.08 16.95
C ALA F 63 56.97 18.25 18.23
N THR F 64 57.26 16.96 18.07
CA THR F 64 57.45 16.08 19.22
C THR F 64 58.88 16.26 19.69
N ILE F 65 59.05 16.56 20.98
CA ILE F 65 60.37 16.79 21.55
C ILE F 65 60.94 15.50 22.12
N GLY F 66 62.13 15.17 21.68
CA GLY F 66 62.82 13.96 22.12
C GLY F 66 64.32 14.10 22.02
N PRO F 67 65.04 12.98 21.94
CA PRO F 67 66.51 13.05 21.88
C PRO F 67 67.12 13.96 20.84
N ALA F 68 66.52 14.05 19.64
CA ALA F 68 67.09 14.86 18.57
C ALA F 68 66.73 16.34 18.64
N SER F 69 65.80 16.72 19.51
CA SER F 69 65.32 18.09 19.57
C SER F 69 65.21 18.65 20.98
N ARG F 70 65.98 18.13 21.91
CA ARG F 70 65.91 18.47 23.33
C ARG F 70 66.74 19.64 23.84
N SER F 71 67.90 19.89 23.24
CA SER F 71 68.78 20.95 23.71
C SER F 71 68.16 22.32 23.50
N VAL F 72 68.47 23.25 24.41
CA VAL F 72 67.98 24.63 24.34
C VAL F 72 68.36 25.29 23.01
N GLU F 73 69.59 25.05 22.54
CA GLU F 73 70.05 25.60 21.29
C GLU F 73 69.29 25.06 20.09
N ARG F 74 68.99 23.75 20.10
CA ARG F 74 68.22 23.12 19.02
C ARG F 74 66.76 23.61 19.06
N LEU F 75 66.20 23.75 20.26
CA LEU F 75 64.85 24.25 20.44
C LEU F 75 64.69 25.69 19.94
N LYS F 76 65.73 26.53 20.11
CA LYS F 76 65.70 27.90 19.60
C LYS F 76 65.61 27.87 18.07
N GLU F 77 66.35 26.96 17.42
CA GLU F 77 66.32 26.79 15.96
CA GLU F 77 66.29 26.84 15.97
C GLU F 77 64.93 26.32 15.51
N MET F 78 64.30 25.44 16.30
CA MET F 78 62.96 24.92 15.95
CA MET F 78 62.97 24.92 15.94
C MET F 78 61.88 25.98 16.11
N ILE F 79 62.05 26.89 17.09
CA ILE F 79 61.09 27.97 17.29
C ILE F 79 61.22 28.94 16.10
N LYS F 80 62.45 29.26 15.69
CA LYS F 80 62.67 30.15 14.54
C LYS F 80 62.19 29.48 13.22
N ALA F 81 62.31 28.15 13.11
CA ALA F 81 61.84 27.42 11.92
C ALA F 81 60.29 27.37 11.82
N GLY F 82 59.60 27.56 12.95
CA GLY F 82 58.16 27.61 12.94
C GLY F 82 57.39 26.73 13.92
N MET F 83 58.07 26.02 14.84
CA MET F 83 57.37 25.19 15.81
C MET F 83 56.48 26.05 16.71
N ASN F 84 55.18 25.72 16.80
CA ASN F 84 54.24 26.47 17.63
C ASN F 84 53.83 25.72 18.88
N ILE F 85 53.81 24.38 18.82
CA ILE F 85 53.40 23.50 19.91
C ILE F 85 54.45 22.41 20.11
N ALA F 86 54.92 22.24 21.34
CA ALA F 86 55.88 21.19 21.68
C ALA F 86 55.08 20.02 22.25
N ARG F 87 55.26 18.83 21.68
CA ARG F 87 54.55 17.65 22.15
C ARG F 87 55.49 16.73 22.93
N LEU F 88 55.03 16.27 24.08
CA LEU F 88 55.82 15.32 24.90
C LEU F 88 55.05 14.02 24.96
N ASN F 89 55.59 12.98 24.33
CA ASN F 89 54.91 11.70 24.24
C ASN F 89 55.18 10.84 25.48
N PHE F 90 54.19 10.74 26.36
CA PHE F 90 54.35 9.96 27.59
C PHE F 90 54.30 8.42 27.35
N SER F 91 54.29 7.96 26.07
CA SER F 91 54.46 6.54 25.76
C SER F 91 55.96 6.17 25.91
N HIS F 92 56.88 7.17 25.87
CA HIS F 92 58.31 7.01 26.00
C HIS F 92 58.84 7.89 27.17
N GLY F 93 60.15 7.77 27.44
CA GLY F 93 60.82 8.57 28.45
C GLY F 93 60.29 8.35 29.86
N SER F 94 60.36 9.37 30.68
CA SER F 94 59.91 9.33 32.07
C SER F 94 59.48 10.73 32.50
N HIS F 95 58.95 10.88 33.74
CA HIS F 95 58.57 12.19 34.28
C HIS F 95 59.79 13.11 34.33
N GLU F 96 60.92 12.58 34.77
CA GLU F 96 62.16 13.35 34.89
C GLU F 96 62.66 13.78 33.51
N TYR F 97 62.62 12.88 32.54
CA TYR F 97 63.07 13.19 31.18
C TYR F 97 62.17 14.28 30.55
N HIS F 98 60.85 14.09 30.59
CA HIS F 98 59.93 15.07 30.03
C HIS F 98 59.95 16.41 30.76
N ALA F 99 60.14 16.43 32.10
CA ALA F 99 60.25 17.70 32.83
C ALA F 99 61.47 18.49 32.36
N GLU F 100 62.58 17.81 32.08
CA GLU F 100 63.79 18.47 31.60
C GLU F 100 63.55 19.03 30.18
N SER F 101 62.85 18.28 29.32
CA SER F 101 62.51 18.72 27.96
C SER F 101 61.63 19.97 28.06
N ILE F 102 60.65 19.97 28.97
CA ILE F 102 59.75 21.11 29.16
C ILE F 102 60.51 22.33 29.62
N ALA F 103 61.45 22.16 30.58
CA ALA F 103 62.27 23.27 31.08
C ALA F 103 63.12 23.83 29.93
N ASN F 104 63.67 22.96 29.08
CA ASN F 104 64.49 23.40 27.94
C ASN F 104 63.64 24.14 26.91
N VAL F 105 62.39 23.69 26.70
CA VAL F 105 61.46 24.39 25.79
C VAL F 105 61.19 25.79 26.34
N ARG F 106 60.82 25.89 27.63
CA ARG F 106 60.57 27.18 28.27
C ARG F 106 61.77 28.10 28.26
N GLU F 107 62.98 27.55 28.44
CA GLU F 107 64.19 28.37 28.40
C GLU F 107 64.40 28.94 26.99
N ALA F 108 64.23 28.07 25.96
CA ALA F 108 64.37 28.53 24.57
C ALA F 108 63.31 29.58 24.22
N VAL F 109 62.06 29.38 24.67
CA VAL F 109 60.96 30.32 24.42
C VAL F 109 61.23 31.66 25.08
N GLU F 110 61.64 31.67 26.36
CA GLU F 110 61.88 32.93 27.06
C GLU F 110 63.16 33.64 26.63
N SER F 111 64.04 33.00 25.87
CA SER F 111 65.22 33.67 25.32
C SER F 111 64.82 34.78 24.29
N PHE F 112 63.59 34.73 23.75
CA PHE F 112 63.09 35.73 22.82
C PHE F 112 62.11 36.72 23.47
N ALA F 113 61.91 36.63 24.80
CA ALA F 113 61.00 37.48 25.56
C ALA F 113 61.38 38.95 25.68
N GLY F 114 62.55 39.32 25.17
CA GLY F 114 62.96 40.71 25.23
C GLY F 114 62.10 41.64 24.39
N SER F 115 61.28 41.10 23.44
CA SER F 115 60.51 41.97 22.54
C SER F 115 59.31 41.27 21.95
N PRO F 116 58.21 42.00 21.64
CA PRO F 116 57.06 41.35 20.97
C PRO F 116 57.33 41.00 19.49
N LEU F 117 58.36 41.58 18.87
CA LEU F 117 58.77 41.25 17.50
C LEU F 117 59.51 39.90 17.46
N SER F 118 60.16 39.58 18.56
CA SER F 118 60.98 38.42 18.81
C SER F 118 60.19 37.26 19.43
N TYR F 119 59.28 37.53 20.38
CA TYR F 119 58.61 36.54 21.21
C TYR F 119 57.61 35.66 20.48
N ARG F 120 57.76 34.36 20.63
CA ARG F 120 56.83 33.41 20.05
C ARG F 120 56.33 32.50 21.18
N PRO F 121 55.07 32.66 21.63
CA PRO F 121 54.54 31.73 22.63
C PRO F 121 54.47 30.33 22.03
N VAL F 122 54.91 29.34 22.78
CA VAL F 122 54.92 27.97 22.31
C VAL F 122 54.10 27.15 23.31
N ALA F 123 53.00 26.48 22.89
CA ALA F 123 52.21 25.67 23.83
C ALA F 123 52.93 24.37 24.17
N ILE F 124 52.67 23.84 25.35
CA ILE F 124 53.26 22.56 25.78
C ILE F 124 52.15 21.56 25.89
N ALA F 125 52.26 20.48 25.13
CA ALA F 125 51.22 19.48 25.05
C ALA F 125 51.70 18.12 25.56
N LEU F 126 50.88 17.46 26.38
CA LEU F 126 51.23 16.16 26.92
C LEU F 126 50.40 15.12 26.19
N ASP F 127 51.05 14.16 25.55
CA ASP F 127 50.36 13.10 24.81
C ASP F 127 50.38 11.85 25.72
N THR F 128 49.21 11.38 26.13
CA THR F 128 49.13 10.25 27.06
C THR F 128 49.53 8.89 26.44
N LYS F 129 49.96 7.95 27.30
CA LYS F 129 50.30 6.60 26.88
C LYS F 129 49.04 5.88 26.38
N GLY F 130 47.93 6.04 27.09
CA GLY F 130 46.68 5.45 26.67
C GLY F 130 46.19 4.32 27.57
N PRO F 131 45.01 3.77 27.23
CA PRO F 131 44.43 2.72 28.06
C PRO F 131 45.08 1.35 27.92
N PRO F 135 41.05 -0.32 28.51
CA PRO F 135 39.92 -0.44 29.44
C PRO F 135 39.71 0.80 30.33
N GLY F 136 39.35 1.93 29.73
CA GLY F 136 39.16 3.15 30.49
C GLY F 136 40.45 3.82 30.91
N LEU F 137 40.39 4.83 31.79
CA LEU F 137 41.58 5.57 32.21
C LEU F 137 42.57 4.71 33.01
N SER F 138 43.78 4.51 32.46
CA SER F 138 44.82 3.72 33.10
C SER F 138 45.43 4.45 34.31
N GLU F 139 46.10 3.70 35.19
CA GLU F 139 46.75 4.29 36.37
C GLU F 139 47.95 5.15 35.98
N GLN F 140 48.69 4.74 34.94
CA GLN F 140 49.81 5.52 34.44
C GLN F 140 49.31 6.87 33.90
N ASP F 141 48.17 6.86 33.18
CA ASP F 141 47.59 8.09 32.66
C ASP F 141 47.19 9.02 33.78
N VAL F 142 46.62 8.50 34.88
CA VAL F 142 46.25 9.33 36.04
C VAL F 142 47.49 10.05 36.60
N ARG F 143 48.64 9.35 36.71
CA ARG F 143 49.86 9.94 37.20
C ARG F 143 50.45 10.96 36.22
N ASP F 144 50.43 10.64 34.91
CA ASP F 144 50.96 11.53 33.88
C ASP F 144 50.10 12.79 33.77
N LEU F 145 48.78 12.65 33.90
CA LEU F 145 47.88 13.81 33.85
C LEU F 145 48.12 14.73 35.05
N ARG F 146 48.40 14.13 36.24
CA ARG F 146 48.73 14.91 37.44
C ARG F 146 50.04 15.65 37.22
N PHE F 147 51.05 14.98 36.61
CA PHE F 147 52.34 15.58 36.26
C PHE F 147 52.09 16.80 35.33
N GLY F 148 51.21 16.65 34.35
CA GLY F 148 50.86 17.71 33.41
C GLY F 148 50.31 18.94 34.09
N VAL F 149 49.39 18.75 35.04
CA VAL F 149 48.82 19.85 35.80
C VAL F 149 49.90 20.53 36.64
N GLU F 150 50.73 19.73 37.32
CA GLU F 150 51.82 20.27 38.15
C GLU F 150 52.88 21.01 37.35
N HIS F 151 53.10 20.61 36.08
CA HIS F 151 54.05 21.29 35.23
C HIS F 151 53.43 22.38 34.31
N GLY F 152 52.16 22.70 34.50
CA GLY F 152 51.46 23.75 33.78
C GLY F 152 51.32 23.55 32.28
N VAL F 153 51.02 22.32 31.85
CA VAL F 153 50.86 22.05 30.42
C VAL F 153 49.60 22.75 29.91
N ASP F 154 49.61 23.12 28.64
CA ASP F 154 48.50 23.83 28.03
C ASP F 154 47.48 22.91 27.43
N ILE F 155 47.93 21.76 26.90
CA ILE F 155 47.08 20.85 26.15
C ILE F 155 47.36 19.40 26.52
N VAL F 156 46.33 18.57 26.47
CA VAL F 156 46.46 17.13 26.61
C VAL F 156 46.00 16.50 25.29
N PHE F 157 46.84 15.67 24.67
CA PHE F 157 46.45 14.90 23.51
C PHE F 157 46.09 13.55 24.14
N ALA F 158 44.79 13.27 24.34
CA ALA F 158 44.37 12.03 25.02
C ALA F 158 44.30 10.86 24.06
N SER F 159 45.18 9.86 24.26
CA SER F 159 45.24 8.68 23.42
C SER F 159 44.04 7.75 23.53
N PHE F 160 43.68 7.14 22.39
CA PHE F 160 42.61 6.16 22.26
C PHE F 160 41.30 6.55 22.91
N VAL F 161 40.77 7.74 22.55
CA VAL F 161 39.47 8.16 23.05
C VAL F 161 38.43 7.42 22.23
N ARG F 162 37.54 6.66 22.90
CA ARG F 162 36.54 5.82 22.23
C ARG F 162 35.09 6.26 22.49
N LYS F 163 34.87 7.10 23.49
CA LYS F 163 33.52 7.53 23.88
C LYS F 163 33.62 8.77 24.75
N ALA F 164 32.49 9.47 24.94
CA ALA F 164 32.43 10.69 25.76
C ALA F 164 32.93 10.47 27.20
N SER F 165 32.67 9.28 27.79
CA SER F 165 33.12 9.04 29.18
C SER F 165 34.65 8.96 29.30
N ASP F 166 35.35 8.67 28.21
CA ASP F 166 36.81 8.68 28.23
C ASP F 166 37.31 10.12 28.44
N VAL F 167 36.65 11.10 27.80
CA VAL F 167 36.99 12.52 27.94
C VAL F 167 36.67 13.01 29.36
N ALA F 168 35.51 12.60 29.91
CA ALA F 168 35.13 12.98 31.28
C ALA F 168 36.15 12.46 32.28
N ALA F 169 36.67 11.24 32.07
CA ALA F 169 37.68 10.66 32.96
C ALA F 169 38.98 11.47 32.91
N VAL F 170 39.40 11.90 31.71
CA VAL F 170 40.62 12.73 31.56
C VAL F 170 40.40 14.06 32.28
N ARG F 171 39.23 14.67 32.08
CA ARG F 171 38.85 15.93 32.70
CA ARG F 171 38.87 15.95 32.71
C ARG F 171 38.90 15.82 34.24
N ALA F 172 38.37 14.72 34.79
CA ALA F 172 38.37 14.48 36.24
C ALA F 172 39.78 14.30 36.75
N ALA F 173 40.64 13.57 36.02
CA ALA F 173 42.03 13.34 36.44
C ALA F 173 42.89 14.62 36.41
N LEU F 174 42.49 15.63 35.65
CA LEU F 174 43.21 16.92 35.65
C LEU F 174 42.89 17.75 36.93
N GLY F 175 41.82 17.39 37.64
CA GLY F 175 41.41 18.03 38.89
C GLY F 175 40.91 19.44 38.76
N PRO F 176 40.74 20.11 39.91
CA PRO F 176 40.25 21.50 39.88
C PRO F 176 41.28 22.50 39.37
N GLU F 177 42.59 22.17 39.48
CA GLU F 177 43.65 23.07 39.01
C GLU F 177 43.93 23.01 37.50
N GLY F 178 43.39 22.00 36.82
CA GLY F 178 43.61 21.85 35.39
C GLY F 178 42.39 22.13 34.52
N HIS F 179 41.45 22.95 35.02
CA HIS F 179 40.25 23.30 34.28
C HIS F 179 40.52 24.05 32.97
N GLY F 180 41.62 24.80 32.93
CA GLY F 180 41.99 25.59 31.75
C GLY F 180 42.70 24.81 30.67
N ILE F 181 43.13 23.58 30.96
CA ILE F 181 43.84 22.75 29.99
C ILE F 181 42.93 22.24 28.88
N LYS F 182 43.35 22.43 27.61
CA LYS F 182 42.57 21.96 26.47
C LYS F 182 42.71 20.45 26.30
N ILE F 183 41.60 19.76 26.10
CA ILE F 183 41.65 18.32 25.85
C ILE F 183 41.39 18.06 24.35
N ILE F 184 42.38 17.50 23.68
CA ILE F 184 42.28 17.18 22.26
C ILE F 184 42.20 15.67 22.23
N SER F 185 41.01 15.12 21.87
CA SER F 185 40.85 13.68 21.85
C SER F 185 41.48 13.06 20.60
N LYS F 186 42.33 12.04 20.79
CA LYS F 186 42.94 11.33 19.68
C LYS F 186 42.00 10.22 19.22
N ILE F 187 41.63 10.22 17.92
CA ILE F 187 40.77 9.18 17.37
C ILE F 187 41.69 8.19 16.72
N GLU F 188 41.75 6.96 17.28
CA GLU F 188 42.73 5.98 16.84
C GLU F 188 42.17 4.61 16.48
N ASN F 189 40.86 4.43 16.55
CA ASN F 189 40.27 3.12 16.24
C ASN F 189 38.84 3.25 15.67
N HIS F 190 38.23 2.11 15.29
CA HIS F 190 36.90 2.11 14.71
C HIS F 190 35.85 2.71 15.62
N GLU F 191 35.88 2.36 16.92
CA GLU F 191 34.91 2.91 17.87
C GLU F 191 34.98 4.43 17.99
N GLY F 192 36.20 4.98 18.06
CA GLY F 192 36.36 6.43 18.12
C GLY F 192 35.77 7.13 16.91
N VAL F 193 35.92 6.53 15.71
CA VAL F 193 35.37 7.09 14.47
C VAL F 193 33.86 7.03 14.51
N LYS F 194 33.30 5.86 14.90
CA LYS F 194 31.85 5.68 14.98
C LYS F 194 31.19 6.56 16.02
N ARG F 195 31.87 6.77 17.17
CA ARG F 195 31.33 7.62 18.25
C ARG F 195 31.86 9.05 18.17
N PHE F 196 32.39 9.47 17.00
CA PHE F 196 32.98 10.79 16.80
C PHE F 196 32.15 11.95 17.32
N ASP F 197 30.86 12.03 16.94
CA ASP F 197 30.04 13.16 17.33
C ASP F 197 29.94 13.37 18.84
N GLU F 198 29.77 12.28 19.60
CA GLU F 198 29.69 12.40 21.06
C GLU F 198 31.04 12.78 21.67
N ILE F 199 32.15 12.35 21.06
CA ILE F 199 33.48 12.68 21.54
C ILE F 199 33.79 14.17 21.26
N LEU F 200 33.52 14.63 20.03
CA LEU F 200 33.78 16.03 19.67
C LEU F 200 32.97 17.00 20.54
N GLU F 201 31.72 16.65 20.84
CA GLU F 201 30.85 17.48 21.66
C GLU F 201 31.45 17.84 23.01
N VAL F 202 32.15 16.89 23.66
CA VAL F 202 32.74 17.15 24.98
C VAL F 202 34.25 17.46 24.95
N SER F 203 34.87 17.44 23.76
CA SER F 203 36.31 17.71 23.65
C SER F 203 36.54 19.15 23.21
N ASP F 204 37.75 19.66 23.42
CA ASP F 204 38.11 20.98 22.90
C ASP F 204 38.50 20.89 21.39
N GLY F 205 38.92 19.71 20.96
CA GLY F 205 39.31 19.44 19.59
C GLY F 205 39.67 17.97 19.40
N ILE F 206 40.18 17.64 18.21
CA ILE F 206 40.46 16.26 17.83
C ILE F 206 41.83 16.12 17.18
N MET F 207 42.45 14.95 17.34
CA MET F 207 43.64 14.62 16.60
C MET F 207 43.30 13.36 15.77
N VAL F 208 43.54 13.41 14.46
CA VAL F 208 43.40 12.25 13.58
C VAL F 208 44.73 11.53 13.73
N ALA F 209 44.80 10.56 14.65
CA ALA F 209 46.01 9.83 15.00
C ALA F 209 46.14 8.66 14.04
N ARG F 210 46.72 8.93 12.86
CA ARG F 210 46.75 7.98 11.75
C ARG F 210 47.60 6.75 11.94
N GLY F 211 48.58 6.77 12.83
CA GLY F 211 49.43 5.62 13.11
C GLY F 211 48.62 4.42 13.57
N ASP F 212 47.96 4.54 14.71
CA ASP F 212 47.10 3.49 15.23
C ASP F 212 45.86 3.32 14.37
N LEU F 213 45.24 4.43 13.87
CA LEU F 213 44.06 4.33 13.02
C LEU F 213 44.31 3.44 11.79
N GLY F 214 45.49 3.57 11.19
CA GLY F 214 45.91 2.78 10.04
C GLY F 214 46.19 1.30 10.31
N ILE F 215 46.21 0.91 11.59
CA ILE F 215 46.38 -0.50 12.01
C ILE F 215 45.01 -1.04 12.52
N GLU F 216 44.19 -0.19 13.12
CA GLU F 216 42.90 -0.52 13.67
C GLU F 216 41.81 -0.69 12.63
N ILE F 217 41.89 0.11 11.55
CA ILE F 217 40.96 0.01 10.42
C ILE F 217 41.81 -0.22 9.16
N PRO F 218 41.22 -0.68 8.03
CA PRO F 218 42.03 -0.89 6.82
C PRO F 218 42.78 0.40 6.42
N ALA F 219 44.05 0.27 6.07
CA ALA F 219 44.91 1.41 5.72
C ALA F 219 44.32 2.28 4.60
N GLU F 220 43.62 1.66 3.64
CA GLU F 220 43.01 2.36 2.51
C GLU F 220 41.77 3.18 2.88
N LYS F 221 41.31 3.11 4.13
CA LYS F 221 40.13 3.84 4.62
C LYS F 221 40.51 5.04 5.50
N VAL F 222 41.78 5.16 5.95
CA VAL F 222 42.18 6.25 6.82
C VAL F 222 41.87 7.64 6.24
N PHE F 223 42.06 7.84 4.92
CA PHE F 223 41.78 9.15 4.32
C PHE F 223 40.30 9.54 4.45
N LEU F 224 39.38 8.55 4.46
CA LEU F 224 37.94 8.85 4.61
C LEU F 224 37.71 9.35 6.02
N ALA F 225 38.30 8.67 7.03
CA ALA F 225 38.16 9.07 8.43
C ALA F 225 38.79 10.45 8.66
N GLN F 226 39.96 10.71 8.07
CA GLN F 226 40.63 12.01 8.19
C GLN F 226 39.77 13.14 7.58
N LYS F 227 39.28 12.96 6.35
CA LYS F 227 38.50 13.98 5.68
C LYS F 227 37.17 14.26 6.38
N MET F 228 36.52 13.20 6.86
CA MET F 228 35.27 13.31 7.60
C MET F 228 35.49 14.07 8.92
N MET F 229 36.51 13.68 9.71
CA MET F 229 36.75 14.31 11.00
C MET F 229 37.16 15.77 10.88
N ILE F 230 37.98 16.07 9.86
CA ILE F 230 38.37 17.46 9.62
C ILE F 230 37.14 18.30 9.24
N GLY F 231 36.32 17.79 8.33
CA GLY F 231 35.09 18.47 7.94
C GLY F 231 34.14 18.72 9.11
N ARG F 232 33.93 17.71 9.99
CA ARG F 232 33.06 17.88 11.16
C ARG F 232 33.62 18.85 12.17
N CYS F 233 34.94 18.87 12.37
CA CYS F 233 35.58 19.84 13.27
C CYS F 233 35.45 21.24 12.70
N ASN F 234 35.62 21.40 11.37
CA ASN F 234 35.47 22.71 10.73
C ASN F 234 34.03 23.21 10.91
N LEU F 235 33.04 22.31 10.76
CA LEU F 235 31.65 22.65 10.92
C LEU F 235 31.36 23.07 12.40
N ALA F 236 31.95 22.35 13.36
CA ALA F 236 31.80 22.65 14.79
C ALA F 236 32.63 23.87 15.26
N GLY F 237 33.58 24.32 14.46
CA GLY F 237 34.45 25.44 14.87
C GLY F 237 35.45 25.02 15.94
N LYS F 238 35.87 23.73 15.93
CA LYS F 238 36.83 23.23 16.92
C LYS F 238 38.11 22.75 16.26
N PRO F 239 39.27 22.94 16.91
CA PRO F 239 40.54 22.56 16.28
C PRO F 239 40.72 21.08 15.96
N VAL F 240 41.36 20.81 14.83
CA VAL F 240 41.62 19.45 14.40
C VAL F 240 43.08 19.35 13.95
N VAL F 241 43.77 18.30 14.41
CA VAL F 241 45.17 18.06 14.11
C VAL F 241 45.29 16.88 13.18
N CYS F 242 46.10 16.99 12.13
CA CYS F 242 46.43 15.85 11.30
C CYS F 242 47.79 15.35 11.78
N ALA F 243 47.91 14.04 12.04
CA ALA F 243 49.16 13.53 12.61
C ALA F 243 49.65 12.24 11.98
N THR F 244 50.98 12.00 12.11
CA THR F 244 51.74 10.76 11.92
C THR F 244 52.14 10.42 10.50
N GLN F 245 53.45 10.25 10.31
CA GLN F 245 54.14 9.89 9.09
C GLN F 245 53.99 10.89 7.97
N MET F 246 53.70 12.16 8.29
CA MET F 246 53.53 13.21 7.29
C MET F 246 54.80 13.43 6.48
N LEU F 247 55.97 13.44 7.14
CA LEU F 247 57.27 13.61 6.45
C LEU F 247 58.22 12.51 6.93
N GLU F 248 57.71 11.29 7.13
CA GLU F 248 58.45 10.15 7.68
C GLU F 248 59.88 9.96 7.16
N SER F 249 60.09 9.94 5.84
CA SER F 249 61.41 9.73 5.27
C SER F 249 62.46 10.79 5.70
N MET F 250 62.01 11.97 6.15
CA MET F 250 62.92 13.00 6.65
C MET F 250 63.55 12.66 8.01
N ILE F 251 63.20 11.52 8.61
CA ILE F 251 63.87 11.01 9.81
C ILE F 251 65.34 10.71 9.42
N THR F 252 65.61 10.25 8.17
CA THR F 252 66.98 9.97 7.72
C THR F 252 67.39 10.77 6.50
N LYS F 253 66.45 11.29 5.71
CA LYS F 253 66.80 12.04 4.49
C LYS F 253 66.56 13.54 4.62
N PRO F 254 67.40 14.38 3.98
CA PRO F 254 67.22 15.83 4.10
C PRO F 254 66.03 16.39 3.31
N ARG F 255 65.48 15.61 2.36
CA ARG F 255 64.34 16.02 1.53
C ARG F 255 63.25 14.94 1.61
N PRO F 256 61.97 15.32 1.59
CA PRO F 256 60.90 14.31 1.71
C PRO F 256 60.53 13.67 0.37
N THR F 257 59.64 12.63 0.40
CA THR F 257 59.18 12.02 -0.83
C THR F 257 58.04 12.90 -1.45
N ARG F 258 57.65 12.59 -2.68
CA ARG F 258 56.56 13.31 -3.37
C ARG F 258 55.22 13.04 -2.69
N ALA F 259 55.04 11.85 -2.08
CA ALA F 259 53.80 11.53 -1.37
C ALA F 259 53.71 12.33 -0.07
N GLU F 260 54.84 12.53 0.62
CA GLU F 260 54.90 13.26 1.87
C GLU F 260 54.57 14.74 1.72
N THR F 261 55.12 15.44 0.71
CA THR F 261 54.75 16.86 0.51
C THR F 261 53.26 16.97 0.15
N SER F 262 52.79 16.06 -0.67
CA SER F 262 51.37 15.97 -1.08
C SER F 262 50.48 15.77 0.18
N ASP F 263 50.88 14.87 1.06
CA ASP F 263 50.13 14.60 2.30
C ASP F 263 50.00 15.86 3.18
N VAL F 264 51.09 16.62 3.34
CA VAL F 264 51.05 17.83 4.15
C VAL F 264 50.12 18.85 3.49
N ALA F 265 50.29 19.04 2.18
CA ALA F 265 49.46 20.01 1.45
C ALA F 265 47.98 19.65 1.54
N ASN F 266 47.64 18.37 1.35
CA ASN F 266 46.27 17.91 1.38
C ASN F 266 45.65 17.96 2.77
N ALA F 267 46.45 17.80 3.86
CA ALA F 267 45.90 17.95 5.22
C ALA F 267 45.43 19.40 5.43
N VAL F 268 46.20 20.38 4.93
CA VAL F 268 45.86 21.79 5.03
C VAL F 268 44.63 22.07 4.14
N LEU F 269 44.63 21.54 2.90
CA LEU F 269 43.47 21.73 2.00
C LEU F 269 42.21 21.05 2.54
N ASP F 270 42.36 19.95 3.28
CA ASP F 270 41.22 19.27 3.93
C ASP F 270 40.57 20.18 4.99
N GLY F 271 41.37 21.06 5.62
CA GLY F 271 40.91 21.99 6.64
C GLY F 271 41.55 21.83 8.00
N ALA F 272 42.68 21.10 8.10
CA ALA F 272 43.34 20.89 9.40
C ALA F 272 43.84 22.21 9.99
N ASP F 273 43.64 22.39 11.29
CA ASP F 273 44.14 23.58 11.97
C ASP F 273 45.62 23.43 12.27
N CYS F 274 46.06 22.19 12.60
CA CYS F 274 47.44 21.87 12.93
C CYS F 274 47.92 20.67 12.16
N ILE F 275 49.23 20.64 11.93
CA ILE F 275 49.93 19.49 11.37
C ILE F 275 51.02 19.08 12.37
N MET F 276 51.41 17.82 12.37
CA MET F 276 52.31 17.31 13.38
C MET F 276 53.50 16.53 12.82
N LEU F 277 54.58 16.52 13.62
CA LEU F 277 55.80 15.79 13.35
C LEU F 277 56.04 14.95 14.60
N SER F 278 56.38 13.67 14.41
CA SER F 278 56.63 12.75 15.52
C SER F 278 58.11 12.35 15.48
N GLY F 279 58.45 11.19 14.90
CA GLY F 279 59.84 10.73 14.76
C GLY F 279 60.72 11.71 14.03
N GLU F 280 60.11 12.49 13.08
CA GLU F 280 60.83 13.48 12.29
C GLU F 280 61.56 14.50 13.18
N THR F 281 60.95 14.86 14.33
CA THR F 281 61.60 15.82 15.25
C THR F 281 62.10 15.15 16.55
N ALA F 282 61.44 14.08 17.00
CA ALA F 282 61.83 13.42 18.24
C ALA F 282 63.13 12.66 18.15
N LYS F 283 63.43 12.01 17.01
CA LYS F 283 64.62 11.18 16.89
C LYS F 283 65.39 11.30 15.60
N GLY F 284 64.83 11.97 14.60
CA GLY F 284 65.47 12.02 13.28
C GLY F 284 66.70 12.89 13.19
N ASN F 285 67.37 12.82 12.04
CA ASN F 285 68.59 13.57 11.77
C ASN F 285 68.36 14.98 11.27
N PHE F 286 67.12 15.31 10.86
CA PHE F 286 66.82 16.64 10.33
C PHE F 286 65.60 17.28 11.02
N PRO F 287 65.56 17.41 12.37
CA PRO F 287 64.38 18.00 13.01
C PRO F 287 64.00 19.40 12.57
N VAL F 288 65.01 20.29 12.43
CA VAL F 288 64.77 21.67 12.05
C VAL F 288 64.29 21.71 10.58
N GLU F 289 64.90 20.93 9.70
CA GLU F 289 64.54 20.89 8.30
C GLU F 289 63.12 20.34 8.09
N ALA F 290 62.66 19.39 8.96
CA ALA F 290 61.30 18.85 8.89
C ALA F 290 60.30 19.95 9.25
N VAL F 291 60.62 20.77 10.28
CA VAL F 291 59.76 21.90 10.65
C VAL F 291 59.72 22.91 9.50
N LYS F 292 60.88 23.24 8.92
CA LYS F 292 60.97 24.18 7.79
C LYS F 292 60.17 23.68 6.57
N MET F 293 60.19 22.38 6.31
CA MET F 293 59.44 21.79 5.19
C MET F 293 57.95 21.88 5.42
N GLN F 294 57.47 21.56 6.65
CA GLN F 294 56.03 21.71 6.94
C GLN F 294 55.61 23.16 6.83
N HIS F 295 56.48 24.11 7.28
CA HIS F 295 56.18 25.53 7.17
C HIS F 295 56.02 25.93 5.69
N ALA F 296 56.99 25.54 4.85
CA ALA F 296 56.99 25.85 3.42
C ALA F 296 55.76 25.28 2.69
N ILE F 297 55.39 24.02 2.96
CA ILE F 297 54.24 23.41 2.27
C ILE F 297 52.93 24.03 2.74
N ALA F 298 52.76 24.23 4.07
CA ALA F 298 51.52 24.77 4.61
C ALA F 298 51.22 26.13 4.04
N ARG F 299 52.23 26.97 3.89
CA ARG F 299 52.06 28.30 3.34
C ARG F 299 51.58 28.24 1.86
N GLU F 300 52.14 27.35 1.06
CA GLU F 300 51.70 27.15 -0.32
C GLU F 300 50.25 26.61 -0.37
N ALA F 301 49.92 25.67 0.52
CA ALA F 301 48.60 25.05 0.52
C ALA F 301 47.52 26.00 1.03
N GLU F 302 47.84 26.85 2.00
CA GLU F 302 46.86 27.80 2.53
C GLU F 302 46.41 28.79 1.43
N ALA F 303 47.36 29.23 0.59
CA ALA F 303 47.03 30.13 -0.51
C ALA F 303 46.15 29.42 -1.56
N ALA F 304 46.31 28.10 -1.73
CA ALA F 304 45.57 27.26 -2.68
C ALA F 304 44.18 26.86 -2.21
N VAL F 305 43.79 27.21 -0.97
CA VAL F 305 42.44 26.91 -0.48
C VAL F 305 41.41 27.71 -1.34
N TYR F 306 40.30 27.11 -1.72
CA TYR F 306 39.29 27.79 -2.52
C TYR F 306 38.33 28.49 -1.56
N HIS F 307 38.72 29.65 -1.03
CA HIS F 307 37.93 30.39 -0.03
C HIS F 307 36.54 30.76 -0.48
N ARG F 308 36.34 31.02 -1.78
CA ARG F 308 35.01 31.38 -2.28
C ARG F 308 33.96 30.30 -1.94
N GLN F 309 34.30 29.03 -2.15
CA GLN F 309 33.35 27.96 -1.83
C GLN F 309 33.37 27.68 -0.33
N LEU F 310 34.54 27.67 0.29
CA LEU F 310 34.68 27.38 1.71
C LEU F 310 33.90 28.33 2.58
N PHE F 311 34.05 29.65 2.36
CA PHE F 311 33.33 30.65 3.14
C PHE F 311 31.83 30.53 2.96
N GLU F 312 31.39 30.36 1.70
CA GLU F 312 29.98 30.19 1.36
C GLU F 312 29.39 28.95 2.09
N GLU F 313 30.12 27.82 2.08
CA GLU F 313 29.63 26.61 2.73
C GLU F 313 29.66 26.70 4.23
N LEU F 314 30.68 27.34 4.82
CA LEU F 314 30.76 27.51 6.28
C LEU F 314 29.60 28.38 6.75
N ARG F 315 29.28 29.44 5.99
CA ARG F 315 28.16 30.33 6.32
C ARG F 315 26.80 29.64 6.19
N ARG F 316 26.61 28.87 5.10
CA ARG F 316 25.37 28.14 4.83
C ARG F 316 25.10 27.08 5.91
N ALA F 317 26.15 26.38 6.34
CA ALA F 317 26.01 25.32 7.33
C ALA F 317 25.93 25.83 8.76
N ALA F 318 26.55 26.98 9.05
CA ALA F 318 26.54 27.52 10.40
C ALA F 318 25.14 28.06 10.69
N PRO F 319 24.57 27.68 11.83
CA PRO F 319 23.20 28.12 12.13
C PRO F 319 23.14 29.60 12.51
N LEU F 320 21.91 30.18 12.49
CA LEU F 320 21.70 31.55 12.96
C LEU F 320 22.14 31.66 14.42
N SER F 321 22.65 32.81 14.82
CA SER F 321 23.14 32.97 16.17
C SER F 321 22.77 34.30 16.73
N ARG F 322 22.42 34.31 18.01
CA ARG F 322 22.15 35.56 18.71
C ARG F 322 23.30 35.95 19.66
N ASP F 323 24.44 35.23 19.58
CA ASP F 323 25.62 35.53 20.37
C ASP F 323 26.37 36.67 19.65
N PRO F 324 26.54 37.82 20.30
CA PRO F 324 27.20 38.95 19.61
C PRO F 324 28.64 38.69 19.17
N THR F 325 29.39 37.82 19.85
CA THR F 325 30.76 37.49 19.44
C THR F 325 30.72 36.77 18.10
N GLU F 326 29.80 35.81 17.95
CA GLU F 326 29.63 35.05 16.72
C GLU F 326 29.15 35.96 15.59
N VAL F 327 28.20 36.85 15.88
CA VAL F 327 27.68 37.78 14.87
C VAL F 327 28.79 38.76 14.41
N THR F 328 29.59 39.26 15.35
CA THR F 328 30.69 40.17 15.03
C THR F 328 31.74 39.43 14.20
N ALA F 329 32.07 38.19 14.56
CA ALA F 329 33.07 37.41 13.86
C ALA F 329 32.75 37.22 12.36
N ILE F 330 31.51 36.85 12.02
CA ILE F 330 31.16 36.66 10.62
C ILE F 330 31.14 37.98 9.86
N GLY F 331 30.71 39.06 10.51
CA GLY F 331 30.74 40.38 9.91
C GLY F 331 32.17 40.84 9.64
N ALA F 332 33.08 40.58 10.59
CA ALA F 332 34.49 40.94 10.43
C ALA F 332 35.18 40.14 9.33
N VAL F 333 34.86 38.85 9.21
CA VAL F 333 35.46 38.00 8.17
C VAL F 333 34.94 38.43 6.79
N GLU F 334 33.66 38.77 6.70
CA GLU F 334 33.07 39.25 5.46
CA GLU F 334 33.07 39.25 5.46
C GLU F 334 33.73 40.55 5.04
N ALA F 335 33.92 41.47 6.02
CA ALA F 335 34.57 42.77 5.79
C ALA F 335 36.01 42.60 5.33
N ALA F 336 36.75 41.66 5.97
CA ALA F 336 38.13 41.40 5.57
C ALA F 336 38.22 40.92 4.11
N PHE F 337 37.32 40.02 3.69
CA PHE F 337 37.31 39.52 2.31
C PHE F 337 36.96 40.65 1.32
N LYS F 338 36.05 41.55 1.68
CA LYS F 338 35.62 42.65 0.82
C LYS F 338 36.76 43.60 0.43
N CYS F 339 37.72 43.83 1.35
CA CYS F 339 38.82 44.74 1.09
C CYS F 339 40.18 44.08 0.97
N CYS F 340 40.26 42.74 0.94
CA CYS F 340 41.53 42.01 0.95
C CYS F 340 42.36 42.44 2.17
N ALA F 341 41.71 42.58 3.35
CA ALA F 341 42.44 43.02 4.56
C ALA F 341 43.63 42.12 4.87
N ALA F 342 44.72 42.74 5.29
CA ALA F 342 45.93 42.03 5.65
C ALA F 342 45.73 41.31 7.00
N ALA F 343 44.96 41.91 7.92
CA ALA F 343 44.78 41.33 9.24
C ALA F 343 43.45 41.71 9.91
N ILE F 344 43.03 40.88 10.85
CA ILE F 344 41.92 41.12 11.72
C ILE F 344 42.58 41.16 13.10
N ILE F 345 42.54 42.29 13.81
CA ILE F 345 43.13 42.40 15.14
C ILE F 345 42.02 42.23 16.12
N VAL F 346 42.13 41.27 17.02
CA VAL F 346 41.08 41.01 17.99
C VAL F 346 41.64 41.01 19.42
N LEU F 347 40.88 41.60 20.35
CA LEU F 347 41.25 41.57 21.77
C LEU F 347 40.52 40.36 22.36
N THR F 348 41.23 39.51 23.11
CA THR F 348 40.62 38.32 23.67
C THR F 348 41.23 37.93 25.01
N THR F 349 40.39 37.45 25.93
CA THR F 349 40.86 37.01 27.25
C THR F 349 41.14 35.50 27.22
N THR F 350 40.19 34.72 26.73
CA THR F 350 40.30 33.26 26.69
C THR F 350 40.75 32.68 25.35
N GLY F 351 40.70 33.48 24.30
CA GLY F 351 41.00 33.05 22.95
C GLY F 351 39.74 32.86 22.13
N ARG F 352 38.53 32.82 22.79
CA ARG F 352 37.26 32.52 22.13
C ARG F 352 36.91 33.47 20.96
N SER F 353 37.07 34.79 21.10
CA SER F 353 36.77 35.71 20.01
C SER F 353 37.67 35.42 18.77
N ALA F 354 38.92 35.02 19.01
CA ALA F 354 39.84 34.69 17.93
C ALA F 354 39.44 33.33 17.29
N GLN F 355 38.99 32.37 18.11
CA GLN F 355 38.54 31.06 17.63
C GLN F 355 37.31 31.23 16.72
N LEU F 356 36.38 32.12 17.08
CA LEU F 356 35.18 32.35 16.28
C LEU F 356 35.48 33.05 14.95
N LEU F 357 36.58 33.82 14.88
CA LEU F 357 37.00 34.43 13.62
C LEU F 357 37.64 33.33 12.75
N SER F 358 38.53 32.52 13.35
CA SER F 358 39.24 31.41 12.72
C SER F 358 38.28 30.38 12.06
N ARG F 359 37.14 30.10 12.70
CA ARG F 359 36.20 29.11 12.16
C ARG F 359 35.63 29.50 10.76
N TYR F 360 35.66 30.79 10.41
CA TYR F 360 35.22 31.24 9.09
C TYR F 360 36.33 31.26 8.05
N ARG F 361 37.54 30.82 8.44
CA ARG F 361 38.70 30.68 7.60
C ARG F 361 39.03 31.93 6.78
N PRO F 362 39.22 33.11 7.42
CA PRO F 362 39.60 34.29 6.63
C PRO F 362 40.98 34.10 6.00
N ARG F 363 41.28 34.82 4.90
CA ARG F 363 42.64 34.87 4.35
C ARG F 363 43.49 35.83 5.22
N ALA F 364 42.84 36.87 5.79
CA ALA F 364 43.50 37.82 6.67
C ALA F 364 44.03 37.07 7.92
N ALA F 365 45.24 37.41 8.38
CA ALA F 365 45.79 36.85 9.63
C ALA F 365 44.94 37.34 10.79
N VAL F 366 44.70 36.52 11.82
CA VAL F 366 43.94 36.96 12.99
C VAL F 366 44.99 37.24 14.08
N ILE F 367 45.26 38.50 14.35
CA ILE F 367 46.24 38.90 15.35
C ILE F 367 45.50 39.04 16.69
N ALA F 368 45.73 38.10 17.61
CA ALA F 368 45.00 38.08 18.87
C ALA F 368 45.83 38.69 20.00
N VAL F 369 45.36 39.83 20.53
CA VAL F 369 46.07 40.52 21.61
C VAL F 369 45.45 40.08 22.92
N THR F 370 46.26 39.47 23.77
CA THR F 370 45.79 38.94 25.04
C THR F 370 46.80 39.16 26.15
N ARG F 371 46.31 39.30 27.39
CA ARG F 371 47.15 39.38 28.60
C ARG F 371 47.40 37.97 29.16
N SER F 372 46.58 36.95 28.78
CA SER F 372 46.71 35.60 29.28
C SER F 372 47.82 34.85 28.54
N ALA F 373 48.92 34.52 29.24
CA ALA F 373 50.02 33.77 28.64
C ALA F 373 49.53 32.38 28.17
N GLN F 374 48.67 31.74 28.97
CA GLN F 374 48.13 30.44 28.62
C GLN F 374 47.23 30.51 27.36
N ALA F 375 46.34 31.54 27.25
CA ALA F 375 45.49 31.69 26.06
C ALA F 375 46.35 31.93 24.83
N ALA F 376 47.45 32.70 24.97
CA ALA F 376 48.35 32.98 23.86
C ALA F 376 48.99 31.67 23.34
N ARG F 377 49.34 30.74 24.25
CA ARG F 377 49.90 29.45 23.85
C ARG F 377 48.81 28.55 23.23
N GLN F 378 47.64 28.47 23.86
CA GLN F 378 46.56 27.60 23.39
C GLN F 378 45.92 28.00 22.05
N VAL F 379 45.89 29.33 21.70
CA VAL F 379 45.27 29.73 20.43
C VAL F 379 46.01 29.25 19.20
N HIS F 380 47.23 28.70 19.36
CA HIS F 380 47.96 28.05 18.25
C HIS F 380 47.14 26.85 17.71
N LEU F 381 46.17 26.33 18.48
CA LEU F 381 45.35 25.23 18.01
C LEU F 381 44.42 25.68 16.88
N CYS F 382 44.09 26.98 16.78
CA CYS F 382 43.14 27.53 15.79
C CYS F 382 43.87 28.10 14.60
N ARG F 383 43.54 27.60 13.39
CA ARG F 383 44.21 28.08 12.19
C ARG F 383 44.15 29.59 12.00
N GLY F 384 45.27 30.19 11.68
CA GLY F 384 45.34 31.60 11.36
C GLY F 384 45.32 32.56 12.53
N VAL F 385 45.49 32.06 13.76
CA VAL F 385 45.54 32.94 14.93
C VAL F 385 46.99 33.13 15.36
N PHE F 386 47.44 34.40 15.38
CA PHE F 386 48.80 34.81 15.74
C PHE F 386 48.75 35.54 17.10
N PRO F 387 49.21 34.85 18.15
CA PRO F 387 49.09 35.44 19.52
C PRO F 387 50.13 36.50 19.85
N LEU F 388 49.68 37.65 20.38
CA LEU F 388 50.57 38.71 20.84
C LEU F 388 50.32 38.85 22.31
N LEU F 389 51.31 38.52 23.13
CA LEU F 389 51.16 38.62 24.58
C LEU F 389 51.43 40.07 25.04
N TYR F 390 50.41 40.72 25.58
CA TYR F 390 50.49 42.11 26.03
C TYR F 390 50.88 42.09 27.51
N ARG F 391 51.96 42.78 27.89
CA ARG F 391 52.42 42.74 29.28
C ARG F 391 52.22 44.04 30.08
N GLU F 392 51.73 45.10 29.44
CA GLU F 392 51.55 46.37 30.12
C GLU F 392 50.42 46.38 31.14
N PRO F 393 50.65 47.07 32.28
CA PRO F 393 49.58 47.16 33.29
C PRO F 393 48.42 48.01 32.78
N PRO F 394 47.19 47.72 33.24
CA PRO F 394 46.02 48.47 32.75
C PRO F 394 46.04 49.97 32.93
N GLU F 395 45.62 50.70 31.89
CA GLU F 395 45.44 52.15 31.92
C GLU F 395 44.29 52.46 32.88
N ALA F 396 44.26 53.68 33.43
CA ALA F 396 43.22 54.11 34.36
C ALA F 396 41.84 54.06 33.69
N ILE F 397 41.75 54.56 32.44
CA ILE F 397 40.50 54.55 31.71
C ILE F 397 40.45 53.30 30.81
N TRP F 398 39.45 52.43 31.00
CA TRP F 398 39.35 51.19 30.21
C TRP F 398 39.37 51.42 28.70
N ALA F 399 38.65 52.42 28.18
CA ALA F 399 38.66 52.71 26.75
C ALA F 399 40.06 53.03 26.23
N ASP F 400 40.91 53.69 27.05
CA ASP F 400 42.29 53.98 26.66
C ASP F 400 43.12 52.70 26.66
N ASP F 401 42.86 51.79 27.63
CA ASP F 401 43.57 50.52 27.72
C ASP F 401 43.28 49.68 26.46
N VAL F 402 42.01 49.69 25.99
CA VAL F 402 41.59 48.97 24.79
C VAL F 402 42.33 49.54 23.58
N ASP F 403 42.36 50.88 23.44
CA ASP F 403 43.07 51.56 22.37
C ASP F 403 44.56 51.25 22.35
N ARG F 404 45.20 51.21 23.52
CA ARG F 404 46.62 50.87 23.61
C ARG F 404 46.89 49.48 23.09
N ARG F 405 46.00 48.52 23.39
CA ARG F 405 46.16 47.14 22.94
C ARG F 405 45.96 47.03 21.44
N VAL F 406 45.01 47.80 20.87
CA VAL F 406 44.80 47.80 19.42
C VAL F 406 46.03 48.37 18.73
N GLN F 407 46.58 49.48 19.28
CA GLN F 407 47.79 50.10 18.73
C GLN F 407 48.98 49.17 18.85
N PHE F 408 49.09 48.39 19.94
CA PHE F 408 50.17 47.40 20.14
C PHE F 408 50.09 46.36 19.01
N GLY F 409 48.87 45.90 18.68
CA GLY F 409 48.65 44.95 17.60
C GLY F 409 49.09 45.52 16.27
N ILE F 410 48.73 46.81 16.00
CA ILE F 410 49.09 47.51 14.76
C ILE F 410 50.58 47.71 14.62
N GLU F 411 51.23 48.19 15.68
CA GLU F 411 52.68 48.46 15.67
C GLU F 411 53.47 47.20 15.56
N SER F 412 53.10 46.17 16.31
CA SER F 412 53.76 44.87 16.20
C SER F 412 53.53 44.28 14.78
N GLY F 413 52.33 44.46 14.24
CA GLY F 413 52.00 43.96 12.92
C GLY F 413 52.85 44.61 11.84
N LYS F 414 53.00 45.94 11.90
CA LYS F 414 53.83 46.69 10.95
C LYS F 414 55.30 46.27 11.05
N LEU F 415 55.81 46.13 12.28
CA LEU F 415 57.20 45.77 12.48
C LEU F 415 57.50 44.35 12.02
N ARG F 416 56.49 43.45 12.02
CA ARG F 416 56.71 42.08 11.57
C ARG F 416 56.35 41.83 10.09
N GLY F 417 55.93 42.87 9.38
CA GLY F 417 55.55 42.74 7.98
C GLY F 417 54.17 42.14 7.75
N PHE F 418 53.38 41.97 8.82
CA PHE F 418 51.99 41.50 8.70
C PHE F 418 51.14 42.65 8.12
N LEU F 419 51.47 43.89 8.51
CA LEU F 419 50.76 45.09 8.10
C LEU F 419 51.72 46.03 7.40
N ARG F 420 51.16 46.74 6.47
CA ARG F 420 51.88 47.70 5.67
C ARG F 420 51.02 48.99 5.66
N VAL F 421 51.68 50.17 5.60
CA VAL F 421 50.97 51.46 5.52
C VAL F 421 50.08 51.45 4.26
N GLY F 422 48.83 51.90 4.40
CA GLY F 422 47.88 51.84 3.29
C GLY F 422 46.95 50.64 3.38
N ASP F 423 47.32 49.60 4.17
CA ASP F 423 46.47 48.43 4.33
C ASP F 423 45.24 48.75 5.12
N LEU F 424 44.20 47.98 4.88
CA LEU F 424 43.02 48.05 5.68
C LEU F 424 43.14 46.91 6.67
N VAL F 425 42.76 47.17 7.91
CA VAL F 425 42.73 46.20 8.99
C VAL F 425 41.32 46.20 9.58
N ILE F 426 40.84 45.01 10.01
CA ILE F 426 39.56 44.92 10.69
C ILE F 426 39.88 44.77 12.16
N VAL F 427 39.23 45.55 13.05
CA VAL F 427 39.53 45.50 14.48
C VAL F 427 38.30 45.05 15.24
N VAL F 428 38.44 43.99 16.04
CA VAL F 428 37.34 43.41 16.76
C VAL F 428 37.53 43.58 18.28
N THR F 429 36.62 44.33 18.91
CA THR F 429 36.65 44.64 20.35
C THR F 429 35.25 44.42 20.99
N GLY F 430 35.11 44.64 22.30
CA GLY F 430 33.86 44.52 23.04
C GLY F 430 33.45 45.79 23.76
N TRP F 431 32.26 45.83 24.32
CA TRP F 431 31.69 47.04 24.93
C TRP F 431 31.98 47.21 26.44
N ARG F 432 32.49 46.18 27.09
CA ARG F 432 32.82 46.22 28.51
C ARG F 432 33.94 45.21 28.84
N PRO F 433 34.67 45.37 29.96
CA PRO F 433 35.74 44.43 30.29
C PRO F 433 35.23 43.03 30.56
N GLY F 434 36.13 42.05 30.54
CA GLY F 434 35.78 40.67 30.80
C GLY F 434 35.47 39.90 29.54
N SER F 435 35.59 38.58 29.60
CA SER F 435 35.28 37.67 28.49
C SER F 435 33.81 37.69 28.14
N GLY F 436 33.50 37.53 26.86
CA GLY F 436 32.11 37.34 26.44
C GLY F 436 31.36 38.54 25.94
N TYR F 437 32.01 39.69 25.84
CA TYR F 437 31.31 40.92 25.41
C TYR F 437 31.81 41.51 24.09
N THR F 438 32.48 40.71 23.23
CA THR F 438 32.91 41.17 21.91
C THR F 438 31.66 41.50 21.10
N ASN F 439 31.57 42.71 20.53
CA ASN F 439 30.39 43.11 19.76
C ASN F 439 30.69 44.24 18.76
N ILE F 440 31.96 44.61 18.58
CA ILE F 440 32.32 45.74 17.70
C ILE F 440 33.33 45.35 16.63
N MET F 441 33.06 45.80 15.41
CA MET F 441 33.99 45.59 14.31
CA MET F 441 33.93 45.58 14.25
C MET F 441 34.25 46.96 13.67
N ARG F 442 35.52 47.31 13.52
CA ARG F 442 35.92 48.60 12.95
C ARG F 442 36.84 48.40 11.74
N VAL F 443 36.70 49.25 10.73
CA VAL F 443 37.57 49.19 9.55
C VAL F 443 38.56 50.35 9.71
N LEU F 444 39.84 50.02 9.79
CA LEU F 444 40.88 51.04 9.97
CA LEU F 444 40.88 51.02 10.00
C LEU F 444 41.90 51.01 8.85
N SER F 445 42.33 52.19 8.40
CA SER F 445 43.35 52.31 7.36
C SER F 445 44.68 52.50 8.12
N ILE F 446 45.69 51.70 7.79
CA ILE F 446 46.97 51.76 8.49
CA ILE F 446 46.97 51.74 8.49
C ILE F 446 47.83 52.94 8.03
N SER F 447 48.23 53.80 8.97
CA SER F 447 49.04 54.97 8.64
C SER F 447 50.47 54.84 9.14
N ARG G 11 37.67 24.54 -24.53
CA ARG G 11 38.33 25.84 -24.57
C ARG G 11 38.10 26.55 -25.94
N ARG G 12 38.82 27.67 -26.23
CA ARG G 12 38.66 28.50 -27.43
C ARG G 12 38.74 27.78 -28.78
N ALA G 13 39.39 26.61 -28.88
CA ALA G 13 39.45 25.87 -30.15
C ALA G 13 38.05 25.31 -30.47
N ASP G 14 37.36 24.76 -29.46
CA ASP G 14 36.00 24.24 -29.62
C ASP G 14 35.02 25.39 -29.86
N VAL G 15 35.21 26.50 -29.15
CA VAL G 15 34.41 27.72 -29.26
C VAL G 15 34.53 28.33 -30.68
N ALA G 16 35.75 28.38 -31.24
CA ALA G 16 36.02 28.90 -32.58
C ALA G 16 35.37 28.05 -33.68
N GLN G 17 35.45 26.72 -33.54
CA GLN G 17 34.83 25.80 -34.51
C GLN G 17 33.31 25.90 -34.44
N LEU G 18 32.76 26.04 -33.22
CA LEU G 18 31.33 26.20 -33.00
C LEU G 18 30.80 27.50 -33.67
N THR G 19 31.57 28.59 -33.57
CA THR G 19 31.21 29.86 -34.18
C THR G 19 31.23 29.76 -35.71
N GLN G 20 32.18 29.01 -36.26
CA GLN G 20 32.31 28.84 -37.71
C GLN G 20 31.12 28.09 -38.34
N GLU G 21 30.48 27.15 -37.62
CA GLU G 21 29.36 26.40 -38.18
C GLU G 21 27.96 26.95 -37.86
N LEU G 22 27.81 27.75 -36.78
CA LEU G 22 26.49 28.31 -36.45
C LEU G 22 26.39 29.80 -36.78
N GLY G 23 27.51 30.52 -36.63
CA GLY G 23 27.54 31.96 -36.84
C GLY G 23 27.36 32.76 -35.56
N THR G 24 27.83 34.01 -35.59
CA THR G 24 27.73 34.96 -34.49
C THR G 24 26.28 35.32 -34.20
N ALA G 25 25.46 35.44 -35.26
CA ALA G 25 24.05 35.82 -35.17
C ALA G 25 23.27 34.81 -34.35
N PHE G 26 23.60 33.51 -34.48
CA PHE G 26 22.93 32.43 -33.75
C PHE G 26 23.00 32.69 -32.23
N PHE G 27 24.19 33.06 -31.75
CA PHE G 27 24.44 33.27 -30.33
C PHE G 27 23.94 34.60 -29.77
N GLN G 28 23.41 35.47 -30.64
CA GLN G 28 22.83 36.72 -30.19
C GLN G 28 21.29 36.60 -30.02
N GLN G 29 20.66 35.60 -30.70
CA GLN G 29 19.22 35.36 -30.66
C GLN G 29 18.79 34.58 -29.42
N GLN G 30 17.44 34.46 -29.23
CA GLN G 30 16.73 33.73 -28.18
C GLN G 30 17.34 33.90 -26.78
N GLN G 31 17.80 35.12 -26.46
CA GLN G 31 18.43 35.47 -25.18
C GLN G 31 19.59 34.55 -24.81
N LEU G 32 20.34 34.03 -25.80
CA LEU G 32 21.48 33.16 -25.53
C LEU G 32 22.59 33.84 -24.69
N PRO G 33 22.90 35.15 -24.86
CA PRO G 33 23.88 35.78 -23.94
C PRO G 33 23.40 35.71 -22.47
N ALA G 34 22.11 36.01 -22.21
CA ALA G 34 21.55 35.91 -20.84
C ALA G 34 21.52 34.43 -20.35
N ALA G 35 21.36 33.49 -21.28
CA ALA G 35 21.34 32.06 -20.95
C ALA G 35 22.68 31.57 -20.42
N MET G 36 23.80 32.14 -20.92
CA MET G 36 25.15 31.74 -20.50
C MET G 36 25.61 32.36 -19.17
N ALA G 37 24.81 33.23 -18.55
CA ALA G 37 25.21 33.89 -17.32
C ALA G 37 25.42 32.94 -16.16
N ASP G 38 26.36 33.28 -15.28
CA ASP G 38 26.69 32.45 -14.11
C ASP G 38 25.80 32.67 -12.90
N THR G 39 25.03 33.77 -12.87
CA THR G 39 24.09 34.02 -11.78
C THR G 39 22.75 34.50 -12.36
N PHE G 40 21.68 34.37 -11.59
CA PHE G 40 20.36 34.85 -12.01
C PHE G 40 20.39 36.38 -12.20
N LEU G 41 21.09 37.10 -11.32
CA LEU G 41 21.23 38.56 -11.41
C LEU G 41 21.90 38.95 -12.72
N GLU G 42 23.00 38.29 -13.09
CA GLU G 42 23.72 38.55 -14.35
CA GLU G 42 23.70 38.57 -14.35
C GLU G 42 22.83 38.22 -15.55
N HIS G 43 22.03 37.13 -15.43
CA HIS G 43 21.09 36.68 -16.46
C HIS G 43 20.10 37.81 -16.75
N LEU G 44 19.55 38.43 -15.70
CA LEU G 44 18.61 39.55 -15.89
C LEU G 44 19.31 40.73 -16.56
N CYS G 45 20.52 41.08 -16.11
CA CYS G 45 21.31 42.19 -16.68
C CYS G 45 21.59 41.99 -18.16
N LEU G 46 21.64 40.73 -18.64
CA LEU G 46 21.97 40.45 -20.05
C LEU G 46 20.74 40.32 -20.96
N LEU G 47 19.51 40.45 -20.43
CA LEU G 47 18.30 40.35 -21.26
C LEU G 47 18.31 41.50 -22.27
N ASP G 48 18.01 41.19 -23.53
CA ASP G 48 18.16 42.14 -24.61
C ASP G 48 16.91 42.21 -25.45
N ILE G 49 16.28 43.38 -25.53
CA ILE G 49 15.08 43.58 -26.34
C ILE G 49 15.34 43.37 -27.85
N ASP G 50 16.61 43.43 -28.29
CA ASP G 50 16.95 43.18 -29.69
C ASP G 50 17.27 41.69 -29.95
N SER G 51 17.29 40.85 -28.92
CA SER G 51 17.57 39.43 -29.10
C SER G 51 16.25 38.78 -29.44
N GLU G 52 16.03 38.47 -30.72
CA GLU G 52 14.76 37.97 -31.18
C GLU G 52 14.51 36.50 -30.87
N PRO G 53 13.27 36.18 -30.46
CA PRO G 53 12.96 34.78 -30.20
C PRO G 53 12.93 34.00 -31.51
N VAL G 54 13.47 32.79 -31.49
CA VAL G 54 13.51 31.94 -32.68
C VAL G 54 12.67 30.70 -32.46
N ALA G 55 12.73 30.14 -31.26
CA ALA G 55 11.98 28.95 -30.93
C ALA G 55 10.48 29.16 -31.06
N ALA G 56 9.75 28.08 -31.33
CA ALA G 56 8.31 28.15 -31.39
C ALA G 56 7.77 28.41 -29.97
N ARG G 57 6.65 29.10 -29.88
CA ARG G 57 6.03 29.43 -28.60
C ARG G 57 5.55 28.15 -27.91
N SER G 58 6.06 27.91 -26.69
CA SER G 58 5.84 26.66 -26.01
C SER G 58 4.71 26.64 -24.95
N THR G 59 4.33 27.79 -24.39
CA THR G 59 3.26 27.83 -23.39
C THR G 59 1.93 27.83 -24.13
N SER G 60 1.08 26.80 -23.89
CA SER G 60 -0.20 26.73 -24.61
C SER G 60 -1.16 27.81 -24.19
N ILE G 61 -2.00 28.22 -25.13
CA ILE G 61 -2.99 29.24 -24.88
C ILE G 61 -4.36 28.56 -24.83
N ILE G 62 -5.09 28.77 -23.73
CA ILE G 62 -6.44 28.28 -23.58
C ILE G 62 -7.35 29.50 -23.85
N ALA G 63 -8.26 29.39 -24.84
CA ALA G 63 -9.20 30.49 -25.10
C ALA G 63 -10.60 30.01 -24.76
N THR G 64 -11.38 30.83 -24.03
CA THR G 64 -12.74 30.47 -23.69
C THR G 64 -13.62 30.83 -24.88
N ILE G 65 -14.44 29.89 -25.31
CA ILE G 65 -15.30 30.05 -26.48
C ILE G 65 -16.67 30.48 -26.06
N GLY G 66 -17.12 31.59 -26.59
CA GLY G 66 -18.43 32.15 -26.27
C GLY G 66 -18.96 32.99 -27.41
N PRO G 67 -19.89 33.91 -27.10
CA PRO G 67 -20.50 34.73 -28.18
C PRO G 67 -19.53 35.44 -29.12
N ALA G 68 -18.40 35.96 -28.60
CA ALA G 68 -17.43 36.68 -29.42
C ALA G 68 -16.50 35.80 -30.27
N SER G 69 -16.46 34.49 -29.98
CA SER G 69 -15.50 33.61 -30.63
C SER G 69 -16.08 32.28 -31.12
N ARG G 70 -17.37 32.25 -31.40
CA ARG G 70 -18.08 31.04 -31.77
C ARG G 70 -18.13 30.63 -33.21
N SER G 71 -18.14 31.59 -34.14
CA SER G 71 -18.27 31.26 -35.55
C SER G 71 -17.09 30.49 -36.07
N VAL G 72 -17.32 29.61 -37.06
CA VAL G 72 -16.28 28.82 -37.67
C VAL G 72 -15.16 29.71 -38.25
N GLU G 73 -15.55 30.83 -38.90
CA GLU G 73 -14.57 31.74 -39.47
C GLU G 73 -13.70 32.41 -38.42
N ARG G 74 -14.31 32.82 -37.31
CA ARG G 74 -13.58 33.44 -36.20
C ARG G 74 -12.66 32.40 -35.54
N LEU G 75 -13.14 31.18 -35.34
CA LEU G 75 -12.36 30.10 -34.77
C LEU G 75 -11.14 29.74 -35.62
N LYS G 76 -11.24 29.83 -36.97
CA LYS G 76 -10.10 29.59 -37.86
C LYS G 76 -9.04 30.65 -37.62
N GLU G 77 -9.43 31.91 -37.39
CA GLU G 77 -8.48 32.98 -37.10
C GLU G 77 -7.84 32.78 -35.73
N MET G 78 -8.59 32.25 -34.76
CA MET G 78 -8.05 32.00 -33.42
CA MET G 78 -8.04 32.01 -33.43
C MET G 78 -7.05 30.84 -33.42
N ILE G 79 -7.28 29.84 -34.28
CA ILE G 79 -6.36 28.71 -34.41
C ILE G 79 -5.06 29.21 -35.03
N LYS G 80 -5.15 30.05 -36.08
CA LYS G 80 -3.96 30.62 -36.72
C LYS G 80 -3.21 31.55 -35.78
N ALA G 81 -3.94 32.28 -34.93
CA ALA G 81 -3.32 33.20 -33.96
C ALA G 81 -2.59 32.46 -32.82
N GLY G 82 -2.97 31.20 -32.56
CA GLY G 82 -2.26 30.41 -31.57
C GLY G 82 -3.07 29.65 -30.54
N MET G 83 -4.41 29.67 -30.63
CA MET G 83 -5.24 28.95 -29.63
C MET G 83 -4.96 27.45 -29.70
N ASN G 84 -4.61 26.84 -28.56
CA ASN G 84 -4.33 25.41 -28.54
C ASN G 84 -5.44 24.61 -27.86
N ILE G 85 -6.13 25.23 -26.90
CA ILE G 85 -7.18 24.58 -26.13
C ILE G 85 -8.40 25.50 -26.11
N ALA G 86 -9.56 24.96 -26.42
CA ALA G 86 -10.83 25.69 -26.42
C ALA G 86 -11.54 25.34 -25.13
N ARG G 87 -11.85 26.34 -24.33
CA ARG G 87 -12.51 26.14 -23.04
C ARG G 87 -13.99 26.48 -23.14
N LEU G 88 -14.83 25.59 -22.62
CA LEU G 88 -16.28 25.82 -22.62
C LEU G 88 -16.71 25.93 -21.16
N ASN G 89 -17.13 27.12 -20.75
CA ASN G 89 -17.48 27.38 -19.35
C ASN G 89 -18.94 27.02 -19.09
N PHE G 90 -19.15 25.91 -18.40
CA PHE G 90 -20.48 25.44 -18.11
C PHE G 90 -21.17 26.22 -16.97
N SER G 91 -20.55 27.34 -16.49
CA SER G 91 -21.26 28.26 -15.59
C SER G 91 -22.28 29.10 -16.40
N HIS G 92 -22.12 29.17 -17.75
CA HIS G 92 -22.96 29.92 -18.67
C HIS G 92 -23.45 29.00 -19.80
N GLY G 93 -24.35 29.52 -20.64
CA GLY G 93 -24.88 28.81 -21.78
C GLY G 93 -25.71 27.60 -21.41
N SER G 94 -25.75 26.62 -22.28
CA SER G 94 -26.51 25.40 -22.10
C SER G 94 -25.81 24.24 -22.84
N HIS G 95 -26.32 23.02 -22.72
CA HIS G 95 -25.75 21.87 -23.40
C HIS G 95 -25.85 22.06 -24.92
N GLU G 96 -26.98 22.57 -25.41
CA GLU G 96 -27.16 22.81 -26.83
C GLU G 96 -26.21 23.91 -27.32
N TYR G 97 -26.05 24.97 -26.55
CA TYR G 97 -25.18 26.08 -26.94
C TYR G 97 -23.70 25.60 -27.00
N HIS G 98 -23.22 24.95 -25.93
CA HIS G 98 -21.85 24.46 -25.91
C HIS G 98 -21.59 23.35 -26.95
N ALA G 99 -22.58 22.47 -27.24
CA ALA G 99 -22.38 21.45 -28.28
C ALA G 99 -22.17 22.11 -29.65
N GLU G 100 -22.89 23.22 -29.92
CA GLU G 100 -22.75 23.96 -31.18
CA GLU G 100 -22.71 23.91 -31.19
C GLU G 100 -21.34 24.58 -31.24
N SER G 101 -20.88 25.17 -30.13
CA SER G 101 -19.55 25.78 -30.07
C SER G 101 -18.47 24.70 -30.33
N ILE G 102 -18.63 23.50 -29.75
CA ILE G 102 -17.71 22.38 -29.91
C ILE G 102 -17.68 21.94 -31.38
N ALA G 103 -18.87 21.81 -32.01
CA ALA G 103 -18.96 21.43 -33.42
C ALA G 103 -18.27 22.46 -34.30
N ASN G 104 -18.44 23.76 -33.97
CA ASN G 104 -17.80 24.83 -34.74
C ASN G 104 -16.29 24.79 -34.57
N VAL G 105 -15.79 24.48 -33.33
CA VAL G 105 -14.35 24.35 -33.08
C VAL G 105 -13.79 23.22 -33.93
N ARG G 106 -14.45 22.04 -33.89
CA ARG G 106 -14.01 20.88 -34.66
C ARG G 106 -14.05 21.14 -36.16
N GLU G 107 -15.06 21.88 -36.66
CA GLU G 107 -15.14 22.21 -38.08
C GLU G 107 -13.97 23.12 -38.45
N ALA G 108 -13.69 24.14 -37.62
CA ALA G 108 -12.57 25.04 -37.90
C ALA G 108 -11.24 24.27 -37.88
N VAL G 109 -11.04 23.39 -36.88
CA VAL G 109 -9.81 22.59 -36.77
C VAL G 109 -9.61 21.68 -37.97
N GLU G 110 -10.68 20.95 -38.36
CA GLU G 110 -10.60 20.03 -39.49
C GLU G 110 -10.49 20.70 -40.85
N SER G 111 -10.78 21.99 -40.96
CA SER G 111 -10.61 22.72 -42.22
C SER G 111 -9.12 22.81 -42.65
N PHE G 112 -8.18 22.55 -41.73
CA PHE G 112 -6.75 22.56 -42.02
C PHE G 112 -6.16 21.13 -42.19
N ALA G 113 -6.98 20.06 -42.06
CA ALA G 113 -6.52 18.67 -42.15
C ALA G 113 -6.03 18.23 -43.54
N GLY G 114 -6.31 19.03 -44.57
CA GLY G 114 -5.87 18.77 -45.93
C GLY G 114 -4.37 18.90 -46.12
N SER G 115 -3.68 19.59 -45.18
CA SER G 115 -2.22 19.70 -45.20
C SER G 115 -1.72 19.06 -43.89
N PRO G 116 -1.47 17.74 -43.90
CA PRO G 116 -1.06 17.06 -42.65
C PRO G 116 0.24 17.55 -42.01
N LEU G 117 1.19 18.10 -42.80
CA LEU G 117 2.44 18.61 -42.23
C LEU G 117 2.29 19.90 -41.44
N SER G 118 1.16 20.61 -41.58
CA SER G 118 0.93 21.85 -40.87
C SER G 118 -0.31 21.82 -39.95
N TYR G 119 -1.14 20.74 -40.02
CA TYR G 119 -2.34 20.59 -39.21
C TYR G 119 -2.07 20.77 -37.70
N ARG G 120 -2.87 21.62 -37.04
CA ARG G 120 -2.72 21.83 -35.60
C ARG G 120 -3.88 21.25 -34.80
N PRO G 121 -3.63 20.20 -33.98
CA PRO G 121 -4.70 19.69 -33.10
C PRO G 121 -5.13 20.78 -32.09
N VAL G 122 -6.40 20.78 -31.66
CA VAL G 122 -6.90 21.75 -30.67
C VAL G 122 -7.71 20.96 -29.63
N ALA G 123 -7.35 21.06 -28.36
CA ALA G 123 -8.05 20.33 -27.31
C ALA G 123 -9.37 20.99 -26.96
N ILE G 124 -10.30 20.19 -26.41
CA ILE G 124 -11.58 20.72 -25.97
C ILE G 124 -11.69 20.48 -24.48
N ALA G 125 -11.84 21.55 -23.72
CA ALA G 125 -11.87 21.48 -22.27
C ALA G 125 -13.21 21.96 -21.72
N LEU G 126 -13.77 21.22 -20.78
CA LEU G 126 -15.03 21.58 -20.17
C LEU G 126 -14.74 22.11 -18.77
N ASP G 127 -15.19 23.35 -18.49
CA ASP G 127 -14.97 23.96 -17.18
C ASP G 127 -16.31 23.86 -16.42
N THR G 128 -16.32 23.15 -15.30
CA THR G 128 -17.54 22.93 -14.56
C THR G 128 -18.08 24.18 -13.80
N LYS G 129 -19.39 24.18 -13.55
CA LYS G 129 -20.03 25.27 -12.82
C LYS G 129 -19.53 25.29 -11.37
N GLY G 130 -19.38 24.12 -10.78
CA GLY G 130 -18.86 24.00 -9.43
C GLY G 130 -19.89 23.60 -8.40
N PRO G 131 -19.44 23.45 -7.16
CA PRO G 131 -20.35 23.00 -6.09
C PRO G 131 -21.36 24.04 -5.66
N PRO G 135 -20.70 22.04 -1.55
CA PRO G 135 -21.09 20.81 -0.83
C PRO G 135 -20.77 19.53 -1.63
N GLY G 136 -19.55 19.44 -2.15
CA GLY G 136 -19.17 18.29 -2.97
C GLY G 136 -19.71 18.38 -4.39
N LEU G 137 -19.63 17.29 -5.17
CA LEU G 137 -20.11 17.29 -6.55
C LEU G 137 -21.62 17.62 -6.72
N SER G 138 -21.91 18.72 -7.38
CA SER G 138 -23.29 19.15 -7.60
C SER G 138 -23.98 18.29 -8.66
N GLU G 139 -25.31 18.33 -8.70
CA GLU G 139 -26.11 17.54 -9.66
C GLU G 139 -25.90 18.07 -11.08
N GLN G 140 -25.79 19.40 -11.23
CA GLN G 140 -25.53 20.01 -12.54
C GLN G 140 -24.16 19.57 -13.06
N ASP G 141 -23.14 19.49 -12.19
CA ASP G 141 -21.81 19.05 -12.58
C ASP G 141 -21.84 17.62 -13.05
N VAL G 142 -22.62 16.73 -12.39
CA VAL G 142 -22.73 15.34 -12.83
C VAL G 142 -23.29 15.28 -14.26
N ARG G 143 -24.30 16.10 -14.57
CA ARG G 143 -24.88 16.13 -15.91
C ARG G 143 -23.93 16.74 -16.95
N ASP G 144 -23.20 17.80 -16.57
CA ASP G 144 -22.26 18.43 -17.48
C ASP G 144 -21.06 17.52 -17.74
N LEU G 145 -20.59 16.78 -16.74
CA LEU G 145 -19.51 15.84 -16.92
C LEU G 145 -19.93 14.72 -17.86
N ARG G 146 -21.22 14.25 -17.77
CA ARG G 146 -21.75 13.23 -18.67
C ARG G 146 -21.80 13.77 -20.11
N PHE G 147 -22.22 15.04 -20.26
CA PHE G 147 -22.22 15.70 -21.55
C PHE G 147 -20.77 15.72 -22.15
N GLY G 148 -19.79 16.04 -21.31
CA GLY G 148 -18.39 16.07 -21.72
C GLY G 148 -17.90 14.74 -22.25
N VAL G 149 -18.24 13.65 -21.55
CA VAL G 149 -17.87 12.31 -21.99
C VAL G 149 -18.55 11.97 -23.32
N GLU G 150 -19.86 12.29 -23.43
CA GLU G 150 -20.61 12.00 -24.65
C GLU G 150 -20.14 12.80 -25.84
N HIS G 151 -19.60 14.02 -25.61
CA HIS G 151 -19.08 14.86 -26.67
C HIS G 151 -17.56 14.71 -26.89
N GLY G 152 -16.92 13.75 -26.22
CA GLY G 152 -15.50 13.45 -26.40
C GLY G 152 -14.54 14.55 -26.02
N VAL G 153 -14.81 15.26 -24.89
CA VAL G 153 -13.91 16.31 -24.43
C VAL G 153 -12.60 15.66 -23.96
N ASP G 154 -11.53 16.44 -24.04
CA ASP G 154 -10.20 15.97 -23.68
C ASP G 154 -9.85 16.26 -22.23
N ILE G 155 -10.36 17.37 -21.70
CA ILE G 155 -9.96 17.86 -20.40
C ILE G 155 -11.14 18.39 -19.64
N VAL G 156 -11.08 18.27 -18.31
CA VAL G 156 -12.07 18.86 -17.42
C VAL G 156 -11.33 19.83 -16.50
N PHE G 157 -11.76 21.09 -16.45
CA PHE G 157 -11.25 22.05 -15.49
C PHE G 157 -12.30 22.00 -14.37
N ALA G 158 -12.00 21.29 -13.27
CA ALA G 158 -12.97 21.10 -12.19
C ALA G 158 -12.97 22.26 -11.21
N SER G 159 -14.07 23.00 -11.17
CA SER G 159 -14.18 24.16 -10.29
C SER G 159 -14.22 23.85 -8.81
N PHE G 160 -13.67 24.77 -8.02
CA PHE G 160 -13.64 24.73 -6.56
C PHE G 160 -13.25 23.38 -5.96
N VAL G 161 -12.12 22.81 -6.38
CA VAL G 161 -11.62 21.59 -5.78
C VAL G 161 -11.01 21.98 -4.44
N ARG G 162 -11.50 21.39 -3.35
CA ARG G 162 -11.02 21.72 -2.00
C ARG G 162 -10.28 20.59 -1.30
N LYS G 163 -10.43 19.35 -1.78
CA LYS G 163 -9.82 18.18 -1.15
C LYS G 163 -9.75 17.03 -2.16
N ALA G 164 -8.97 15.99 -1.86
CA ALA G 164 -8.79 14.82 -2.73
C ALA G 164 -10.11 14.14 -3.08
N SER G 165 -11.07 14.07 -2.13
CA SER G 165 -12.36 13.41 -2.41
C SER G 165 -13.18 14.14 -3.48
N ASP G 166 -12.94 15.45 -3.67
CA ASP G 166 -13.62 16.19 -4.75
C ASP G 166 -13.14 15.65 -6.11
N VAL G 167 -11.83 15.33 -6.22
CA VAL G 167 -11.28 14.79 -7.47
C VAL G 167 -11.77 13.38 -7.71
N ALA G 168 -11.87 12.57 -6.65
CA ALA G 168 -12.37 11.19 -6.77
C ALA G 168 -13.83 11.20 -7.28
N ALA G 169 -14.63 12.17 -6.83
CA ALA G 169 -16.02 12.32 -7.27
C ALA G 169 -16.08 12.66 -8.75
N VAL G 170 -15.20 13.57 -9.22
CA VAL G 170 -15.13 13.94 -10.64
C VAL G 170 -14.71 12.72 -11.48
N ARG G 171 -13.64 11.98 -11.04
CA ARG G 171 -13.15 10.76 -11.72
C ARG G 171 -14.29 9.75 -11.89
N ALA G 172 -15.01 9.46 -10.78
CA ALA G 172 -16.13 8.52 -10.75
C ALA G 172 -17.21 8.96 -11.73
N ALA G 173 -17.48 10.27 -11.82
CA ALA G 173 -18.47 10.82 -12.75
C ALA G 173 -18.05 10.82 -14.24
N LEU G 174 -16.79 10.44 -14.55
CA LEU G 174 -16.39 10.38 -15.96
C LEU G 174 -16.73 8.98 -16.59
N GLY G 175 -17.65 8.24 -15.95
CA GLY G 175 -18.33 7.03 -16.43
C GLY G 175 -17.38 5.97 -16.90
N PRO G 176 -17.89 4.98 -17.63
CA PRO G 176 -16.98 3.94 -18.14
C PRO G 176 -16.19 4.43 -19.38
N GLU G 177 -16.68 5.44 -20.11
CA GLU G 177 -16.02 5.90 -21.32
C GLU G 177 -14.98 7.03 -21.14
N GLY G 178 -14.94 7.71 -20.00
CA GLY G 178 -14.06 8.89 -19.88
C GLY G 178 -12.90 8.85 -18.93
N HIS G 179 -12.37 7.66 -18.66
CA HIS G 179 -11.21 7.53 -17.76
C HIS G 179 -9.92 8.19 -18.32
N GLY G 180 -9.86 8.37 -19.64
CA GLY G 180 -8.75 8.99 -20.31
C GLY G 180 -8.79 10.51 -20.31
N ILE G 181 -9.92 11.10 -19.88
CA ILE G 181 -10.05 12.57 -19.78
C ILE G 181 -9.12 13.10 -18.66
N LYS G 182 -8.36 14.16 -18.96
CA LYS G 182 -7.47 14.75 -17.98
C LYS G 182 -8.25 15.63 -17.00
N ILE G 183 -8.02 15.47 -15.70
CA ILE G 183 -8.71 16.31 -14.71
C ILE G 183 -7.73 17.34 -14.20
N ILE G 184 -8.02 18.60 -14.47
CA ILE G 184 -7.21 19.72 -14.00
C ILE G 184 -8.03 20.35 -12.87
N SER G 185 -7.57 20.22 -11.62
CA SER G 185 -8.29 20.78 -10.49
C SER G 185 -8.07 22.28 -10.37
N LYS G 186 -9.17 23.04 -10.28
CA LYS G 186 -9.07 24.49 -10.10
C LYS G 186 -8.99 24.80 -8.63
N ILE G 187 -7.95 25.55 -8.22
CA ILE G 187 -7.74 25.93 -6.83
C ILE G 187 -8.28 27.34 -6.72
N GLU G 188 -9.38 27.50 -5.98
CA GLU G 188 -10.09 28.78 -5.96
C GLU G 188 -10.35 29.36 -4.57
N ASN G 189 -9.89 28.70 -3.52
CA ASN G 189 -10.16 29.20 -2.16
C ASN G 189 -9.05 28.78 -1.19
N HIS G 190 -9.14 29.23 0.06
CA HIS G 190 -8.15 28.93 1.09
C HIS G 190 -7.98 27.44 1.34
N GLU G 191 -9.09 26.69 1.41
CA GLU G 191 -8.99 25.25 1.65
C GLU G 191 -8.24 24.51 0.53
N GLY G 192 -8.52 24.86 -0.72
CA GLY G 192 -7.82 24.25 -1.86
C GLY G 192 -6.32 24.51 -1.80
N VAL G 193 -5.92 25.72 -1.39
CA VAL G 193 -4.50 26.04 -1.24
C VAL G 193 -3.88 25.24 -0.10
N LYS G 194 -4.56 25.18 1.06
CA LYS G 194 -4.05 24.45 2.21
C LYS G 194 -3.97 22.94 1.98
N ARG G 195 -4.92 22.38 1.24
CA ARG G 195 -4.92 20.95 0.92
C ARG G 195 -4.35 20.67 -0.48
N PHE G 196 -3.53 21.59 -1.00
CA PHE G 196 -2.93 21.49 -2.34
C PHE G 196 -2.23 20.16 -2.59
N ASP G 197 -1.36 19.71 -1.68
CA ASP G 197 -0.60 18.48 -1.91
C ASP G 197 -1.47 17.27 -2.13
N GLU G 198 -2.53 17.11 -1.32
CA GLU G 198 -3.41 15.96 -1.50
C GLU G 198 -4.24 16.05 -2.80
N ILE G 199 -4.56 17.28 -3.24
CA ILE G 199 -5.29 17.50 -4.47
C ILE G 199 -4.40 17.18 -5.68
N LEU G 200 -3.18 17.71 -5.70
CA LEU G 200 -2.26 17.50 -6.81
C LEU G 200 -1.94 16.02 -7.00
N GLU G 201 -1.77 15.28 -5.90
CA GLU G 201 -1.46 13.87 -5.92
C GLU G 201 -2.44 13.05 -6.73
N VAL G 202 -3.73 13.37 -6.63
CA VAL G 202 -4.76 12.62 -7.35
C VAL G 202 -5.24 13.29 -8.64
N SER G 203 -4.77 14.50 -8.97
CA SER G 203 -5.20 15.20 -10.18
C SER G 203 -4.20 15.02 -11.31
N ASP G 204 -4.61 15.29 -12.55
CA ASP G 204 -3.66 15.30 -13.66
C ASP G 204 -2.87 16.62 -13.72
N GLY G 205 -3.41 17.68 -13.14
CA GLY G 205 -2.79 19.00 -13.12
C GLY G 205 -3.64 19.98 -12.35
N ILE G 206 -3.25 21.26 -12.36
CA ILE G 206 -3.90 22.29 -11.57
C ILE G 206 -4.15 23.56 -12.37
N MET G 207 -5.20 24.31 -12.02
CA MET G 207 -5.41 25.63 -12.57
C MET G 207 -5.42 26.59 -11.38
N VAL G 208 -4.58 27.64 -11.45
CA VAL G 208 -4.58 28.70 -10.46
C VAL G 208 -5.73 29.64 -10.91
N ALA G 209 -6.92 29.44 -10.35
CA ALA G 209 -8.14 30.17 -10.75
C ALA G 209 -8.21 31.46 -9.93
N ARG G 210 -7.52 32.48 -10.41
CA ARG G 210 -7.29 33.70 -9.67
C ARG G 210 -8.51 34.59 -9.43
N GLY G 211 -9.57 34.45 -10.23
CA GLY G 211 -10.78 35.25 -10.05
C GLY G 211 -11.41 35.01 -8.69
N ASP G 212 -11.84 33.76 -8.42
CA ASP G 212 -12.37 33.37 -7.13
C ASP G 212 -11.31 33.42 -6.06
N LEU G 213 -10.07 32.96 -6.34
CA LEU G 213 -9.00 32.99 -5.34
C LEU G 213 -8.77 34.40 -4.77
N GLY G 214 -8.80 35.41 -5.65
CA GLY G 214 -8.65 36.82 -5.29
C GLY G 214 -9.79 37.44 -4.50
N ILE G 215 -10.92 36.70 -4.38
CA ILE G 215 -12.04 37.14 -3.55
C ILE G 215 -12.14 36.27 -2.27
N GLU G 216 -11.68 35.02 -2.33
CA GLU G 216 -11.68 34.08 -1.22
C GLU G 216 -10.55 34.35 -0.23
N ILE G 217 -9.40 34.80 -0.72
CA ILE G 217 -8.24 35.15 0.10
C ILE G 217 -7.88 36.61 -0.20
N PRO G 218 -7.10 37.30 0.65
CA PRO G 218 -6.73 38.69 0.33
C PRO G 218 -6.07 38.80 -1.05
N ALA G 219 -6.48 39.79 -1.85
CA ALA G 219 -6.00 40.02 -3.20
C ALA G 219 -4.48 40.12 -3.27
N GLU G 220 -3.85 40.70 -2.25
CA GLU G 220 -2.40 40.86 -2.19
C GLU G 220 -1.63 39.56 -1.92
N LYS G 221 -2.33 38.45 -1.65
CA LYS G 221 -1.70 37.15 -1.40
C LYS G 221 -1.82 36.20 -2.61
N VAL G 222 -2.64 36.53 -3.63
CA VAL G 222 -2.81 35.63 -4.78
C VAL G 222 -1.49 35.25 -5.47
N PHE G 223 -0.57 36.21 -5.63
CA PHE G 223 0.72 35.92 -6.27
C PHE G 223 1.53 34.85 -5.51
N LEU G 224 1.39 34.78 -4.18
CA LEU G 224 2.08 33.77 -3.39
C LEU G 224 1.50 32.41 -3.68
N ALA G 225 0.15 32.31 -3.73
CA ALA G 225 -0.51 31.04 -4.04
C ALA G 225 -0.17 30.59 -5.48
N GLN G 226 -0.16 31.53 -6.44
CA GLN G 226 0.19 31.22 -7.83
C GLN G 226 1.61 30.68 -7.94
N LYS G 227 2.59 31.40 -7.37
CA LYS G 227 3.99 30.99 -7.45
C LYS G 227 4.25 29.67 -6.73
N MET G 228 3.61 29.47 -5.57
CA MET G 228 3.73 28.20 -4.84
C MET G 228 3.18 27.03 -5.66
N MET G 229 1.96 27.17 -6.20
CA MET G 229 1.33 26.08 -6.94
C MET G 229 2.06 25.75 -8.23
N ILE G 230 2.58 26.76 -8.90
CA ILE G 230 3.33 26.53 -10.13
C ILE G 230 4.63 25.79 -9.79
N GLY G 231 5.35 26.23 -8.76
CA GLY G 231 6.57 25.55 -8.32
C GLY G 231 6.33 24.09 -7.95
N ARG G 232 5.24 23.81 -7.17
CA ARG G 232 4.93 22.43 -6.77
C ARG G 232 4.54 21.55 -7.95
N CYS G 233 3.80 22.11 -8.93
CA CYS G 233 3.42 21.37 -10.14
C CYS G 233 4.65 21.07 -10.97
N ASN G 234 5.58 22.06 -11.09
CA ASN G 234 6.82 21.85 -11.85
C ASN G 234 7.63 20.71 -11.19
N LEU G 235 7.70 20.71 -9.86
CA LEU G 235 8.41 19.67 -9.13
C LEU G 235 7.75 18.28 -9.35
N ALA G 236 6.41 18.25 -9.37
CA ALA G 236 5.67 17.00 -9.60
C ALA G 236 5.63 16.56 -11.07
N GLY G 237 6.03 17.42 -12.00
CA GLY G 237 5.95 17.09 -13.42
C GLY G 237 4.51 17.01 -13.94
N LYS G 238 3.63 17.86 -13.35
CA LYS G 238 2.23 17.90 -13.76
C LYS G 238 1.85 19.26 -14.28
N PRO G 239 1.02 19.34 -15.33
CA PRO G 239 0.67 20.64 -15.89
C PRO G 239 -0.03 21.64 -14.94
N VAL G 240 0.33 22.91 -15.07
CA VAL G 240 -0.26 23.98 -14.27
C VAL G 240 -0.69 25.11 -15.20
N VAL G 241 -1.91 25.61 -15.02
CA VAL G 241 -2.48 26.69 -15.82
C VAL G 241 -2.57 27.96 -14.99
N CYS G 242 -2.13 29.10 -15.54
CA CYS G 242 -2.38 30.38 -14.88
C CYS G 242 -3.63 30.96 -15.55
N ALA G 243 -4.60 31.43 -14.75
CA ALA G 243 -5.85 31.90 -15.34
C ALA G 243 -6.38 33.16 -14.74
N THR G 244 -7.23 33.87 -15.50
CA THR G 244 -8.14 34.96 -15.14
C THR G 244 -7.53 36.34 -15.04
N GLN G 245 -8.11 37.25 -15.83
CA GLN G 245 -7.79 38.67 -15.90
C GLN G 245 -6.38 38.96 -16.40
N MET G 246 -5.75 38.01 -17.12
CA MET G 246 -4.40 38.21 -17.63
C MET G 246 -4.31 39.39 -18.61
N LEU G 247 -5.32 39.52 -19.49
CA LEU G 247 -5.37 40.64 -20.44
C LEU G 247 -6.75 41.30 -20.35
N GLU G 248 -7.31 41.42 -19.14
CA GLU G 248 -8.68 41.91 -18.86
C GLU G 248 -9.12 43.14 -19.65
N SER G 249 -8.30 44.19 -19.70
CA SER G 249 -8.66 45.42 -20.41
C SER G 249 -8.94 45.17 -21.90
N MET G 250 -8.36 44.10 -22.48
CA MET G 250 -8.60 43.77 -23.90
C MET G 250 -10.02 43.27 -24.19
N ILE G 251 -10.88 43.14 -23.17
CA ILE G 251 -12.29 42.84 -23.40
C ILE G 251 -12.92 44.04 -24.19
N THR G 252 -12.47 45.29 -23.89
CA THR G 252 -12.98 46.47 -24.59
C THR G 252 -11.91 47.22 -25.36
N LYS G 253 -10.62 47.06 -25.02
CA LYS G 253 -9.54 47.80 -25.70
C LYS G 253 -8.67 46.93 -26.62
N PRO G 254 -8.21 47.45 -27.77
CA PRO G 254 -7.40 46.63 -28.69
C PRO G 254 -5.96 46.35 -28.24
N ARG G 255 -5.47 47.06 -27.21
CA ARG G 255 -4.12 46.88 -26.66
C ARG G 255 -4.23 46.69 -25.14
N PRO G 256 -3.36 45.86 -24.55
CA PRO G 256 -3.43 45.64 -23.09
C PRO G 256 -2.66 46.69 -22.30
N THR G 257 -2.81 46.67 -20.96
CA THR G 257 -2.06 47.58 -20.11
C THR G 257 -0.63 47.01 -19.87
N ARG G 258 0.26 47.84 -19.26
CA ARG G 258 1.60 47.43 -18.93
C ARG G 258 1.62 46.34 -17.86
N ALA G 259 0.64 46.36 -16.93
CA ALA G 259 0.53 45.33 -15.91
C ALA G 259 0.11 43.98 -16.52
N GLU G 260 -0.76 44.02 -17.53
CA GLU G 260 -1.25 42.82 -18.19
C GLU G 260 -0.16 42.08 -18.99
N THR G 261 0.70 42.81 -19.75
CA THR G 261 1.78 42.15 -20.47
C THR G 261 2.79 41.54 -19.49
N SER G 262 3.06 42.27 -18.41
CA SER G 262 3.94 41.85 -17.33
C SER G 262 3.38 40.56 -16.68
N ASP G 263 2.07 40.52 -16.44
CA ASP G 263 1.42 39.36 -15.83
C ASP G 263 1.58 38.12 -16.71
N VAL G 264 1.37 38.25 -18.03
CA VAL G 264 1.56 37.10 -18.93
C VAL G 264 3.00 36.63 -18.90
N ALA G 265 3.96 37.56 -19.03
CA ALA G 265 5.37 37.21 -19.03
C ALA G 265 5.79 36.52 -17.74
N ASN G 266 5.33 37.07 -16.58
CA ASN G 266 5.67 36.51 -15.30
C ASN G 266 5.01 35.16 -15.03
N ALA G 267 3.84 34.88 -15.61
CA ALA G 267 3.23 33.54 -15.43
C ALA G 267 4.13 32.49 -16.14
N VAL G 268 4.67 32.83 -17.32
CA VAL G 268 5.57 31.95 -18.06
C VAL G 268 6.90 31.82 -17.28
N LEU G 269 7.46 32.95 -16.78
CA LEU G 269 8.68 32.89 -16.00
C LEU G 269 8.52 32.11 -14.68
N ASP G 270 7.32 32.16 -14.09
CA ASP G 270 6.98 31.40 -12.87
C ASP G 270 7.07 29.88 -13.14
N GLY G 271 6.75 29.46 -14.36
CA GLY G 271 6.79 28.06 -14.77
C GLY G 271 5.47 27.49 -15.24
N ALA G 272 4.48 28.38 -15.55
CA ALA G 272 3.17 27.88 -16.01
C ALA G 272 3.27 27.13 -17.32
N ASP G 273 2.57 26.00 -17.43
CA ASP G 273 2.55 25.25 -18.69
C ASP G 273 1.58 25.90 -19.67
N CYS G 274 0.48 26.47 -19.16
CA CYS G 274 -0.57 27.09 -19.98
C CYS G 274 -0.96 28.43 -19.41
N ILE G 275 -1.41 29.31 -20.30
CA ILE G 275 -1.98 30.60 -19.93
C ILE G 275 -3.41 30.63 -20.52
N MET G 276 -4.31 31.41 -19.90
CA MET G 276 -5.70 31.39 -20.29
C MET G 276 -6.29 32.77 -20.55
N LEU G 277 -7.32 32.77 -21.39
CA LEU G 277 -8.13 33.94 -21.72
C LEU G 277 -9.56 33.52 -21.41
N SER G 278 -10.29 34.37 -20.67
CA SER G 278 -11.67 34.08 -20.31
CA SER G 278 -11.67 34.07 -20.33
C SER G 278 -12.59 35.08 -21.03
N GLY G 279 -12.99 36.19 -20.37
CA GLY G 279 -13.83 37.20 -20.98
C GLY G 279 -13.21 37.80 -22.21
N GLU G 280 -11.87 37.87 -22.26
CA GLU G 280 -11.12 38.41 -23.38
C GLU G 280 -11.50 37.71 -24.71
N THR G 281 -11.78 36.39 -24.68
CA THR G 281 -12.18 35.69 -25.90
C THR G 281 -13.64 35.29 -25.91
N ALA G 282 -14.26 35.07 -24.74
CA ALA G 282 -15.66 34.61 -24.70
C ALA G 282 -16.65 35.74 -25.05
N LYS G 283 -16.40 36.96 -24.58
CA LYS G 283 -17.32 38.07 -24.80
C LYS G 283 -16.68 39.37 -25.23
N GLY G 284 -15.35 39.40 -25.38
CA GLY G 284 -14.63 40.61 -25.75
C GLY G 284 -14.72 41.08 -27.19
N ASN G 285 -14.32 42.33 -27.43
CA ASN G 285 -14.30 42.94 -28.77
C ASN G 285 -13.08 42.56 -29.61
N PHE G 286 -12.01 42.04 -28.97
CA PHE G 286 -10.79 41.71 -29.69
C PHE G 286 -10.28 40.29 -29.36
N PRO G 287 -11.09 39.22 -29.57
CA PRO G 287 -10.65 37.87 -29.21
C PRO G 287 -9.38 37.38 -29.90
N VAL G 288 -9.26 37.62 -31.22
CA VAL G 288 -8.08 37.19 -31.98
C VAL G 288 -6.84 37.95 -31.54
N GLU G 289 -6.98 39.25 -31.30
CA GLU G 289 -5.86 40.08 -30.85
C GLU G 289 -5.37 39.66 -29.45
N ALA G 290 -6.27 39.20 -28.58
CA ALA G 290 -5.91 38.76 -27.23
C ALA G 290 -5.06 37.48 -27.34
N VAL G 291 -5.44 36.56 -28.25
CA VAL G 291 -4.68 35.33 -28.48
C VAL G 291 -3.30 35.70 -29.04
N LYS G 292 -3.26 36.61 -30.04
CA LYS G 292 -2.00 37.07 -30.63
C LYS G 292 -1.08 37.70 -29.59
N MET G 293 -1.64 38.47 -28.66
CA MET G 293 -0.85 39.13 -27.61
C MET G 293 -0.25 38.10 -26.63
N GLN G 294 -1.04 37.10 -26.20
CA GLN G 294 -0.50 36.05 -25.34
C GLN G 294 0.60 35.26 -26.07
N HIS G 295 0.40 35.00 -27.36
CA HIS G 295 1.42 34.31 -28.16
C HIS G 295 2.73 35.14 -28.20
N ALA G 296 2.62 36.43 -28.52
CA ALA G 296 3.79 37.32 -28.61
C ALA G 296 4.58 37.44 -27.30
N ILE G 297 3.86 37.64 -26.17
CA ILE G 297 4.53 37.74 -24.87
C ILE G 297 5.17 36.42 -24.44
N ALA G 298 4.43 35.29 -24.55
CA ALA G 298 4.93 33.99 -24.11
C ALA G 298 6.23 33.62 -24.83
N ARG G 299 6.29 33.89 -26.12
CA ARG G 299 7.49 33.60 -26.90
C ARG G 299 8.73 34.37 -26.37
N GLU G 300 8.55 35.65 -26.06
CA GLU G 300 9.61 36.47 -25.49
C GLU G 300 10.02 35.96 -24.11
N ALA G 301 9.02 35.60 -23.26
CA ALA G 301 9.28 35.17 -21.89
C ALA G 301 9.94 33.81 -21.81
N GLU G 302 9.59 32.90 -22.73
CA GLU G 302 10.22 31.57 -22.77
C GLU G 302 11.71 31.64 -23.04
N ALA G 303 12.12 32.55 -23.93
CA ALA G 303 13.54 32.76 -24.22
C ALA G 303 14.27 33.35 -23.02
N ALA G 304 13.58 34.16 -22.20
CA ALA G 304 14.11 34.79 -20.99
C ALA G 304 14.20 33.86 -19.77
N VAL G 305 13.71 32.61 -19.87
CA VAL G 305 13.81 31.67 -18.76
C VAL G 305 15.30 31.36 -18.50
N TYR G 306 15.72 31.27 -17.23
CA TYR G 306 17.10 30.98 -16.89
C TYR G 306 17.25 29.48 -16.77
N HIS G 307 17.35 28.81 -17.91
CA HIS G 307 17.42 27.34 -17.95
C HIS G 307 18.57 26.74 -17.17
N ARG G 308 19.70 27.43 -17.06
CA ARG G 308 20.85 26.90 -16.32
C ARG G 308 20.50 26.56 -14.88
N GLN G 309 19.77 27.46 -14.21
CA GLN G 309 19.38 27.20 -12.83
C GLN G 309 18.14 26.29 -12.79
N LEU G 310 17.17 26.52 -13.68
CA LEU G 310 15.96 25.73 -13.71
C LEU G 310 16.24 24.24 -13.92
N PHE G 311 17.04 23.88 -14.94
CA PHE G 311 17.36 22.48 -15.21
C PHE G 311 18.10 21.85 -14.03
N GLU G 312 19.07 22.57 -13.47
CA GLU G 312 19.86 22.13 -12.30
C GLU G 312 18.92 21.84 -11.12
N GLU G 313 17.98 22.75 -10.83
CA GLU G 313 17.06 22.56 -9.71
C GLU G 313 16.03 21.46 -9.94
N LEU G 314 15.53 21.32 -11.19
CA LEU G 314 14.57 20.26 -11.50
C LEU G 314 15.27 18.90 -11.36
N ARG G 315 16.53 18.79 -11.78
CA ARG G 315 17.31 17.55 -11.68
C ARG G 315 17.63 17.22 -10.21
N ARG G 316 18.03 18.23 -9.43
CA ARG G 316 18.36 18.04 -8.02
C ARG G 316 17.14 17.57 -7.23
N ALA G 317 15.96 18.11 -7.53
CA ALA G 317 14.76 17.78 -6.80
C ALA G 317 14.09 16.50 -7.25
N ALA G 318 14.26 16.13 -8.54
CA ALA G 318 13.66 14.90 -9.04
C ALA G 318 14.45 13.70 -8.47
N PRO G 319 13.75 12.72 -7.91
CA PRO G 319 14.46 11.58 -7.32
C PRO G 319 15.03 10.64 -8.38
N LEU G 320 15.90 9.71 -7.93
CA LEU G 320 16.41 8.66 -8.80
C LEU G 320 15.23 7.84 -9.35
N SER G 321 15.35 7.28 -10.52
CA SER G 321 14.27 6.52 -11.12
C SER G 321 14.79 5.33 -11.86
N ARG G 322 14.05 4.24 -11.79
CA ARG G 322 14.38 3.04 -12.56
C ARG G 322 13.44 2.89 -13.79
N ASP G 323 12.57 3.87 -14.05
CA ASP G 323 11.65 3.84 -15.18
C ASP G 323 12.44 4.27 -16.42
N PRO G 324 12.57 3.40 -17.43
CA PRO G 324 13.33 3.77 -18.64
C PRO G 324 12.84 5.01 -19.36
N THR G 325 11.52 5.28 -19.36
CA THR G 325 10.99 6.48 -20.02
C THR G 325 11.56 7.75 -19.34
N GLU G 326 11.54 7.76 -17.99
CA GLU G 326 12.06 8.87 -17.18
CA GLU G 326 12.05 8.86 -17.18
C GLU G 326 13.58 9.02 -17.36
N VAL G 327 14.32 7.91 -17.37
CA VAL G 327 15.76 7.92 -17.54
C VAL G 327 16.13 8.45 -18.94
N THR G 328 15.41 8.01 -19.97
CA THR G 328 15.65 8.46 -21.34
C THR G 328 15.34 9.93 -21.46
N ALA G 329 14.22 10.39 -20.84
CA ALA G 329 13.85 11.80 -20.89
C ALA G 329 14.92 12.74 -20.39
N ILE G 330 15.51 12.45 -19.22
CA ILE G 330 16.52 13.35 -18.68
C ILE G 330 17.81 13.32 -19.52
N GLY G 331 18.16 12.15 -20.05
CA GLY G 331 19.31 12.00 -20.91
C GLY G 331 19.14 12.79 -22.19
N ALA G 332 17.92 12.73 -22.76
CA ALA G 332 17.59 13.48 -23.99
C ALA G 332 17.60 14.99 -23.77
N VAL G 333 17.11 15.44 -22.64
CA VAL G 333 17.07 16.87 -22.34
C VAL G 333 18.50 17.39 -22.11
N GLU G 334 19.35 16.59 -21.43
CA GLU G 334 20.75 16.95 -21.22
CA GLU G 334 20.75 16.95 -21.22
C GLU G 334 21.46 17.04 -22.58
N ALA G 335 21.21 16.07 -23.48
CA ALA G 335 21.80 16.04 -24.82
C ALA G 335 21.34 17.26 -25.63
N ALA G 336 20.04 17.61 -25.55
CA ALA G 336 19.54 18.76 -26.29
C ALA G 336 20.21 20.06 -25.83
N PHE G 337 20.42 20.23 -24.52
CA PHE G 337 21.11 21.42 -24.00
C PHE G 337 22.57 21.48 -24.51
N LYS G 338 23.25 20.33 -24.53
CA LYS G 338 24.65 20.25 -24.96
C LYS G 338 24.90 20.73 -26.40
N CYS G 339 23.96 20.48 -27.30
CA CYS G 339 24.11 20.90 -28.70
C CYS G 339 23.17 22.01 -29.14
N CYS G 340 22.42 22.62 -28.22
CA CYS G 340 21.38 23.61 -28.53
C CYS G 340 20.44 23.07 -29.59
N ALA G 341 19.99 21.79 -29.41
CA ALA G 341 19.18 21.09 -30.40
C ALA G 341 17.98 21.92 -30.83
N ALA G 342 17.68 21.90 -32.12
CA ALA G 342 16.51 22.65 -32.60
C ALA G 342 15.19 22.00 -32.06
N ALA G 343 15.20 20.68 -31.81
CA ALA G 343 14.03 19.97 -31.30
C ALA G 343 14.38 18.58 -30.74
N ILE G 344 13.49 18.04 -29.91
CA ILE G 344 13.50 16.68 -29.43
C ILE G 344 12.25 16.07 -30.07
N ILE G 345 12.40 15.11 -30.99
CA ILE G 345 11.26 14.46 -31.62
C ILE G 345 10.96 13.20 -30.85
N VAL G 346 9.73 13.03 -30.38
CA VAL G 346 9.39 11.86 -29.58
C VAL G 346 8.14 11.18 -30.14
N LEU G 347 8.17 9.86 -30.16
CA LEU G 347 7.00 9.08 -30.57
C LEU G 347 6.27 8.73 -29.27
N THR G 348 4.94 8.90 -29.28
CA THR G 348 4.16 8.64 -28.08
C THR G 348 2.73 8.24 -28.46
N THR G 349 2.13 7.29 -27.71
CA THR G 349 0.75 6.91 -27.94
C THR G 349 -0.14 7.59 -26.93
N THR G 350 0.30 7.68 -25.66
CA THR G 350 -0.51 8.27 -24.61
C THR G 350 -0.16 9.72 -24.28
N GLY G 351 0.99 10.19 -24.75
CA GLY G 351 1.54 11.51 -24.45
C GLY G 351 2.58 11.49 -23.32
N ARG G 352 2.66 10.38 -22.55
CA ARG G 352 3.53 10.29 -21.39
C ARG G 352 5.02 10.53 -21.67
N SER G 353 5.58 9.96 -22.75
CA SER G 353 7.00 10.18 -23.07
C SER G 353 7.28 11.67 -23.33
N ALA G 354 6.32 12.38 -23.95
CA ALA G 354 6.46 13.82 -24.20
C ALA G 354 6.33 14.60 -22.86
N GLN G 355 5.44 14.16 -21.97
CA GLN G 355 5.25 14.83 -20.68
C GLN G 355 6.52 14.73 -19.83
N LEU G 356 7.18 13.55 -19.86
CA LEU G 356 8.40 13.37 -19.08
C LEU G 356 9.57 14.19 -19.64
N LEU G 357 9.56 14.52 -20.94
CA LEU G 357 10.58 15.40 -21.52
C LEU G 357 10.28 16.84 -21.05
N SER G 358 9.01 17.25 -21.18
CA SER G 358 8.53 18.58 -20.81
C SER G 358 8.84 18.96 -19.34
N ARG G 359 8.75 18.01 -18.42
CA ARG G 359 9.00 18.27 -17.00
C ARG G 359 10.42 18.78 -16.71
N TYR G 360 11.41 18.45 -17.60
CA TYR G 360 12.78 18.96 -17.45
C TYR G 360 13.01 20.29 -18.14
N ARG G 361 11.96 20.89 -18.70
CA ARG G 361 11.98 22.18 -19.33
C ARG G 361 13.12 22.39 -20.32
N PRO G 362 13.21 21.56 -21.37
CA PRO G 362 14.24 21.81 -22.38
C PRO G 362 13.94 23.09 -23.12
N ARG G 363 15.00 23.76 -23.61
CA ARG G 363 14.81 24.90 -24.49
C ARG G 363 14.35 24.37 -25.86
N ALA G 364 14.82 23.18 -26.28
CA ALA G 364 14.44 22.57 -27.55
C ALA G 364 12.97 22.21 -27.52
N ALA G 365 12.26 22.47 -28.63
CA ALA G 365 10.85 22.13 -28.79
C ALA G 365 10.69 20.62 -28.71
N VAL G 366 9.65 20.13 -28.04
CA VAL G 366 9.40 18.69 -28.00
C VAL G 366 8.33 18.40 -29.05
N ILE G 367 8.74 17.84 -30.20
CA ILE G 367 7.80 17.53 -31.28
C ILE G 367 7.27 16.13 -31.04
N ALA G 368 6.01 16.00 -30.66
CA ALA G 368 5.43 14.70 -30.31
C ALA G 368 4.62 14.14 -31.45
N VAL G 369 5.09 13.04 -32.05
CA VAL G 369 4.38 12.40 -33.14
C VAL G 369 3.54 11.26 -32.58
N THR G 370 2.24 11.29 -32.86
CA THR G 370 1.32 10.30 -32.33
C THR G 370 0.22 9.96 -33.33
N ARG G 371 -0.32 8.74 -33.23
CA ARG G 371 -1.49 8.30 -34.01
C ARG G 371 -2.80 8.55 -33.23
N SER G 372 -2.70 8.81 -31.91
CA SER G 372 -3.85 9.08 -31.08
C SER G 372 -4.27 10.56 -31.19
N ALA G 373 -5.45 10.80 -31.77
CA ALA G 373 -5.97 12.17 -31.88
C ALA G 373 -6.17 12.79 -30.48
N GLN G 374 -6.61 12.00 -29.52
CA GLN G 374 -6.81 12.48 -28.17
C GLN G 374 -5.48 12.85 -27.48
N ALA G 375 -4.42 12.04 -27.66
CA ALA G 375 -3.14 12.36 -27.03
C ALA G 375 -2.55 13.62 -27.68
N ALA G 376 -2.77 13.81 -28.99
CA ALA G 376 -2.29 15.00 -29.68
C ALA G 376 -2.96 16.26 -29.08
N ARG G 377 -4.24 16.15 -28.73
CA ARG G 377 -4.94 17.30 -28.14
C ARG G 377 -4.52 17.52 -26.70
N GLN G 378 -4.44 16.45 -25.90
CA GLN G 378 -4.13 16.57 -24.47
C GLN G 378 -2.74 17.03 -24.14
N VAL G 379 -1.77 16.69 -24.99
CA VAL G 379 -0.37 17.02 -24.75
C VAL G 379 -0.08 18.55 -24.84
N HIS G 380 -1.06 19.35 -25.31
CA HIS G 380 -0.98 20.83 -25.25
C HIS G 380 -0.94 21.30 -23.77
N LEU G 381 -1.32 20.46 -22.81
CA LEU G 381 -1.25 20.84 -21.38
C LEU G 381 0.19 20.95 -20.89
N CYS G 382 1.16 20.30 -21.58
CA CYS G 382 2.56 20.26 -21.17
C CYS G 382 3.38 21.27 -21.94
N ARG G 383 4.06 22.18 -21.23
CA ARG G 383 4.87 23.21 -21.91
C ARG G 383 5.89 22.64 -22.89
N GLY G 384 5.92 23.23 -24.06
CA GLY G 384 6.90 22.90 -25.07
C GLY G 384 6.62 21.66 -25.87
N VAL G 385 5.41 21.09 -25.75
CA VAL G 385 5.07 19.92 -26.54
C VAL G 385 4.25 20.37 -27.73
N PHE G 386 4.74 20.05 -28.95
CA PHE G 386 4.10 20.40 -30.23
C PHE G 386 3.60 19.13 -30.84
N PRO G 387 2.28 18.90 -30.75
CA PRO G 387 1.73 17.62 -31.24
C PRO G 387 1.53 17.56 -32.73
N LEU G 388 1.91 16.42 -33.33
CA LEU G 388 1.71 16.18 -34.75
C LEU G 388 0.90 14.90 -34.85
N LEU G 389 -0.29 14.97 -35.46
CA LEU G 389 -1.15 13.80 -35.61
C LEU G 389 -0.78 13.05 -36.89
N TYR G 390 -0.32 11.82 -36.77
CA TYR G 390 0.11 11.01 -37.90
C TYR G 390 -1.08 10.15 -38.37
N ARG G 391 -1.49 10.30 -39.62
CA ARG G 391 -2.65 9.59 -40.18
C ARG G 391 -2.29 8.68 -41.37
N GLU G 392 -1.01 8.49 -41.66
CA GLU G 392 -0.61 7.67 -42.78
C GLU G 392 -0.86 6.19 -42.53
N PRO G 393 -1.04 5.40 -43.60
CA PRO G 393 -1.20 3.95 -43.43
C PRO G 393 0.09 3.29 -42.89
N PRO G 394 -0.07 2.17 -42.17
CA PRO G 394 1.09 1.57 -41.50
C PRO G 394 2.06 0.86 -42.43
N GLU G 395 3.35 0.86 -42.05
CA GLU G 395 4.34 0.08 -42.78
C GLU G 395 4.30 -1.33 -42.19
N ALA G 396 4.60 -2.33 -43.01
CA ALA G 396 4.60 -3.73 -42.56
C ALA G 396 5.71 -3.95 -41.53
N ILE G 397 6.88 -3.34 -41.73
CA ILE G 397 8.00 -3.51 -40.83
C ILE G 397 7.98 -2.40 -39.79
N TRP G 398 7.92 -2.78 -38.51
CA TRP G 398 7.88 -1.84 -37.38
C TRP G 398 9.01 -0.77 -37.44
N ALA G 399 10.28 -1.17 -37.58
CA ALA G 399 11.37 -0.18 -37.66
C ALA G 399 11.17 0.82 -38.82
N ASP G 400 10.60 0.40 -39.96
CA ASP G 400 10.34 1.33 -41.09
C ASP G 400 9.20 2.30 -40.74
N ASP G 401 8.21 1.81 -40.04
CA ASP G 401 7.07 2.62 -39.61
C ASP G 401 7.51 3.68 -38.60
N VAL G 402 8.45 3.32 -37.71
CA VAL G 402 9.00 4.23 -36.72
C VAL G 402 9.78 5.33 -37.45
N ASP G 403 10.61 4.95 -38.44
CA ASP G 403 11.38 5.92 -39.21
C ASP G 403 10.49 6.83 -39.99
N ARG G 404 9.34 6.34 -40.51
CA ARG G 404 8.43 7.22 -41.27
C ARG G 404 7.86 8.28 -40.33
N ARG G 405 7.54 7.93 -39.08
CA ARG G 405 6.97 8.85 -38.12
C ARG G 405 8.00 9.86 -37.66
N VAL G 406 9.24 9.41 -37.45
CA VAL G 406 10.33 10.31 -37.10
C VAL G 406 10.55 11.33 -38.25
N GLN G 407 10.52 10.87 -39.49
CA GLN G 407 10.71 11.74 -40.66
C GLN G 407 9.54 12.68 -40.87
N PHE G 408 8.31 12.24 -40.53
CA PHE G 408 7.13 13.10 -40.54
C PHE G 408 7.32 14.26 -39.56
N GLY G 409 7.95 13.98 -38.41
CA GLY G 409 8.27 15.02 -37.43
C GLY G 409 9.28 16.03 -37.99
N ILE G 410 10.29 15.51 -38.69
CA ILE G 410 11.31 16.37 -39.31
C ILE G 410 10.72 17.24 -40.44
N GLU G 411 9.92 16.64 -41.34
CA GLU G 411 9.29 17.35 -42.46
C GLU G 411 8.32 18.40 -41.95
N SER G 412 7.53 18.08 -40.90
CA SER G 412 6.63 19.06 -40.30
C SER G 412 7.42 20.21 -39.69
N GLY G 413 8.49 19.90 -38.96
CA GLY G 413 9.37 20.88 -38.37
C GLY G 413 10.01 21.82 -39.37
N LYS G 414 10.46 21.28 -40.52
CA LYS G 414 11.05 22.09 -41.59
C LYS G 414 9.99 23.03 -42.16
N LEU G 415 8.78 22.52 -42.42
CA LEU G 415 7.71 23.32 -43.00
C LEU G 415 7.28 24.43 -42.04
N ARG G 416 7.19 24.11 -40.74
CA ARG G 416 6.75 25.09 -39.73
C ARG G 416 7.83 26.07 -39.26
N GLY G 417 9.08 25.84 -39.64
CA GLY G 417 10.17 26.73 -39.24
C GLY G 417 10.95 26.31 -38.01
N PHE G 418 10.61 25.18 -37.40
CA PHE G 418 11.34 24.68 -36.24
C PHE G 418 12.75 24.20 -36.64
N LEU G 419 12.88 23.59 -37.84
CA LEU G 419 14.11 22.92 -38.24
C LEU G 419 14.60 23.34 -39.58
N ARG G 420 15.92 23.20 -39.76
CA ARG G 420 16.59 23.44 -41.03
C ARG G 420 17.64 22.33 -41.22
N VAL G 421 18.08 22.15 -42.47
CA VAL G 421 19.16 21.22 -42.80
C VAL G 421 20.42 21.66 -42.06
N GLY G 422 21.13 20.72 -41.45
CA GLY G 422 22.31 21.05 -40.66
C GLY G 422 22.02 21.15 -39.16
N ASP G 423 20.76 21.30 -38.77
CA ASP G 423 20.39 21.31 -37.35
C ASP G 423 20.63 19.94 -36.71
N LEU G 424 20.79 19.92 -35.40
CA LEU G 424 20.86 18.69 -34.65
C LEU G 424 19.53 18.56 -33.91
N VAL G 425 18.96 17.35 -33.91
CA VAL G 425 17.76 17.02 -33.18
C VAL G 425 18.02 15.77 -32.35
N ILE G 426 17.30 15.65 -31.23
CA ILE G 426 17.35 14.47 -30.39
C ILE G 426 16.09 13.67 -30.70
N VAL G 427 16.18 12.36 -30.90
CA VAL G 427 15.02 11.54 -31.24
C VAL G 427 14.79 10.52 -30.14
N VAL G 428 13.58 10.48 -29.60
CA VAL G 428 13.23 9.59 -28.49
C VAL G 428 12.18 8.58 -28.93
N THR G 429 12.53 7.31 -28.84
CA THR G 429 11.66 6.18 -29.23
C THR G 429 11.84 5.03 -28.19
N GLY G 430 11.13 3.92 -28.39
CA GLY G 430 11.25 2.72 -27.57
C GLY G 430 11.77 1.55 -28.37
N TRP G 431 12.04 0.41 -27.70
CA TRP G 431 12.62 -0.76 -28.34
C TRP G 431 11.62 -1.72 -28.99
N ARG G 432 10.33 -1.57 -28.67
CA ARG G 432 9.28 -2.40 -29.20
C ARG G 432 7.97 -1.58 -29.31
N PRO G 433 7.00 -2.03 -30.14
CA PRO G 433 5.74 -1.29 -30.24
C PRO G 433 4.93 -1.29 -28.96
N GLY G 434 4.08 -0.31 -28.84
CA GLY G 434 3.24 -0.16 -27.66
C GLY G 434 3.74 0.89 -26.70
N SER G 435 2.79 1.54 -26.05
CA SER G 435 3.04 2.50 -25.01
C SER G 435 3.84 1.88 -23.84
N GLY G 436 4.68 2.67 -23.16
CA GLY G 436 5.39 2.21 -21.97
C GLY G 436 6.80 1.66 -22.11
N TYR G 437 7.34 1.64 -23.35
CA TYR G 437 8.67 1.09 -23.58
C TYR G 437 9.71 2.08 -24.07
N THR G 438 9.48 3.39 -23.94
CA THR G 438 10.48 4.40 -24.34
C THR G 438 11.80 4.17 -23.61
N ASN G 439 12.86 4.00 -24.36
CA ASN G 439 14.15 3.71 -23.76
C ASN G 439 15.33 4.11 -24.67
N ILE G 440 15.09 4.80 -25.78
CA ILE G 440 16.15 5.13 -26.73
C ILE G 440 16.21 6.62 -26.99
N MET G 441 17.45 7.15 -27.01
CA MET G 441 17.69 8.54 -27.35
C MET G 441 18.75 8.53 -28.46
N ARG G 442 18.49 9.21 -29.58
CA ARG G 442 19.42 9.29 -30.70
C ARG G 442 19.74 10.72 -31.07
N VAL G 443 20.98 11.00 -31.52
CA VAL G 443 21.37 12.34 -31.96
C VAL G 443 21.37 12.31 -33.47
N LEU G 444 20.52 13.12 -34.11
CA LEU G 444 20.43 13.14 -35.57
CA LEU G 444 20.39 13.13 -35.55
C LEU G 444 20.73 14.49 -36.16
N SER G 445 21.53 14.49 -37.23
CA SER G 445 21.82 15.72 -37.95
CA SER G 445 21.84 15.71 -37.96
C SER G 445 20.81 15.78 -39.10
N ILE G 446 20.05 16.88 -39.21
CA ILE G 446 19.01 17.02 -40.22
C ILE G 446 19.57 17.14 -41.64
N SER G 447 19.14 16.26 -42.54
CA SER G 447 19.56 16.31 -43.93
C SER G 447 18.41 16.75 -44.84
N THR H 19 14.01 2.31 -3.28
CA THR H 19 13.78 1.87 -1.90
C THR H 19 13.26 0.42 -1.85
N GLN H 20 12.08 0.16 -2.43
CA GLN H 20 11.54 -1.21 -2.47
C GLN H 20 12.19 -2.03 -3.59
N GLU H 21 12.63 -1.38 -4.69
CA GLU H 21 13.28 -2.09 -5.78
C GLU H 21 14.75 -2.40 -5.46
N LEU H 22 15.46 -1.47 -4.82
CA LEU H 22 16.90 -1.62 -4.57
C LEU H 22 17.26 -2.10 -3.16
N GLY H 23 16.48 -1.73 -2.16
CA GLY H 23 16.79 -2.06 -0.77
C GLY H 23 17.56 -0.94 -0.09
N THR H 24 17.50 -0.90 1.26
CA THR H 24 18.15 0.11 2.12
C THR H 24 19.69 -0.02 2.07
N ALA H 25 20.17 -1.26 2.01
CA ALA H 25 21.59 -1.54 2.00
C ALA H 25 22.27 -0.92 0.78
N PHE H 26 21.57 -0.89 -0.38
CA PHE H 26 22.08 -0.30 -1.61
C PHE H 26 22.50 1.16 -1.38
N PHE H 27 21.65 1.94 -0.71
CA PHE H 27 21.88 3.36 -0.45
C PHE H 27 22.85 3.68 0.69
N GLN H 28 23.35 2.64 1.38
CA GLN H 28 24.35 2.82 2.41
C GLN H 28 25.77 2.59 1.85
N GLN H 29 25.90 1.82 0.74
CA GLN H 29 27.15 1.49 0.10
C GLN H 29 27.66 2.63 -0.79
N GLN H 30 28.91 2.46 -1.31
CA GLN H 30 29.63 3.33 -2.23
C GLN H 30 29.49 4.83 -1.93
N GLN H 31 29.52 5.19 -0.63
CA GLN H 31 29.40 6.55 -0.13
C GLN H 31 28.18 7.30 -0.69
N LEU H 32 27.07 6.57 -0.93
CA LEU H 32 25.85 7.20 -1.45
C LEU H 32 25.26 8.26 -0.49
N PRO H 33 25.28 8.10 0.86
CA PRO H 33 24.84 9.22 1.73
C PRO H 33 25.67 10.50 1.49
N ALA H 34 27.02 10.38 1.38
CA ALA H 34 27.88 11.55 1.10
C ALA H 34 27.62 12.11 -0.33
N ALA H 35 27.23 11.22 -1.25
CA ALA H 35 26.93 11.62 -2.64
C ALA H 35 25.73 12.54 -2.73
N MET H 36 24.74 12.35 -1.85
CA MET H 36 23.52 13.15 -1.88
C MET H 36 23.63 14.52 -1.19
N ALA H 37 24.79 14.83 -0.58
CA ALA H 37 24.95 16.09 0.15
C ALA H 37 24.83 17.32 -0.74
N ASP H 38 24.32 18.41 -0.16
CA ASP H 38 24.10 19.67 -0.88
C ASP H 38 25.32 20.58 -0.94
N THR H 39 26.36 20.31 -0.12
CA THR H 39 27.59 21.08 -0.18
C THR H 39 28.79 20.11 -0.11
N PHE H 40 29.97 20.55 -0.58
CA PHE H 40 31.19 19.76 -0.50
C PHE H 40 31.56 19.51 0.97
N LEU H 41 31.36 20.51 1.84
CA LEU H 41 31.64 20.36 3.28
C LEU H 41 30.75 19.26 3.90
N GLU H 42 29.45 19.26 3.59
CA GLU H 42 28.54 18.23 4.11
C GLU H 42 28.88 16.86 3.53
N HIS H 43 29.34 16.82 2.26
CA HIS H 43 29.78 15.60 1.58
C HIS H 43 30.93 14.99 2.38
N LEU H 44 31.92 15.80 2.79
CA LEU H 44 33.05 15.30 3.58
C LEU H 44 32.55 14.76 4.93
N CYS H 45 31.67 15.53 5.60
CA CYS H 45 31.12 15.14 6.91
C CYS H 45 30.37 13.81 6.87
N LEU H 46 29.84 13.42 5.69
CA LEU H 46 29.08 12.20 5.54
C LEU H 46 29.89 10.98 5.06
N LEU H 47 31.20 11.15 4.80
CA LEU H 47 32.05 10.02 4.37
C LEU H 47 32.08 8.98 5.51
N ASP H 48 31.89 7.72 5.14
CA ASP H 48 31.74 6.65 6.11
C ASP H 48 32.69 5.50 5.83
N ILE H 49 33.57 5.17 6.78
CA ILE H 49 34.50 4.04 6.62
C ILE H 49 33.76 2.68 6.55
N ASP H 50 32.48 2.62 6.99
CA ASP H 50 31.71 1.38 6.90
C ASP H 50 30.92 1.29 5.58
N SER H 51 30.96 2.34 4.73
CA SER H 51 30.26 2.33 3.46
C SER H 51 31.21 1.69 2.45
N GLU H 52 30.95 0.42 2.12
CA GLU H 52 31.83 -0.34 1.27
C GLU H 52 31.73 -0.03 -0.22
N PRO H 53 32.88 0.02 -0.91
CA PRO H 53 32.84 0.28 -2.35
C PRO H 53 32.23 -0.91 -3.09
N VAL H 54 31.41 -0.64 -4.10
CA VAL H 54 30.74 -1.70 -4.88
C VAL H 54 31.22 -1.66 -6.32
N ALA H 55 31.38 -0.45 -6.88
CA ALA H 55 31.81 -0.27 -8.25
C ALA H 55 33.19 -0.86 -8.49
N ALA H 56 33.45 -1.28 -9.73
CA ALA H 56 34.76 -1.77 -10.11
C ALA H 56 35.73 -0.56 -10.07
N ARG H 57 36.99 -0.83 -9.70
CA ARG H 57 38.03 0.20 -9.60
C ARG H 57 38.29 0.79 -10.95
N SER H 58 38.14 2.09 -11.10
CA SER H 58 38.19 2.76 -12.36
C SER H 58 39.52 3.49 -12.71
N THR H 59 40.35 3.85 -11.73
CA THR H 59 41.64 4.51 -12.02
C THR H 59 42.63 3.44 -12.42
N SER H 60 43.23 3.53 -13.62
CA SER H 60 44.16 2.50 -14.08
CA SER H 60 44.17 2.51 -14.11
C SER H 60 45.48 2.54 -13.35
N ILE H 61 46.09 1.37 -13.19
CA ILE H 61 47.38 1.26 -12.53
C ILE H 61 48.45 0.96 -13.59
N ILE H 62 49.48 1.81 -13.62
CA ILE H 62 50.63 1.60 -14.47
C ILE H 62 51.74 0.99 -13.58
N ALA H 63 52.27 -0.17 -13.94
CA ALA H 63 53.35 -0.79 -13.17
C ALA H 63 54.60 -0.81 -14.04
N THR H 64 55.74 -0.33 -13.49
CA THR H 64 56.99 -0.35 -14.25
C THR H 64 57.58 -1.75 -14.16
N ILE H 65 57.97 -2.30 -15.29
CA ILE H 65 58.48 -3.65 -15.40
C ILE H 65 60.00 -3.64 -15.29
N GLY H 66 60.50 -4.43 -14.35
CA GLY H 66 61.93 -4.60 -14.09
C GLY H 66 62.27 -5.96 -13.50
N PRO H 67 63.47 -6.09 -12.88
CA PRO H 67 63.86 -7.40 -12.29
C PRO H 67 62.88 -8.01 -11.29
N ALA H 68 62.10 -7.19 -10.56
CA ALA H 68 61.11 -7.72 -9.64
C ALA H 68 59.81 -8.19 -10.33
N SER H 69 59.59 -7.85 -11.60
CA SER H 69 58.30 -8.06 -12.26
C SER H 69 58.37 -8.58 -13.68
N ARG H 70 59.44 -9.25 -14.05
CA ARG H 70 59.59 -9.76 -15.43
C ARG H 70 59.14 -11.21 -15.58
N SER H 71 59.10 -11.95 -14.48
CA SER H 71 58.68 -13.35 -14.51
C SER H 71 57.27 -13.48 -15.09
N VAL H 72 57.06 -14.38 -16.07
CA VAL H 72 55.73 -14.61 -16.68
C VAL H 72 54.71 -14.96 -15.58
N GLU H 73 55.10 -15.79 -14.59
CA GLU H 73 54.20 -16.18 -13.51
CA GLU H 73 54.21 -16.20 -13.52
C GLU H 73 53.90 -15.05 -12.56
N ARG H 74 54.87 -14.17 -12.32
CA ARG H 74 54.62 -13.01 -11.45
C ARG H 74 53.72 -12.01 -12.19
N LEU H 75 53.94 -11.83 -13.49
CA LEU H 75 53.13 -10.94 -14.33
C LEU H 75 51.66 -11.38 -14.35
N LYS H 76 51.43 -12.69 -14.30
CA LYS H 76 50.05 -13.21 -14.22
C LYS H 76 49.43 -12.77 -12.89
N GLU H 77 50.21 -12.80 -11.79
CA GLU H 77 49.71 -12.34 -10.50
C GLU H 77 49.47 -10.81 -10.48
N MET H 78 50.31 -10.06 -11.18
CA MET H 78 50.14 -8.61 -11.27
CA MET H 78 50.15 -8.60 -11.27
C MET H 78 48.93 -8.23 -12.11
N ILE H 79 48.61 -9.01 -13.14
CA ILE H 79 47.43 -8.74 -13.97
C ILE H 79 46.19 -9.03 -13.12
N LYS H 80 46.19 -10.14 -12.36
CA LYS H 80 45.05 -10.46 -11.48
C LYS H 80 44.90 -9.43 -10.35
N ALA H 81 46.03 -8.86 -9.86
CA ALA H 81 46.01 -7.83 -8.79
C ALA H 81 45.47 -6.46 -9.29
N GLY H 82 45.50 -6.25 -10.60
CA GLY H 82 44.97 -5.03 -11.18
C GLY H 82 45.87 -4.18 -12.09
N MET H 83 47.06 -4.67 -12.48
CA MET H 83 47.93 -3.90 -13.39
C MET H 83 47.24 -3.79 -14.75
N ASN H 84 47.12 -2.56 -15.26
CA ASN H 84 46.48 -2.33 -16.56
C ASN H 84 47.47 -1.93 -17.65
N ILE H 85 48.54 -1.24 -17.26
CA ILE H 85 49.56 -0.76 -18.20
C ILE H 85 50.94 -1.17 -17.69
N ALA H 86 51.77 -1.74 -18.56
CA ALA H 86 53.13 -2.14 -18.22
C ALA H 86 54.05 -1.07 -18.78
N ARG H 87 54.80 -0.40 -17.92
CA ARG H 87 55.71 0.68 -18.32
C ARG H 87 57.13 0.14 -18.46
N LEU H 88 57.76 0.44 -19.60
CA LEU H 88 59.14 0.07 -19.89
C LEU H 88 59.95 1.34 -19.82
N ASN H 89 60.86 1.46 -18.85
CA ASN H 89 61.66 2.66 -18.71
C ASN H 89 62.96 2.51 -19.51
N PHE H 90 63.04 3.19 -20.66
CA PHE H 90 64.23 3.12 -21.51
C PHE H 90 65.41 3.92 -20.95
N SER H 91 65.30 4.48 -19.73
CA SER H 91 66.49 5.08 -19.05
C SER H 91 67.39 3.96 -18.51
N HIS H 92 66.85 2.71 -18.37
CA HIS H 92 67.54 1.53 -17.90
C HIS H 92 67.46 0.41 -18.97
N GLY H 93 68.32 -0.59 -18.85
CA GLY H 93 68.34 -1.71 -19.76
C GLY H 93 68.70 -1.43 -21.20
N SER H 94 68.66 -2.45 -22.04
CA SER H 94 68.98 -2.33 -23.46
C SER H 94 67.74 -2.74 -24.27
N HIS H 95 67.80 -2.63 -25.62
CA HIS H 95 66.72 -3.07 -26.49
C HIS H 95 66.42 -4.54 -26.30
N GLU H 96 67.46 -5.35 -26.07
CA GLU H 96 67.28 -6.79 -25.85
C GLU H 96 66.53 -7.04 -24.55
N TYR H 97 66.87 -6.27 -23.49
CA TYR H 97 66.21 -6.43 -22.21
C TYR H 97 64.71 -6.04 -22.36
N HIS H 98 64.43 -4.88 -22.94
CA HIS H 98 63.04 -4.44 -23.11
C HIS H 98 62.24 -5.36 -24.07
N ALA H 99 62.90 -5.99 -25.06
CA ALA H 99 62.24 -6.93 -25.95
C ALA H 99 61.73 -8.13 -25.16
N GLU H 100 62.56 -8.62 -24.23
CA GLU H 100 62.20 -9.76 -23.37
C GLU H 100 61.07 -9.34 -22.43
N SER H 101 61.13 -8.11 -21.90
CA SER H 101 60.05 -7.60 -21.03
C SER H 101 58.71 -7.61 -21.79
N ILE H 102 58.70 -7.10 -23.03
CA ILE H 102 57.48 -7.10 -23.85
C ILE H 102 56.97 -8.51 -24.09
N ALA H 103 57.88 -9.42 -24.46
CA ALA H 103 57.51 -10.81 -24.71
C ALA H 103 56.94 -11.50 -23.45
N ASN H 104 57.48 -11.21 -22.25
CA ASN H 104 56.96 -11.84 -21.02
C ASN H 104 55.60 -11.29 -20.64
N VAL H 105 55.42 -9.97 -20.81
CA VAL H 105 54.14 -9.33 -20.54
C VAL H 105 53.05 -9.93 -21.47
N ARG H 106 53.34 -9.97 -22.78
CA ARG H 106 52.40 -10.54 -23.75
C ARG H 106 52.09 -12.00 -23.47
N GLU H 107 53.09 -12.81 -23.08
CA GLU H 107 52.85 -14.20 -22.73
C GLU H 107 51.91 -14.31 -21.53
N ALA H 108 52.16 -13.50 -20.48
CA ALA H 108 51.28 -13.54 -19.30
C ALA H 108 49.86 -13.08 -19.65
N VAL H 109 49.73 -12.01 -20.43
CA VAL H 109 48.41 -11.50 -20.84
C VAL H 109 47.65 -12.53 -21.68
N GLU H 110 48.32 -13.12 -22.68
CA GLU H 110 47.67 -14.09 -23.55
C GLU H 110 47.39 -15.44 -22.89
N SER H 111 47.96 -15.70 -21.70
CA SER H 111 47.64 -16.94 -20.98
C SER H 111 46.20 -17.00 -20.51
N PHE H 112 45.50 -15.86 -20.50
CA PHE H 112 44.10 -15.76 -20.11
C PHE H 112 43.17 -15.67 -21.34
N ALA H 113 43.68 -15.70 -22.58
CA ALA H 113 42.88 -15.58 -23.79
C ALA H 113 41.94 -16.76 -24.05
N GLY H 114 42.19 -17.92 -23.43
CA GLY H 114 41.30 -19.05 -23.61
C GLY H 114 39.94 -18.88 -22.93
N SER H 115 39.78 -17.89 -22.02
CA SER H 115 38.49 -17.54 -21.41
C SER H 115 38.19 -16.08 -21.80
N PRO H 116 37.55 -15.89 -22.96
CA PRO H 116 37.32 -14.52 -23.46
C PRO H 116 36.50 -13.60 -22.56
N LEU H 117 35.58 -14.16 -21.77
CA LEU H 117 34.74 -13.35 -20.88
C LEU H 117 35.49 -12.72 -19.71
N SER H 118 36.69 -13.23 -19.39
CA SER H 118 37.46 -12.69 -18.27
C SER H 118 38.82 -12.10 -18.68
N TYR H 119 39.26 -12.30 -19.96
CA TYR H 119 40.53 -11.80 -20.49
C TYR H 119 40.68 -10.29 -20.26
N ARG H 120 41.81 -9.88 -19.68
CA ARG H 120 42.08 -8.47 -19.47
C ARG H 120 43.18 -7.98 -20.37
N PRO H 121 42.90 -7.02 -21.26
CA PRO H 121 43.98 -6.42 -22.05
C PRO H 121 44.96 -5.68 -21.14
N VAL H 122 46.24 -5.60 -21.52
CA VAL H 122 47.24 -4.83 -20.75
C VAL H 122 48.05 -4.03 -21.78
N ALA H 123 48.11 -2.71 -21.61
CA ALA H 123 48.86 -1.86 -22.53
C ALA H 123 50.36 -1.93 -22.27
N ILE H 124 51.16 -1.62 -23.30
CA ILE H 124 52.61 -1.59 -23.19
C ILE H 124 53.03 -0.16 -23.51
N ALA H 125 53.60 0.52 -22.51
CA ALA H 125 54.03 1.90 -22.64
C ALA H 125 55.56 2.02 -22.61
N LEU H 126 56.15 2.75 -23.56
CA LEU H 126 57.60 2.97 -23.62
C LEU H 126 57.86 4.33 -23.04
N ASP H 127 58.68 4.40 -21.99
CA ASP H 127 59.02 5.65 -21.34
C ASP H 127 60.45 6.02 -21.83
N THR H 128 60.58 7.13 -22.54
CA THR H 128 61.87 7.50 -23.13
C THR H 128 62.92 7.99 -22.12
N LYS H 129 64.19 7.83 -22.50
CA LYS H 129 65.32 8.27 -21.71
C LYS H 129 65.29 9.80 -21.57
N GLY H 130 65.00 10.49 -22.66
CA GLY H 130 64.89 11.94 -22.63
C GLY H 130 66.01 12.68 -23.36
N PRO H 131 65.86 14.01 -23.41
CA PRO H 131 66.83 14.83 -24.16
C PRO H 131 68.18 15.03 -23.52
N GLY H 132 68.29 14.77 -22.21
CA GLY H 132 69.51 14.95 -21.47
C GLY H 132 69.89 16.41 -21.44
N SER H 133 71.14 16.71 -21.81
CA SER H 133 71.63 18.11 -21.83
C SER H 133 71.33 18.71 -23.19
N GLY H 134 70.71 17.93 -24.08
CA GLY H 134 70.49 18.41 -25.44
C GLY H 134 69.26 19.27 -25.60
N PRO H 135 69.10 19.97 -26.73
CA PRO H 135 67.89 20.75 -26.97
C PRO H 135 66.72 19.81 -27.29
N GLY H 136 66.69 19.23 -28.49
CA GLY H 136 65.48 18.54 -28.97
C GLY H 136 65.55 17.03 -28.79
N LEU H 137 65.14 16.29 -29.82
CA LEU H 137 65.06 14.81 -29.69
C LEU H 137 66.45 14.21 -29.76
N SER H 138 66.84 13.50 -28.72
CA SER H 138 68.14 12.85 -28.71
C SER H 138 68.22 11.70 -29.73
N GLU H 139 69.44 11.29 -30.09
CA GLU H 139 69.63 10.20 -31.04
C GLU H 139 69.21 8.86 -30.44
N GLN H 140 69.42 8.68 -29.12
CA GLN H 140 69.03 7.46 -28.44
C GLN H 140 67.49 7.36 -28.45
N ASP H 141 66.78 8.49 -28.24
CA ASP H 141 65.32 8.51 -28.25
C ASP H 141 64.79 8.15 -29.63
N VAL H 142 65.44 8.63 -30.71
CA VAL H 142 65.05 8.26 -32.08
C VAL H 142 65.13 6.74 -32.26
N ARG H 143 66.20 6.11 -31.78
CA ARG H 143 66.35 4.65 -31.90
C ARG H 143 65.35 3.90 -31.03
N ASP H 144 65.10 4.39 -29.80
CA ASP H 144 64.16 3.74 -28.89
C ASP H 144 62.73 3.86 -29.42
N LEU H 145 62.37 5.01 -29.98
CA LEU H 145 61.04 5.21 -30.57
C LEU H 145 60.84 4.28 -31.77
N ARG H 146 61.90 4.09 -32.60
CA ARG H 146 61.75 3.16 -33.72
CA ARG H 146 61.80 3.16 -33.74
C ARG H 146 61.60 1.73 -33.20
N PHE H 147 62.32 1.37 -32.10
CA PHE H 147 62.19 0.04 -31.46
C PHE H 147 60.71 -0.13 -30.99
N GLY H 148 60.13 0.92 -30.41
CA GLY H 148 58.76 0.89 -29.92
C GLY H 148 57.77 0.61 -31.02
N VAL H 149 57.93 1.27 -32.17
CA VAL H 149 57.05 1.02 -33.33
C VAL H 149 57.22 -0.41 -33.83
N GLU H 150 58.48 -0.87 -33.95
CA GLU H 150 58.75 -2.23 -34.42
C GLU H 150 58.23 -3.30 -33.49
N HIS H 151 58.17 -3.02 -32.17
CA HIS H 151 57.64 -3.97 -31.19
C HIS H 151 56.16 -3.74 -30.84
N GLY H 152 55.48 -2.83 -31.55
CA GLY H 152 54.05 -2.58 -31.41
C GLY H 152 53.60 -2.04 -30.06
N VAL H 153 54.38 -1.11 -29.48
CA VAL H 153 53.97 -0.50 -28.21
C VAL H 153 52.71 0.35 -28.42
N ASP H 154 51.92 0.49 -27.36
CA ASP H 154 50.66 1.21 -27.44
C ASP H 154 50.79 2.69 -27.13
N ILE H 155 51.72 3.01 -26.22
CA ILE H 155 51.85 4.35 -25.70
C ILE H 155 53.32 4.73 -25.58
N VAL H 156 53.59 6.02 -25.70
CA VAL H 156 54.90 6.55 -25.43
C VAL H 156 54.74 7.56 -24.28
N PHE H 157 55.49 7.39 -23.19
CA PHE H 157 55.55 8.40 -22.14
C PHE H 157 56.82 9.19 -22.52
N ALA H 158 56.65 10.36 -23.14
CA ALA H 158 57.82 11.14 -23.60
C ALA H 158 58.41 12.01 -22.50
N SER H 159 59.65 11.71 -22.10
CA SER H 159 60.34 12.42 -21.05
C SER H 159 60.71 13.84 -21.39
N PHE H 160 60.64 14.72 -20.37
CA PHE H 160 61.04 16.11 -20.42
C PHE H 160 60.47 16.89 -21.60
N VAL H 161 59.15 16.83 -21.80
CA VAL H 161 58.51 17.58 -22.88
C VAL H 161 58.43 19.02 -22.38
N ARG H 162 59.02 19.95 -23.15
CA ARG H 162 59.11 21.37 -22.76
C ARG H 162 58.31 22.32 -23.65
N LYS H 163 57.86 21.86 -24.82
CA LYS H 163 57.16 22.69 -25.80
C LYS H 163 56.49 21.81 -26.83
N ALA H 164 55.57 22.37 -27.62
CA ALA H 164 54.83 21.62 -28.66
C ALA H 164 55.76 20.95 -29.69
N SER H 165 56.88 21.60 -30.05
CA SER H 165 57.80 21.02 -31.03
C SER H 165 58.48 19.75 -30.54
N ASP H 166 58.57 19.56 -29.20
CA ASP H 166 59.12 18.31 -28.65
C ASP H 166 58.16 17.16 -28.99
N VAL H 167 56.83 17.41 -28.93
CA VAL H 167 55.81 16.39 -29.23
C VAL H 167 55.85 16.06 -30.73
N ALA H 168 55.99 17.10 -31.58
CA ALA H 168 56.06 16.91 -33.04
C ALA H 168 57.25 16.06 -33.40
N ALA H 169 58.40 16.26 -32.73
CA ALA H 169 59.60 15.47 -32.97
C ALA H 169 59.38 14.00 -32.61
N VAL H 170 58.69 13.72 -31.47
CA VAL H 170 58.38 12.36 -31.06
C VAL H 170 57.47 11.72 -32.08
N ARG H 171 56.43 12.46 -32.51
N ARG H 171 56.42 12.46 -32.51
CA ARG H 171 55.47 12.02 -33.50
CA ARG H 171 55.48 11.98 -33.51
C ARG H 171 56.18 11.65 -34.82
C ARG H 171 56.20 11.63 -34.83
N ALA H 172 57.11 12.51 -35.28
CA ALA H 172 57.88 12.29 -36.51
C ALA H 172 58.80 11.06 -36.39
N ALA H 173 59.41 10.85 -35.22
CA ALA H 173 60.29 9.69 -35.00
C ALA H 173 59.51 8.36 -34.96
N LEU H 174 58.21 8.39 -34.67
CA LEU H 174 57.39 7.17 -34.70
C LEU H 174 57.07 6.75 -36.16
N GLY H 175 57.23 7.67 -37.11
CA GLY H 175 57.05 7.42 -38.54
C GLY H 175 55.64 7.18 -38.98
N PRO H 176 55.47 6.73 -40.24
CA PRO H 176 54.12 6.45 -40.75
C PRO H 176 53.47 5.21 -40.13
N GLU H 177 54.28 4.25 -39.64
CA GLU H 177 53.72 3.04 -39.04
C GLU H 177 53.26 3.22 -37.57
N GLY H 178 53.65 4.31 -36.92
CA GLY H 178 53.29 4.55 -35.53
C GLY H 178 52.27 5.65 -35.31
N HIS H 179 51.42 5.93 -36.31
CA HIS H 179 50.39 6.96 -36.20
CA HIS H 179 50.39 6.96 -36.20
C HIS H 179 49.35 6.67 -35.10
N GLY H 180 49.10 5.39 -34.83
CA GLY H 180 48.12 4.99 -33.83
C GLY H 180 48.61 5.01 -32.39
N ILE H 181 49.94 5.18 -32.18
CA ILE H 181 50.52 5.20 -30.86
C ILE H 181 50.16 6.49 -30.10
N LYS H 182 49.71 6.36 -28.85
CA LYS H 182 49.36 7.53 -28.04
C LYS H 182 50.59 8.17 -27.46
N ILE H 183 50.67 9.50 -27.53
CA ILE H 183 51.82 10.21 -26.94
C ILE H 183 51.37 10.92 -25.67
N ILE H 184 51.91 10.50 -24.53
CA ILE H 184 51.61 11.10 -23.24
C ILE H 184 52.86 11.91 -22.88
N SER H 185 52.75 13.23 -22.88
CA SER H 185 53.89 14.08 -22.59
C SER H 185 54.15 14.15 -21.09
N LYS H 186 55.40 13.87 -20.67
CA LYS H 186 55.76 13.98 -19.26
C LYS H 186 56.20 15.40 -18.96
N ILE H 187 55.57 16.02 -17.95
CA ILE H 187 55.91 17.37 -17.55
C ILE H 187 56.82 17.21 -16.36
N GLU H 188 58.08 17.60 -16.51
CA GLU H 188 59.10 17.35 -15.51
C GLU H 188 59.90 18.55 -15.07
N ASN H 189 59.62 19.73 -15.63
CA ASN H 189 60.38 20.92 -15.28
C ASN H 189 59.53 22.20 -15.36
N HIS H 190 60.12 23.33 -15.01
CA HIS H 190 59.40 24.60 -14.99
C HIS H 190 58.87 24.97 -16.38
N GLU H 191 59.67 24.80 -17.43
CA GLU H 191 59.25 25.14 -18.78
C GLU H 191 58.04 24.33 -19.23
N GLY H 192 58.04 23.03 -18.98
CA GLY H 192 56.90 22.17 -19.30
C GLY H 192 55.62 22.63 -18.62
N VAL H 193 55.71 23.08 -17.33
CA VAL H 193 54.54 23.59 -16.60
C VAL H 193 54.08 24.90 -17.22
N LYS H 194 55.03 25.81 -17.53
CA LYS H 194 54.66 27.10 -18.14
C LYS H 194 54.12 27.00 -19.54
N ARG H 195 54.62 26.07 -20.34
CA ARG H 195 54.09 25.85 -21.69
C ARG H 195 53.09 24.70 -21.75
N PHE H 196 52.46 24.37 -20.61
CA PHE H 196 51.50 23.27 -20.49
C PHE H 196 50.40 23.30 -21.55
N ASP H 197 49.72 24.44 -21.74
CA ASP H 197 48.61 24.50 -22.69
C ASP H 197 48.99 24.13 -24.11
N GLU H 198 50.13 24.61 -24.60
CA GLU H 198 50.56 24.28 -25.95
C GLU H 198 50.97 22.80 -26.06
N ILE H 199 51.50 22.22 -24.98
CA ILE H 199 51.90 20.81 -24.98
C ILE H 199 50.64 19.92 -24.96
N LEU H 200 49.68 20.21 -24.06
CA LEU H 200 48.47 19.42 -23.96
C LEU H 200 47.68 19.41 -25.29
N GLU H 201 47.63 20.57 -25.96
CA GLU H 201 46.90 20.73 -27.21
C GLU H 201 47.33 19.73 -28.28
N VAL H 202 48.65 19.44 -28.37
CA VAL H 202 49.17 18.51 -29.39
C VAL H 202 49.46 17.09 -28.85
N SER H 203 49.26 16.85 -27.55
CA SER H 203 49.53 15.54 -26.97
C SER H 203 48.22 14.75 -26.81
N ASP H 204 48.33 13.45 -26.64
CA ASP H 204 47.16 12.63 -26.32
C ASP H 204 46.79 12.71 -24.83
N GLY H 205 47.76 13.07 -23.99
CA GLY H 205 47.61 13.17 -22.56
C GLY H 205 48.87 13.63 -21.89
N ILE H 206 48.89 13.60 -20.55
CA ILE H 206 50.01 14.12 -19.75
C ILE H 206 50.39 13.21 -18.61
N MET H 207 51.66 13.21 -18.24
CA MET H 207 52.09 12.56 -17.02
C MET H 207 52.69 13.62 -16.12
N VAL H 208 52.21 13.72 -14.87
CA VAL H 208 52.80 14.60 -13.87
C VAL H 208 53.98 13.78 -13.29
N ALA H 209 55.18 14.01 -13.84
CA ALA H 209 56.38 13.24 -13.49
C ALA H 209 57.03 13.91 -12.30
N ARG H 210 56.56 13.56 -11.09
CA ARG H 210 56.91 14.23 -9.85
C ARG H 210 58.34 14.08 -9.40
N GLY H 211 59.03 13.04 -9.84
CA GLY H 211 60.43 12.82 -9.47
C GLY H 211 61.31 13.99 -9.90
N ASP H 212 61.42 14.19 -11.21
CA ASP H 212 62.17 15.32 -11.77
C ASP H 212 61.52 16.63 -11.44
N LEU H 213 60.18 16.72 -11.49
CA LEU H 213 59.49 17.98 -11.18
C LEU H 213 59.87 18.49 -9.77
N GLY H 214 59.95 17.58 -8.78
CA GLY H 214 60.34 17.87 -7.41
C GLY H 214 61.80 18.27 -7.19
N ILE H 215 62.64 18.15 -8.24
CA ILE H 215 64.00 18.62 -8.19
C ILE H 215 64.20 19.87 -9.09
N GLU H 216 63.37 20.04 -10.12
CA GLU H 216 63.40 21.15 -11.04
C GLU H 216 62.72 22.39 -10.47
N ILE H 217 61.67 22.19 -9.67
CA ILE H 217 60.97 23.29 -8.99
C ILE H 217 60.98 22.97 -7.49
N PRO H 218 60.69 23.95 -6.60
CA PRO H 218 60.68 23.64 -5.17
C PRO H 218 59.73 22.48 -4.83
N ALA H 219 60.17 21.54 -4.00
CA ALA H 219 59.41 20.36 -3.62
C ALA H 219 58.00 20.70 -3.10
N GLU H 220 57.88 21.79 -2.36
CA GLU H 220 56.62 22.25 -1.76
C GLU H 220 55.63 22.84 -2.78
N LYS H 221 56.02 22.97 -4.06
CA LYS H 221 55.15 23.50 -5.12
C LYS H 221 54.62 22.38 -6.05
N VAL H 222 55.16 21.16 -5.98
CA VAL H 222 54.74 20.07 -6.86
C VAL H 222 53.23 19.81 -6.80
N PHE H 223 52.61 19.87 -5.60
CA PHE H 223 51.17 19.63 -5.49
C PHE H 223 50.33 20.65 -6.30
N LEU H 224 50.83 21.90 -6.42
CA LEU H 224 50.11 22.90 -7.19
C LEU H 224 50.18 22.54 -8.67
N ALA H 225 51.36 22.09 -9.16
CA ALA H 225 51.52 21.70 -10.57
C ALA H 225 50.67 20.47 -10.86
N GLN H 226 50.65 19.50 -9.92
CA GLN H 226 49.86 18.27 -10.08
C GLN H 226 48.37 18.61 -10.19
N LYS H 227 47.83 19.39 -9.22
CA LYS H 227 46.42 19.73 -9.21
C LYS H 227 46.02 20.57 -10.42
N MET H 228 46.88 21.50 -10.84
CA MET H 228 46.62 22.32 -12.03
C MET H 228 46.55 21.43 -13.29
N MET H 229 47.55 20.57 -13.50
CA MET H 229 47.60 19.75 -14.71
C MET H 229 46.48 18.74 -14.75
N ILE H 230 46.11 18.16 -13.60
CA ILE H 230 44.99 17.22 -13.57
C ILE H 230 43.70 17.95 -13.91
N GLY H 231 43.46 19.13 -13.30
CA GLY H 231 42.28 19.94 -13.61
C GLY H 231 42.20 20.30 -15.08
N ARG H 232 43.30 20.79 -15.69
CA ARG H 232 43.29 21.15 -17.11
C ARG H 232 43.08 19.95 -18.03
N CYS H 233 43.65 18.78 -17.69
CA CYS H 233 43.43 17.57 -18.48
C CYS H 233 41.97 17.12 -18.36
N ASN H 234 41.39 17.23 -17.15
CA ASN H 234 39.97 16.86 -16.95
C ASN H 234 39.08 17.79 -17.81
N LEU H 235 39.42 19.08 -17.83
CA LEU H 235 38.66 20.05 -18.63
C LEU H 235 38.81 19.72 -20.14
N ALA H 236 40.01 19.35 -20.58
CA ALA H 236 40.27 18.99 -21.97
C ALA H 236 39.76 17.61 -22.37
N GLY H 237 39.36 16.78 -21.41
CA GLY H 237 38.93 15.41 -21.71
C GLY H 237 40.08 14.54 -22.16
N LYS H 238 41.31 14.82 -21.69
CA LYS H 238 42.48 14.02 -22.10
C LYS H 238 43.09 13.32 -20.89
N PRO H 239 43.62 12.11 -21.05
CA PRO H 239 44.15 11.38 -19.88
C PRO H 239 45.31 12.05 -19.15
N VAL H 240 45.32 11.90 -17.83
CA VAL H 240 46.40 12.44 -17.01
C VAL H 240 46.86 11.37 -16.01
N VAL H 241 48.17 11.19 -15.90
CA VAL H 241 48.79 10.19 -15.03
C VAL H 241 49.49 10.88 -13.87
N CYS H 242 49.26 10.39 -12.65
CA CYS H 242 50.02 10.89 -11.50
C CYS H 242 51.12 9.87 -11.25
N ALA H 243 52.38 10.33 -11.14
CA ALA H 243 53.49 9.39 -11.03
C ALA H 243 54.51 9.72 -9.98
N THR H 244 55.24 8.68 -9.50
CA THR H 244 56.48 8.69 -8.73
C THR H 244 56.34 8.88 -7.24
N GLN H 245 56.91 7.88 -6.52
CA GLN H 245 57.01 7.80 -5.06
C GLN H 245 55.67 7.72 -4.34
N MET H 246 54.60 7.28 -5.06
CA MET H 246 53.26 7.14 -4.46
C MET H 246 53.23 6.18 -3.31
N LEU H 247 53.91 5.04 -3.44
CA LEU H 247 53.98 4.01 -2.37
C LEU H 247 55.46 3.63 -2.18
N GLU H 248 56.37 4.61 -2.24
CA GLU H 248 57.81 4.41 -2.17
C GLU H 248 58.30 3.42 -1.11
N SER H 249 57.82 3.55 0.13
CA SER H 249 58.27 2.69 1.21
C SER H 249 57.96 1.18 0.94
N MET H 250 57.00 0.87 0.04
CA MET H 250 56.69 -0.54 -0.30
C MET H 250 57.73 -1.21 -1.19
N ILE H 251 58.80 -0.50 -1.54
CA ILE H 251 59.94 -1.12 -2.21
C ILE H 251 60.60 -2.11 -1.19
N THR H 252 60.58 -1.76 0.13
CA THR H 252 61.23 -2.54 1.20
C THR H 252 60.30 -3.02 2.29
N LYS H 253 59.14 -2.38 2.45
CA LYS H 253 58.18 -2.70 3.49
C LYS H 253 56.85 -3.27 2.97
N PRO H 254 56.21 -4.17 3.72
CA PRO H 254 54.96 -4.77 3.23
C PRO H 254 53.75 -3.86 3.23
N ARG H 255 53.77 -2.81 4.07
CA ARG H 255 52.65 -1.88 4.17
C ARG H 255 53.18 -0.46 3.94
N PRO H 256 52.36 0.42 3.32
CA PRO H 256 52.82 1.79 3.05
C PRO H 256 52.68 2.72 4.25
N THR H 257 53.21 3.95 4.14
CA THR H 257 53.07 4.93 5.20
C THR H 257 51.70 5.62 5.08
N ARG H 258 51.29 6.39 6.11
CA ARG H 258 50.04 7.13 6.11
C ARG H 258 50.05 8.23 5.03
N ALA H 259 51.22 8.83 4.76
CA ALA H 259 51.32 9.85 3.71
C ALA H 259 51.15 9.23 2.31
N GLU H 260 51.64 8.01 2.12
CA GLU H 260 51.54 7.31 0.86
C GLU H 260 50.10 6.90 0.49
N THR H 261 49.32 6.35 1.44
CA THR H 261 47.92 6.00 1.13
C THR H 261 47.12 7.27 0.85
N SER H 262 47.41 8.34 1.60
CA SER H 262 46.79 9.63 1.42
C SER H 262 47.10 10.19 0.02
N ASP H 263 48.35 10.07 -0.42
CA ASP H 263 48.80 10.56 -1.73
C ASP H 263 48.04 9.84 -2.85
N VAL H 264 47.89 8.51 -2.74
CA VAL H 264 47.14 7.75 -3.75
C VAL H 264 45.68 8.21 -3.78
N ALA H 265 45.02 8.30 -2.60
CA ALA H 265 43.63 8.71 -2.51
C ALA H 265 43.43 10.11 -3.07
N ASN H 266 44.33 11.06 -2.73
CA ASN H 266 44.23 12.43 -3.20
C ASN H 266 44.51 12.58 -4.68
N ALA H 267 45.37 11.73 -5.28
CA ALA H 267 45.59 11.78 -6.75
C ALA H 267 44.27 11.41 -7.48
N VAL H 268 43.55 10.39 -6.97
CA VAL H 268 42.26 9.98 -7.52
C VAL H 268 41.20 11.09 -7.29
N LEU H 269 41.15 11.68 -6.06
CA LEU H 269 40.22 12.77 -5.80
C LEU H 269 40.54 13.99 -6.63
N ASP H 270 41.82 14.24 -6.94
CA ASP H 270 42.25 15.36 -7.80
C ASP H 270 41.66 15.20 -9.23
N GLY H 271 41.52 13.96 -9.69
CA GLY H 271 40.95 13.64 -10.99
C GLY H 271 41.87 12.85 -11.90
N ALA H 272 42.94 12.23 -11.34
CA ALA H 272 43.87 11.48 -12.19
C ALA H 272 43.18 10.29 -12.86
N ASP H 273 43.46 10.09 -14.13
CA ASP H 273 42.94 8.93 -14.84
C ASP H 273 43.73 7.69 -14.48
N CYS H 274 45.07 7.83 -14.29
CA CYS H 274 45.97 6.73 -13.98
C CYS H 274 46.86 7.10 -12.81
N ILE H 275 47.27 6.07 -12.09
CA ILE H 275 48.27 6.18 -11.02
C ILE H 275 49.40 5.23 -11.38
N MET H 276 50.62 5.52 -10.92
CA MET H 276 51.78 4.75 -11.34
C MET H 276 52.64 4.23 -10.19
N LEU H 277 53.35 3.15 -10.47
CA LEU H 277 54.32 2.52 -9.57
C LEU H 277 55.60 2.42 -10.39
N SER H 278 56.72 2.83 -9.80
CA SER H 278 58.02 2.79 -10.46
C SER H 278 58.89 1.75 -9.74
N GLY H 279 59.74 2.15 -8.77
CA GLY H 279 60.54 1.18 -8.03
C GLY H 279 59.71 0.13 -7.31
N GLU H 280 58.48 0.50 -6.91
CA GLU H 280 57.56 -0.39 -6.19
C GLU H 280 57.28 -1.68 -6.95
N THR H 281 57.25 -1.63 -8.31
CA THR H 281 57.04 -2.84 -9.09
C THR H 281 58.29 -3.24 -9.87
N ALA H 282 59.17 -2.29 -10.22
CA ALA H 282 60.34 -2.60 -11.02
C ALA H 282 61.41 -3.36 -10.25
N LYS H 283 61.65 -2.99 -9.00
CA LYS H 283 62.77 -3.56 -8.27
C LYS H 283 62.50 -3.94 -6.83
N GLY H 284 61.37 -3.55 -6.29
CA GLY H 284 61.09 -3.80 -4.88
C GLY H 284 60.75 -5.24 -4.53
N ASN H 285 60.51 -5.48 -3.26
CA ASN H 285 60.18 -6.80 -2.78
C ASN H 285 58.69 -7.07 -2.69
N PHE H 286 57.83 -6.08 -2.97
CA PHE H 286 56.38 -6.24 -2.88
C PHE H 286 55.66 -5.75 -4.17
N PRO H 287 56.08 -6.17 -5.38
CA PRO H 287 55.41 -5.65 -6.58
C PRO H 287 53.90 -5.93 -6.63
N VAL H 288 53.48 -7.17 -6.30
CA VAL H 288 52.07 -7.53 -6.36
C VAL H 288 51.28 -6.79 -5.28
N GLU H 289 51.85 -6.71 -4.07
CA GLU H 289 51.18 -6.03 -2.96
C GLU H 289 51.03 -4.54 -3.24
N ALA H 290 52.01 -3.91 -3.97
CA ALA H 290 51.93 -2.49 -4.29
C ALA H 290 50.76 -2.24 -5.26
N VAL H 291 50.58 -3.15 -6.23
CA VAL H 291 49.47 -3.07 -7.18
C VAL H 291 48.15 -3.24 -6.43
N LYS H 292 48.10 -4.23 -5.50
CA LYS H 292 46.89 -4.47 -4.70
C LYS H 292 46.54 -3.28 -3.81
N MET H 293 47.55 -2.60 -3.25
CA MET H 293 47.32 -1.43 -2.40
C MET H 293 46.78 -0.27 -3.21
N GLN H 294 47.36 0.02 -4.40
CA GLN H 294 46.82 1.08 -5.26
C GLN H 294 45.38 0.77 -5.67
N HIS H 295 45.09 -0.51 -5.98
CA HIS H 295 43.73 -0.94 -6.33
C HIS H 295 42.77 -0.65 -5.17
N ALA H 296 43.13 -1.09 -3.94
CA ALA H 296 42.31 -0.90 -2.75
C ALA H 296 42.02 0.57 -2.44
N ILE H 297 43.04 1.44 -2.47
CA ILE H 297 42.86 2.86 -2.19
C ILE H 297 42.02 3.56 -3.28
N ALA H 298 42.33 3.31 -4.56
CA ALA H 298 41.62 3.94 -5.66
C ALA H 298 40.14 3.66 -5.63
N ARG H 299 39.76 2.43 -5.30
CA ARG H 299 38.36 2.04 -5.23
C ARG H 299 37.63 2.83 -4.13
N GLU H 300 38.27 3.01 -2.97
CA GLU H 300 37.70 3.78 -1.88
C GLU H 300 37.55 5.25 -2.27
N ALA H 301 38.61 5.81 -2.91
CA ALA H 301 38.65 7.23 -3.30
C ALA H 301 37.64 7.55 -4.40
N GLU H 302 37.45 6.65 -5.36
CA GLU H 302 36.48 6.85 -6.44
C GLU H 302 35.04 6.98 -5.90
N ALA H 303 34.69 6.18 -4.88
CA ALA H 303 33.37 6.28 -4.25
C ALA H 303 33.21 7.62 -3.48
N ALA H 304 34.32 8.15 -2.96
CA ALA H 304 34.35 9.42 -2.22
C ALA H 304 34.32 10.67 -3.10
N VAL H 305 34.41 10.53 -4.43
CA VAL H 305 34.36 11.68 -5.34
C VAL H 305 32.96 12.35 -5.19
N TYR H 306 32.92 13.67 -5.14
CA TYR H 306 31.64 14.39 -5.02
C TYR H 306 31.11 14.62 -6.42
N HIS H 307 30.48 13.60 -7.03
CA HIS H 307 30.00 13.66 -8.41
C HIS H 307 29.02 14.78 -8.67
N ARG H 308 28.21 15.16 -7.67
CA ARG H 308 27.23 16.24 -7.85
C ARG H 308 27.89 17.53 -8.32
N GLN H 309 28.99 17.94 -7.67
CA GLN H 309 29.71 19.14 -8.07
C GLN H 309 30.56 18.88 -9.31
N LEU H 310 31.26 17.73 -9.36
CA LEU H 310 32.11 17.41 -10.48
C LEU H 310 31.35 17.39 -11.83
N PHE H 311 30.22 16.70 -11.91
CA PHE H 311 29.45 16.62 -13.16
C PHE H 311 28.93 18.01 -13.56
N GLU H 312 28.41 18.76 -12.59
CA GLU H 312 27.92 20.13 -12.79
C GLU H 312 29.04 21.04 -13.32
N GLU H 313 30.26 20.95 -12.75
CA GLU H 313 31.37 21.79 -13.21
C GLU H 313 31.94 21.35 -14.54
N LEU H 314 31.98 20.03 -14.82
CA LEU H 314 32.45 19.53 -16.11
C LEU H 314 31.50 20.00 -17.21
N ARG H 315 30.18 20.04 -16.92
CA ARG H 315 29.22 20.45 -17.92
C ARG H 315 29.25 21.96 -18.12
N ARG H 316 29.39 22.74 -17.03
CA ARG H 316 29.45 24.19 -17.10
C ARG H 316 30.69 24.68 -17.83
N ALA H 317 31.82 23.98 -17.67
CA ALA H 317 33.06 24.39 -18.31
C ALA H 317 33.18 23.97 -19.75
N ALA H 318 32.53 22.87 -20.11
CA ALA H 318 32.58 22.39 -21.47
C ALA H 318 31.66 23.25 -22.33
N PRO H 319 32.18 23.74 -23.46
CA PRO H 319 31.32 24.51 -24.37
C PRO H 319 30.30 23.60 -25.07
N LEU H 320 29.32 24.19 -25.75
CA LEU H 320 28.34 23.46 -26.54
C LEU H 320 29.09 22.62 -27.60
N SER H 321 28.52 21.48 -27.96
CA SER H 321 29.12 20.64 -28.96
C SER H 321 28.12 20.20 -29.98
N ARG H 322 28.54 20.20 -31.23
CA ARG H 322 27.74 19.67 -32.32
C ARG H 322 28.22 18.26 -32.77
N ASP H 323 29.16 17.65 -32.02
CA ASP H 323 29.63 16.32 -32.36
C ASP H 323 28.63 15.30 -31.75
N PRO H 324 28.01 14.45 -32.56
CA PRO H 324 27.04 13.48 -32.00
C PRO H 324 27.60 12.50 -30.97
N THR H 325 28.88 12.12 -31.08
CA THR H 325 29.48 11.22 -30.10
C THR H 325 29.52 11.91 -28.73
N GLU H 326 29.93 13.18 -28.72
CA GLU H 326 30.01 13.99 -27.50
C GLU H 326 28.61 14.23 -26.92
N VAL H 327 27.63 14.53 -27.77
CA VAL H 327 26.27 14.77 -27.33
C VAL H 327 25.67 13.49 -26.75
N THR H 328 25.92 12.32 -27.38
CA THR H 328 25.38 11.05 -26.88
C THR H 328 26.05 10.71 -25.55
N ALA H 329 27.37 10.96 -25.43
CA ALA H 329 28.11 10.68 -24.19
C ALA H 329 27.55 11.42 -22.99
N ILE H 330 27.26 12.73 -23.10
CA ILE H 330 26.72 13.47 -21.96
C ILE H 330 25.30 12.99 -21.62
N GLY H 331 24.50 12.65 -22.63
CA GLY H 331 23.16 12.13 -22.41
C GLY H 331 23.21 10.79 -21.70
N ALA H 332 24.16 9.91 -22.09
CA ALA H 332 24.33 8.60 -21.48
C ALA H 332 24.81 8.71 -20.04
N VAL H 333 25.71 9.66 -19.76
CA VAL H 333 26.23 9.84 -18.39
C VAL H 333 25.11 10.40 -17.49
N GLU H 334 24.29 11.32 -18.02
CA GLU H 334 23.15 11.86 -17.27
CA GLU H 334 23.15 11.86 -17.27
C GLU H 334 22.15 10.73 -16.97
N ALA H 335 21.88 9.88 -17.96
CA ALA H 335 20.96 8.75 -17.82
C ALA H 335 21.49 7.75 -16.79
N ALA H 336 22.80 7.46 -16.82
CA ALA H 336 23.40 6.53 -15.85
C ALA H 336 23.26 7.06 -14.41
N PHE H 337 23.46 8.37 -14.20
CA PHE H 337 23.30 8.96 -12.87
C PHE H 337 21.84 8.87 -12.39
N LYS H 338 20.88 9.11 -13.30
CA LYS H 338 19.46 9.08 -12.99
C LYS H 338 18.99 7.74 -12.40
N CYS H 339 19.49 6.61 -12.93
CA CYS H 339 19.06 5.29 -12.49
C CYS H 339 20.11 4.53 -11.70
N CYS H 340 21.26 5.15 -11.34
CA CYS H 340 22.37 4.47 -10.65
C CYS H 340 22.82 3.27 -11.47
N ALA H 341 22.92 3.43 -12.81
CA ALA H 341 23.22 2.32 -13.72
C ALA H 341 24.45 1.54 -13.26
N ALA H 342 24.40 0.20 -13.32
CA ALA H 342 25.55 -0.63 -12.95
C ALA H 342 26.71 -0.39 -13.95
N ALA H 343 26.39 -0.01 -15.21
CA ALA H 343 27.38 0.18 -16.26
C ALA H 343 26.83 0.91 -17.47
N ILE H 344 27.75 1.51 -18.26
CA ILE H 344 27.48 2.04 -19.58
C ILE H 344 28.27 1.10 -20.51
N ILE H 345 27.61 0.37 -21.40
CA ILE H 345 28.30 -0.52 -22.34
C ILE H 345 28.41 0.21 -23.65
N VAL H 346 29.62 0.42 -24.15
CA VAL H 346 29.82 1.17 -25.38
C VAL H 346 30.61 0.34 -26.41
N LEU H 347 30.24 0.45 -27.68
CA LEU H 347 30.97 -0.21 -28.76
C LEU H 347 31.90 0.87 -29.31
N THR H 348 33.18 0.52 -29.50
CA THR H 348 34.15 1.49 -29.98
C THR H 348 35.24 0.83 -30.84
N THR H 349 35.63 1.49 -31.91
CA THR H 349 36.67 1.01 -32.80
C THR H 349 38.02 1.60 -32.37
N THR H 350 38.08 2.91 -32.10
CA THR H 350 39.35 3.58 -31.75
C THR H 350 39.51 3.85 -30.24
N GLY H 351 38.44 3.73 -29.47
CA GLY H 351 38.38 4.07 -28.06
C GLY H 351 37.71 5.42 -27.79
N ARG H 352 37.55 6.26 -28.84
CA ARG H 352 37.05 7.61 -28.69
C ARG H 352 35.68 7.72 -28.01
N SER H 353 34.71 6.86 -28.40
CA SER H 353 33.38 6.93 -27.76
C SER H 353 33.48 6.68 -26.24
N ALA H 354 34.35 5.76 -25.83
CA ALA H 354 34.56 5.46 -24.41
C ALA H 354 35.27 6.64 -23.72
N GLN H 355 36.24 7.27 -24.40
CA GLN H 355 36.94 8.44 -23.85
C GLN H 355 35.98 9.59 -23.58
N LEU H 356 35.02 9.82 -24.50
CA LEU H 356 34.06 10.90 -24.32
C LEU H 356 33.07 10.63 -23.20
N LEU H 357 32.80 9.37 -22.88
CA LEU H 357 31.96 9.01 -21.74
C LEU H 357 32.76 9.27 -20.45
N SER H 358 34.01 8.80 -20.43
CA SER H 358 34.93 8.93 -19.30
C SER H 358 35.17 10.40 -18.87
N ARG H 359 35.23 11.32 -19.82
CA ARG H 359 35.47 12.74 -19.52
C ARG H 359 34.37 13.37 -18.63
N TYR H 360 33.16 12.77 -18.60
CA TYR H 360 32.09 13.25 -17.72
C TYR H 360 32.06 12.59 -16.38
N ARG H 361 33.04 11.68 -16.11
CA ARG H 361 33.24 11.00 -14.87
C ARG H 361 31.98 10.35 -14.30
N PRO H 362 31.36 9.42 -15.06
CA PRO H 362 30.21 8.72 -14.51
C PRO H 362 30.62 7.85 -13.34
N ARG H 363 29.69 7.61 -12.43
CA ARG H 363 29.94 6.66 -11.36
C ARG H 363 29.87 5.22 -11.98
N ALA H 364 29.00 5.01 -12.98
CA ALA H 364 28.83 3.71 -13.65
C ALA H 364 30.11 3.37 -14.42
N ALA H 365 30.51 2.11 -14.38
CA ALA H 365 31.64 1.58 -15.15
C ALA H 365 31.37 1.73 -16.63
N VAL H 366 32.38 2.10 -17.43
CA VAL H 366 32.20 2.19 -18.89
C VAL H 366 32.82 0.91 -19.48
N ILE H 367 32.00 -0.06 -19.86
CA ILE H 367 32.46 -1.31 -20.42
C ILE H 367 32.60 -1.13 -21.93
N ALA H 368 33.83 -1.07 -22.43
CA ALA H 368 34.07 -0.79 -23.85
C ALA H 368 34.35 -2.05 -24.62
N VAL H 369 33.48 -2.40 -25.56
CA VAL H 369 33.66 -3.60 -26.37
C VAL H 369 34.26 -3.21 -27.68
N THR H 370 35.40 -3.81 -28.02
CA THR H 370 36.09 -3.47 -29.25
C THR H 370 36.73 -4.70 -29.88
N ARG H 371 36.90 -4.67 -31.21
CA ARG H 371 37.66 -5.70 -31.92
C ARG H 371 39.13 -5.31 -32.04
N SER H 372 39.46 -4.01 -31.86
CA SER H 372 40.83 -3.56 -31.96
C SER H 372 41.60 -3.89 -30.68
N ALA H 373 42.58 -4.81 -30.78
CA ALA H 373 43.39 -5.17 -29.63
C ALA H 373 44.16 -3.93 -29.12
N GLN H 374 44.65 -3.09 -30.02
CA GLN H 374 45.37 -1.88 -29.64
C GLN H 374 44.47 -0.87 -28.92
N ALA H 375 43.24 -0.63 -29.43
CA ALA H 375 42.32 0.27 -28.75
C ALA H 375 41.95 -0.24 -27.35
N ALA H 376 41.79 -1.56 -27.21
CA ALA H 376 41.44 -2.18 -25.92
C ALA H 376 42.56 -1.92 -24.91
N ARG H 377 43.82 -1.99 -25.34
CA ARG H 377 44.94 -1.67 -24.47
C ARG H 377 45.01 -0.16 -24.15
N GLN H 378 44.87 0.71 -25.17
CA GLN H 378 45.01 2.14 -25.00
C GLN H 378 43.92 2.78 -24.14
N VAL H 379 42.66 2.25 -24.15
CA VAL H 379 41.59 2.90 -23.38
C VAL H 379 41.79 2.83 -21.87
N HIS H 380 42.74 2.01 -21.38
CA HIS H 380 43.11 2.00 -19.96
C HIS H 380 43.61 3.40 -19.54
N LEU H 381 44.02 4.26 -20.48
CA LEU H 381 44.45 5.62 -20.15
C LEU H 381 43.29 6.48 -19.60
N CYS H 382 42.01 6.09 -19.90
CA CYS H 382 40.82 6.86 -19.51
C CYS H 382 40.15 6.26 -18.32
N ARG H 383 39.96 7.06 -17.26
CA ARG H 383 39.35 6.56 -16.05
C ARG H 383 37.98 5.93 -16.28
N GLY H 384 37.77 4.78 -15.67
CA GLY H 384 36.48 4.12 -15.69
C GLY H 384 36.19 3.34 -16.94
N VAL H 385 37.16 3.16 -17.84
CA VAL H 385 36.92 2.38 -19.04
C VAL H 385 37.49 0.97 -18.85
N PHE H 386 36.63 -0.05 -18.94
CA PHE H 386 36.98 -1.45 -18.80
C PHE H 386 36.91 -2.09 -20.18
N PRO H 387 38.06 -2.31 -20.80
CA PRO H 387 38.06 -2.85 -22.17
C PRO H 387 37.84 -4.34 -22.27
N LEU H 388 37.01 -4.74 -23.24
CA LEU H 388 36.72 -6.14 -23.51
C LEU H 388 37.09 -6.38 -24.96
N LEU H 389 38.02 -7.31 -25.23
CA LEU H 389 38.42 -7.60 -26.59
C LEU H 389 37.50 -8.67 -27.21
N TYR H 390 36.73 -8.29 -28.24
CA TYR H 390 35.79 -9.18 -28.92
C TYR H 390 36.52 -9.88 -30.07
N ARG H 391 36.47 -11.21 -30.14
CA ARG H 391 37.25 -11.95 -31.13
C ARG H 391 36.45 -12.59 -32.25
N GLU H 392 35.13 -12.61 -32.16
CA GLU H 392 34.30 -13.22 -33.19
C GLU H 392 34.28 -12.46 -34.51
N PRO H 393 34.34 -13.17 -35.65
CA PRO H 393 34.24 -12.48 -36.94
C PRO H 393 32.82 -11.88 -37.12
N PRO H 394 32.70 -10.82 -37.93
CA PRO H 394 31.41 -10.14 -38.05
C PRO H 394 30.23 -10.97 -38.49
N GLU H 395 29.08 -10.76 -37.85
CA GLU H 395 27.80 -11.37 -38.26
C GLU H 395 27.41 -10.75 -39.61
N ALA H 396 26.62 -11.48 -40.40
CA ALA H 396 26.20 -10.97 -41.73
C ALA H 396 25.28 -9.75 -41.58
N ILE H 397 24.41 -9.77 -40.58
CA ILE H 397 23.51 -8.64 -40.34
C ILE H 397 24.15 -7.74 -39.29
N TRP H 398 24.44 -6.50 -39.67
CA TRP H 398 25.16 -5.59 -38.79
C TRP H 398 24.45 -5.36 -37.43
N ALA H 399 23.11 -5.23 -37.42
CA ALA H 399 22.38 -5.06 -36.15
C ALA H 399 22.60 -6.25 -35.20
N ASP H 400 22.74 -7.47 -35.76
CA ASP H 400 23.03 -8.69 -34.98
C ASP H 400 24.47 -8.64 -34.47
N ASP H 401 25.42 -8.14 -35.28
CA ASP H 401 26.82 -8.02 -34.86
C ASP H 401 26.94 -7.03 -33.70
N VAL H 402 26.17 -5.94 -33.77
CA VAL H 402 26.09 -4.99 -32.68
C VAL H 402 25.55 -5.69 -31.41
N ASP H 403 24.38 -6.40 -31.53
CA ASP H 403 23.74 -7.10 -30.43
C ASP H 403 24.62 -8.13 -29.79
N ARG H 404 25.35 -8.94 -30.57
CA ARG H 404 26.24 -9.96 -30.02
C ARG H 404 27.33 -9.33 -29.18
N ARG H 405 27.87 -8.20 -29.62
CA ARG H 405 28.90 -7.50 -28.87
C ARG H 405 28.35 -6.89 -27.57
N VAL H 406 27.10 -6.37 -27.60
CA VAL H 406 26.46 -5.86 -26.40
C VAL H 406 26.24 -7.03 -25.41
N GLN H 407 25.78 -8.22 -25.90
CA GLN H 407 25.60 -9.40 -25.07
C GLN H 407 26.96 -9.89 -24.51
N PHE H 408 28.02 -9.77 -25.28
CA PHE H 408 29.36 -10.13 -24.81
C PHE H 408 29.77 -9.22 -23.63
N GLY H 409 29.43 -7.93 -23.71
CA GLY H 409 29.63 -6.96 -22.64
C GLY H 409 28.86 -7.34 -21.40
N ILE H 410 27.59 -7.73 -21.56
CA ILE H 410 26.74 -8.20 -20.46
C ILE H 410 27.26 -9.47 -19.79
N GLU H 411 27.58 -10.50 -20.58
CA GLU H 411 28.09 -11.76 -20.06
C GLU H 411 29.42 -11.60 -19.35
N SER H 412 30.31 -10.72 -19.88
CA SER H 412 31.58 -10.43 -19.23
C SER H 412 31.30 -9.75 -17.89
N GLY H 413 30.41 -8.76 -17.88
CA GLY H 413 30.03 -8.04 -16.68
C GLY H 413 29.46 -8.95 -15.61
N LYS H 414 28.59 -9.90 -16.00
CA LYS H 414 28.01 -10.82 -15.04
C LYS H 414 29.09 -11.74 -14.43
N LEU H 415 29.99 -12.27 -15.27
CA LEU H 415 31.06 -13.14 -14.82
C LEU H 415 32.02 -12.40 -13.89
N ARG H 416 32.35 -11.15 -14.22
CA ARG H 416 33.29 -10.35 -13.44
C ARG H 416 32.70 -9.70 -12.19
N GLY H 417 31.38 -9.71 -12.03
CA GLY H 417 30.73 -9.13 -10.87
C GLY H 417 30.22 -7.71 -11.06
N PHE H 418 30.35 -7.15 -12.26
CA PHE H 418 29.88 -5.79 -12.55
C PHE H 418 28.35 -5.75 -12.59
N LEU H 419 27.71 -6.80 -13.11
CA LEU H 419 26.29 -6.81 -13.39
C LEU H 419 25.59 -8.02 -12.84
N ARG H 420 24.31 -7.85 -12.58
CA ARG H 420 23.45 -8.92 -12.10
C ARG H 420 22.06 -8.71 -12.73
N VAL H 421 21.25 -9.78 -12.80
CA VAL H 421 19.88 -9.73 -13.30
C VAL H 421 19.08 -8.66 -12.55
N GLY H 422 18.36 -7.83 -13.28
CA GLY H 422 17.61 -6.74 -12.69
C GLY H 422 18.32 -5.40 -12.74
N ASP H 423 19.66 -5.40 -12.98
CA ASP H 423 20.40 -4.15 -13.07
C ASP H 423 19.96 -3.38 -14.32
N LEU H 424 20.14 -2.06 -14.30
CA LEU H 424 19.93 -1.24 -15.47
C LEU H 424 21.30 -0.85 -15.98
N VAL H 425 21.50 -0.93 -17.30
CA VAL H 425 22.71 -0.47 -17.95
C VAL H 425 22.28 0.51 -19.06
N ILE H 426 23.21 1.39 -19.44
CA ILE H 426 23.04 2.30 -20.55
C ILE H 426 23.89 1.70 -21.68
N VAL H 427 23.37 1.59 -22.90
CA VAL H 427 24.10 1.03 -24.03
C VAL H 427 24.32 2.11 -25.07
N VAL H 428 25.58 2.34 -25.45
CA VAL H 428 25.95 3.38 -26.41
C VAL H 428 26.47 2.76 -27.71
N THR H 429 25.77 3.03 -28.82
CA THR H 429 26.11 2.47 -30.13
C THR H 429 25.99 3.60 -31.20
N GLY H 430 26.23 3.28 -32.47
CA GLY H 430 26.15 4.20 -33.58
C GLY H 430 25.19 3.72 -34.66
N TRP H 431 24.98 4.55 -35.69
CA TRP H 431 23.96 4.27 -36.72
C TRP H 431 24.51 3.51 -37.96
N ARG H 432 25.81 3.37 -38.07
CA ARG H 432 26.40 2.63 -39.19
C ARG H 432 27.77 2.05 -38.74
N PRO H 433 28.30 1.08 -39.51
CA PRO H 433 29.64 0.53 -39.20
C PRO H 433 30.73 1.60 -39.36
N GLY H 434 31.87 1.38 -38.74
CA GLY H 434 33.00 2.29 -38.84
C GLY H 434 33.03 3.27 -37.69
N SER H 435 34.24 3.80 -37.43
CA SER H 435 34.48 4.73 -36.34
CA SER H 435 34.47 4.74 -36.34
C SER H 435 33.86 6.10 -36.64
N GLY H 436 33.43 6.81 -35.59
CA GLY H 436 32.92 8.17 -35.73
C GLY H 436 31.45 8.40 -35.86
N TYR H 437 30.64 7.33 -35.75
CA TYR H 437 29.19 7.45 -35.93
C TYR H 437 28.36 7.10 -34.70
N THR H 438 28.95 7.16 -33.47
CA THR H 438 28.17 6.93 -32.25
C THR H 438 27.10 8.02 -32.12
N ASN H 439 25.85 7.59 -31.89
CA ASN H 439 24.76 8.57 -31.77
C ASN H 439 23.54 8.04 -31.03
N ILE H 440 23.63 6.86 -30.43
CA ILE H 440 22.48 6.24 -29.79
C ILE H 440 22.78 5.84 -28.37
N MET H 441 21.86 6.15 -27.46
CA MET H 441 21.95 5.66 -26.11
C MET H 441 20.61 4.95 -25.76
N ARG H 442 20.68 3.75 -25.18
CA ARG H 442 19.50 2.95 -24.82
CA ARG H 442 19.48 3.03 -24.79
C ARG H 442 19.54 2.55 -23.36
N VAL H 443 18.38 2.48 -22.69
CA VAL H 443 18.29 2.02 -21.31
C VAL H 443 17.84 0.58 -21.32
N LEU H 444 18.68 -0.33 -20.83
CA LEU H 444 18.44 -1.76 -20.89
C LEU H 444 18.42 -2.42 -19.50
N SER H 445 17.47 -3.31 -19.28
CA SER H 445 17.33 -4.05 -18.05
C SER H 445 18.01 -5.41 -18.25
N ILE H 446 18.93 -5.78 -17.37
CA ILE H 446 19.66 -7.04 -17.49
C ILE H 446 18.78 -8.26 -17.15
N SER H 447 18.71 -9.23 -18.06
CA SER H 447 17.96 -10.47 -17.86
C SER H 447 18.92 -11.67 -17.76
#